data_2IOU
#
_entry.id   2IOU
#
_cell.length_a   413.464
_cell.length_b   413.464
_cell.length_c   98.859
_cell.angle_alpha   90.00
_cell.angle_beta   90.00
_cell.angle_gamma   120.00
#
_symmetry.space_group_name_H-M   'P 61'
#
loop_
_entity.id
_entity.type
_entity.pdbx_description
1 polymer 'Major Tropism Determinant P1'
2 polymer 'Pertactin Extracellular Domain'
3 non-polymer 'MAGNESIUM ION'
#
loop_
_entity_poly.entity_id
_entity_poly.type
_entity_poly.pdbx_seq_one_letter_code
_entity_poly.pdbx_strand_id
1 'polypeptide(L)'
;VQFRGGTTAQHATFTGAAREITVDTDKNTVVVHDGATAGGFPLARHDLVKTAFIKADKSAVAFTRTGNATASIKAGTIVE
VNGKLVQFTADTAITMPALTAGTDYAIYVCDDGTVRADSNFSAPTGYTSTTARKVGGFHYAPGSNAAAQAGGNTTAQINE
YSLWDIKFRPAALDPRGMTLVAGAFWADIYLLGVNHLTDGTSKYNVTIADGSASPKKSTKFGGDGSAAYSDGAWYNFAEV
MTHHGKRLPNYNEFQALAFGTTEATSSGGTDVPTTGVNGTGATSAWNIFTSKWGVVQASGCLWTWGNEFGGVNGASEYTA
NTGGRGSVYAQPAAALFGGAWNGTSLSGSRAALWYSGPSFSFAFFGARGVCDHLIL
;
A,B,C,D,E,F
2 'polypeptide(L)'
;DWNNQSIIKAGERQHGIHIKQSDGAGVRTATGTTIKVSGRQAQGVLLENPAAELRFQNGSVTSSGQLFDEGVRRFLGTVT
VKAGKLVADHATLANVSDTRDDDGIALYVAGEQAQASIADSTLQGAGGVRVERGANVTVQRSTIVDGGLHIGTLQPLQPE
DLPPSRVVLGDTSVTAVPASGAPAAVSVFGANELTVDGGHITGGRAAGVAAMDGAIVHLQRATIRRGDAPAGGAVPGGAV
PGGAVPGGFGPLLDGWYGVDVSDSTVDLAQSIVEAPQLGAAIRAGRGARVTVSGGSLSAPHGNVIETGGGARRFPPPASP
LSITLQAGARAQGRALLYRVLPEPVKLTLAGGAQGQGDIVATELPPIPGASSGPLDVALASQARWTGATRAVDSLSIDNA
TWVMTDNSNVGALRLASDGSVDFQQPAEAGRFKVLMVDTLAGSGLFRMNVFADLGLSDKLVVMRDASGQHRLWVRNSGSE
PASANTMLLVQTPRGSAATFTLANKDGKVDIGTYRYRLAANGNGQWSLVGAKAPP
;
G,H
#
loop_
_chem_comp.id
_chem_comp.type
_chem_comp.name
_chem_comp.formula
MG non-polymer 'MAGNESIUM ION' 'Mg 2'
#
# COMPACT_ATOMS: atom_id res chain seq x y z
N VAL A 1 -91.33 58.25 11.40
CA VAL A 1 -90.08 59.06 11.60
C VAL A 1 -88.94 58.66 10.64
N GLN A 2 -89.07 59.07 9.37
CA GLN A 2 -88.19 58.64 8.28
C GLN A 2 -86.84 59.37 8.17
N PHE A 3 -85.83 58.67 7.67
CA PHE A 3 -84.55 59.30 7.31
C PHE A 3 -84.45 59.31 5.82
N ARG A 4 -84.11 60.48 5.25
CA ARG A 4 -84.08 60.59 3.79
C ARG A 4 -82.89 59.80 3.28
N GLY A 5 -83.21 58.66 2.66
CA GLY A 5 -82.25 57.84 1.93
C GLY A 5 -82.80 57.47 0.55
N GLY A 6 -81.99 56.77 -0.24
CA GLY A 6 -82.40 56.31 -1.57
C GLY A 6 -81.72 55.01 -1.95
N THR A 7 -81.69 54.70 -3.26
CA THR A 7 -81.07 53.47 -3.79
C THR A 7 -79.54 53.49 -3.69
N THR A 8 -78.91 52.36 -4.06
CA THR A 8 -77.45 52.25 -4.04
C THR A 8 -76.88 53.01 -5.23
N ALA A 9 -77.57 52.91 -6.37
CA ALA A 9 -77.26 53.70 -7.56
C ALA A 9 -77.11 55.17 -7.17
N GLN A 10 -78.16 55.72 -6.56
CA GLN A 10 -78.17 57.10 -6.10
C GLN A 10 -77.04 57.39 -5.12
N HIS A 11 -76.91 56.56 -4.09
CA HIS A 11 -75.87 56.77 -3.09
C HIS A 11 -74.49 56.92 -3.71
N ALA A 12 -74.28 56.22 -4.84
CA ALA A 12 -72.98 56.12 -5.50
C ALA A 12 -72.29 57.48 -5.67
N THR A 13 -73.01 58.45 -6.21
CA THR A 13 -72.51 59.82 -6.34
C THR A 13 -73.31 60.76 -5.42
N PHE A 14 -72.94 60.73 -4.14
CA PHE A 14 -73.60 61.50 -3.10
C PHE A 14 -72.62 61.65 -1.95
N THR A 15 -72.57 62.85 -1.36
CA THR A 15 -71.79 63.05 -0.15
C THR A 15 -72.61 63.74 0.93
N GLY A 16 -72.84 63.04 2.03
CA GLY A 16 -73.49 63.65 3.19
C GLY A 16 -72.47 64.46 3.97
N ALA A 17 -72.97 65.36 4.81
CA ALA A 17 -72.10 66.12 5.69
C ALA A 17 -71.58 65.21 6.78
N ALA A 18 -70.41 65.53 7.33
CA ALA A 18 -69.87 64.76 8.44
C ALA A 18 -70.94 64.48 9.49
N ARG A 19 -71.22 63.19 9.67
CA ARG A 19 -72.16 62.71 10.69
C ARG A 19 -73.62 62.69 10.23
N GLU A 20 -73.83 62.89 8.92
CA GLU A 20 -75.13 62.61 8.32
C GLU A 20 -75.29 61.10 8.20
N ILE A 21 -76.47 60.61 8.56
CA ILE A 21 -76.82 59.20 8.46
C ILE A 21 -77.95 59.04 7.44
N THR A 22 -77.75 58.18 6.46
CA THR A 22 -78.77 57.93 5.44
C THR A 22 -79.17 56.46 5.40
N VAL A 23 -80.21 56.13 4.61
CA VAL A 23 -80.66 54.74 4.49
C VAL A 23 -80.60 54.26 3.04
N ASP A 24 -79.75 53.26 2.81
CA ASP A 24 -79.73 52.59 1.50
C ASP A 24 -80.93 51.65 1.41
N THR A 25 -81.92 52.04 0.61
CA THR A 25 -83.17 51.28 0.54
C THR A 25 -83.02 49.94 -0.20
N ASP A 26 -81.92 49.78 -0.94
CA ASP A 26 -81.65 48.52 -1.62
C ASP A 26 -81.06 47.53 -0.64
N LYS A 27 -79.95 47.91 -0.02
CA LYS A 27 -79.28 47.07 0.96
C LYS A 27 -80.04 46.92 2.29
N ASN A 28 -81.06 47.76 2.50
CA ASN A 28 -81.74 47.91 3.80
C ASN A 28 -80.77 48.10 4.96
N THR A 29 -79.88 49.08 4.80
CA THR A 29 -78.82 49.31 5.78
C THR A 29 -78.52 50.80 5.97
N VAL A 30 -77.89 51.13 7.09
CA VAL A 30 -77.47 52.49 7.38
C VAL A 30 -76.16 52.81 6.67
N VAL A 31 -76.04 54.05 6.18
CA VAL A 31 -74.80 54.54 5.58
C VAL A 31 -74.32 55.80 6.31
N VAL A 32 -73.15 55.73 6.93
CA VAL A 32 -72.52 56.88 7.59
C VAL A 32 -71.78 57.76 6.55
N HIS A 33 -71.77 59.08 6.78
CA HIS A 33 -71.03 60.03 5.91
C HIS A 33 -70.00 60.85 6.66
N ASP A 34 -68.99 61.31 5.91
CA ASP A 34 -67.82 61.98 6.51
C ASP A 34 -67.63 63.41 6.00
N GLY A 35 -68.40 63.79 4.98
CA GLY A 35 -68.24 65.11 4.37
C GLY A 35 -67.41 65.07 3.10
N ALA A 36 -66.47 64.13 3.02
CA ALA A 36 -65.62 64.00 1.84
C ALA A 36 -66.10 62.91 0.85
N THR A 37 -66.18 61.67 1.33
CA THR A 37 -66.28 60.49 0.47
C THR A 37 -67.64 60.26 -0.17
N ALA A 38 -67.65 60.06 -1.48
CA ALA A 38 -68.85 59.63 -2.21
C ALA A 38 -69.26 58.21 -1.79
N GLY A 39 -70.54 57.90 -1.91
CA GLY A 39 -71.08 56.59 -1.52
C GLY A 39 -71.20 56.36 -0.01
N GLY A 40 -70.50 57.17 0.78
CA GLY A 40 -70.51 57.03 2.23
C GLY A 40 -69.83 55.77 2.74
N PHE A 41 -70.34 55.22 3.84
CA PHE A 41 -69.75 54.08 4.54
C PHE A 41 -70.80 53.09 5.02
N PRO A 42 -71.31 52.23 4.11
CA PRO A 42 -72.39 51.32 4.43
C PRO A 42 -72.05 50.44 5.61
N LEU A 43 -72.97 50.29 6.55
CA LEU A 43 -72.76 49.42 7.70
C LEU A 43 -73.21 47.98 7.41
N ALA A 44 -72.73 47.05 8.23
CA ALA A 44 -72.96 45.62 8.01
C ALA A 44 -74.30 45.15 8.57
N ARG A 45 -75.09 44.47 7.74
CA ARG A 45 -76.32 43.86 8.24
C ARG A 45 -76.04 42.66 9.14
N HIS A 46 -76.92 42.37 10.10
CA HIS A 46 -76.62 41.29 11.04
C HIS A 46 -76.58 39.92 10.39
N ASP A 47 -77.41 39.74 9.37
CA ASP A 47 -77.42 38.49 8.60
C ASP A 47 -76.02 38.02 8.16
N LEU A 48 -75.16 38.96 7.78
CA LEU A 48 -73.83 38.63 7.28
C LEU A 48 -72.82 38.25 8.37
N VAL A 49 -73.23 38.33 9.63
CA VAL A 49 -72.40 37.80 10.71
C VAL A 49 -73.12 36.71 11.49
N LYS A 50 -74.18 36.18 10.89
CA LYS A 50 -74.88 35.07 11.49
C LYS A 50 -73.87 33.95 11.68
N THR A 51 -74.06 33.16 12.75
CA THR A 51 -73.19 32.00 13.09
C THR A 51 -71.73 32.34 13.44
N ALA A 52 -71.36 33.61 13.50
CA ALA A 52 -70.02 34.01 13.96
C ALA A 52 -69.61 33.33 15.26
N PHE A 53 -68.32 33.02 15.40
CA PHE A 53 -67.80 32.37 16.61
C PHE A 53 -66.35 32.77 16.83
N ILE A 54 -66.09 33.56 17.87
CA ILE A 54 -64.78 34.21 18.05
C ILE A 54 -64.09 33.90 19.39
N LYS A 55 -62.95 33.20 19.31
CA LYS A 55 -62.15 32.84 20.48
C LYS A 55 -60.98 33.80 20.65
N ALA A 56 -60.57 34.03 21.90
CA ALA A 56 -59.43 34.91 22.21
C ALA A 56 -58.11 34.30 21.74
N ASP A 57 -57.97 32.99 21.93
CA ASP A 57 -56.83 32.23 21.44
C ASP A 57 -57.32 31.10 20.52
N LYS A 58 -57.14 31.29 19.22
CA LYS A 58 -57.72 30.42 18.21
C LYS A 58 -57.04 29.05 18.12
N SER A 59 -55.88 28.91 18.76
CA SER A 59 -55.07 27.71 18.66
C SER A 59 -55.32 26.71 19.79
N ALA A 60 -56.39 26.93 20.54
CA ALA A 60 -56.73 26.10 21.70
C ALA A 60 -58.24 25.97 21.80
N VAL A 61 -58.70 24.89 22.42
CA VAL A 61 -60.14 24.72 22.59
C VAL A 61 -60.73 25.87 23.42
N ALA A 62 -62.05 26.10 23.25
CA ALA A 62 -62.73 27.23 23.87
C ALA A 62 -63.02 27.03 25.36
N PHE A 63 -62.84 25.81 25.85
CA PHE A 63 -63.20 25.44 27.22
C PHE A 63 -61.99 25.06 28.07
N THR A 64 -62.19 24.91 29.37
CA THR A 64 -61.14 24.49 30.31
C THR A 64 -61.74 23.53 31.30
N ARG A 65 -61.13 22.36 31.48
CA ARG A 65 -61.55 21.44 32.54
C ARG A 65 -61.10 22.02 33.87
N THR A 66 -62.03 22.15 34.81
CA THR A 66 -61.73 22.74 36.11
C THR A 66 -61.71 21.71 37.22
N GLY A 67 -62.28 20.54 36.95
CA GLY A 67 -62.21 19.40 37.87
C GLY A 67 -62.88 18.21 37.21
N ASN A 68 -63.02 17.12 37.94
CA ASN A 68 -63.59 15.90 37.38
C ASN A 68 -64.96 16.03 36.72
N ALA A 69 -65.79 16.95 37.21
CA ALA A 69 -67.14 17.16 36.67
C ALA A 69 -67.50 18.63 36.43
N THR A 70 -66.49 19.47 36.30
CA THR A 70 -66.68 20.91 36.10
C THR A 70 -65.75 21.48 35.03
N ALA A 71 -66.28 22.42 34.25
CA ALA A 71 -65.54 23.10 33.20
C ALA A 71 -66.06 24.53 32.98
N SER A 72 -65.16 25.41 32.52
CA SER A 72 -65.50 26.79 32.19
C SER A 72 -65.35 27.09 30.71
N ILE A 73 -66.13 28.03 30.20
CA ILE A 73 -65.86 28.61 28.89
C ILE A 73 -64.85 29.76 29.06
N LYS A 74 -63.89 29.86 28.14
CA LYS A 74 -62.79 30.84 28.27
C LYS A 74 -63.20 32.29 28.03
N ALA A 75 -62.61 33.18 28.81
CA ALA A 75 -62.83 34.61 28.66
C ALA A 75 -62.41 35.06 27.26
N GLY A 76 -63.22 35.94 26.67
CA GLY A 76 -62.90 36.47 25.35
C GLY A 76 -63.73 35.82 24.27
N THR A 77 -64.43 34.75 24.63
CA THR A 77 -65.29 34.06 23.67
C THR A 77 -66.49 34.92 23.29
N ILE A 78 -66.72 35.05 21.99
CA ILE A 78 -67.87 35.78 21.46
C ILE A 78 -68.67 34.84 20.57
N VAL A 79 -69.97 34.69 20.87
CA VAL A 79 -70.84 33.79 20.12
C VAL A 79 -72.08 34.47 19.57
N GLU A 80 -72.27 34.44 18.26
CA GLU A 80 -73.54 34.83 17.69
C GLU A 80 -74.52 33.68 17.92
N VAL A 81 -75.75 34.02 18.33
CA VAL A 81 -76.84 33.02 18.48
C VAL A 81 -78.23 33.66 18.39
N ASN A 82 -79.05 33.11 17.50
CA ASN A 82 -80.43 33.54 17.31
C ASN A 82 -80.59 35.06 17.16
N GLY A 83 -79.72 35.66 16.35
CA GLY A 83 -79.77 37.10 16.08
C GLY A 83 -79.09 37.93 17.14
N LYS A 84 -78.77 37.29 18.26
CA LYS A 84 -78.15 37.98 19.39
C LYS A 84 -76.63 37.72 19.53
N LEU A 85 -76.01 38.42 20.46
CA LEU A 85 -74.59 38.30 20.71
C LEU A 85 -74.38 37.93 22.16
N VAL A 86 -73.92 36.70 22.41
CA VAL A 86 -73.54 36.30 23.77
C VAL A 86 -72.03 36.34 23.86
N GLN A 87 -71.51 36.74 25.00
CA GLN A 87 -70.10 37.01 25.13
C GLN A 87 -69.67 36.85 26.57
N PHE A 88 -68.49 36.26 26.78
CA PHE A 88 -68.02 35.98 28.11
C PHE A 88 -66.74 36.74 28.33
N THR A 89 -66.79 37.73 29.21
CA THR A 89 -65.64 38.60 29.43
C THR A 89 -64.69 38.03 30.49
N ALA A 90 -65.11 36.99 31.21
CA ALA A 90 -64.24 36.26 32.14
C ALA A 90 -64.64 34.78 32.22
N ASP A 91 -63.72 33.93 32.66
CA ASP A 91 -63.95 32.47 32.67
C ASP A 91 -65.24 32.05 33.38
N THR A 92 -66.21 31.61 32.60
CA THR A 92 -67.55 31.29 33.11
C THR A 92 -67.84 29.78 33.17
N ALA A 93 -68.16 29.28 34.36
CA ALA A 93 -68.50 27.87 34.54
C ALA A 93 -69.66 27.41 33.65
N ILE A 94 -69.48 26.27 32.99
CA ILE A 94 -70.54 25.66 32.19
C ILE A 94 -71.45 24.92 33.15
N THR A 95 -72.75 25.11 32.99
CA THR A 95 -73.76 24.42 33.80
C THR A 95 -73.87 22.95 33.40
N MET A 96 -73.54 22.06 34.34
CA MET A 96 -73.48 20.63 34.08
C MET A 96 -74.80 19.93 34.31
N PRO A 97 -75.15 18.97 33.43
CA PRO A 97 -76.28 18.10 33.76
C PRO A 97 -75.81 16.92 34.62
N ALA A 98 -76.61 15.84 34.63
CA ALA A 98 -76.24 14.63 35.33
C ALA A 98 -75.21 13.90 34.47
N LEU A 99 -74.01 13.70 35.02
CA LEU A 99 -72.91 13.04 34.29
C LEU A 99 -72.82 11.52 34.54
N THR A 100 -73.00 10.72 33.49
CA THR A 100 -72.90 9.26 33.55
C THR A 100 -71.65 8.76 32.81
N ALA A 101 -70.93 7.81 33.40
CA ALA A 101 -69.66 7.31 32.83
C ALA A 101 -69.83 6.77 31.42
N GLY A 102 -68.89 7.14 30.54
CA GLY A 102 -68.90 6.71 29.15
C GLY A 102 -69.99 7.34 28.30
N THR A 103 -70.21 8.65 28.48
CA THR A 103 -71.22 9.37 27.72
C THR A 103 -70.66 10.68 27.17
N ASP A 104 -71.08 11.03 25.96
CA ASP A 104 -70.70 12.28 25.30
C ASP A 104 -71.68 13.41 25.61
N TYR A 105 -71.14 14.58 25.90
CA TYR A 105 -71.94 15.77 26.15
C TYR A 105 -71.67 16.90 25.15
N ALA A 106 -72.71 17.67 24.84
CA ALA A 106 -72.61 18.81 23.94
C ALA A 106 -72.77 20.12 24.72
N ILE A 107 -71.82 21.03 24.55
CA ILE A 107 -71.87 22.33 25.21
C ILE A 107 -72.63 23.35 24.35
N TYR A 108 -73.61 24.01 24.96
CA TYR A 108 -74.45 25.00 24.27
C TYR A 108 -74.27 26.40 24.83
N VAL A 109 -74.45 27.37 23.95
CA VAL A 109 -74.59 28.77 24.33
C VAL A 109 -75.95 29.23 23.83
N CYS A 110 -76.70 29.86 24.73
CA CYS A 110 -78.11 30.21 24.48
C CYS A 110 -78.34 31.71 24.53
N ASP A 111 -79.37 32.17 23.81
CA ASP A 111 -79.65 33.61 23.71
C ASP A 111 -79.95 34.33 25.03
N ASP A 112 -80.32 33.58 26.06
CA ASP A 112 -80.45 34.16 27.40
C ASP A 112 -79.09 34.35 28.08
N GLY A 113 -78.02 34.05 27.34
CA GLY A 113 -76.65 34.29 27.81
C GLY A 113 -76.03 33.22 28.69
N THR A 114 -76.70 32.08 28.82
CA THR A 114 -76.21 31.00 29.69
C THR A 114 -75.50 29.89 28.92
N VAL A 115 -74.48 29.30 29.53
CA VAL A 115 -73.70 28.24 28.90
C VAL A 115 -73.88 26.91 29.64
N ARG A 116 -74.47 25.91 28.99
CA ARG A 116 -74.70 24.61 29.63
C ARG A 116 -74.34 23.38 28.80
N ALA A 117 -73.97 22.29 29.48
CA ALA A 117 -73.72 21.00 28.85
C ALA A 117 -74.99 20.15 28.85
N ASP A 118 -75.08 19.17 27.95
CA ASP A 118 -76.29 18.33 27.85
C ASP A 118 -76.05 17.10 26.99
N SER A 119 -76.63 15.97 27.36
CA SER A 119 -76.40 14.73 26.62
C SER A 119 -77.13 14.71 25.27
N ASN A 120 -78.05 15.62 25.08
CA ASN A 120 -78.77 15.67 23.82
C ASN A 120 -77.98 16.50 22.82
N PHE A 121 -77.79 15.97 21.62
CA PHE A 121 -76.97 16.67 20.62
C PHE A 121 -77.75 17.56 19.64
N SER A 122 -79.03 17.78 19.93
CA SER A 122 -79.88 18.69 19.14
C SER A 122 -80.16 19.99 19.86
N ALA A 123 -80.48 19.89 21.15
CA ALA A 123 -80.79 21.02 22.04
C ALA A 123 -80.78 20.57 23.50
N PRO A 124 -80.38 21.47 24.43
CA PRO A 124 -80.46 21.10 25.86
C PRO A 124 -81.90 21.18 26.36
N THR A 125 -82.20 20.53 27.49
CA THR A 125 -83.57 20.49 27.99
C THR A 125 -84.05 21.91 28.35
N GLY A 126 -85.24 22.24 27.84
CA GLY A 126 -85.81 23.58 28.05
C GLY A 126 -85.44 24.61 27.00
N TYR A 127 -84.89 24.17 25.89
CA TYR A 127 -84.55 25.05 24.78
C TYR A 127 -84.83 24.38 23.46
N THR A 128 -85.17 25.16 22.45
CA THR A 128 -85.12 24.66 21.08
C THR A 128 -83.71 24.85 20.53
N SER A 129 -83.45 24.20 19.40
CA SER A 129 -82.18 24.38 18.72
C SER A 129 -82.11 25.75 18.05
N THR A 130 -83.17 26.56 18.18
CA THR A 130 -83.11 27.95 17.74
C THR A 130 -82.55 28.83 18.86
N THR A 131 -83.01 28.59 20.08
CA THR A 131 -82.61 29.39 21.24
C THR A 131 -81.25 28.97 21.82
N ALA A 132 -80.84 27.74 21.51
CA ALA A 132 -79.53 27.24 21.94
C ALA A 132 -78.67 26.84 20.75
N ARG A 133 -77.38 27.13 20.85
CA ARG A 133 -76.42 26.79 19.79
C ARG A 133 -75.31 25.86 20.29
N LYS A 134 -75.18 24.72 19.61
CA LYS A 134 -74.09 23.78 19.91
C LYS A 134 -72.76 24.41 19.53
N VAL A 135 -71.86 24.55 20.51
CA VAL A 135 -70.55 25.13 20.22
C VAL A 135 -69.40 24.17 20.44
N GLY A 136 -69.60 23.22 21.34
CA GLY A 136 -68.54 22.31 21.73
C GLY A 136 -69.06 21.00 22.24
N GLY A 137 -68.28 20.37 23.12
CA GLY A 137 -68.64 19.06 23.66
C GLY A 137 -67.46 18.36 24.29
N PHE A 138 -67.73 17.23 24.94
CA PHE A 138 -66.67 16.47 25.62
C PHE A 138 -67.10 15.04 25.94
N HIS A 139 -66.15 14.23 26.39
CA HIS A 139 -66.45 12.88 26.83
C HIS A 139 -66.29 12.73 28.35
N TYR A 140 -67.36 12.26 28.98
CA TYR A 140 -67.30 11.85 30.37
C TYR A 140 -66.81 10.39 30.40
N ALA A 141 -65.52 10.23 30.71
CA ALA A 141 -64.83 8.96 30.59
C ALA A 141 -65.09 8.08 31.81
N PRO A 142 -65.02 6.74 31.61
CA PRO A 142 -65.21 5.77 32.69
C PRO A 142 -64.02 5.70 33.64
N GLY A 143 -62.88 6.22 33.20
CA GLY A 143 -61.68 6.24 34.03
C GLY A 143 -60.86 7.49 33.75
N SER A 144 -59.69 7.58 34.37
CA SER A 144 -58.81 8.74 34.22
C SER A 144 -57.78 8.57 33.11
N ASN A 145 -57.20 9.68 32.69
CA ASN A 145 -56.05 9.67 31.78
C ASN A 145 -54.81 9.09 32.46
N ALA A 146 -53.85 8.64 31.66
CA ALA A 146 -52.62 8.04 32.17
C ALA A 146 -51.71 9.08 32.77
N ALA A 147 -51.49 8.96 34.08
CA ALA A 147 -50.60 9.86 34.83
C ALA A 147 -49.19 9.79 34.28
N ALA A 148 -48.70 8.57 34.06
CA ALA A 148 -47.42 8.33 33.41
C ALA A 148 -47.53 7.18 32.44
N GLN A 149 -47.07 6.00 32.84
CA GLN A 149 -47.04 4.86 31.93
C GLN A 149 -47.60 3.58 32.54
N ALA A 150 -48.51 3.74 33.50
CA ALA A 150 -49.16 2.61 34.15
C ALA A 150 -50.66 2.55 33.86
N GLY A 151 -51.17 3.52 33.09
CA GLY A 151 -52.59 3.56 32.77
C GLY A 151 -53.35 4.54 33.64
N GLY A 152 -54.63 4.26 33.90
CA GLY A 152 -55.48 5.13 34.74
C GLY A 152 -56.36 4.36 35.71
N ASN A 153 -57.27 5.06 36.39
CA ASN A 153 -58.16 4.43 37.38
C ASN A 153 -59.57 4.16 36.84
N THR A 154 -60.53 3.96 37.75
CA THR A 154 -61.94 3.76 37.38
C THR A 154 -62.87 4.87 37.86
N THR A 155 -62.30 5.99 38.32
CA THR A 155 -63.10 7.17 38.64
C THR A 155 -63.59 7.83 37.35
N ALA A 156 -64.91 7.90 37.18
CA ALA A 156 -65.47 8.62 36.04
C ALA A 156 -65.09 10.08 36.14
N GLN A 157 -64.74 10.69 35.00
CA GLN A 157 -64.37 12.11 34.96
C GLN A 157 -64.36 12.63 33.53
N ILE A 158 -64.10 13.93 33.38
CA ILE A 158 -64.00 14.52 32.05
C ILE A 158 -62.59 14.25 31.53
N ASN A 159 -62.51 13.64 30.34
CA ASN A 159 -61.23 13.52 29.64
C ASN A 159 -60.90 14.88 29.03
N GLU A 160 -59.94 15.56 29.65
CA GLU A 160 -59.62 16.92 29.25
C GLU A 160 -59.32 17.04 27.75
N TYR A 161 -58.74 15.98 27.19
CA TYR A 161 -58.32 15.98 25.78
C TYR A 161 -59.47 15.74 24.81
N SER A 162 -60.62 15.33 25.33
CA SER A 162 -61.82 15.12 24.51
C SER A 162 -62.63 16.40 24.27
N LEU A 163 -62.20 17.52 24.87
CA LEU A 163 -62.87 18.80 24.66
C LEU A 163 -62.73 19.25 23.20
N TRP A 164 -63.84 19.61 22.58
CA TRP A 164 -63.81 20.12 21.21
C TRP A 164 -64.76 21.30 21.02
N ASP A 165 -64.34 22.32 20.26
CA ASP A 165 -65.29 23.35 19.84
C ASP A 165 -65.42 23.36 18.31
N ILE A 166 -66.33 24.15 17.78
CA ILE A 166 -66.63 24.09 16.34
C ILE A 166 -65.47 24.52 15.45
N LYS A 167 -64.49 25.20 16.04
CA LYS A 167 -63.28 25.63 15.33
C LYS A 167 -61.99 25.03 15.93
N PHE A 168 -62.12 23.82 16.47
CA PHE A 168 -61.06 23.07 17.13
C PHE A 168 -61.62 21.67 17.40
N ARG A 169 -61.70 20.85 16.34
CA ARG A 169 -62.49 19.62 16.35
C ARG A 169 -61.89 18.51 15.48
N PRO A 170 -62.32 17.24 15.69
CA PRO A 170 -61.99 16.17 14.75
C PRO A 170 -62.51 16.51 13.36
N ALA A 171 -61.68 16.27 12.36
CA ALA A 171 -62.04 16.49 10.95
C ALA A 171 -63.16 15.56 10.54
N ALA A 172 -63.29 14.46 11.26
CA ALA A 172 -64.35 13.49 11.08
C ALA A 172 -65.72 14.16 11.05
N LEU A 173 -66.65 13.46 10.43
CA LEU A 173 -67.99 13.99 10.15
C LEU A 173 -68.86 14.15 11.41
N ASP A 174 -68.39 13.60 12.54
CA ASP A 174 -69.08 13.58 13.85
C ASP A 174 -68.04 13.43 14.97
N PRO A 175 -67.91 14.45 15.82
CA PRO A 175 -66.78 14.61 16.75
C PRO A 175 -66.85 13.78 18.02
N ARG A 176 -67.90 12.98 18.16
CA ARG A 176 -68.14 12.28 19.43
C ARG A 176 -67.19 11.11 19.71
N GLY A 177 -66.77 11.01 20.96
CA GLY A 177 -65.96 9.88 21.41
C GLY A 177 -64.50 9.93 20.99
N MET A 178 -64.07 11.04 20.38
CA MET A 178 -62.66 11.20 20.05
C MET A 178 -61.86 11.98 21.10
N THR A 179 -60.54 11.87 21.02
CA THR A 179 -59.65 12.62 21.88
C THR A 179 -58.42 13.10 21.12
N LEU A 180 -57.99 14.31 21.41
CA LEU A 180 -56.89 14.92 20.70
C LEU A 180 -55.55 14.41 21.26
N VAL A 181 -54.75 13.83 20.36
CA VAL A 181 -53.45 13.26 20.71
C VAL A 181 -52.32 14.26 20.46
N ALA A 182 -51.56 14.55 21.51
CA ALA A 182 -50.47 15.52 21.49
C ALA A 182 -50.76 16.80 20.72
N GLY A 183 -52.03 17.06 20.46
CA GLY A 183 -52.43 18.26 19.73
C GLY A 183 -52.22 18.17 18.24
N ALA A 184 -51.97 16.96 17.74
CA ALA A 184 -51.66 16.75 16.32
C ALA A 184 -52.80 16.14 15.52
N PHE A 185 -53.51 15.20 16.12
CA PHE A 185 -54.65 14.54 15.47
C PHE A 185 -55.58 13.97 16.54
N TRP A 186 -56.72 13.44 16.08
CA TRP A 186 -57.71 12.85 16.97
C TRP A 186 -57.78 11.35 16.79
N ALA A 187 -57.94 10.64 17.90
CA ALA A 187 -58.10 9.20 17.88
C ALA A 187 -59.36 8.79 18.62
N ASP A 188 -60.11 7.85 18.05
CA ASP A 188 -61.24 7.22 18.75
C ASP A 188 -60.85 6.71 20.14
N ILE A 189 -61.68 7.00 21.15
CA ILE A 189 -61.42 6.52 22.51
C ILE A 189 -61.63 5.00 22.64
N TYR A 190 -62.62 4.49 21.93
CA TYR A 190 -62.97 3.08 21.99
C TYR A 190 -62.73 2.36 20.67
N LEU A 191 -62.46 1.06 20.77
CA LEU A 191 -62.30 0.23 19.56
C LEU A 191 -63.63 0.15 18.82
N LEU A 192 -63.57 0.15 17.50
CA LEU A 192 -64.77 0.12 16.66
C LEU A 192 -65.77 -0.93 17.15
N GLY A 193 -67.04 -0.54 17.25
CA GLY A 193 -68.07 -1.47 17.68
C GLY A 193 -68.88 -2.05 16.54
N VAL A 194 -69.63 -3.11 16.83
CA VAL A 194 -70.42 -3.78 15.81
C VAL A 194 -71.54 -2.88 15.28
N ASN A 195 -72.13 -2.09 16.17
CA ASN A 195 -73.26 -1.24 15.79
C ASN A 195 -72.87 0.22 15.60
N HIS A 196 -71.73 0.39 14.94
CA HIS A 196 -71.18 1.67 14.60
C HIS A 196 -72.14 2.53 13.79
N LEU A 197 -72.98 1.88 12.98
CA LEU A 197 -73.95 2.61 12.15
C LEU A 197 -74.85 3.51 13.00
N THR A 198 -75.30 3.01 14.15
CA THR A 198 -76.13 3.82 15.03
C THR A 198 -75.35 4.40 16.21
N ASP A 199 -74.25 3.78 16.63
CA ASP A 199 -73.50 4.27 17.80
C ASP A 199 -72.36 5.22 17.48
N GLY A 200 -72.02 5.33 16.19
CA GLY A 200 -70.76 5.94 15.79
C GLY A 200 -69.68 4.89 15.98
N THR A 201 -68.42 5.25 15.73
CA THR A 201 -67.35 4.27 15.82
C THR A 201 -66.85 4.09 17.25
N SER A 202 -66.80 5.17 18.01
CA SER A 202 -66.22 5.15 19.36
C SER A 202 -67.27 5.31 20.46
N LYS A 203 -67.69 4.19 21.04
CA LYS A 203 -68.73 4.21 22.06
C LYS A 203 -68.40 3.26 23.21
N TYR A 204 -68.60 3.74 24.43
CA TYR A 204 -68.30 2.96 25.63
C TYR A 204 -69.28 1.80 25.85
N ASN A 205 -68.75 0.68 26.32
CA ASN A 205 -69.56 -0.48 26.73
C ASN A 205 -70.44 -1.09 25.63
N VAL A 206 -69.87 -1.29 24.45
CA VAL A 206 -70.54 -2.07 23.40
C VAL A 206 -69.69 -3.27 22.98
N THR A 207 -70.23 -4.14 22.12
CA THR A 207 -69.48 -5.28 21.59
C THR A 207 -68.44 -4.78 20.60
N ILE A 208 -67.19 -5.20 20.84
CA ILE A 208 -66.07 -4.89 19.96
C ILE A 208 -66.10 -5.73 18.70
N ALA A 209 -66.18 -5.07 17.55
CA ALA A 209 -66.15 -5.76 16.28
C ALA A 209 -64.79 -6.44 16.09
N ASP A 210 -64.86 -7.75 15.83
CA ASP A 210 -63.70 -8.59 15.56
C ASP A 210 -63.98 -9.50 14.35
N GLY A 211 -63.17 -10.54 14.18
CA GLY A 211 -63.30 -11.44 13.04
C GLY A 211 -64.58 -12.26 13.02
N SER A 212 -64.99 -12.75 14.20
CA SER A 212 -66.23 -13.53 14.35
C SER A 212 -67.44 -12.59 14.37
N ALA A 213 -67.44 -11.67 15.35
CA ALA A 213 -68.40 -10.58 15.42
C ALA A 213 -68.00 -9.42 14.49
N SER A 214 -68.19 -9.61 13.19
CA SER A 214 -67.86 -8.57 12.23
C SER A 214 -68.81 -7.37 12.36
N PRO A 215 -68.34 -6.15 12.01
CA PRO A 215 -69.17 -4.93 12.00
C PRO A 215 -70.27 -4.98 10.95
N LYS A 216 -71.21 -4.06 11.06
CA LYS A 216 -72.31 -3.99 10.11
C LYS A 216 -71.81 -3.39 8.81
N LYS A 217 -72.32 -3.89 7.70
CA LYS A 217 -71.96 -3.34 6.38
C LYS A 217 -72.29 -1.86 6.32
N SER A 218 -71.32 -1.04 5.93
CA SER A 218 -71.60 0.37 5.66
C SER A 218 -72.74 0.51 4.67
N THR A 219 -73.73 1.31 5.04
CA THR A 219 -74.85 1.61 4.15
C THR A 219 -74.40 2.46 2.98
N LYS A 220 -73.19 3.01 3.07
CA LYS A 220 -72.63 3.79 1.97
C LYS A 220 -72.04 2.91 0.87
N PHE A 221 -71.82 1.65 1.20
CA PHE A 221 -71.23 0.69 0.28
C PHE A 221 -72.07 -0.57 0.11
N GLY A 222 -73.38 -0.40 -0.03
CA GLY A 222 -74.28 -1.50 -0.36
C GLY A 222 -74.96 -2.14 0.82
N GLY A 223 -74.56 -1.78 2.04
CA GLY A 223 -75.18 -2.29 3.26
C GLY A 223 -76.61 -1.79 3.41
N ASP A 224 -77.44 -2.57 4.11
CA ASP A 224 -78.85 -2.20 4.30
C ASP A 224 -79.16 -1.64 5.67
N GLY A 225 -78.28 -1.88 6.64
CA GLY A 225 -78.49 -1.40 8.01
C GLY A 225 -78.56 -2.54 9.00
N SER A 226 -78.98 -3.71 8.51
CA SER A 226 -79.01 -4.92 9.32
C SER A 226 -77.81 -5.81 9.07
N ALA A 227 -77.55 -6.08 7.78
CA ALA A 227 -76.47 -6.97 7.35
C ALA A 227 -75.12 -6.65 8.01
N ALA A 228 -74.45 -7.70 8.50
CA ALA A 228 -73.05 -7.61 8.91
C ALA A 228 -72.14 -8.08 7.76
N TYR A 229 -70.83 -7.83 7.88
CA TYR A 229 -69.86 -8.37 6.94
C TYR A 229 -69.65 -9.85 7.25
N SER A 230 -69.18 -10.62 6.27
CA SER A 230 -68.93 -12.05 6.49
C SER A 230 -67.71 -12.32 7.37
N ASP A 231 -66.72 -11.42 7.37
CA ASP A 231 -65.55 -11.58 8.24
C ASP A 231 -64.91 -10.25 8.67
N GLY A 232 -63.89 -10.36 9.53
CA GLY A 232 -63.17 -9.18 10.04
C GLY A 232 -61.94 -8.74 9.26
N ALA A 233 -62.10 -8.67 7.93
CA ALA A 233 -61.01 -8.36 7.00
C ALA A 233 -60.63 -6.88 7.04
N TRP A 234 -59.33 -6.61 6.87
CA TRP A 234 -58.85 -5.23 6.72
C TRP A 234 -59.73 -4.46 5.75
N TYR A 235 -60.05 -5.05 4.60
CA TYR A 235 -60.88 -4.40 3.59
C TYR A 235 -62.16 -3.79 4.17
N ASN A 236 -62.76 -4.52 5.11
CA ASN A 236 -64.04 -4.15 5.71
C ASN A 236 -63.90 -3.03 6.73
N PHE A 237 -62.99 -3.20 7.69
CA PHE A 237 -62.74 -2.16 8.68
C PHE A 237 -62.37 -0.85 8.01
N ALA A 238 -61.59 -0.95 6.94
CA ALA A 238 -61.18 0.19 6.16
C ALA A 238 -62.40 0.85 5.51
N GLU A 239 -63.33 0.04 5.00
CA GLU A 239 -64.60 0.53 4.46
C GLU A 239 -65.38 1.30 5.54
N VAL A 240 -65.44 0.73 6.74
CA VAL A 240 -66.20 1.29 7.83
C VAL A 240 -65.70 2.68 8.24
N MET A 241 -64.39 2.82 8.40
CA MET A 241 -63.79 4.09 8.78
C MET A 241 -63.99 5.17 7.70
N THR A 242 -64.05 4.75 6.44
CA THR A 242 -64.28 5.70 5.34
C THR A 242 -65.68 6.29 5.44
N HIS A 243 -66.64 5.39 5.64
CA HIS A 243 -68.04 5.73 5.88
C HIS A 243 -68.17 6.87 6.90
N HIS A 244 -67.44 6.75 8.00
CA HIS A 244 -67.47 7.76 9.05
C HIS A 244 -66.47 8.89 8.86
N GLY A 245 -65.82 8.94 7.71
CA GLY A 245 -64.80 9.95 7.42
C GLY A 245 -63.59 9.87 8.34
N LYS A 246 -63.09 8.65 8.57
CA LYS A 246 -61.89 8.39 9.37
C LYS A 246 -60.93 7.43 8.65
N ARG A 247 -59.78 7.18 9.28
CA ARG A 247 -58.75 6.30 8.72
C ARG A 247 -58.37 5.27 9.76
N LEU A 248 -57.79 4.17 9.28
CA LEU A 248 -57.07 3.26 10.14
C LEU A 248 -55.76 3.94 10.52
N PRO A 249 -55.27 3.76 11.76
CA PRO A 249 -54.07 4.49 12.20
C PRO A 249 -52.83 4.08 11.45
N ASN A 250 -51.85 4.97 11.41
CA ASN A 250 -50.53 4.61 10.96
C ASN A 250 -49.57 4.43 12.13
N TYR A 251 -48.34 3.98 11.85
CA TYR A 251 -47.40 3.64 12.90
C TYR A 251 -47.03 4.86 13.75
N ASN A 252 -46.78 5.99 13.09
CA ASN A 252 -46.46 7.22 13.79
C ASN A 252 -47.61 7.69 14.66
N GLU A 253 -48.83 7.51 14.15
CA GLU A 253 -50.05 7.83 14.90
C GLU A 253 -50.29 6.87 16.05
N PHE A 254 -50.08 5.58 15.81
CA PHE A 254 -50.37 4.61 16.84
C PHE A 254 -49.47 4.72 18.06
N GLN A 255 -48.17 4.91 17.84
CA GLN A 255 -47.24 5.01 18.95
C GLN A 255 -47.59 6.22 19.79
N ALA A 256 -48.06 7.27 19.11
CA ALA A 256 -48.53 8.48 19.78
C ALA A 256 -49.82 8.24 20.55
N LEU A 257 -50.86 7.77 19.87
CA LEU A 257 -52.18 7.60 20.48
C LEU A 257 -52.18 6.65 21.67
N ALA A 258 -51.33 5.62 21.61
CA ALA A 258 -51.30 4.58 22.64
C ALA A 258 -50.31 4.83 23.76
N PHE A 259 -49.53 5.90 23.64
CA PHE A 259 -48.56 6.23 24.67
C PHE A 259 -49.22 6.41 26.03
N GLY A 260 -48.57 5.89 27.06
CA GLY A 260 -49.09 6.01 28.42
C GLY A 260 -49.70 4.72 28.92
N THR A 261 -49.99 3.82 27.99
CA THR A 261 -50.44 2.46 28.32
C THR A 261 -49.32 1.71 29.09
N THR A 262 -49.70 0.68 29.84
CA THR A 262 -48.71 -0.19 30.48
C THR A 262 -48.09 -1.05 29.38
N GLU A 263 -46.79 -0.85 29.15
CA GLU A 263 -46.07 -1.57 28.09
C GLU A 263 -45.77 -3.02 28.49
N ALA A 264 -45.49 -3.85 27.49
CA ALA A 264 -45.17 -5.28 27.70
C ALA A 264 -46.18 -6.02 28.59
N THR A 265 -47.46 -5.74 28.38
CA THR A 265 -48.52 -6.36 29.16
C THR A 265 -49.73 -6.62 28.28
N SER A 266 -50.46 -7.69 28.57
CA SER A 266 -51.68 -7.98 27.83
C SER A 266 -52.83 -8.17 28.81
N SER A 267 -54.06 -8.06 28.30
CA SER A 267 -55.25 -8.30 29.11
C SER A 267 -55.20 -9.70 29.75
N GLY A 268 -54.59 -10.65 29.05
CA GLY A 268 -54.61 -12.06 29.45
C GLY A 268 -56.00 -12.60 29.17
N GLY A 269 -56.32 -13.74 29.78
CA GLY A 269 -57.66 -14.33 29.64
C GLY A 269 -57.91 -14.98 28.30
N THR A 270 -59.19 -15.14 27.96
CA THR A 270 -59.56 -15.89 26.77
C THR A 270 -60.11 -15.00 25.65
N ASP A 271 -60.64 -13.83 26.02
CA ASP A 271 -61.29 -12.91 25.07
C ASP A 271 -61.51 -11.51 25.67
N VAL A 272 -61.60 -10.49 24.82
CA VAL A 272 -62.02 -9.14 25.24
C VAL A 272 -63.14 -8.65 24.32
N PRO A 273 -64.41 -8.81 24.75
CA PRO A 273 -65.57 -8.60 23.89
C PRO A 273 -66.17 -7.20 23.94
N THR A 274 -65.92 -6.46 25.02
CA THR A 274 -66.66 -5.22 25.29
C THR A 274 -65.74 -4.04 25.60
N THR A 275 -66.10 -2.88 25.08
CA THR A 275 -65.30 -1.67 25.27
C THR A 275 -65.42 -1.09 26.65
N GLY A 276 -64.28 -0.82 27.28
CA GLY A 276 -64.25 -0.11 28.55
C GLY A 276 -64.41 -0.99 29.78
N VAL A 277 -64.59 -2.29 29.55
CA VAL A 277 -64.65 -3.28 30.64
C VAL A 277 -63.65 -4.43 30.43
N ASN A 278 -63.25 -5.07 31.53
CA ASN A 278 -62.32 -6.21 31.51
C ASN A 278 -62.74 -7.32 30.57
N GLY A 279 -61.76 -8.08 30.10
CA GLY A 279 -62.02 -9.22 29.20
C GLY A 279 -62.38 -10.52 29.90
N THR A 280 -62.97 -11.45 29.14
CA THR A 280 -63.33 -12.77 29.63
C THR A 280 -62.12 -13.52 30.20
N GLY A 281 -62.03 -13.54 31.53
CA GLY A 281 -60.94 -14.18 32.24
C GLY A 281 -59.66 -13.37 32.30
N ALA A 282 -59.77 -12.06 32.07
CA ALA A 282 -58.59 -11.17 32.02
C ALA A 282 -57.79 -11.20 33.32
N THR A 283 -56.50 -10.94 33.23
CA THR A 283 -55.62 -10.92 34.40
C THR A 283 -55.08 -9.51 34.67
N SER A 284 -55.54 -8.55 33.88
CA SER A 284 -55.27 -7.13 34.09
C SER A 284 -56.53 -6.32 33.82
N ALA A 285 -56.75 -5.30 34.65
CA ALA A 285 -57.93 -4.44 34.53
C ALA A 285 -57.89 -3.58 33.25
N TRP A 286 -59.05 -3.40 32.61
CA TRP A 286 -59.17 -2.61 31.37
C TRP A 286 -58.47 -1.24 31.41
N ASN A 287 -58.42 -0.62 32.58
CA ASN A 287 -57.85 0.72 32.71
C ASN A 287 -56.33 0.74 32.83
N ILE A 288 -55.76 -0.46 32.91
CA ILE A 288 -54.30 -0.63 32.87
C ILE A 288 -53.79 -0.19 31.49
N PHE A 289 -54.65 -0.35 30.48
CA PHE A 289 -54.30 -0.04 29.10
C PHE A 289 -54.91 1.27 28.60
N THR A 290 -55.01 2.24 29.48
CA THR A 290 -55.55 3.55 29.11
C THR A 290 -54.42 4.53 28.85
N SER A 291 -54.44 5.14 27.68
CA SER A 291 -53.33 5.98 27.21
C SER A 291 -53.27 7.35 27.86
N LYS A 292 -52.21 8.10 27.59
CA LYS A 292 -52.04 9.46 28.12
C LYS A 292 -53.21 10.36 27.77
N TRP A 293 -53.79 10.12 26.60
CA TRP A 293 -54.89 10.94 26.14
C TRP A 293 -56.25 10.29 26.32
N GLY A 294 -56.29 9.27 27.17
CA GLY A 294 -57.52 8.61 27.49
C GLY A 294 -58.05 7.74 26.37
N VAL A 295 -57.15 7.16 25.60
CA VAL A 295 -57.55 6.10 24.66
C VAL A 295 -57.75 4.84 25.49
N VAL A 296 -58.97 4.31 25.44
CA VAL A 296 -59.38 3.19 26.29
C VAL A 296 -59.03 1.86 25.61
N GLN A 297 -58.35 0.98 26.36
CA GLN A 297 -57.83 -0.30 25.83
C GLN A 297 -56.88 -0.06 24.65
N ALA A 298 -55.90 0.81 24.85
CA ALA A 298 -55.03 1.28 23.77
C ALA A 298 -54.17 0.18 23.15
N SER A 299 -53.74 -0.75 23.99
CA SER A 299 -52.87 -1.84 23.58
C SER A 299 -53.19 -3.09 24.39
N GLY A 300 -52.70 -4.23 23.93
CA GLY A 300 -52.79 -5.48 24.67
C GLY A 300 -54.19 -6.02 24.83
N CYS A 301 -55.11 -5.59 23.98
CA CYS A 301 -56.48 -6.11 24.00
C CYS A 301 -56.88 -6.66 22.66
N LEU A 302 -56.87 -5.82 21.63
CA LEU A 302 -57.01 -6.29 20.27
C LEU A 302 -55.99 -5.67 19.33
N TRP A 303 -55.51 -6.47 18.39
CA TRP A 303 -54.75 -5.92 17.29
C TRP A 303 -55.70 -4.99 16.55
N THR A 304 -55.25 -3.76 16.30
CA THR A 304 -55.97 -2.86 15.42
C THR A 304 -55.31 -2.85 14.06
N TRP A 305 -56.11 -3.07 13.02
CA TRP A 305 -55.65 -2.91 11.65
C TRP A 305 -55.03 -1.54 11.46
N GLY A 306 -53.91 -1.48 10.75
CA GLY A 306 -53.24 -0.22 10.42
C GLY A 306 -53.50 0.21 9.00
N ASN A 307 -53.10 1.44 8.66
CA ASN A 307 -53.23 1.95 7.30
C ASN A 307 -51.87 2.04 6.61
N GLU A 308 -51.04 1.04 6.87
CA GLU A 308 -49.71 0.91 6.27
C GLU A 308 -49.53 -0.48 5.65
N PHE A 309 -48.85 -0.55 4.51
CA PHE A 309 -48.51 -1.83 3.93
C PHE A 309 -46.99 -2.10 3.88
N GLY A 310 -46.62 -3.33 4.23
CA GLY A 310 -45.24 -3.79 4.22
C GLY A 310 -45.18 -5.17 4.86
N GLY A 311 -43.98 -5.70 5.05
CA GLY A 311 -43.81 -7.01 5.69
C GLY A 311 -44.06 -8.18 4.74
N VAL A 312 -44.45 -9.32 5.32
CA VAL A 312 -44.69 -10.56 4.58
C VAL A 312 -45.64 -10.38 3.37
N ASN A 313 -45.13 -10.64 2.16
CA ASN A 313 -46.01 -10.65 0.99
C ASN A 313 -46.68 -12.00 0.85
N GLY A 314 -47.68 -12.06 -0.02
CA GLY A 314 -48.42 -13.28 -0.28
C GLY A 314 -48.23 -13.71 -1.71
N ALA A 315 -48.92 -14.80 -2.06
CA ALA A 315 -48.80 -15.47 -3.38
C ALA A 315 -48.38 -14.53 -4.50
N SER A 316 -47.21 -14.80 -5.07
CA SER A 316 -46.69 -13.98 -6.13
C SER A 316 -47.41 -14.24 -7.46
N GLU A 317 -48.71 -14.50 -7.38
CA GLU A 317 -49.58 -14.65 -8.57
C GLU A 317 -50.96 -14.07 -8.27
N TYR A 318 -51.67 -13.64 -9.32
CA TYR A 318 -52.97 -13.00 -9.12
C TYR A 318 -53.96 -13.91 -8.37
N THR A 319 -54.19 -13.61 -7.10
CA THR A 319 -55.18 -14.29 -6.28
C THR A 319 -56.42 -13.44 -6.11
N ALA A 320 -57.59 -14.05 -6.25
CA ALA A 320 -58.85 -13.37 -6.01
C ALA A 320 -59.36 -13.65 -4.58
N ASN A 321 -58.99 -12.79 -3.65
CA ASN A 321 -59.44 -12.90 -2.26
C ASN A 321 -59.97 -11.58 -1.69
N THR A 322 -60.50 -10.74 -2.58
CA THR A 322 -60.96 -9.43 -2.17
C THR A 322 -62.48 -9.39 -2.07
N GLY A 323 -63.06 -10.53 -1.68
CA GLY A 323 -64.51 -10.68 -1.63
C GLY A 323 -65.19 -10.34 -2.96
N GLY A 324 -64.59 -10.74 -4.07
CA GLY A 324 -65.23 -10.63 -5.37
C GLY A 324 -65.08 -9.28 -6.04
N ARG A 325 -64.02 -8.57 -5.69
CA ARG A 325 -63.79 -7.23 -6.22
C ARG A 325 -62.46 -7.08 -6.96
N GLY A 326 -61.99 -8.19 -7.54
CA GLY A 326 -60.73 -8.23 -8.30
C GLY A 326 -59.65 -9.09 -7.64
N SER A 327 -58.46 -9.08 -8.22
CA SER A 327 -57.37 -9.94 -7.75
C SER A 327 -56.14 -9.16 -7.28
N VAL A 328 -55.33 -9.79 -6.43
CA VAL A 328 -54.10 -9.17 -5.91
C VAL A 328 -52.86 -9.98 -6.26
N TYR A 329 -51.80 -9.27 -6.65
CA TYR A 329 -50.54 -9.89 -6.99
C TYR A 329 -49.45 -9.52 -6.00
N ALA A 330 -48.84 -10.52 -5.38
CA ALA A 330 -47.74 -10.30 -4.43
C ALA A 330 -48.12 -9.29 -3.35
N GLN A 331 -49.28 -9.52 -2.75
CA GLN A 331 -49.89 -8.58 -1.81
C GLN A 331 -49.17 -8.48 -0.47
N PRO A 332 -48.66 -7.27 -0.14
CA PRO A 332 -48.00 -7.01 1.16
C PRO A 332 -48.99 -7.04 2.33
N ALA A 333 -48.53 -7.52 3.47
CA ALA A 333 -49.36 -7.59 4.67
C ALA A 333 -49.86 -6.22 5.02
N ALA A 334 -51.00 -6.15 5.70
CA ALA A 334 -51.44 -4.91 6.33
C ALA A 334 -50.95 -4.90 7.78
N ALA A 335 -50.49 -3.75 8.24
CA ALA A 335 -50.01 -3.63 9.60
C ALA A 335 -51.11 -3.93 10.63
N LEU A 336 -50.71 -4.41 11.81
CA LEU A 336 -51.59 -4.57 12.94
C LEU A 336 -50.84 -4.04 14.15
N PHE A 337 -51.47 -3.18 14.96
CA PHE A 337 -50.75 -2.55 16.05
C PHE A 337 -51.32 -2.86 17.43
N GLY A 338 -50.46 -2.76 18.43
CA GLY A 338 -50.86 -2.82 19.85
C GLY A 338 -50.72 -4.15 20.56
N GLY A 339 -50.91 -5.24 19.82
CA GLY A 339 -50.96 -6.57 20.40
C GLY A 339 -52.38 -6.89 20.82
N ALA A 340 -52.65 -8.15 21.09
CA ALA A 340 -53.96 -8.58 21.59
C ALA A 340 -53.87 -9.09 23.03
N TRP A 341 -54.97 -9.65 23.52
CA TRP A 341 -55.04 -10.14 24.90
C TRP A 341 -54.14 -11.36 25.15
N ASN A 342 -53.97 -12.17 24.12
CA ASN A 342 -53.11 -13.36 24.18
C ASN A 342 -51.63 -13.03 24.05
N GLY A 343 -51.50 -11.78 23.68
CA GLY A 343 -50.14 -11.55 23.18
C GLY A 343 -49.05 -11.60 24.25
N THR A 344 -49.43 -11.56 25.53
CA THR A 344 -48.37 -11.60 26.55
C THR A 344 -47.57 -10.29 26.57
N SER A 345 -46.40 -10.49 26.56
CA SER A 345 -45.57 -9.29 26.76
C SER A 345 -45.06 -8.66 25.47
N LEU A 346 -45.59 -9.14 24.34
CA LEU A 346 -45.31 -8.54 23.05
C LEU A 346 -46.01 -7.20 22.92
N SER A 347 -47.20 -7.11 23.54
CA SER A 347 -48.09 -5.95 23.46
C SER A 347 -47.52 -4.65 24.01
N GLY A 348 -47.98 -3.54 23.45
CA GLY A 348 -47.50 -2.21 23.85
C GLY A 348 -47.78 -1.16 22.79
N SER A 349 -47.38 0.08 23.07
CA SER A 349 -47.64 1.23 22.19
C SER A 349 -46.99 1.10 20.81
N ARG A 350 -46.00 0.21 20.69
CA ARG A 350 -45.28 0.03 19.43
C ARG A 350 -45.30 -1.40 18.89
N ALA A 351 -46.04 -2.28 19.56
CA ALA A 351 -46.21 -3.65 19.09
C ALA A 351 -46.78 -3.65 17.68
N ALA A 352 -46.09 -4.30 16.75
CA ALA A 352 -46.47 -4.26 15.35
C ALA A 352 -46.28 -5.61 14.66
N LEU A 353 -47.32 -6.09 13.96
CA LEU A 353 -47.29 -7.38 13.31
C LEU A 353 -47.54 -7.29 11.80
N TRP A 354 -46.47 -7.45 11.01
CA TRP A 354 -46.59 -7.34 9.56
C TRP A 354 -46.73 -8.68 8.83
N TYR A 355 -47.55 -9.56 9.38
CA TYR A 355 -47.76 -10.88 8.78
C TYR A 355 -49.09 -11.03 8.01
N SER A 356 -50.17 -10.44 8.52
CA SER A 356 -51.51 -10.74 8.00
C SER A 356 -51.91 -9.95 6.77
N GLY A 357 -52.38 -10.67 5.76
CA GLY A 357 -52.89 -10.03 4.56
C GLY A 357 -54.23 -9.35 4.78
N PRO A 358 -54.56 -8.37 3.93
CA PRO A 358 -55.78 -7.60 4.08
C PRO A 358 -57.05 -8.45 4.04
N SER A 359 -56.94 -9.72 3.65
CA SER A 359 -58.12 -10.58 3.56
C SER A 359 -58.22 -11.57 4.71
N PHE A 360 -57.21 -11.58 5.58
CA PHE A 360 -57.22 -12.41 6.76
C PHE A 360 -58.25 -11.86 7.75
N SER A 361 -58.82 -12.73 8.58
CA SER A 361 -59.70 -12.30 9.67
C SER A 361 -59.56 -13.21 10.89
N PHE A 362 -59.56 -12.61 12.07
CA PHE A 362 -59.39 -13.33 13.32
C PHE A 362 -60.12 -12.59 14.43
N ALA A 363 -60.51 -13.32 15.47
CA ALA A 363 -61.27 -12.78 16.58
C ALA A 363 -60.45 -11.88 17.54
N PHE A 364 -59.17 -11.69 17.25
CA PHE A 364 -58.36 -10.67 17.94
C PHE A 364 -57.91 -9.53 17.03
N PHE A 365 -58.51 -9.46 15.84
CA PHE A 365 -58.26 -8.35 14.92
C PHE A 365 -59.45 -7.39 14.91
N GLY A 366 -59.25 -6.20 15.45
CA GLY A 366 -60.26 -5.14 15.43
C GLY A 366 -59.71 -3.91 14.74
N ALA A 367 -60.23 -2.74 15.11
CA ALA A 367 -59.73 -1.48 14.58
C ALA A 367 -60.02 -0.31 15.52
N ARG A 368 -59.22 0.73 15.41
CA ARG A 368 -59.48 2.00 16.07
C ARG A 368 -59.48 3.04 14.97
N GLY A 369 -60.24 4.12 15.12
CA GLY A 369 -60.30 5.18 14.12
C GLY A 369 -59.45 6.39 14.45
N VAL A 370 -58.91 7.04 13.42
CA VAL A 370 -58.25 8.34 13.58
C VAL A 370 -58.66 9.29 12.47
N CYS A 371 -58.48 10.60 12.74
CA CYS A 371 -58.69 11.64 11.74
C CYS A 371 -57.89 12.89 12.09
N ASP A 372 -57.78 13.81 11.13
CA ASP A 372 -57.00 15.02 11.34
C ASP A 372 -57.64 15.95 12.34
N HIS A 373 -56.86 16.91 12.81
CA HIS A 373 -57.31 17.96 13.71
C HIS A 373 -57.62 19.17 12.88
N LEU A 374 -58.84 19.67 13.00
CA LEU A 374 -59.28 20.84 12.25
C LEU A 374 -59.18 22.07 13.15
N ILE A 375 -58.48 23.12 12.71
CA ILE A 375 -58.42 24.40 13.45
C ILE A 375 -58.81 25.54 12.50
N LEU A 376 -59.76 26.39 12.91
CA LEU A 376 -60.28 27.42 12.01
C LEU A 376 -60.38 28.82 12.63
N VAL B 1 -81.13 63.15 23.07
CA VAL B 1 -81.98 62.77 21.88
C VAL B 1 -82.04 61.26 21.66
N GLN B 2 -83.24 60.68 21.75
CA GLN B 2 -83.41 59.21 21.76
C GLN B 2 -84.43 58.70 20.75
N PHE B 3 -84.09 57.61 20.05
CA PHE B 3 -85.00 56.99 19.08
C PHE B 3 -85.69 55.86 19.79
N ARG B 4 -87.02 55.81 19.76
CA ARG B 4 -87.65 54.75 20.56
C ARG B 4 -87.62 53.44 19.79
N GLY B 5 -87.05 52.44 20.47
CA GLY B 5 -87.23 51.04 20.15
C GLY B 5 -87.59 50.27 21.41
N GLY B 6 -87.82 48.97 21.28
CA GLY B 6 -88.12 48.13 22.43
C GLY B 6 -87.25 46.89 22.51
N THR B 7 -87.83 45.82 23.04
CA THR B 7 -87.17 44.52 23.11
C THR B 7 -87.16 43.86 21.73
N THR B 8 -86.44 42.75 21.62
CA THR B 8 -86.41 41.95 20.39
C THR B 8 -87.78 41.32 20.23
N ALA B 9 -88.40 40.97 21.34
CA ALA B 9 -89.76 40.46 21.37
C ALA B 9 -90.70 41.52 20.78
N GLN B 10 -90.65 42.74 21.30
CA GLN B 10 -91.44 43.84 20.77
C GLN B 10 -91.25 44.01 19.26
N HIS B 11 -89.98 44.07 18.83
CA HIS B 11 -89.65 44.26 17.43
C HIS B 11 -90.27 43.19 16.53
N ALA B 12 -90.40 41.97 17.06
CA ALA B 12 -90.87 40.82 16.30
C ALA B 12 -92.20 41.06 15.55
N THR B 13 -93.16 41.69 16.21
CA THR B 13 -94.46 42.00 15.58
C THR B 13 -94.51 43.42 14.98
N PHE B 14 -93.56 44.26 15.39
CA PHE B 14 -93.50 45.66 14.95
C PHE B 14 -93.01 45.81 13.50
N THR B 15 -93.71 46.60 12.71
CA THR B 15 -93.25 46.97 11.38
C THR B 15 -93.09 48.47 11.29
N GLY B 16 -91.85 48.95 11.33
CA GLY B 16 -91.56 50.36 11.14
C GLY B 16 -91.89 50.84 9.75
N ALA B 17 -91.77 52.15 9.55
CA ALA B 17 -92.08 52.76 8.27
C ALA B 17 -90.87 52.78 7.37
N ALA B 18 -91.11 52.77 6.06
CA ALA B 18 -90.04 52.86 5.07
C ALA B 18 -89.01 53.92 5.46
N ARG B 19 -87.79 53.46 5.75
CA ARG B 19 -86.65 54.32 6.08
C ARG B 19 -86.61 54.73 7.56
N GLU B 20 -87.46 54.12 8.38
CA GLU B 20 -87.45 54.34 9.84
C GLU B 20 -86.37 53.51 10.55
N ILE B 21 -85.88 54.00 11.68
CA ILE B 21 -84.77 53.38 12.38
C ILE B 21 -85.04 53.27 13.87
N THR B 22 -85.18 52.05 14.37
CA THR B 22 -85.40 51.83 15.79
C THR B 22 -84.18 51.22 16.46
N VAL B 23 -84.22 51.09 17.78
CA VAL B 23 -83.12 50.51 18.53
C VAL B 23 -83.57 49.29 19.34
N ASP B 24 -82.93 48.15 19.09
CA ASP B 24 -83.19 46.93 19.84
C ASP B 24 -82.42 46.94 21.14
N THR B 25 -83.11 47.21 22.24
CA THR B 25 -82.46 47.36 23.55
C THR B 25 -82.02 46.04 24.19
N ASP B 26 -82.31 44.93 23.52
CA ASP B 26 -81.81 43.61 23.92
C ASP B 26 -80.46 43.35 23.27
N LYS B 27 -80.36 43.73 22.00
CA LYS B 27 -79.16 43.51 21.22
C LYS B 27 -78.18 44.69 21.33
N ASN B 28 -78.74 45.86 21.67
CA ASN B 28 -78.03 47.15 21.57
C ASN B 28 -77.54 47.43 20.17
N THR B 29 -78.48 47.47 19.23
CA THR B 29 -78.19 47.65 17.82
C THR B 29 -79.32 48.41 17.13
N VAL B 30 -78.98 48.98 15.98
CA VAL B 30 -79.92 49.71 15.15
C VAL B 30 -80.71 48.71 14.30
N VAL B 31 -81.99 49.01 14.05
CA VAL B 31 -82.81 48.21 13.13
C VAL B 31 -83.44 49.09 12.07
N VAL B 32 -83.14 48.80 10.81
CA VAL B 32 -83.70 49.52 9.69
C VAL B 32 -85.03 48.89 9.31
N HIS B 33 -86.00 49.71 8.89
CA HIS B 33 -87.31 49.21 8.43
C HIS B 33 -87.61 49.66 7.00
N ASP B 34 -88.50 48.92 6.34
CA ASP B 34 -88.79 49.16 4.93
C ASP B 34 -90.29 49.37 4.70
N GLY B 35 -91.03 49.44 5.81
CA GLY B 35 -92.48 49.66 5.76
C GLY B 35 -93.30 48.48 5.27
N ALA B 36 -92.68 47.30 5.14
CA ALA B 36 -93.39 46.11 4.69
C ALA B 36 -93.03 44.84 5.48
N THR B 37 -91.85 44.82 6.11
CA THR B 37 -91.30 43.61 6.71
C THR B 37 -91.33 43.64 8.24
N ALA B 38 -92.08 42.71 8.83
CA ALA B 38 -92.15 42.55 10.29
C ALA B 38 -90.74 42.28 10.86
N GLY B 39 -90.48 42.84 12.05
CA GLY B 39 -89.18 42.67 12.71
C GLY B 39 -88.06 43.59 12.22
N GLY B 40 -88.20 44.14 11.01
CA GLY B 40 -87.19 45.02 10.45
C GLY B 40 -85.94 44.28 10.04
N PHE B 41 -84.84 45.00 9.88
CA PHE B 41 -83.57 44.44 9.45
C PHE B 41 -82.48 44.90 10.39
N PRO B 42 -82.20 44.12 11.45
CA PRO B 42 -81.17 44.49 12.41
C PRO B 42 -79.77 44.60 11.78
N LEU B 43 -79.02 45.61 12.21
CA LEU B 43 -77.63 45.75 11.81
C LEU B 43 -76.74 44.94 12.73
N ALA B 44 -75.50 44.71 12.30
CA ALA B 44 -74.57 43.87 13.04
C ALA B 44 -73.72 44.70 14.00
N ARG B 45 -73.52 44.21 15.22
CA ARG B 45 -72.57 44.84 16.14
C ARG B 45 -71.14 44.52 15.78
N HIS B 46 -70.20 45.41 16.08
CA HIS B 46 -68.80 45.20 15.69
C HIS B 46 -68.10 44.05 16.44
N ASP B 47 -68.60 43.70 17.61
CA ASP B 47 -68.02 42.61 18.37
C ASP B 47 -68.04 41.28 17.60
N LEU B 48 -68.95 41.16 16.64
CA LEU B 48 -69.10 39.95 15.83
C LEU B 48 -68.29 39.93 14.53
N VAL B 49 -67.43 40.94 14.33
CA VAL B 49 -66.45 40.92 13.22
C VAL B 49 -65.04 41.08 13.75
N LYS B 50 -64.90 41.02 15.07
CA LYS B 50 -63.62 41.09 15.73
C LYS B 50 -62.75 39.99 15.14
N THR B 51 -61.57 40.37 14.64
CA THR B 51 -60.58 39.49 13.98
C THR B 51 -60.85 39.10 12.51
N ALA B 52 -61.80 39.76 11.84
CA ALA B 52 -62.01 39.56 10.40
C ALA B 52 -60.71 39.77 9.60
N PHE B 53 -60.54 39.01 8.52
CA PHE B 53 -59.33 39.09 7.69
C PHE B 53 -59.62 38.74 6.23
N ILE B 54 -60.04 39.73 5.45
CA ILE B 54 -60.47 39.50 4.07
C ILE B 54 -59.40 39.83 3.04
N LYS B 55 -59.01 38.82 2.27
CA LYS B 55 -58.05 38.95 1.18
C LYS B 55 -58.78 39.03 -0.16
N ALA B 56 -58.24 39.81 -1.10
CA ALA B 56 -58.85 39.96 -2.42
C ALA B 56 -58.80 38.65 -3.20
N ASP B 57 -57.70 37.92 -3.05
CA ASP B 57 -57.57 36.56 -3.58
C ASP B 57 -57.17 35.61 -2.44
N LYS B 58 -58.08 34.70 -2.09
CA LYS B 58 -57.89 33.85 -0.92
C LYS B 58 -56.95 32.68 -1.20
N SER B 59 -56.72 32.40 -2.48
CA SER B 59 -55.93 31.24 -2.91
C SER B 59 -54.43 31.52 -3.03
N ALA B 60 -54.00 32.70 -2.59
CA ALA B 60 -52.60 33.09 -2.62
C ALA B 60 -52.25 33.80 -1.32
N VAL B 61 -50.97 33.80 -0.94
CA VAL B 61 -50.54 34.50 0.27
C VAL B 61 -50.88 36.00 0.16
N ALA B 62 -50.99 36.67 1.31
CA ALA B 62 -51.38 38.08 1.37
C ALA B 62 -50.31 39.08 0.91
N PHE B 63 -49.07 38.61 0.78
CA PHE B 63 -47.93 39.48 0.51
C PHE B 63 -47.23 39.20 -0.81
N THR B 64 -46.33 40.10 -1.20
CA THR B 64 -45.47 39.89 -2.36
C THR B 64 -44.03 40.25 -2.00
N ARG B 65 -43.08 39.43 -2.48
CA ARG B 65 -41.69 39.80 -2.41
C ARG B 65 -41.39 40.80 -3.52
N THR B 66 -40.95 41.99 -3.14
CA THR B 66 -40.65 43.04 -4.10
C THR B 66 -39.16 43.17 -4.37
N GLY B 67 -38.34 42.71 -3.44
CA GLY B 67 -36.89 42.69 -3.63
C GLY B 67 -36.24 41.62 -2.76
N ASN B 68 -34.94 41.73 -2.57
CA ASN B 68 -34.22 40.78 -1.72
C ASN B 68 -34.55 40.97 -0.25
N ALA B 69 -34.88 42.21 0.11
CA ALA B 69 -35.19 42.56 1.51
C ALA B 69 -36.41 43.48 1.61
N THR B 70 -37.28 43.40 0.60
CA THR B 70 -38.47 44.23 0.57
C THR B 70 -39.71 43.43 0.17
N ALA B 71 -40.85 43.79 0.76
CA ALA B 71 -42.11 43.09 0.55
C ALA B 71 -43.32 44.02 0.70
N SER B 72 -44.37 43.74 -0.05
CA SER B 72 -45.61 44.50 0.00
C SER B 72 -46.81 43.65 0.39
N ILE B 73 -47.74 44.23 1.14
CA ILE B 73 -49.06 43.64 1.39
C ILE B 73 -50.01 43.96 0.21
N LYS B 74 -50.72 42.95 -0.27
CA LYS B 74 -51.50 43.08 -1.51
C LYS B 74 -52.72 44.00 -1.41
N ALA B 75 -53.05 44.62 -2.54
CA ALA B 75 -54.26 45.43 -2.66
C ALA B 75 -55.50 44.60 -2.32
N GLY B 76 -56.50 45.25 -1.75
CA GLY B 76 -57.78 44.59 -1.41
C GLY B 76 -57.82 43.86 -0.08
N THR B 77 -56.83 44.10 0.77
CA THR B 77 -56.73 43.40 2.04
C THR B 77 -57.36 44.21 3.17
N ILE B 78 -58.44 43.65 3.71
CA ILE B 78 -59.23 44.30 4.75
C ILE B 78 -58.91 43.56 6.06
N VAL B 79 -58.61 44.32 7.11
CA VAL B 79 -58.11 43.75 8.37
C VAL B 79 -58.69 44.42 9.62
N GLU B 80 -59.41 43.65 10.44
CA GLU B 80 -59.85 44.14 11.75
C GLU B 80 -58.70 44.08 12.76
N VAL B 81 -58.49 45.19 13.46
CA VAL B 81 -57.48 45.27 14.53
C VAL B 81 -57.94 46.26 15.60
N ASN B 82 -58.00 45.78 16.84
CA ASN B 82 -58.37 46.60 18.00
C ASN B 82 -59.56 47.53 17.75
N GLY B 83 -60.71 46.94 17.43
CA GLY B 83 -61.95 47.67 17.12
C GLY B 83 -62.00 48.47 15.82
N LYS B 84 -60.87 48.54 15.12
CA LYS B 84 -60.76 49.41 13.94
C LYS B 84 -60.65 48.61 12.63
N LEU B 85 -61.05 49.22 11.53
CA LEU B 85 -60.89 48.64 10.20
C LEU B 85 -59.67 49.25 9.52
N VAL B 86 -58.67 48.43 9.21
CA VAL B 86 -57.55 48.88 8.40
C VAL B 86 -57.64 48.20 7.04
N GLN B 87 -57.54 48.98 5.96
CA GLN B 87 -57.53 48.39 4.62
C GLN B 87 -56.53 49.04 3.66
N PHE B 88 -56.11 48.27 2.67
CA PHE B 88 -55.09 48.68 1.73
C PHE B 88 -55.65 48.61 0.31
N THR B 89 -55.97 49.78 -0.24
CA THR B 89 -56.60 49.87 -1.55
C THR B 89 -55.60 49.74 -2.69
N ALA B 90 -54.31 49.80 -2.35
CA ALA B 90 -53.24 49.49 -3.31
C ALA B 90 -52.09 48.79 -2.59
N ASP B 91 -51.27 48.07 -3.36
CA ASP B 91 -50.13 47.38 -2.77
C ASP B 91 -49.32 48.32 -1.91
N THR B 92 -48.93 47.87 -0.74
CA THR B 92 -48.30 48.76 0.24
C THR B 92 -47.05 48.12 0.82
N ALA B 93 -45.96 48.87 0.82
CA ALA B 93 -44.67 48.36 1.30
C ALA B 93 -44.68 48.12 2.80
N ILE B 94 -44.00 47.07 3.21
CA ILE B 94 -43.93 46.70 4.62
C ILE B 94 -42.63 47.23 5.20
N THR B 95 -42.73 48.03 6.26
CA THR B 95 -41.55 48.54 6.96
C THR B 95 -40.77 47.40 7.61
N MET B 96 -39.51 47.27 7.22
CA MET B 96 -38.64 46.20 7.72
C MET B 96 -37.74 46.71 8.84
N PRO B 97 -37.28 45.81 9.72
CA PRO B 97 -36.14 46.23 10.51
C PRO B 97 -34.85 45.76 9.82
N ALA B 98 -33.77 45.68 10.59
CA ALA B 98 -32.55 45.04 10.14
C ALA B 98 -32.86 43.56 9.96
N LEU B 99 -32.34 42.97 8.89
CA LEU B 99 -32.61 41.56 8.60
C LEU B 99 -31.34 40.70 8.68
N THR B 100 -31.16 39.97 9.79
CA THR B 100 -30.07 38.99 9.88
C THR B 100 -30.44 37.75 9.07
N ALA B 101 -29.49 37.26 8.27
CA ALA B 101 -29.69 36.03 7.51
C ALA B 101 -30.01 34.86 8.43
N GLY B 102 -30.93 34.01 7.99
CA GLY B 102 -31.34 32.83 8.76
C GLY B 102 -32.31 33.08 9.92
N THR B 103 -33.06 34.17 9.87
CA THR B 103 -34.02 34.45 10.96
C THR B 103 -35.47 34.56 10.45
N ASP B 104 -36.41 34.37 11.37
CA ASP B 104 -37.83 34.45 11.07
C ASP B 104 -38.44 35.79 11.47
N TYR B 105 -39.37 36.26 10.66
CA TYR B 105 -40.00 37.57 10.86
C TYR B 105 -41.52 37.51 10.84
N ALA B 106 -42.14 38.27 11.73
CA ALA B 106 -43.60 38.36 11.78
C ALA B 106 -44.07 39.67 11.15
N ILE B 107 -45.19 39.63 10.45
CA ILE B 107 -45.75 40.82 9.83
C ILE B 107 -46.97 41.30 10.61
N TYR B 108 -46.94 42.58 11.02
CA TYR B 108 -48.02 43.17 11.79
C TYR B 108 -48.76 44.26 11.03
N VAL B 109 -50.09 44.26 11.15
CA VAL B 109 -50.93 45.37 10.74
C VAL B 109 -51.38 46.09 12.02
N CYS B 110 -51.10 47.39 12.08
CA CYS B 110 -51.28 48.16 13.33
C CYS B 110 -52.50 49.07 13.26
N ASP B 111 -53.04 49.41 14.43
CA ASP B 111 -54.29 50.19 14.50
C ASP B 111 -54.19 51.63 13.98
N ASP B 112 -52.97 52.07 13.65
CA ASP B 112 -52.77 53.35 12.98
C ASP B 112 -52.82 53.25 11.45
N GLY B 113 -52.86 52.02 10.92
CA GLY B 113 -52.95 51.81 9.48
C GLY B 113 -51.64 51.51 8.78
N THR B 114 -50.60 51.30 9.58
CA THR B 114 -49.26 50.99 9.07
C THR B 114 -48.95 49.50 9.20
N VAL B 115 -48.24 48.98 8.21
CA VAL B 115 -47.87 47.56 8.17
C VAL B 115 -46.35 47.36 8.35
N ARG B 116 -45.97 46.70 9.44
CA ARG B 116 -44.55 46.54 9.75
C ARG B 116 -44.14 45.10 10.07
N ALA B 117 -42.91 44.76 9.68
CA ALA B 117 -42.29 43.47 10.00
C ALA B 117 -41.38 43.58 11.23
N ASP B 118 -41.18 42.47 11.94
CA ASP B 118 -40.41 42.52 13.18
C ASP B 118 -39.92 41.15 13.60
N SER B 119 -38.77 41.13 14.28
CA SER B 119 -38.18 39.88 14.72
C SER B 119 -38.92 39.31 15.92
N ASN B 120 -39.67 40.16 16.62
CA ASN B 120 -40.44 39.75 17.78
C ASN B 120 -41.80 39.19 17.37
N PHE B 121 -42.18 38.08 18.00
CA PHE B 121 -43.40 37.38 17.59
C PHE B 121 -44.63 37.63 18.49
N SER B 122 -44.47 38.48 19.51
CA SER B 122 -45.59 38.97 20.33
C SER B 122 -46.13 40.31 19.82
N ALA B 123 -45.25 41.29 19.70
CA ALA B 123 -45.58 42.61 19.20
C ALA B 123 -44.33 43.29 18.62
N PRO B 124 -44.51 44.15 17.60
CA PRO B 124 -43.35 44.84 17.06
C PRO B 124 -42.86 45.92 18.01
N THR B 125 -41.78 46.58 17.62
CA THR B 125 -41.18 47.61 18.46
C THR B 125 -42.04 48.88 18.49
N GLY B 126 -42.28 49.36 19.71
CA GLY B 126 -43.11 50.55 19.95
C GLY B 126 -44.60 50.31 19.80
N TYR B 127 -45.03 49.07 20.04
CA TYR B 127 -46.45 48.71 20.01
C TYR B 127 -46.72 47.62 21.03
N THR B 128 -47.98 47.49 21.44
CA THR B 128 -48.41 46.32 22.22
C THR B 128 -49.14 45.36 21.29
N SER B 129 -49.39 44.16 21.78
CA SER B 129 -50.15 43.16 21.04
C SER B 129 -51.62 43.53 20.86
N THR B 130 -52.06 44.61 21.50
CA THR B 130 -53.39 45.17 21.28
C THR B 130 -53.37 46.16 20.12
N THR B 131 -52.33 46.99 20.07
CA THR B 131 -52.22 48.00 19.01
C THR B 131 -51.79 47.40 17.67
N ALA B 132 -51.07 46.29 17.72
CA ALA B 132 -50.60 45.60 16.51
C ALA B 132 -51.06 44.15 16.44
N ARG B 133 -51.60 43.78 15.28
CA ARG B 133 -52.09 42.43 15.06
C ARG B 133 -51.21 41.68 14.07
N LYS B 134 -50.66 40.56 14.53
CA LYS B 134 -49.83 39.69 13.69
C LYS B 134 -50.67 39.00 12.63
N VAL B 135 -50.33 39.21 11.37
CA VAL B 135 -51.14 38.64 10.30
C VAL B 135 -50.41 37.61 9.44
N GLY B 136 -49.10 37.54 9.60
CA GLY B 136 -48.29 36.67 8.77
C GLY B 136 -46.84 36.62 9.20
N GLY B 137 -45.96 36.41 8.22
CA GLY B 137 -44.54 36.26 8.48
C GLY B 137 -43.77 35.68 7.31
N PHE B 138 -42.46 35.61 7.48
CA PHE B 138 -41.58 35.08 6.43
C PHE B 138 -40.24 34.67 7.02
N HIS B 139 -39.45 34.00 6.19
CA HIS B 139 -38.08 33.66 6.54
C HIS B 139 -37.10 34.46 5.71
N TYR B 140 -36.07 34.99 6.39
CA TYR B 140 -34.96 35.65 5.73
C TYR B 140 -33.81 34.66 5.63
N ALA B 141 -33.70 34.05 4.45
CA ALA B 141 -32.81 32.91 4.23
C ALA B 141 -31.37 33.36 3.97
N PRO B 142 -30.38 32.54 4.43
CA PRO B 142 -28.95 32.75 4.16
C PRO B 142 -28.61 32.84 2.67
N GLY B 143 -29.31 32.06 1.84
CA GLY B 143 -29.04 32.07 0.41
C GLY B 143 -30.30 32.08 -0.43
N SER B 144 -30.13 32.11 -1.74
CA SER B 144 -31.26 32.15 -2.66
C SER B 144 -31.81 30.75 -2.92
N ASN B 145 -33.02 30.71 -3.47
CA ASN B 145 -33.65 29.46 -3.90
C ASN B 145 -33.00 28.95 -5.18
N ALA B 146 -33.11 27.66 -5.44
CA ALA B 146 -32.54 27.11 -6.65
C ALA B 146 -33.23 27.69 -7.87
N ALA B 147 -32.48 28.48 -8.65
CA ALA B 147 -32.99 29.05 -9.90
C ALA B 147 -33.21 27.98 -10.96
N ALA B 148 -32.52 26.84 -10.83
CA ALA B 148 -32.76 25.68 -11.67
C ALA B 148 -32.40 24.43 -10.87
N GLN B 149 -31.47 23.61 -11.35
CA GLN B 149 -31.11 22.37 -10.65
C GLN B 149 -29.68 22.35 -10.10
N ALA B 150 -29.13 23.53 -9.85
CA ALA B 150 -27.78 23.67 -9.35
C ALA B 150 -27.71 24.15 -7.89
N GLY B 151 -28.84 24.56 -7.32
CA GLY B 151 -28.86 25.13 -5.98
C GLY B 151 -28.95 26.64 -6.06
N GLY B 152 -28.58 27.32 -4.98
CA GLY B 152 -28.60 28.79 -4.95
C GLY B 152 -27.34 29.40 -4.35
N ASN B 153 -27.27 30.73 -4.36
CA ASN B 153 -26.09 31.44 -3.86
C ASN B 153 -26.04 31.54 -2.33
N THR B 154 -25.28 32.49 -1.81
CA THR B 154 -25.32 32.77 -0.37
C THR B 154 -25.63 34.24 -0.06
N THR B 155 -26.36 34.88 -0.97
CA THR B 155 -26.95 36.20 -0.71
C THR B 155 -28.18 36.03 0.20
N ALA B 156 -28.07 36.59 1.41
CA ALA B 156 -29.20 36.60 2.34
C ALA B 156 -30.40 37.32 1.74
N GLN B 157 -31.56 36.66 1.73
CA GLN B 157 -32.78 37.25 1.18
C GLN B 157 -34.07 36.64 1.74
N ILE B 158 -35.20 37.29 1.44
CA ILE B 158 -36.51 36.76 1.76
C ILE B 158 -36.78 35.54 0.88
N ASN B 159 -37.09 34.40 1.53
CA ASN B 159 -37.55 33.23 0.80
C ASN B 159 -38.99 33.42 0.38
N GLU B 160 -39.17 33.60 -0.92
CA GLU B 160 -40.45 33.88 -1.52
C GLU B 160 -41.59 32.95 -1.07
N TYR B 161 -41.28 31.67 -0.86
CA TYR B 161 -42.30 30.66 -0.49
C TYR B 161 -42.45 30.47 1.00
N SER B 162 -41.67 31.20 1.79
CA SER B 162 -41.76 31.14 3.24
C SER B 162 -42.81 32.13 3.75
N LEU B 163 -43.33 32.94 2.84
CA LEU B 163 -44.42 33.86 3.13
C LEU B 163 -45.71 33.13 3.54
N TRP B 164 -46.24 33.49 4.71
CA TRP B 164 -47.51 32.96 5.18
C TRP B 164 -48.38 34.05 5.82
N ASP B 165 -49.67 34.05 5.50
CA ASP B 165 -50.64 34.81 6.29
C ASP B 165 -51.48 33.84 7.12
N ILE B 166 -52.33 34.37 8.00
CA ILE B 166 -53.08 33.53 8.95
C ILE B 166 -54.17 32.67 8.33
N LYS B 167 -54.41 32.82 7.04
CA LYS B 167 -55.37 31.98 6.32
C LYS B 167 -54.72 31.34 5.08
N PHE B 168 -53.41 31.17 5.14
CA PHE B 168 -52.60 30.62 4.06
C PHE B 168 -51.30 30.29 4.71
N ARG B 169 -51.26 29.12 5.35
CA ARG B 169 -50.22 28.82 6.32
C ARG B 169 -50.07 27.33 6.53
N PRO B 170 -48.90 26.92 7.07
CA PRO B 170 -48.67 25.56 7.54
C PRO B 170 -49.75 25.13 8.52
N ALA B 171 -50.24 23.91 8.35
CA ALA B 171 -51.19 23.30 9.27
C ALA B 171 -50.63 23.13 10.68
N ALA B 172 -49.31 23.09 10.81
CA ALA B 172 -48.69 22.83 12.11
C ALA B 172 -48.86 23.96 13.12
N LEU B 173 -48.66 23.60 14.39
CA LEU B 173 -48.80 24.51 15.53
C LEU B 173 -48.05 25.85 15.38
N ASP B 174 -46.78 25.80 14.97
CA ASP B 174 -45.95 27.00 14.76
C ASP B 174 -45.45 27.09 13.31
N PRO B 175 -45.78 28.18 12.60
CA PRO B 175 -45.51 28.28 11.16
C PRO B 175 -44.07 28.63 10.80
N ARG B 176 -43.23 28.86 11.81
CA ARG B 176 -41.90 29.42 11.58
C ARG B 176 -40.89 28.52 10.86
N GLY B 177 -40.16 29.11 9.91
CA GLY B 177 -39.08 28.42 9.22
C GLY B 177 -39.52 27.23 8.40
N MET B 178 -40.64 27.39 7.70
CA MET B 178 -41.16 26.37 6.81
C MET B 178 -41.34 27.01 5.45
N THR B 179 -41.54 26.20 4.41
CA THR B 179 -41.70 26.75 3.07
C THR B 179 -42.72 25.98 2.27
N LEU B 180 -43.51 26.70 1.50
CA LEU B 180 -44.57 26.13 0.69
C LEU B 180 -44.01 25.50 -0.58
N VAL B 181 -44.01 24.17 -0.61
CA VAL B 181 -43.55 23.37 -1.75
C VAL B 181 -44.64 23.19 -2.82
N ALA B 182 -44.40 23.75 -4.00
CA ALA B 182 -45.30 23.60 -5.16
C ALA B 182 -46.74 24.06 -4.94
N GLY B 183 -46.94 24.81 -3.86
CA GLY B 183 -48.29 25.22 -3.43
C GLY B 183 -49.12 24.09 -2.87
N ALA B 184 -48.46 22.99 -2.52
CA ALA B 184 -49.13 21.74 -2.17
C ALA B 184 -49.00 21.41 -0.68
N PHE B 185 -47.81 21.54 -0.13
CA PHE B 185 -47.61 21.33 1.31
C PHE B 185 -46.42 22.14 1.81
N TRP B 186 -46.20 22.10 3.12
CA TRP B 186 -45.10 22.83 3.75
C TRP B 186 -43.99 21.88 4.22
N ALA B 187 -42.75 22.30 3.96
CA ALA B 187 -41.57 21.59 4.43
C ALA B 187 -40.71 22.51 5.30
N ASP B 188 -40.12 21.93 6.35
CA ASP B 188 -39.12 22.60 7.16
C ASP B 188 -37.97 23.05 6.27
N ILE B 189 -37.54 24.29 6.43
CA ILE B 189 -36.39 24.80 5.66
C ILE B 189 -35.10 24.08 6.07
N TYR B 190 -34.94 23.81 7.37
CA TYR B 190 -33.74 23.19 7.91
C TYR B 190 -34.04 21.84 8.52
N LEU B 191 -33.00 21.01 8.62
CA LEU B 191 -33.13 19.70 9.23
C LEU B 191 -33.31 19.84 10.73
N LEU B 192 -33.91 18.83 11.35
CA LEU B 192 -34.31 18.90 12.74
C LEU B 192 -33.14 19.17 13.67
N GLY B 193 -33.29 20.17 14.53
CA GLY B 193 -32.28 20.52 15.53
C GLY B 193 -32.40 19.65 16.77
N VAL B 194 -31.35 19.67 17.60
CA VAL B 194 -31.37 18.88 18.83
C VAL B 194 -32.22 19.61 19.86
N ASN B 195 -32.13 20.93 19.88
CA ASN B 195 -32.93 21.75 20.78
C ASN B 195 -34.22 22.21 20.11
N HIS B 196 -34.93 21.26 19.53
CA HIS B 196 -36.17 21.53 18.82
C HIS B 196 -37.22 22.06 19.77
N LEU B 197 -37.11 21.68 21.05
CA LEU B 197 -38.04 22.13 22.09
C LEU B 197 -38.06 23.64 22.27
N THR B 198 -36.90 24.27 22.24
CA THR B 198 -36.86 25.71 22.40
C THR B 198 -36.77 26.45 21.06
N ASP B 199 -36.25 25.78 20.02
CA ASP B 199 -35.98 26.40 18.70
C ASP B 199 -37.05 26.13 17.64
N GLY B 200 -37.85 25.09 17.83
CA GLY B 200 -38.72 24.62 16.76
C GLY B 200 -37.96 23.55 16.00
N THR B 201 -38.65 22.84 15.11
CA THR B 201 -38.01 21.79 14.33
C THR B 201 -37.03 22.35 13.28
N SER B 202 -37.35 23.51 12.75
CA SER B 202 -36.59 24.05 11.64
C SER B 202 -35.94 25.39 12.00
N LYS B 203 -34.66 25.36 12.39
CA LYS B 203 -33.92 26.59 12.68
C LYS B 203 -32.53 26.61 12.02
N TYR B 204 -32.11 27.82 11.64
CA TYR B 204 -30.81 28.05 11.00
C TYR B 204 -29.66 28.05 12.00
N ASN B 205 -28.56 27.42 11.61
CA ASN B 205 -27.34 27.38 12.41
C ASN B 205 -27.49 26.77 13.82
N VAL B 206 -27.84 25.49 13.88
CA VAL B 206 -27.92 24.78 15.16
C VAL B 206 -27.49 23.32 14.94
N THR B 207 -27.10 22.63 16.01
CA THR B 207 -26.73 21.23 15.92
C THR B 207 -27.87 20.38 15.36
N ILE B 208 -27.55 19.58 14.35
CA ILE B 208 -28.51 18.69 13.70
C ILE B 208 -28.61 17.40 14.50
N ALA B 209 -29.84 16.94 14.73
CA ALA B 209 -30.07 15.70 15.46
C ALA B 209 -29.73 14.46 14.63
N ASP B 210 -28.99 13.53 15.24
CA ASP B 210 -28.63 12.26 14.60
C ASP B 210 -28.50 11.14 15.65
N GLY B 211 -28.04 9.97 15.24
CA GLY B 211 -27.86 8.84 16.16
C GLY B 211 -27.03 9.17 17.39
N SER B 212 -26.04 10.05 17.23
CA SER B 212 -25.18 10.52 18.32
C SER B 212 -25.82 11.68 19.08
N ALA B 213 -25.83 12.85 18.43
CA ALA B 213 -26.49 14.04 18.96
C ALA B 213 -28.00 13.88 18.79
N SER B 214 -28.58 12.96 19.55
CA SER B 214 -30.00 12.64 19.43
C SER B 214 -30.88 13.77 19.99
N PRO B 215 -32.10 13.94 19.44
CA PRO B 215 -32.99 15.05 19.78
C PRO B 215 -33.42 15.01 21.23
N LYS B 216 -33.74 16.19 21.79
CA LYS B 216 -34.30 16.28 23.13
C LYS B 216 -35.58 15.46 23.21
N LYS B 217 -35.79 14.82 24.33
CA LYS B 217 -36.97 13.99 24.53
C LYS B 217 -38.23 14.86 24.58
N SER B 218 -39.23 14.53 23.76
CA SER B 218 -40.48 15.30 23.69
C SER B 218 -41.20 15.40 25.03
N THR B 219 -41.52 16.64 25.42
CA THR B 219 -42.18 16.90 26.70
C THR B 219 -43.62 16.45 26.69
N LYS B 220 -44.22 16.38 25.51
CA LYS B 220 -45.58 15.84 25.38
C LYS B 220 -45.60 14.33 25.64
N PHE B 221 -44.45 13.67 25.52
CA PHE B 221 -44.37 12.22 25.68
C PHE B 221 -43.49 11.76 26.86
N GLY B 222 -43.60 12.44 27.99
CA GLY B 222 -42.86 12.10 29.20
C GLY B 222 -41.42 12.57 29.22
N GLY B 223 -41.08 13.53 28.36
CA GLY B 223 -39.76 14.15 28.39
C GLY B 223 -39.79 15.24 29.44
N ASP B 224 -38.66 15.41 30.14
CA ASP B 224 -38.57 16.42 31.21
C ASP B 224 -38.12 17.80 30.70
N GLY B 225 -37.62 17.87 29.48
CA GLY B 225 -37.28 19.16 28.90
C GLY B 225 -35.81 19.41 28.65
N SER B 226 -34.95 18.62 29.28
CA SER B 226 -33.50 18.68 28.96
C SER B 226 -32.87 17.32 28.60
N ALA B 227 -33.45 16.24 29.10
CA ALA B 227 -33.07 14.89 28.70
C ALA B 227 -33.23 14.65 27.18
N ALA B 228 -32.29 13.92 26.60
CA ALA B 228 -32.37 13.50 25.20
C ALA B 228 -32.64 12.00 25.10
N TYR B 229 -33.17 11.55 23.97
CA TYR B 229 -33.37 10.12 23.71
C TYR B 229 -32.02 9.42 23.70
N SER B 230 -32.01 8.13 24.01
CA SER B 230 -30.74 7.41 24.05
C SER B 230 -30.17 7.04 22.66
N ASP B 231 -31.02 7.06 21.63
CA ASP B 231 -30.53 6.89 20.25
C ASP B 231 -31.29 7.72 19.21
N GLY B 232 -30.97 7.54 17.94
CA GLY B 232 -31.63 8.27 16.86
C GLY B 232 -32.55 7.39 16.02
N ALA B 233 -33.35 6.57 16.68
CA ALA B 233 -34.29 5.65 16.01
C ALA B 233 -35.42 6.39 15.29
N TRP B 234 -35.96 5.77 14.25
CA TRP B 234 -37.16 6.28 13.58
C TRP B 234 -38.23 6.68 14.58
N TYR B 235 -38.56 5.75 15.49
CA TYR B 235 -39.55 6.01 16.54
C TYR B 235 -39.35 7.36 17.19
N ASN B 236 -38.11 7.71 17.48
CA ASN B 236 -37.80 8.95 18.17
C ASN B 236 -38.05 10.19 17.34
N PHE B 237 -37.66 10.16 16.07
CA PHE B 237 -37.87 11.29 15.19
C PHE B 237 -39.34 11.46 14.83
N ALA B 238 -40.04 10.35 14.68
CA ALA B 238 -41.48 10.38 14.46
C ALA B 238 -42.21 10.96 15.67
N GLU B 239 -41.77 10.60 16.88
CA GLU B 239 -42.32 11.16 18.11
C GLU B 239 -42.17 12.68 18.13
N VAL B 240 -40.99 13.16 17.75
CA VAL B 240 -40.67 14.59 17.80
C VAL B 240 -41.53 15.40 16.82
N MET B 241 -41.70 14.87 15.61
CA MET B 241 -42.51 15.56 14.61
C MET B 241 -43.96 15.69 15.05
N THR B 242 -44.51 14.63 15.65
CA THR B 242 -45.89 14.67 16.17
C THR B 242 -46.04 15.79 17.19
N HIS B 243 -45.12 15.84 18.13
CA HIS B 243 -45.10 16.85 19.17
C HIS B 243 -45.19 18.28 18.59
N HIS B 244 -44.78 18.46 17.34
CA HIS B 244 -44.86 19.77 16.69
C HIS B 244 -45.89 19.82 15.60
N GLY B 245 -46.79 18.84 15.60
CA GLY B 245 -47.86 18.76 14.60
C GLY B 245 -47.31 18.60 13.19
N LYS B 246 -46.30 17.77 13.06
CA LYS B 246 -45.69 17.51 11.76
C LYS B 246 -45.48 16.00 11.61
N ARG B 247 -45.01 15.61 10.44
CA ARG B 247 -44.69 14.21 10.19
C ARG B 247 -43.44 14.13 9.32
N LEU B 248 -42.89 12.93 9.19
CA LEU B 248 -41.76 12.70 8.31
C LEU B 248 -42.27 12.65 6.87
N PRO B 249 -41.41 12.94 5.88
CA PRO B 249 -41.93 13.00 4.51
C PRO B 249 -42.21 11.63 3.96
N ASN B 250 -43.20 11.55 3.06
CA ASN B 250 -43.34 10.38 2.22
C ASN B 250 -42.50 10.58 0.97
N TYR B 251 -42.37 9.53 0.17
CA TYR B 251 -41.58 9.61 -1.04
C TYR B 251 -42.05 10.76 -1.93
N ASN B 252 -43.34 10.78 -2.23
CA ASN B 252 -43.89 11.80 -3.13
C ASN B 252 -43.71 13.23 -2.61
N GLU B 253 -43.70 13.38 -1.29
CA GLU B 253 -43.42 14.65 -0.64
C GLU B 253 -41.96 15.01 -0.76
N PHE B 254 -41.09 14.03 -0.53
CA PHE B 254 -39.66 14.29 -0.57
C PHE B 254 -39.17 14.68 -1.96
N GLN B 255 -39.50 13.87 -2.96
CA GLN B 255 -39.06 14.11 -4.34
C GLN B 255 -39.47 15.50 -4.81
N ALA B 256 -40.46 16.07 -4.13
CA ALA B 256 -40.99 17.37 -4.48
C ALA B 256 -40.27 18.47 -3.71
N LEU B 257 -40.24 18.37 -2.40
CA LEU B 257 -39.57 19.38 -1.56
C LEU B 257 -38.11 19.64 -1.96
N ALA B 258 -37.42 18.58 -2.40
CA ALA B 258 -35.98 18.63 -2.63
C ALA B 258 -35.59 18.89 -4.09
N PHE B 259 -36.56 19.00 -4.98
CA PHE B 259 -36.26 19.36 -6.37
C PHE B 259 -35.55 20.72 -6.42
N GLY B 260 -34.57 20.82 -7.32
CA GLY B 260 -33.74 22.02 -7.43
C GLY B 260 -32.36 21.84 -6.82
N THR B 261 -32.22 20.89 -5.90
CA THR B 261 -30.92 20.50 -5.37
C THR B 261 -30.04 19.96 -6.50
N THR B 262 -28.72 20.02 -6.30
CA THR B 262 -27.77 19.42 -7.26
C THR B 262 -27.77 17.89 -7.15
N GLU B 263 -28.21 17.24 -8.22
CA GLU B 263 -28.41 15.79 -8.20
C GLU B 263 -27.10 15.01 -8.18
N ALA B 264 -27.15 13.83 -7.55
CA ALA B 264 -26.03 12.89 -7.54
C ALA B 264 -24.74 13.48 -6.98
N THR B 265 -24.88 14.33 -5.97
CA THR B 265 -23.74 14.99 -5.36
C THR B 265 -23.87 14.82 -3.86
N SER B 266 -22.75 14.88 -3.15
CA SER B 266 -22.80 14.84 -1.71
C SER B 266 -21.95 15.95 -1.10
N SER B 267 -22.23 16.26 0.17
CA SER B 267 -21.48 17.27 0.89
C SER B 267 -19.99 16.90 0.99
N GLY B 268 -19.71 15.60 1.07
CA GLY B 268 -18.36 15.11 1.27
C GLY B 268 -17.96 15.37 2.70
N GLY B 269 -16.67 15.22 2.99
CA GLY B 269 -16.16 15.44 4.33
C GLY B 269 -16.54 14.31 5.27
N THR B 270 -16.44 14.58 6.56
CA THR B 270 -16.67 13.54 7.55
C THR B 270 -17.91 13.78 8.42
N ASP B 271 -18.58 14.91 8.20
CA ASP B 271 -19.72 15.32 9.03
C ASP B 271 -20.45 16.53 8.45
N VAL B 272 -21.75 16.62 8.75
CA VAL B 272 -22.52 17.86 8.59
C VAL B 272 -23.25 18.12 9.90
N PRO B 273 -22.58 18.80 10.84
CA PRO B 273 -23.10 18.92 12.20
C PRO B 273 -24.09 20.07 12.37
N THR B 274 -24.16 20.97 11.39
CA THR B 274 -24.84 22.25 11.55
C THR B 274 -25.59 22.72 10.31
N THR B 275 -26.83 23.12 10.54
CA THR B 275 -27.76 23.60 9.53
C THR B 275 -27.32 24.89 8.83
N GLY B 276 -27.31 24.87 7.49
CA GLY B 276 -27.05 26.07 6.69
C GLY B 276 -25.61 26.47 6.51
N VAL B 277 -24.72 25.80 7.25
CA VAL B 277 -23.28 26.01 7.17
C VAL B 277 -22.67 24.86 6.37
N ASN B 278 -21.42 25.02 5.94
CA ASN B 278 -20.69 23.94 5.29
C ASN B 278 -20.31 22.84 6.26
N GLY B 279 -20.20 21.61 5.78
CA GLY B 279 -19.89 20.47 6.63
C GLY B 279 -18.41 20.35 6.99
N THR B 280 -18.11 19.56 8.03
CA THR B 280 -16.72 19.26 8.43
C THR B 280 -15.94 18.62 7.27
N GLY B 281 -15.12 19.42 6.62
CA GLY B 281 -14.34 18.97 5.47
C GLY B 281 -15.23 18.78 4.25
N ALA B 282 -16.26 19.60 4.14
CA ALA B 282 -17.14 19.54 2.98
C ALA B 282 -16.37 19.82 1.70
N THR B 283 -16.53 18.94 0.71
CA THR B 283 -15.85 19.12 -0.56
C THR B 283 -16.67 19.99 -1.51
N SER B 284 -17.95 20.17 -1.21
CA SER B 284 -18.80 21.18 -1.88
C SER B 284 -19.71 21.92 -0.88
N ALA B 285 -20.04 23.16 -1.24
CA ALA B 285 -20.76 24.09 -0.34
C ALA B 285 -22.24 23.74 -0.13
N TRP B 286 -22.74 24.10 1.05
CA TRP B 286 -24.10 23.79 1.46
C TRP B 286 -25.18 24.25 0.45
N ASN B 287 -24.95 25.38 -0.19
CA ASN B 287 -25.96 25.99 -1.05
C ASN B 287 -26.13 25.31 -2.39
N ILE B 288 -25.17 24.46 -2.73
CA ILE B 288 -25.30 23.54 -3.86
C ILE B 288 -26.52 22.62 -3.62
N PHE B 289 -26.80 22.34 -2.34
CA PHE B 289 -27.95 21.54 -1.89
C PHE B 289 -29.11 22.39 -1.33
N THR B 290 -29.69 23.21 -2.18
CA THR B 290 -30.74 24.11 -1.75
C THR B 290 -31.84 23.97 -2.79
N SER B 291 -33.04 23.64 -2.33
CA SER B 291 -34.11 23.29 -3.26
C SER B 291 -34.64 24.50 -4.00
N LYS B 292 -35.55 24.26 -4.94
CA LYS B 292 -36.23 25.34 -5.64
C LYS B 292 -37.04 26.17 -4.65
N TRP B 293 -37.36 25.59 -3.50
CA TRP B 293 -38.26 26.23 -2.54
C TRP B 293 -37.56 26.75 -1.32
N GLY B 294 -36.24 26.69 -1.34
CA GLY B 294 -35.46 27.20 -0.24
C GLY B 294 -35.37 26.20 0.90
N VAL B 295 -35.54 24.91 0.61
CA VAL B 295 -35.17 23.87 1.58
C VAL B 295 -33.64 23.77 1.61
N VAL B 296 -33.07 24.07 2.77
CA VAL B 296 -31.63 24.12 2.97
C VAL B 296 -31.08 22.75 3.31
N GLN B 297 -30.06 22.35 2.54
CA GLN B 297 -29.43 21.02 2.62
C GLN B 297 -30.43 19.94 2.25
N ALA B 298 -31.17 20.19 1.19
CA ALA B 298 -32.24 19.30 0.73
C ALA B 298 -31.77 17.86 0.66
N SER B 299 -30.62 17.62 0.03
CA SER B 299 -30.11 16.26 -0.19
C SER B 299 -28.63 16.15 0.06
N GLY B 300 -28.16 14.91 0.18
CA GLY B 300 -26.74 14.61 0.27
C GLY B 300 -26.00 15.28 1.41
N CYS B 301 -26.71 15.53 2.52
CA CYS B 301 -26.05 16.04 3.72
C CYS B 301 -26.38 15.15 4.88
N LEU B 302 -27.64 14.72 4.94
CA LEU B 302 -28.10 13.80 5.95
C LEU B 302 -29.37 13.11 5.46
N TRP B 303 -29.42 11.79 5.58
CA TRP B 303 -30.64 11.06 5.29
C TRP B 303 -31.72 11.57 6.25
N THR B 304 -32.90 11.85 5.72
CA THR B 304 -34.07 12.05 6.57
C THR B 304 -34.86 10.75 6.64
N TRP B 305 -35.30 10.41 7.85
CA TRP B 305 -36.22 9.30 8.03
C TRP B 305 -37.51 9.67 7.29
N GLY B 306 -38.23 8.66 6.82
CA GLY B 306 -39.50 8.89 6.11
C GLY B 306 -40.70 8.33 6.84
N ASN B 307 -41.88 8.54 6.27
CA ASN B 307 -43.11 8.06 6.88
C ASN B 307 -43.79 7.06 5.94
N GLU B 308 -42.98 6.12 5.45
CA GLU B 308 -43.43 5.05 4.57
C GLU B 308 -42.65 3.79 4.89
N PHE B 309 -43.31 2.64 4.82
CA PHE B 309 -42.69 1.36 5.15
C PHE B 309 -42.72 0.42 3.97
N GLY B 310 -41.68 -0.41 3.86
CA GLY B 310 -41.48 -1.34 2.74
C GLY B 310 -40.00 -1.64 2.65
N GLY B 311 -39.59 -2.42 1.64
CA GLY B 311 -38.19 -2.81 1.48
C GLY B 311 -37.81 -4.05 2.27
N VAL B 312 -36.71 -3.99 3.01
CA VAL B 312 -36.17 -5.19 3.69
C VAL B 312 -36.80 -5.41 5.06
N ASN B 313 -37.38 -6.59 5.27
CA ASN B 313 -37.98 -6.93 6.56
C ASN B 313 -36.99 -7.49 7.56
N GLY B 314 -37.27 -7.28 8.84
CA GLY B 314 -36.53 -7.91 9.93
C GLY B 314 -37.00 -9.34 10.22
N ALA B 315 -36.46 -9.92 11.28
CA ALA B 315 -36.79 -11.30 11.69
C ALA B 315 -38.29 -11.60 11.61
N SER B 316 -38.64 -12.67 10.93
CA SER B 316 -40.03 -13.14 10.89
C SER B 316 -40.39 -13.87 12.20
N GLU B 317 -40.26 -13.14 13.31
CA GLU B 317 -40.34 -13.66 14.69
C GLU B 317 -40.26 -12.46 15.67
N TYR B 318 -41.01 -12.50 16.77
CA TYR B 318 -41.15 -11.33 17.69
C TYR B 318 -39.88 -10.81 18.35
N THR B 319 -39.59 -9.52 18.13
CA THR B 319 -38.38 -8.90 18.66
C THR B 319 -38.70 -7.64 19.47
N ALA B 320 -38.29 -7.60 20.73
CA ALA B 320 -38.56 -6.46 21.60
C ALA B 320 -37.48 -5.38 21.48
N ASN B 321 -37.46 -4.69 20.34
CA ASN B 321 -36.47 -3.66 20.08
C ASN B 321 -37.02 -2.23 19.99
N THR B 322 -38.15 -1.98 20.65
CA THR B 322 -38.90 -0.73 20.44
C THR B 322 -38.75 0.29 21.57
N GLY B 323 -37.54 0.36 22.15
CA GLY B 323 -37.33 1.15 23.36
C GLY B 323 -38.20 0.62 24.49
N GLY B 324 -38.48 -0.68 24.45
CA GLY B 324 -39.23 -1.35 25.49
C GLY B 324 -40.71 -0.99 25.53
N ARG B 325 -41.31 -0.89 24.35
CA ARG B 325 -42.73 -0.56 24.23
C ARG B 325 -43.43 -1.55 23.29
N GLY B 326 -43.15 -2.85 23.48
CA GLY B 326 -43.74 -3.90 22.65
C GLY B 326 -42.77 -4.58 21.70
N SER B 327 -43.28 -5.51 20.90
CA SER B 327 -42.45 -6.30 19.98
C SER B 327 -42.85 -6.24 18.52
N VAL B 328 -41.87 -6.25 17.64
CA VAL B 328 -42.13 -6.26 16.20
C VAL B 328 -41.95 -7.65 15.59
N TYR B 329 -42.58 -7.87 14.43
CA TYR B 329 -42.56 -9.15 13.75
C TYR B 329 -42.62 -8.91 12.25
N ALA B 330 -41.59 -9.38 11.53
CA ALA B 330 -41.45 -9.17 10.09
C ALA B 330 -41.45 -7.69 9.74
N GLN B 331 -40.87 -6.91 10.65
CA GLN B 331 -40.89 -5.46 10.58
C GLN B 331 -40.15 -4.91 9.35
N PRO B 332 -40.89 -4.26 8.43
CA PRO B 332 -40.30 -3.73 7.21
C PRO B 332 -39.42 -2.53 7.49
N ALA B 333 -38.57 -2.19 6.54
CA ALA B 333 -37.68 -1.07 6.70
C ALA B 333 -38.51 0.21 6.71
N ALA B 334 -38.01 1.23 7.40
CA ALA B 334 -38.61 2.54 7.34
C ALA B 334 -37.73 3.38 6.42
N ALA B 335 -38.32 3.87 5.33
CA ALA B 335 -37.62 4.66 4.30
C ALA B 335 -36.64 5.69 4.83
N LEU B 336 -35.57 5.91 4.06
CA LEU B 336 -34.62 6.99 4.31
C LEU B 336 -34.37 7.76 2.99
N PHE B 337 -34.42 9.09 3.03
CA PHE B 337 -34.42 9.85 1.79
C PHE B 337 -33.25 10.83 1.66
N GLY B 338 -32.91 11.12 0.40
CA GLY B 338 -31.96 12.18 0.06
C GLY B 338 -30.50 11.80 -0.10
N GLY B 339 -30.04 10.85 0.72
CA GLY B 339 -28.63 10.53 0.82
C GLY B 339 -27.99 11.37 1.91
N ALA B 340 -26.78 11.00 2.32
CA ALA B 340 -26.02 11.78 3.30
C ALA B 340 -24.71 12.30 2.70
N TRP B 341 -23.88 12.95 3.52
CA TRP B 341 -22.65 13.62 3.08
C TRP B 341 -21.66 12.69 2.38
N ASN B 342 -21.66 11.44 2.82
CA ASN B 342 -20.76 10.42 2.31
C ASN B 342 -21.42 9.51 1.28
N GLY B 343 -22.53 9.46 0.65
CA GLY B 343 -22.87 8.77 -0.61
C GLY B 343 -22.76 9.76 -1.75
N THR B 344 -21.55 9.90 -2.27
CA THR B 344 -21.31 10.84 -3.38
C THR B 344 -22.32 10.83 -4.54
N SER B 345 -22.19 9.83 -5.39
CA SER B 345 -23.09 9.72 -6.55
C SER B 345 -24.49 9.25 -6.15
N LEU B 346 -24.73 8.70 -5.12
CA LEU B 346 -26.00 8.07 -4.76
C LEU B 346 -27.07 9.08 -4.37
N SER B 347 -26.64 10.21 -3.81
CA SER B 347 -27.53 11.21 -3.22
C SER B 347 -28.40 11.98 -4.24
N GLY B 348 -29.41 12.70 -3.74
CA GLY B 348 -30.32 13.44 -4.61
C GLY B 348 -31.77 13.40 -4.19
N SER B 349 -32.61 14.15 -4.93
CA SER B 349 -34.01 14.37 -4.56
C SER B 349 -34.87 13.10 -4.58
N ARG B 350 -34.42 12.06 -5.30
CA ARG B 350 -35.13 10.78 -5.31
C ARG B 350 -34.36 9.63 -4.63
N ALA B 351 -33.18 9.93 -4.10
CA ALA B 351 -32.38 8.93 -3.41
C ALA B 351 -33.18 8.28 -2.28
N ALA B 352 -33.21 6.95 -2.27
CA ALA B 352 -34.04 6.23 -1.31
C ALA B 352 -33.42 4.91 -0.83
N LEU B 353 -33.31 4.75 0.49
CA LEU B 353 -32.81 3.51 1.11
C LEU B 353 -33.88 2.78 1.94
N TRP B 354 -34.27 1.59 1.48
CA TRP B 354 -35.23 0.77 2.20
C TRP B 354 -34.61 -0.46 2.87
N TYR B 355 -33.62 -0.22 3.73
CA TYR B 355 -32.95 -1.32 4.39
C TYR B 355 -33.12 -1.24 5.92
N SER B 356 -32.96 -0.05 6.48
CA SER B 356 -32.94 0.14 7.93
C SER B 356 -34.26 -0.16 8.61
N GLY B 357 -34.21 -1.00 9.63
CA GLY B 357 -35.35 -1.17 10.53
C GLY B 357 -35.60 0.15 11.26
N PRO B 358 -36.82 0.36 11.77
CA PRO B 358 -37.14 1.62 12.44
C PRO B 358 -36.34 1.83 13.74
N SER B 359 -35.77 0.76 14.27
CA SER B 359 -35.02 0.83 15.53
C SER B 359 -33.54 1.15 15.30
N PHE B 360 -33.14 1.21 14.04
CA PHE B 360 -31.78 1.55 13.65
C PHE B 360 -31.42 2.97 14.09
N SER B 361 -30.16 3.17 14.47
CA SER B 361 -29.66 4.50 14.83
C SER B 361 -28.26 4.71 14.28
N PHE B 362 -28.09 5.78 13.51
CA PHE B 362 -26.79 6.16 12.95
C PHE B 362 -26.65 7.68 12.85
N ALA B 363 -25.41 8.12 12.69
CA ALA B 363 -25.10 9.54 12.63
C ALA B 363 -25.30 10.16 11.24
N PHE B 364 -25.85 9.36 10.31
CA PHE B 364 -26.21 9.88 8.99
C PHE B 364 -27.73 10.01 8.88
N PHE B 365 -28.41 9.64 9.95
CA PHE B 365 -29.87 9.63 9.98
C PHE B 365 -30.43 10.73 10.87
N GLY B 366 -31.02 11.74 10.23
CA GLY B 366 -31.78 12.79 10.92
C GLY B 366 -33.22 12.82 10.42
N ALA B 367 -33.86 14.00 10.50
CA ALA B 367 -35.20 14.14 9.97
C ALA B 367 -35.53 15.56 9.54
N ARG B 368 -36.43 15.65 8.57
CA ARG B 368 -37.01 16.90 8.13
C ARG B 368 -38.53 16.81 8.30
N GLY B 369 -39.13 17.82 8.90
CA GLY B 369 -40.59 17.84 9.08
C GLY B 369 -41.37 18.32 7.86
N VAL B 370 -42.60 17.83 7.72
CA VAL B 370 -43.59 18.38 6.80
C VAL B 370 -44.95 18.47 7.48
N CYS B 371 -45.89 19.18 6.85
CA CYS B 371 -47.29 19.26 7.29
C CYS B 371 -48.13 19.80 6.17
N ASP B 372 -49.45 19.65 6.28
CA ASP B 372 -50.38 20.13 5.25
C ASP B 372 -50.33 21.63 5.04
N HIS B 373 -50.92 22.08 3.93
CA HIS B 373 -51.07 23.49 3.66
C HIS B 373 -52.54 23.85 3.90
N LEU B 374 -52.82 24.71 4.87
CA LEU B 374 -54.22 25.09 5.06
C LEU B 374 -54.57 26.50 4.57
N ILE B 375 -55.57 26.54 3.69
CA ILE B 375 -56.12 27.77 3.12
C ILE B 375 -57.51 27.97 3.71
N LEU B 376 -57.76 29.16 4.25
CA LEU B 376 -59.03 29.48 4.90
C LEU B 376 -59.65 30.76 4.32
N VAL C 1 -78.59 66.93 7.93
CA VAL C 1 -78.85 66.63 9.37
C VAL C 1 -77.65 65.87 9.95
N GLN C 2 -77.21 66.24 11.15
CA GLN C 2 -75.90 65.76 11.66
C GLN C 2 -75.91 65.35 13.14
N PHE C 3 -75.41 64.14 13.42
CA PHE C 3 -75.60 63.55 14.75
C PHE C 3 -74.41 63.75 15.67
N ARG C 4 -74.65 63.63 16.97
CA ARG C 4 -73.64 63.91 18.00
C ARG C 4 -72.39 63.07 17.71
N GLY C 5 -71.30 63.75 17.34
CA GLY C 5 -70.06 63.10 16.91
C GLY C 5 -68.97 62.94 17.97
N GLY C 6 -67.75 62.64 17.52
CA GLY C 6 -66.64 62.36 18.44
C GLY C 6 -65.68 61.28 17.94
N THR C 7 -64.44 61.38 18.39
CA THR C 7 -63.41 60.41 18.01
C THR C 7 -63.47 59.21 18.93
N THR C 8 -62.81 58.12 18.52
CA THR C 8 -62.76 56.90 19.33
C THR C 8 -62.17 57.23 20.70
N ALA C 9 -61.13 58.06 20.70
CA ALA C 9 -60.52 58.56 21.94
C ALA C 9 -61.57 59.27 22.81
N GLN C 10 -62.43 60.08 22.18
CA GLN C 10 -63.47 60.81 22.90
C GLN C 10 -64.61 59.91 23.36
N HIS C 11 -65.02 58.98 22.49
CA HIS C 11 -66.07 58.03 22.80
C HIS C 11 -65.75 57.16 24.01
N ALA C 12 -64.45 56.96 24.25
CA ALA C 12 -63.97 56.06 25.30
C ALA C 12 -64.54 56.37 26.68
N THR C 13 -64.49 57.63 27.07
CA THR C 13 -64.91 58.03 28.41
C THR C 13 -66.32 58.64 28.40
N PHE C 14 -67.09 58.34 27.37
CA PHE C 14 -68.43 58.93 27.22
C PHE C 14 -69.56 57.89 27.26
N THR C 15 -70.43 58.05 28.25
CA THR C 15 -71.63 57.22 28.39
C THR C 15 -72.86 57.97 27.86
N GLY C 16 -73.34 57.59 26.68
CA GLY C 16 -74.58 58.15 26.11
C GLY C 16 -75.82 57.76 26.88
N ALA C 17 -76.99 58.02 26.31
CA ALA C 17 -78.25 57.72 26.98
C ALA C 17 -79.03 56.63 26.25
N ALA C 18 -79.78 55.84 27.01
CA ALA C 18 -80.56 54.74 26.45
C ALA C 18 -81.25 55.11 25.13
N ARG C 19 -80.70 54.61 24.04
CA ARG C 19 -81.22 54.77 22.68
C ARG C 19 -80.69 56.02 21.98
N GLU C 20 -79.60 56.56 22.51
CA GLU C 20 -78.85 57.62 21.84
C GLU C 20 -77.90 57.03 20.81
N ILE C 21 -77.84 57.68 19.66
CA ILE C 21 -77.02 57.22 18.56
C ILE C 21 -75.94 58.25 18.25
N THR C 22 -74.69 57.89 18.53
CA THR C 22 -73.55 58.76 18.22
C THR C 22 -72.74 58.25 17.04
N VAL C 23 -71.92 59.13 16.46
CA VAL C 23 -71.09 58.75 15.32
C VAL C 23 -69.62 58.82 15.72
N ASP C 24 -68.88 57.75 15.42
CA ASP C 24 -67.45 57.74 15.67
C ASP C 24 -66.74 58.25 14.44
N THR C 25 -66.29 59.50 14.50
CA THR C 25 -65.64 60.17 13.37
C THR C 25 -64.35 59.51 12.87
N ASP C 26 -63.66 58.76 13.74
CA ASP C 26 -62.51 57.96 13.34
C ASP C 26 -62.96 56.71 12.58
N LYS C 27 -63.75 55.87 13.25
CA LYS C 27 -64.22 54.60 12.69
C LYS C 27 -65.20 54.77 11.50
N ASN C 28 -65.78 55.96 11.35
CA ASN C 28 -66.89 56.20 10.44
C ASN C 28 -68.07 55.28 10.64
N THR C 29 -68.48 55.13 11.90
CA THR C 29 -69.55 54.20 12.24
C THR C 29 -70.50 54.74 13.30
N VAL C 30 -71.72 54.20 13.30
CA VAL C 30 -72.71 54.49 14.31
C VAL C 30 -72.38 53.75 15.62
N VAL C 31 -72.63 54.41 16.75
CA VAL C 31 -72.50 53.81 18.08
C VAL C 31 -73.80 53.94 18.87
N VAL C 32 -74.40 52.80 19.20
CA VAL C 32 -75.63 52.75 20.01
C VAL C 32 -75.28 52.90 21.48
N HIS C 33 -76.16 53.56 22.25
CA HIS C 33 -75.93 53.72 23.68
C HIS C 33 -77.04 53.11 24.53
N ASP C 34 -76.74 52.86 25.80
CA ASP C 34 -77.66 52.21 26.71
C ASP C 34 -77.77 52.98 28.01
N GLY C 35 -77.18 54.17 28.04
CA GLY C 35 -77.16 55.01 29.23
C GLY C 35 -76.46 54.39 30.42
N ALA C 36 -75.57 53.44 30.16
CA ALA C 36 -74.89 52.69 31.22
C ALA C 36 -73.41 52.37 30.92
N THR C 37 -73.13 51.93 29.69
CA THR C 37 -71.77 51.50 29.31
C THR C 37 -70.88 52.64 28.79
N ALA C 38 -69.67 52.74 29.32
CA ALA C 38 -68.64 53.60 28.74
C ALA C 38 -68.40 53.22 27.26
N GLY C 39 -68.30 54.22 26.40
CA GLY C 39 -67.96 53.99 24.99
C GLY C 39 -69.06 53.46 24.11
N GLY C 40 -70.15 52.99 24.73
CA GLY C 40 -71.30 52.49 23.99
C GLY C 40 -71.06 51.17 23.25
N PHE C 41 -71.77 50.99 22.14
CA PHE C 41 -71.73 49.75 21.39
C PHE C 41 -71.62 50.03 19.91
N PRO C 42 -70.38 50.10 19.40
CA PRO C 42 -70.14 50.45 18.00
C PRO C 42 -70.63 49.38 17.02
N LEU C 43 -71.18 49.81 15.90
CA LEU C 43 -71.65 48.86 14.89
C LEU C 43 -70.55 48.49 13.87
N ALA C 44 -70.80 47.41 13.14
CA ALA C 44 -69.82 46.88 12.20
C ALA C 44 -69.94 47.51 10.83
N ARG C 45 -68.81 47.92 10.28
CA ARG C 45 -68.77 48.40 8.90
C ARG C 45 -68.96 47.24 7.93
N HIS C 46 -69.61 47.48 6.79
CA HIS C 46 -69.89 46.39 5.85
C HIS C 46 -68.64 45.73 5.27
N ASP C 47 -67.53 46.45 5.24
CA ASP C 47 -66.29 45.91 4.68
C ASP C 47 -65.81 44.69 5.46
N LEU C 48 -65.91 44.76 6.77
CA LEU C 48 -65.51 43.64 7.62
C LEU C 48 -66.38 42.39 7.48
N VAL C 49 -67.41 42.45 6.64
CA VAL C 49 -68.20 41.25 6.31
C VAL C 49 -68.19 40.93 4.81
N LYS C 50 -67.24 41.51 4.10
CA LYS C 50 -67.14 41.24 2.68
C LYS C 50 -66.77 39.77 2.49
N THR C 51 -67.32 39.19 1.43
CA THR C 51 -67.15 37.76 1.07
C THR C 51 -67.81 36.76 2.03
N ALA C 52 -68.63 37.25 2.95
CA ALA C 52 -69.36 36.36 3.85
C ALA C 52 -70.18 35.35 3.06
N PHE C 53 -70.32 34.16 3.62
CA PHE C 53 -71.07 33.08 3.00
C PHE C 53 -71.54 32.16 4.12
N ILE C 54 -72.83 32.19 4.39
CA ILE C 54 -73.43 31.42 5.48
C ILE C 54 -74.36 30.36 4.92
N LYS C 55 -74.11 29.11 5.28
CA LYS C 55 -74.98 27.99 4.92
C LYS C 55 -75.83 27.58 6.13
N ALA C 56 -77.07 27.16 5.87
CA ALA C 56 -77.97 26.63 6.91
C ALA C 56 -77.39 25.34 7.52
N ASP C 57 -77.06 24.39 6.65
CA ASP C 57 -76.32 23.18 7.00
C ASP C 57 -74.88 23.22 6.46
N LYS C 58 -73.92 23.38 7.38
CA LYS C 58 -72.52 23.60 7.02
C LYS C 58 -71.75 22.33 6.65
N SER C 59 -72.35 21.18 6.95
CA SER C 59 -71.72 19.89 6.64
C SER C 59 -72.36 19.25 5.42
N ALA C 60 -72.90 20.08 4.54
CA ALA C 60 -73.47 19.61 3.29
C ALA C 60 -73.31 20.71 2.25
N VAL C 61 -73.23 20.33 0.98
CA VAL C 61 -73.13 21.31 -0.09
C VAL C 61 -74.35 22.23 -0.08
N ALA C 62 -74.22 23.41 -0.68
CA ALA C 62 -75.27 24.41 -0.66
C ALA C 62 -76.39 24.12 -1.67
N PHE C 63 -76.29 23.03 -2.41
CA PHE C 63 -77.21 22.78 -3.51
C PHE C 63 -77.78 21.38 -3.50
N THR C 64 -78.94 21.23 -4.14
CA THR C 64 -79.58 19.93 -4.30
C THR C 64 -79.83 19.70 -5.78
N ARG C 65 -79.51 18.50 -6.26
CA ARG C 65 -79.88 18.12 -7.62
C ARG C 65 -81.35 17.78 -7.65
N THR C 66 -82.08 18.45 -8.52
CA THR C 66 -83.53 18.26 -8.59
C THR C 66 -83.96 17.39 -9.77
N GLY C 67 -83.02 17.11 -10.67
CA GLY C 67 -83.26 16.20 -11.80
C GLY C 67 -82.03 16.17 -12.69
N ASN C 68 -82.08 15.34 -13.73
CA ASN C 68 -80.95 15.21 -14.65
C ASN C 68 -80.28 16.54 -15.06
N ALA C 69 -81.08 17.54 -15.41
CA ALA C 69 -80.55 18.83 -15.90
C ALA C 69 -80.94 20.06 -15.04
N THR C 70 -81.41 19.80 -13.81
CA THR C 70 -81.86 20.85 -12.91
C THR C 70 -81.35 20.64 -11.49
N ALA C 71 -81.07 21.75 -10.82
CA ALA C 71 -80.59 21.76 -9.44
C ALA C 71 -81.00 23.06 -8.77
N SER C 72 -81.02 23.05 -7.44
CA SER C 72 -81.51 24.20 -6.67
C SER C 72 -80.57 24.56 -5.55
N ILE C 73 -80.44 25.85 -5.28
CA ILE C 73 -79.74 26.35 -4.11
C ILE C 73 -80.62 26.19 -2.87
N LYS C 74 -80.04 25.69 -1.79
CA LYS C 74 -80.79 25.35 -0.60
C LYS C 74 -81.24 26.59 0.17
N ALA C 75 -82.37 26.46 0.87
CA ALA C 75 -82.88 27.50 1.77
C ALA C 75 -81.87 27.81 2.87
N GLY C 76 -81.88 29.03 3.38
CA GLY C 76 -81.01 29.42 4.50
C GLY C 76 -79.63 29.89 4.11
N THR C 77 -79.33 29.85 2.81
CA THR C 77 -78.07 30.34 2.25
C THR C 77 -78.06 31.85 2.16
N ILE C 78 -77.06 32.46 2.79
CA ILE C 78 -76.87 33.90 2.78
C ILE C 78 -75.55 34.20 2.07
N VAL C 79 -75.59 35.04 1.05
CA VAL C 79 -74.39 35.37 0.27
C VAL C 79 -74.12 36.86 0.23
N GLU C 80 -72.94 37.28 0.68
CA GLU C 80 -72.47 38.64 0.44
C GLU C 80 -71.97 38.70 -1.00
N VAL C 81 -72.43 39.70 -1.74
CA VAL C 81 -71.96 39.91 -3.10
C VAL C 81 -72.00 41.38 -3.45
N ASN C 82 -70.84 41.95 -3.72
CA ASN C 82 -70.77 43.29 -4.30
C ASN C 82 -71.48 44.32 -3.42
N GLY C 83 -71.21 44.26 -2.12
CA GLY C 83 -71.83 45.17 -1.15
C GLY C 83 -73.24 44.78 -0.72
N LYS C 84 -73.93 44.01 -1.56
CA LYS C 84 -75.31 43.57 -1.30
C LYS C 84 -75.35 42.30 -0.46
N LEU C 85 -76.50 42.06 0.16
CA LEU C 85 -76.79 40.80 0.81
C LEU C 85 -77.87 40.09 -0.02
N VAL C 86 -77.55 38.93 -0.60
CA VAL C 86 -78.56 38.11 -1.27
C VAL C 86 -78.80 36.85 -0.46
N GLN C 87 -80.06 36.54 -0.19
CA GLN C 87 -80.37 35.31 0.55
C GLN C 87 -81.55 34.55 0.01
N PHE C 88 -81.58 33.24 0.26
CA PHE C 88 -82.65 32.41 -0.24
C PHE C 88 -83.33 31.76 0.96
N THR C 89 -84.55 32.23 1.24
CA THR C 89 -85.29 31.82 2.42
C THR C 89 -86.03 30.52 2.16
N ALA C 90 -86.28 30.25 0.89
CA ALA C 90 -86.76 28.94 0.44
C ALA C 90 -85.79 28.37 -0.60
N ASP C 91 -85.91 27.08 -0.91
CA ASP C 91 -85.12 26.46 -1.98
C ASP C 91 -85.43 27.09 -3.32
N THR C 92 -84.41 27.55 -4.04
CA THR C 92 -84.61 28.24 -5.32
C THR C 92 -83.91 27.51 -6.44
N ALA C 93 -84.60 27.33 -7.56
CA ALA C 93 -84.01 26.71 -8.75
C ALA C 93 -82.85 27.55 -9.29
N ILE C 94 -81.84 26.88 -9.83
CA ILE C 94 -80.68 27.53 -10.44
C ILE C 94 -80.91 27.60 -11.94
N THR C 95 -80.76 28.80 -12.51
CA THR C 95 -80.97 29.00 -13.96
C THR C 95 -79.86 28.29 -14.78
N MET C 96 -80.29 27.36 -15.62
CA MET C 96 -79.36 26.53 -16.38
C MET C 96 -79.11 27.10 -17.77
N PRO C 97 -77.86 26.97 -18.26
CA PRO C 97 -77.65 27.19 -19.68
C PRO C 97 -77.87 25.87 -20.42
N ALA C 98 -77.46 25.82 -21.69
CA ALA C 98 -77.35 24.55 -22.38
C ALA C 98 -76.32 23.70 -21.63
N LEU C 99 -76.58 22.41 -21.50
CA LEU C 99 -75.66 21.52 -20.81
C LEU C 99 -75.11 20.45 -21.77
N THR C 100 -73.80 20.48 -22.02
CA THR C 100 -73.16 19.48 -22.90
C THR C 100 -72.42 18.43 -22.08
N ALA C 101 -72.62 17.16 -22.45
CA ALA C 101 -72.09 16.02 -21.72
C ALA C 101 -70.59 16.12 -21.47
N GLY C 102 -70.21 15.88 -20.21
CA GLY C 102 -68.82 15.93 -19.80
C GLY C 102 -68.26 17.34 -19.66
N THR C 103 -69.09 18.28 -19.23
CA THR C 103 -68.65 19.65 -19.03
C THR C 103 -68.78 20.04 -17.56
N ASP C 104 -67.86 20.89 -17.11
CA ASP C 104 -67.93 21.45 -15.77
C ASP C 104 -68.62 22.81 -15.79
N TYR C 105 -69.47 23.05 -14.81
CA TYR C 105 -70.14 24.35 -14.67
C TYR C 105 -69.90 25.01 -13.32
N ALA C 106 -69.98 26.33 -13.30
CA ALA C 106 -69.86 27.12 -12.09
C ALA C 106 -71.19 27.75 -11.76
N ILE C 107 -71.46 27.91 -10.47
CA ILE C 107 -72.72 28.49 -10.02
C ILE C 107 -72.49 29.89 -9.46
N TYR C 108 -73.31 30.83 -9.93
CA TYR C 108 -73.17 32.21 -9.53
C TYR C 108 -74.39 32.75 -8.80
N VAL C 109 -74.13 33.49 -7.72
CA VAL C 109 -75.16 34.28 -7.05
C VAL C 109 -74.93 35.74 -7.41
N CYS C 110 -75.85 36.32 -8.18
CA CYS C 110 -75.71 37.69 -8.67
C CYS C 110 -76.32 38.72 -7.73
N ASP C 111 -75.83 39.96 -7.79
CA ASP C 111 -76.30 41.03 -6.89
C ASP C 111 -77.74 41.46 -7.14
N ASP C 112 -78.29 41.06 -8.28
CA ASP C 112 -79.68 41.31 -8.60
C ASP C 112 -80.59 40.21 -8.02
N GLY C 113 -79.99 39.32 -7.22
CA GLY C 113 -80.74 38.31 -6.49
C GLY C 113 -80.87 36.94 -7.14
N THR C 114 -80.57 36.84 -8.42
CA THR C 114 -80.74 35.58 -9.14
C THR C 114 -79.56 34.61 -8.97
N VAL C 115 -79.85 33.32 -9.11
CA VAL C 115 -78.83 32.27 -9.01
C VAL C 115 -78.78 31.45 -10.30
N ARG C 116 -77.62 31.45 -10.95
CA ARG C 116 -77.50 30.85 -12.28
C ARG C 116 -76.21 30.03 -12.44
N ALA C 117 -76.22 29.07 -13.36
CA ALA C 117 -75.03 28.30 -13.69
C ALA C 117 -74.53 28.67 -15.07
N ASP C 118 -73.22 28.67 -15.24
CA ASP C 118 -72.64 28.98 -16.54
C ASP C 118 -71.36 28.19 -16.73
N SER C 119 -71.04 27.89 -17.99
CA SER C 119 -69.82 27.16 -18.33
C SER C 119 -68.57 27.99 -18.11
N ASN C 120 -68.74 29.30 -18.12
CA ASN C 120 -67.65 30.22 -17.84
C ASN C 120 -67.35 30.32 -16.34
N PHE C 121 -66.08 30.16 -15.97
CA PHE C 121 -65.70 30.16 -14.57
C PHE C 121 -65.24 31.51 -14.04
N SER C 122 -65.48 32.57 -14.82
CA SER C 122 -65.13 33.93 -14.42
C SER C 122 -66.31 34.87 -14.22
N ALA C 123 -67.31 34.74 -15.08
CA ALA C 123 -68.57 35.47 -14.98
C ALA C 123 -69.58 34.84 -15.93
N PRO C 124 -70.86 34.77 -15.52
CA PRO C 124 -71.91 34.25 -16.41
C PRO C 124 -72.26 35.23 -17.54
N THR C 125 -73.04 34.77 -18.53
CA THR C 125 -73.40 35.60 -19.69
C THR C 125 -74.23 36.82 -19.27
N GLY C 126 -73.73 37.98 -19.68
CA GLY C 126 -74.37 39.26 -19.34
C GLY C 126 -74.17 39.72 -17.90
N TYR C 127 -73.02 39.37 -17.30
CA TYR C 127 -72.63 39.83 -15.95
C TYR C 127 -71.13 40.06 -15.84
N THR C 128 -70.72 41.06 -15.09
CA THR C 128 -69.29 41.20 -14.78
C THR C 128 -68.93 40.33 -13.60
N SER C 129 -67.63 40.10 -13.40
CA SER C 129 -67.14 39.39 -12.22
C SER C 129 -67.35 40.19 -10.93
N THR C 130 -67.88 41.40 -11.03
CA THR C 130 -68.24 42.19 -9.85
C THR C 130 -69.71 41.94 -9.49
N THR C 131 -70.58 41.95 -10.48
CA THR C 131 -72.02 41.80 -10.25
C THR C 131 -72.43 40.35 -9.91
N ALA C 132 -71.57 39.40 -10.26
CA ALA C 132 -71.85 37.98 -9.99
C ALA C 132 -70.72 37.34 -9.17
N ARG C 133 -71.10 36.52 -8.18
CA ARG C 133 -70.13 35.81 -7.34
C ARG C 133 -70.21 34.31 -7.55
N LYS C 134 -69.05 33.69 -7.75
CA LYS C 134 -68.98 32.23 -7.93
C LYS C 134 -69.00 31.57 -6.56
N VAL C 135 -69.98 30.70 -6.36
CA VAL C 135 -70.23 30.10 -5.05
C VAL C 135 -70.03 28.60 -5.05
N GLY C 136 -70.11 28.00 -6.23
CA GLY C 136 -69.89 26.57 -6.36
C GLY C 136 -69.96 26.10 -7.80
N GLY C 137 -70.12 24.80 -7.96
CA GLY C 137 -70.31 24.23 -9.28
C GLY C 137 -70.54 22.74 -9.25
N PHE C 138 -70.70 22.19 -10.44
CA PHE C 138 -70.95 20.75 -10.61
C PHE C 138 -70.38 20.27 -11.92
N HIS C 139 -70.40 18.95 -12.09
CA HIS C 139 -70.02 18.32 -13.33
C HIS C 139 -71.23 17.70 -14.00
N TYR C 140 -71.41 18.02 -15.27
CA TYR C 140 -72.45 17.42 -16.07
C TYR C 140 -71.84 16.18 -16.70
N ALA C 141 -72.15 15.01 -16.13
CA ALA C 141 -71.55 13.74 -16.55
C ALA C 141 -72.04 13.28 -17.92
N PRO C 142 -71.29 12.37 -18.58
CA PRO C 142 -71.79 11.75 -19.82
C PRO C 142 -72.67 10.53 -19.55
N GLY C 143 -72.86 10.20 -18.28
CA GLY C 143 -73.64 9.03 -17.88
C GLY C 143 -73.95 9.00 -16.40
N SER C 144 -74.85 8.11 -16.01
CA SER C 144 -75.33 8.03 -14.63
C SER C 144 -74.29 7.41 -13.69
N ASN C 145 -74.42 7.72 -12.40
CA ASN C 145 -73.65 7.04 -11.36
C ASN C 145 -74.15 5.60 -11.27
N ALA C 146 -73.39 4.74 -10.62
CA ALA C 146 -73.78 3.34 -10.52
C ALA C 146 -74.79 3.12 -9.41
N ALA C 147 -76.03 2.81 -9.80
CA ALA C 147 -77.10 2.49 -8.85
C ALA C 147 -76.80 1.23 -8.03
N ALA C 148 -76.19 0.23 -8.67
CA ALA C 148 -75.82 -1.03 -8.00
C ALA C 148 -74.32 -1.22 -8.14
N GLN C 149 -73.90 -2.44 -8.49
CA GLN C 149 -72.50 -2.72 -8.81
C GLN C 149 -72.35 -3.16 -10.28
N ALA C 150 -73.10 -2.54 -11.18
CA ALA C 150 -73.02 -2.84 -12.60
C ALA C 150 -72.71 -1.61 -13.45
N GLY C 151 -72.17 -0.57 -12.80
CA GLY C 151 -71.85 0.67 -13.49
C GLY C 151 -73.06 1.55 -13.72
N GLY C 152 -72.93 2.54 -14.57
CA GLY C 152 -74.02 3.45 -14.90
C GLY C 152 -74.41 3.32 -16.36
N ASN C 153 -75.17 4.29 -16.85
CA ASN C 153 -75.55 4.32 -18.26
C ASN C 153 -74.89 5.44 -19.03
N THR C 154 -75.49 5.81 -20.16
CA THR C 154 -74.96 6.86 -21.04
C THR C 154 -75.94 8.02 -21.21
N THR C 155 -76.62 8.37 -20.13
CA THR C 155 -77.55 9.49 -20.17
C THR C 155 -76.98 10.68 -19.42
N ALA C 156 -76.47 11.65 -20.17
CA ALA C 156 -75.91 12.87 -19.60
C ALA C 156 -76.79 13.46 -18.50
N GLN C 157 -76.17 13.83 -17.39
CA GLN C 157 -76.89 14.32 -16.22
C GLN C 157 -75.91 14.87 -15.19
N ILE C 158 -76.43 15.68 -14.26
CA ILE C 158 -75.62 16.20 -13.18
C ILE C 158 -75.22 15.08 -12.22
N ASN C 159 -73.91 14.89 -12.05
CA ASN C 159 -73.43 13.98 -11.01
C ASN C 159 -73.61 14.65 -9.67
N GLU C 160 -74.61 14.17 -8.93
CA GLU C 160 -74.98 14.78 -7.66
C GLU C 160 -73.80 14.94 -6.70
N TYR C 161 -72.89 13.96 -6.70
CA TYR C 161 -71.76 14.02 -5.78
C TYR C 161 -70.68 14.98 -6.22
N SER C 162 -70.79 15.50 -7.44
CA SER C 162 -69.79 16.41 -7.96
C SER C 162 -70.04 17.87 -7.58
N LEU C 163 -71.09 18.10 -6.80
CA LEU C 163 -71.46 19.44 -6.37
C LEU C 163 -70.49 19.92 -5.31
N TRP C 164 -69.92 21.10 -5.52
CA TRP C 164 -69.04 21.69 -4.52
C TRP C 164 -69.47 23.12 -4.23
N ASP C 165 -69.23 23.61 -3.03
CA ASP C 165 -69.38 25.04 -2.78
C ASP C 165 -68.13 25.59 -2.08
N ILE C 166 -67.99 26.91 -2.01
CA ILE C 166 -66.73 27.50 -1.54
C ILE C 166 -66.32 27.08 -0.13
N LYS C 167 -67.25 26.54 0.65
CA LYS C 167 -66.92 26.03 1.99
C LYS C 167 -67.15 24.51 2.13
N PHE C 168 -67.29 23.83 0.99
CA PHE C 168 -67.52 22.38 0.92
C PHE C 168 -66.99 21.92 -0.42
N ARG C 169 -65.69 21.67 -0.46
CA ARG C 169 -64.95 21.57 -1.72
C ARG C 169 -63.72 20.69 -1.61
N PRO C 170 -63.20 20.22 -2.75
CA PRO C 170 -61.91 19.54 -2.73
C PRO C 170 -60.81 20.50 -2.30
N ALA C 171 -59.88 20.01 -1.46
CA ALA C 171 -58.76 20.82 -0.94
C ALA C 171 -57.82 21.30 -2.06
N ALA C 172 -57.74 20.51 -3.13
CA ALA C 172 -57.02 20.86 -4.34
C ALA C 172 -57.25 22.28 -4.77
N LEU C 173 -56.30 22.81 -5.53
CA LEU C 173 -56.27 24.23 -5.88
C LEU C 173 -57.36 24.59 -6.92
N ASP C 174 -57.89 23.58 -7.63
CA ASP C 174 -58.95 23.73 -8.65
C ASP C 174 -59.96 22.59 -8.49
N PRO C 175 -61.25 22.93 -8.23
CA PRO C 175 -62.31 21.98 -7.88
C PRO C 175 -62.88 21.17 -9.04
N ARG C 176 -62.66 21.62 -10.27
CA ARG C 176 -63.33 21.05 -11.44
C ARG C 176 -63.06 19.57 -11.66
N GLY C 177 -64.08 18.88 -12.15
CA GLY C 177 -63.95 17.49 -12.57
C GLY C 177 -63.75 16.47 -11.48
N MET C 178 -64.06 16.82 -10.24
CA MET C 178 -63.92 15.87 -9.13
C MET C 178 -65.26 15.47 -8.56
N THR C 179 -65.27 14.40 -7.77
CA THR C 179 -66.50 13.92 -7.15
C THR C 179 -66.24 13.47 -5.71
N LEU C 180 -67.15 13.83 -4.80
CA LEU C 180 -66.97 13.54 -3.39
C LEU C 180 -67.34 12.09 -3.06
N VAL C 181 -66.37 11.36 -2.52
CA VAL C 181 -66.52 9.92 -2.30
C VAL C 181 -66.88 9.61 -0.84
N ALA C 182 -68.11 9.13 -0.64
CA ALA C 182 -68.66 8.80 0.69
C ALA C 182 -68.49 9.92 1.74
N GLY C 183 -68.47 11.16 1.25
CA GLY C 183 -68.29 12.33 2.11
C GLY C 183 -66.98 12.36 2.86
N ALA C 184 -66.02 11.56 2.38
CA ALA C 184 -64.73 11.38 3.03
C ALA C 184 -63.61 12.15 2.33
N PHE C 185 -63.51 11.99 1.02
CA PHE C 185 -62.49 12.65 0.21
C PHE C 185 -62.96 12.80 -1.22
N TRP C 186 -62.22 13.59 -1.99
CA TRP C 186 -62.54 13.83 -3.39
C TRP C 186 -61.66 13.00 -4.33
N ALA C 187 -62.22 12.58 -5.45
CA ALA C 187 -61.51 11.81 -6.46
C ALA C 187 -61.76 12.41 -7.84
N ASP C 188 -60.74 12.35 -8.70
CA ASP C 188 -60.90 12.73 -10.10
C ASP C 188 -61.93 11.84 -10.78
N ILE C 189 -62.82 12.46 -11.54
CA ILE C 189 -63.83 11.73 -12.29
C ILE C 189 -63.19 10.95 -13.45
N TYR C 190 -62.17 11.56 -14.07
CA TYR C 190 -61.47 10.97 -15.21
C TYR C 190 -60.01 10.70 -14.91
N LEU C 191 -59.44 9.75 -15.64
CA LEU C 191 -58.01 9.42 -15.54
C LEU C 191 -57.17 10.58 -16.05
N LEU C 192 -55.96 10.71 -15.53
CA LEU C 192 -55.07 11.83 -15.87
C LEU C 192 -54.82 11.91 -17.36
N GLY C 193 -55.03 13.09 -17.93
CA GLY C 193 -54.85 13.30 -19.37
C GLY C 193 -53.48 13.83 -19.69
N VAL C 194 -53.12 13.80 -20.96
CA VAL C 194 -51.80 14.27 -21.41
C VAL C 194 -51.68 15.78 -21.21
N ASN C 195 -52.70 16.53 -21.62
CA ASN C 195 -52.66 17.99 -21.52
C ASN C 195 -53.31 18.51 -20.25
N HIS C 196 -52.82 18.00 -19.13
CA HIS C 196 -53.34 18.33 -17.81
C HIS C 196 -53.04 19.77 -17.42
N LEU C 197 -52.02 20.36 -18.04
CA LEU C 197 -51.63 21.75 -17.77
C LEU C 197 -52.65 22.78 -18.24
N THR C 198 -53.38 22.44 -19.29
CA THR C 198 -54.44 23.32 -19.76
C THR C 198 -55.82 22.75 -19.44
N ASP C 199 -55.90 21.48 -19.03
CA ASP C 199 -57.19 20.84 -18.79
C ASP C 199 -57.49 20.48 -17.34
N GLY C 200 -56.50 20.58 -16.47
CA GLY C 200 -56.60 19.98 -15.13
C GLY C 200 -56.36 18.48 -15.23
N THR C 201 -56.25 17.83 -14.08
CA THR C 201 -55.97 16.40 -14.05
C THR C 201 -57.15 15.56 -14.57
N SER C 202 -58.37 16.03 -14.33
CA SER C 202 -59.56 15.30 -14.73
C SER C 202 -60.35 16.09 -15.77
N LYS C 203 -60.62 15.46 -16.91
CA LYS C 203 -61.30 16.10 -18.06
C LYS C 203 -61.88 15.04 -18.99
N TYR C 204 -63.10 15.25 -19.45
CA TYR C 204 -63.79 14.27 -20.29
C TYR C 204 -63.26 14.29 -21.72
N ASN C 205 -63.06 13.10 -22.27
CA ASN C 205 -62.78 12.95 -23.71
C ASN C 205 -61.45 13.56 -24.17
N VAL C 206 -60.39 13.30 -23.39
CA VAL C 206 -59.04 13.71 -23.74
C VAL C 206 -58.16 12.46 -23.79
N THR C 207 -56.92 12.61 -24.24
CA THR C 207 -56.02 11.47 -24.32
C THR C 207 -55.50 11.10 -22.94
N ILE C 208 -55.66 9.83 -22.59
CA ILE C 208 -55.26 9.31 -21.28
C ILE C 208 -53.75 9.17 -21.22
N ALA C 209 -53.11 9.91 -20.32
CA ALA C 209 -51.67 9.77 -20.12
C ALA C 209 -51.33 8.35 -19.68
N ASP C 210 -50.36 7.76 -20.37
CA ASP C 210 -49.86 6.40 -20.12
C ASP C 210 -48.35 6.36 -20.33
N GLY C 211 -47.73 5.20 -20.10
CA GLY C 211 -46.28 5.03 -20.24
C GLY C 211 -45.77 5.47 -21.61
N SER C 212 -46.50 5.08 -22.66
CA SER C 212 -46.21 5.48 -24.03
C SER C 212 -46.43 6.97 -24.22
N ALA C 213 -47.69 7.36 -24.48
CA ALA C 213 -48.10 8.77 -24.60
C ALA C 213 -48.20 9.47 -23.23
N SER C 214 -47.05 9.81 -22.65
CA SER C 214 -46.95 10.27 -21.27
C SER C 214 -47.41 11.73 -21.05
N PRO C 215 -47.50 12.17 -19.76
CA PRO C 215 -48.06 13.49 -19.45
C PRO C 215 -47.09 14.62 -19.69
N LYS C 216 -47.63 15.81 -19.98
CA LYS C 216 -46.82 17.01 -20.13
C LYS C 216 -46.00 17.27 -18.87
N LYS C 217 -44.75 17.69 -19.05
CA LYS C 217 -43.85 17.97 -17.92
C LYS C 217 -44.41 19.13 -17.09
N SER C 218 -44.31 18.99 -15.77
CA SER C 218 -44.87 19.97 -14.83
C SER C 218 -44.14 21.30 -14.79
N THR C 219 -44.86 22.36 -15.14
CA THR C 219 -44.43 23.76 -15.00
C THR C 219 -43.65 24.06 -13.71
N LYS C 220 -44.12 23.54 -12.58
CA LYS C 220 -43.50 23.87 -11.29
C LYS C 220 -42.21 23.06 -11.04
N PHE C 221 -41.96 22.08 -11.89
CA PHE C 221 -40.76 21.26 -11.76
C PHE C 221 -39.87 21.31 -13.02
N GLY C 222 -39.81 22.48 -13.63
CA GLY C 222 -38.89 22.71 -14.73
C GLY C 222 -39.44 22.35 -16.09
N GLY C 223 -40.73 22.09 -16.18
CA GLY C 223 -41.38 21.92 -17.47
C GLY C 223 -41.43 23.26 -18.19
N ASP C 224 -41.48 23.23 -19.52
CA ASP C 224 -41.56 24.45 -20.32
C ASP C 224 -42.97 24.68 -20.83
N GLY C 225 -43.80 23.66 -20.81
CA GLY C 225 -45.17 23.78 -21.30
C GLY C 225 -45.46 22.94 -22.52
N SER C 226 -44.41 22.59 -23.26
CA SER C 226 -44.55 21.70 -24.41
C SER C 226 -44.02 20.29 -24.13
N ALA C 227 -42.90 20.22 -23.41
CA ALA C 227 -42.24 18.96 -23.09
C ALA C 227 -43.17 17.98 -22.37
N ALA C 228 -43.23 16.74 -22.86
CA ALA C 228 -43.77 15.62 -22.08
C ALA C 228 -42.65 15.03 -21.20
N TYR C 229 -42.99 14.16 -20.26
CA TYR C 229 -41.95 13.39 -19.57
C TYR C 229 -41.44 12.38 -20.58
N SER C 230 -40.30 11.74 -20.31
CA SER C 230 -39.82 10.75 -21.26
C SER C 230 -40.72 9.51 -21.24
N ASP C 231 -40.95 8.96 -20.04
CA ASP C 231 -41.80 7.78 -19.85
C ASP C 231 -42.90 8.02 -18.82
N GLY C 232 -43.57 6.94 -18.41
CA GLY C 232 -44.65 7.01 -17.44
C GLY C 232 -44.31 6.40 -16.11
N ALA C 233 -43.19 6.81 -15.55
CA ALA C 233 -42.74 6.32 -14.25
C ALA C 233 -43.68 6.80 -13.17
N TRP C 234 -43.84 5.98 -12.13
CA TRP C 234 -44.54 6.44 -10.92
C TRP C 234 -44.05 7.83 -10.53
N TYR C 235 -42.73 8.04 -10.51
CA TYR C 235 -42.14 9.33 -10.14
C TYR C 235 -42.78 10.52 -10.87
N ASN C 236 -43.14 10.32 -12.13
CA ASN C 236 -43.66 11.39 -12.95
C ASN C 236 -45.11 11.76 -12.63
N PHE C 237 -45.98 10.76 -12.59
CA PHE C 237 -47.37 10.94 -12.22
C PHE C 237 -47.45 11.53 -10.81
N ALA C 238 -46.76 10.91 -9.86
CA ALA C 238 -46.64 11.44 -8.51
C ALA C 238 -46.39 12.95 -8.51
N GLU C 239 -45.50 13.38 -9.39
CA GLU C 239 -45.12 14.77 -9.49
C GLU C 239 -46.18 15.61 -10.18
N VAL C 240 -46.87 15.04 -11.16
CA VAL C 240 -47.98 15.74 -11.84
C VAL C 240 -49.11 16.04 -10.85
N MET C 241 -49.50 15.04 -10.05
CA MET C 241 -50.46 15.24 -8.95
C MET C 241 -50.03 16.36 -7.98
N THR C 242 -48.82 16.26 -7.41
CA THR C 242 -48.31 17.30 -6.49
C THR C 242 -48.47 18.71 -7.06
N HIS C 243 -48.16 18.88 -8.34
CA HIS C 243 -48.41 20.10 -9.08
C HIS C 243 -49.82 20.66 -8.84
N HIS C 244 -50.84 19.84 -9.10
CA HIS C 244 -52.23 20.29 -8.96
C HIS C 244 -52.77 20.19 -7.54
N GLY C 245 -51.89 19.92 -6.58
CA GLY C 245 -52.30 19.84 -5.19
C GLY C 245 -53.21 18.65 -4.93
N LYS C 246 -52.93 17.55 -5.62
CA LYS C 246 -53.61 16.28 -5.41
C LYS C 246 -52.53 15.25 -5.15
N ARG C 247 -52.93 14.00 -5.02
CA ARG C 247 -51.98 12.91 -4.83
C ARG C 247 -52.54 11.61 -5.39
N LEU C 248 -51.77 10.54 -5.28
CA LEU C 248 -52.20 9.24 -5.77
C LEU C 248 -53.04 8.51 -4.71
N PRO C 249 -54.04 7.73 -5.15
CA PRO C 249 -54.91 7.08 -4.18
C PRO C 249 -54.21 5.98 -3.42
N ASN C 250 -54.45 5.90 -2.11
CA ASN C 250 -54.02 4.76 -1.33
C ASN C 250 -55.04 3.63 -1.45
N TYR C 251 -54.73 2.46 -0.90
CA TYR C 251 -55.63 1.31 -1.04
C TYR C 251 -57.03 1.61 -0.48
N ASN C 252 -57.11 2.06 0.77
CA ASN C 252 -58.41 2.43 1.34
C ASN C 252 -59.18 3.41 0.43
N GLU C 253 -58.51 4.47 0.00
CA GLU C 253 -59.12 5.42 -0.92
C GLU C 253 -59.63 4.77 -2.21
N PHE C 254 -58.78 3.96 -2.83
CA PHE C 254 -59.15 3.37 -4.11
C PHE C 254 -60.39 2.49 -4.01
N GLN C 255 -60.42 1.63 -3.00
CA GLN C 255 -61.53 0.69 -2.86
C GLN C 255 -62.84 1.43 -2.62
N ALA C 256 -62.76 2.56 -1.92
CA ALA C 256 -63.90 3.44 -1.73
C ALA C 256 -64.30 4.07 -3.05
N LEU C 257 -63.38 4.72 -3.74
CA LEU C 257 -63.73 5.51 -4.92
C LEU C 257 -64.26 4.68 -6.11
N ALA C 258 -63.83 3.43 -6.19
CA ALA C 258 -64.11 2.60 -7.35
C ALA C 258 -65.33 1.70 -7.16
N PHE C 259 -65.83 1.64 -5.93
CA PHE C 259 -67.03 0.88 -5.61
C PHE C 259 -68.18 1.24 -6.54
N GLY C 260 -68.89 0.23 -7.02
CA GLY C 260 -70.03 0.45 -7.92
C GLY C 260 -69.71 0.12 -9.36
N THR C 261 -68.41 0.02 -9.67
CA THR C 261 -67.98 -0.52 -10.95
C THR C 261 -68.37 -2.01 -11.09
N THR C 262 -68.52 -2.49 -12.33
CA THR C 262 -68.73 -3.93 -12.59
C THR C 262 -67.47 -4.73 -12.23
N GLU C 263 -67.48 -5.41 -11.09
CA GLU C 263 -66.32 -6.14 -10.58
C GLU C 263 -65.89 -7.32 -11.47
N ALA C 264 -64.60 -7.69 -11.36
CA ALA C 264 -64.03 -8.84 -12.07
C ALA C 264 -64.36 -8.84 -13.57
N THR C 265 -64.06 -7.72 -14.23
CA THR C 265 -64.39 -7.51 -15.65
C THR C 265 -63.43 -6.47 -16.23
N SER C 266 -62.93 -6.69 -17.43
CA SER C 266 -62.07 -5.69 -18.04
C SER C 266 -62.59 -5.19 -19.36
N SER C 267 -62.04 -4.06 -19.81
CA SER C 267 -62.50 -3.42 -21.03
C SER C 267 -62.36 -4.34 -22.24
N GLY C 268 -61.35 -5.21 -22.21
CA GLY C 268 -61.02 -6.05 -23.36
C GLY C 268 -60.35 -5.21 -24.43
N GLY C 269 -60.25 -5.76 -25.64
CA GLY C 269 -59.60 -5.07 -26.76
C GLY C 269 -58.12 -4.81 -26.57
N THR C 270 -57.60 -3.84 -27.32
CA THR C 270 -56.16 -3.64 -27.43
C THR C 270 -55.66 -2.37 -26.70
N ASP C 271 -56.56 -1.40 -26.47
CA ASP C 271 -56.17 -0.10 -25.88
C ASP C 271 -57.36 0.70 -25.30
N VAL C 272 -57.03 1.63 -24.40
CA VAL C 272 -57.97 2.68 -23.94
C VAL C 272 -57.29 4.05 -24.05
N PRO C 273 -57.53 4.76 -25.16
CA PRO C 273 -56.81 6.01 -25.44
C PRO C 273 -57.48 7.26 -24.88
N THR C 274 -58.81 7.22 -24.73
CA THR C 274 -59.59 8.41 -24.43
C THR C 274 -60.45 8.22 -23.18
N THR C 275 -60.49 9.26 -22.34
CA THR C 275 -61.32 9.29 -21.14
C THR C 275 -62.79 9.39 -21.51
N GLY C 276 -63.61 8.53 -20.92
CA GLY C 276 -65.08 8.63 -21.04
C GLY C 276 -65.68 7.99 -22.27
N VAL C 277 -64.84 7.50 -23.17
CA VAL C 277 -65.28 6.85 -24.39
C VAL C 277 -64.96 5.36 -24.29
N ASN C 278 -65.48 4.57 -25.24
CA ASN C 278 -65.17 3.16 -25.32
C ASN C 278 -63.72 2.92 -25.69
N GLY C 279 -63.16 1.81 -25.21
CA GLY C 279 -61.79 1.43 -25.57
C GLY C 279 -61.67 0.95 -27.01
N THR C 280 -60.44 0.88 -27.51
CA THR C 280 -60.18 0.42 -28.89
C THR C 280 -60.34 -1.10 -29.02
N GLY C 281 -61.34 -1.49 -29.81
CA GLY C 281 -61.74 -2.90 -29.95
C GLY C 281 -62.20 -3.51 -28.64
N ALA C 282 -62.73 -2.67 -27.75
CA ALA C 282 -63.16 -3.10 -26.43
C ALA C 282 -64.35 -4.07 -26.52
N THR C 283 -64.51 -4.91 -25.50
CA THR C 283 -65.57 -5.93 -25.45
C THR C 283 -66.79 -5.52 -24.63
N SER C 284 -66.59 -4.69 -23.60
CA SER C 284 -67.70 -4.12 -22.81
C SER C 284 -67.62 -2.60 -22.78
N ALA C 285 -68.77 -1.94 -22.83
CA ALA C 285 -68.87 -0.47 -22.98
C ALA C 285 -68.41 0.29 -21.74
N TRP C 286 -67.92 1.52 -21.95
CA TRP C 286 -67.23 2.30 -20.92
C TRP C 286 -68.02 2.50 -19.62
N ASN C 287 -69.32 2.73 -19.74
CA ASN C 287 -70.17 3.00 -18.58
C ASN C 287 -70.30 1.85 -17.59
N ILE C 288 -70.08 0.63 -18.07
CA ILE C 288 -69.97 -0.57 -17.23
C ILE C 288 -69.01 -0.33 -16.05
N PHE C 289 -68.08 0.62 -16.25
CA PHE C 289 -67.01 0.87 -15.30
C PHE C 289 -67.15 2.15 -14.48
N THR C 290 -68.34 2.76 -14.54
CA THR C 290 -68.64 3.92 -13.70
C THR C 290 -68.92 3.46 -12.28
N SER C 291 -68.34 4.16 -11.31
CA SER C 291 -68.51 3.82 -9.89
C SER C 291 -69.82 4.38 -9.32
N LYS C 292 -70.12 4.05 -8.06
CA LYS C 292 -71.26 4.63 -7.35
C LYS C 292 -71.15 6.14 -7.28
N TRP C 293 -69.93 6.65 -7.33
CA TRP C 293 -69.68 8.07 -7.16
C TRP C 293 -69.49 8.92 -8.41
N GLY C 294 -69.66 8.27 -9.57
CA GLY C 294 -69.52 8.95 -10.84
C GLY C 294 -68.09 8.98 -11.33
N VAL C 295 -67.26 8.10 -10.78
CA VAL C 295 -65.89 7.92 -11.27
C VAL C 295 -65.93 7.13 -12.57
N VAL C 296 -65.52 7.76 -13.66
CA VAL C 296 -65.56 7.15 -15.00
C VAL C 296 -64.31 6.31 -15.26
N GLN C 297 -64.55 5.11 -15.82
CA GLN C 297 -63.50 4.10 -16.02
C GLN C 297 -62.78 3.80 -14.71
N ALA C 298 -63.55 3.52 -13.66
CA ALA C 298 -62.99 3.37 -12.30
C ALA C 298 -62.01 2.21 -12.17
N SER C 299 -62.27 1.13 -12.90
CA SER C 299 -61.40 -0.04 -12.90
C SER C 299 -61.45 -0.70 -14.27
N GLY C 300 -60.57 -1.68 -14.46
CA GLY C 300 -60.55 -2.51 -15.67
C GLY C 300 -60.25 -1.78 -16.97
N CYS C 301 -59.58 -0.63 -16.87
CA CYS C 301 -59.23 0.12 -18.06
C CYS C 301 -57.74 0.44 -18.07
N LEU C 302 -57.29 1.18 -17.06
CA LEU C 302 -55.86 1.37 -16.81
C LEU C 302 -55.57 1.24 -15.34
N TRP C 303 -54.45 0.60 -15.04
CA TRP C 303 -53.93 0.62 -13.69
C TRP C 303 -53.66 2.08 -13.28
N THR C 304 -53.89 2.39 -12.02
CA THR C 304 -53.50 3.70 -11.52
C THR C 304 -52.40 3.54 -10.48
N TRP C 305 -51.35 4.35 -10.63
CA TRP C 305 -50.32 4.40 -9.62
C TRP C 305 -50.96 4.82 -8.29
N GLY C 306 -50.59 4.13 -7.22
CA GLY C 306 -51.09 4.46 -5.89
C GLY C 306 -50.02 5.19 -5.13
N ASN C 307 -50.30 5.51 -3.87
CA ASN C 307 -49.36 6.25 -3.04
C ASN C 307 -48.85 5.37 -1.93
N GLU C 308 -48.66 4.10 -2.22
CA GLU C 308 -48.33 3.15 -1.17
C GLU C 308 -47.24 2.22 -1.66
N PHE C 309 -46.26 1.95 -0.78
CA PHE C 309 -45.11 1.12 -1.13
C PHE C 309 -45.12 -0.20 -0.38
N GLY C 310 -44.76 -1.27 -1.10
CA GLY C 310 -44.73 -2.64 -0.55
C GLY C 310 -44.72 -3.70 -1.63
N GLY C 311 -44.56 -4.96 -1.25
CA GLY C 311 -44.53 -6.06 -2.22
C GLY C 311 -43.14 -6.45 -2.73
N VAL C 312 -43.05 -6.75 -4.02
CA VAL C 312 -41.80 -7.19 -4.65
C VAL C 312 -40.75 -6.10 -4.68
N ASN C 313 -39.56 -6.40 -4.13
CA ASN C 313 -38.47 -5.42 -4.13
C ASN C 313 -37.62 -5.41 -5.39
N GLY C 314 -37.00 -4.27 -5.67
CA GLY C 314 -35.98 -4.19 -6.72
C GLY C 314 -34.67 -4.70 -6.15
N ALA C 315 -33.61 -4.65 -6.97
CA ALA C 315 -32.29 -5.13 -6.56
C ALA C 315 -31.88 -4.67 -5.17
N SER C 316 -31.23 -5.56 -4.43
CA SER C 316 -30.61 -5.21 -3.15
C SER C 316 -29.24 -4.54 -3.33
N GLU C 317 -29.21 -3.53 -4.20
CA GLU C 317 -28.00 -2.77 -4.53
C GLU C 317 -28.39 -1.43 -5.17
N TYR C 318 -27.74 -0.36 -4.73
CA TYR C 318 -28.05 0.99 -5.24
C TYR C 318 -28.17 1.01 -6.74
N THR C 319 -29.24 1.61 -7.24
CA THR C 319 -29.51 1.66 -8.67
C THR C 319 -29.94 3.07 -9.08
N ALA C 320 -29.33 3.61 -10.13
CA ALA C 320 -29.63 4.97 -10.59
C ALA C 320 -30.71 5.01 -11.67
N ASN C 321 -31.91 4.55 -11.31
CA ASN C 321 -33.07 4.50 -12.21
C ASN C 321 -34.17 5.54 -11.88
N THR C 322 -33.79 6.66 -11.28
CA THR C 322 -34.75 7.66 -10.82
C THR C 322 -34.80 8.88 -11.73
N GLY C 323 -34.48 8.68 -13.01
CA GLY C 323 -34.37 9.79 -13.96
C GLY C 323 -33.19 10.70 -13.64
N GLY C 324 -32.21 10.17 -12.93
CA GLY C 324 -31.02 10.93 -12.58
C GLY C 324 -31.22 11.87 -11.40
N ARG C 325 -31.86 11.36 -10.35
CA ARG C 325 -32.03 12.16 -9.15
C ARG C 325 -31.61 11.41 -7.90
N GLY C 326 -30.64 10.50 -8.07
CA GLY C 326 -30.13 9.70 -6.98
C GLY C 326 -30.37 8.23 -7.23
N SER C 327 -29.91 7.38 -6.31
CA SER C 327 -30.04 5.94 -6.46
C SER C 327 -30.94 5.30 -5.39
N VAL C 328 -31.41 4.08 -5.65
CA VAL C 328 -32.34 3.42 -4.72
C VAL C 328 -31.90 2.01 -4.31
N TYR C 329 -31.96 1.72 -3.01
CA TYR C 329 -31.55 0.44 -2.51
C TYR C 329 -32.75 -0.37 -2.01
N ALA C 330 -32.93 -1.56 -2.58
CA ALA C 330 -33.97 -2.51 -2.17
C ALA C 330 -35.36 -1.90 -2.32
N GLN C 331 -35.55 -1.12 -3.39
CA GLN C 331 -36.76 -0.35 -3.60
C GLN C 331 -38.03 -1.21 -3.76
N PRO C 332 -39.00 -1.08 -2.83
CA PRO C 332 -40.28 -1.78 -2.89
C PRO C 332 -41.14 -1.21 -4.01
N ALA C 333 -42.10 -2.00 -4.47
CA ALA C 333 -42.94 -1.56 -5.57
C ALA C 333 -43.89 -0.43 -5.16
N ALA C 334 -44.22 0.41 -6.14
CA ALA C 334 -45.30 1.36 -6.00
C ALA C 334 -46.57 0.63 -6.41
N ALA C 335 -47.59 0.69 -5.56
CA ALA C 335 -48.81 -0.07 -5.80
C ALA C 335 -49.54 0.42 -7.06
N LEU C 336 -50.22 -0.50 -7.73
CA LEU C 336 -51.12 -0.13 -8.82
C LEU C 336 -52.45 -0.80 -8.58
N PHE C 337 -53.52 -0.07 -8.88
CA PHE C 337 -54.86 -0.45 -8.54
C PHE C 337 -55.80 -0.42 -9.74
N GLY C 338 -56.77 -1.33 -9.72
CA GLY C 338 -57.89 -1.28 -10.66
C GLY C 338 -57.91 -2.29 -11.78
N GLY C 339 -56.74 -2.67 -12.28
CA GLY C 339 -56.65 -3.51 -13.48
C GLY C 339 -56.68 -2.68 -14.75
N ALA C 340 -56.57 -3.34 -15.90
CA ALA C 340 -56.50 -2.63 -17.18
C ALA C 340 -57.27 -3.40 -18.23
N TRP C 341 -57.25 -2.92 -19.48
CA TRP C 341 -58.04 -3.54 -20.55
C TRP C 341 -57.68 -5.03 -20.75
N ASN C 342 -56.41 -5.34 -20.59
CA ASN C 342 -55.92 -6.71 -20.73
C ASN C 342 -56.10 -7.54 -19.46
N GLY C 343 -56.55 -6.91 -18.39
CA GLY C 343 -56.57 -7.54 -17.07
C GLY C 343 -57.53 -8.72 -16.87
N THR C 344 -58.42 -8.91 -17.85
CA THR C 344 -59.43 -9.96 -17.82
C THR C 344 -60.31 -9.94 -16.54
N SER C 345 -60.44 -11.04 -15.83
CA SER C 345 -61.32 -11.08 -14.67
C SER C 345 -60.63 -10.68 -13.36
N LEU C 346 -59.47 -10.05 -13.46
CA LEU C 346 -58.71 -9.67 -12.28
C LEU C 346 -59.02 -8.24 -11.85
N SER C 347 -59.57 -7.46 -12.78
CA SER C 347 -59.95 -6.08 -12.54
C SER C 347 -61.09 -5.92 -11.54
N GLY C 348 -61.23 -4.71 -10.99
CA GLY C 348 -62.21 -4.45 -9.95
C GLY C 348 -61.75 -3.42 -8.93
N SER C 349 -62.64 -3.07 -8.01
CA SER C 349 -62.41 -2.00 -7.06
C SER C 349 -61.30 -2.29 -6.05
N ARG C 350 -60.91 -3.55 -5.93
CA ARG C 350 -59.82 -3.92 -5.03
C ARG C 350 -58.63 -4.61 -5.71
N ALA C 351 -58.63 -4.61 -7.03
CA ALA C 351 -57.51 -5.13 -7.82
C ALA C 351 -56.22 -4.39 -7.50
N ALA C 352 -55.19 -5.13 -7.11
CA ALA C 352 -53.97 -4.49 -6.70
C ALA C 352 -52.71 -5.30 -7.03
N LEU C 353 -51.79 -4.65 -7.75
CA LEU C 353 -50.54 -5.27 -8.21
C LEU C 353 -49.32 -4.65 -7.55
N TRP C 354 -48.67 -5.39 -6.65
CA TRP C 354 -47.45 -4.91 -5.99
C TRP C 354 -46.19 -5.48 -6.60
N TYR C 355 -45.93 -5.11 -7.85
CA TYR C 355 -44.82 -5.66 -8.60
C TYR C 355 -43.88 -4.60 -9.14
N SER C 356 -44.44 -3.68 -9.93
CA SER C 356 -43.67 -2.67 -10.65
C SER C 356 -43.02 -1.69 -9.69
N GLY C 357 -41.72 -1.47 -9.83
CA GLY C 357 -41.04 -0.41 -9.11
C GLY C 357 -41.41 0.94 -9.70
N PRO C 358 -41.02 2.02 -9.01
CA PRO C 358 -41.51 3.34 -9.40
C PRO C 358 -40.95 3.77 -10.75
N SER C 359 -39.97 3.03 -11.24
CA SER C 359 -39.22 3.37 -12.44
C SER C 359 -39.85 2.78 -13.69
N PHE C 360 -40.73 1.80 -13.50
CA PHE C 360 -41.37 1.07 -14.60
C PHE C 360 -42.33 1.96 -15.38
N SER C 361 -42.63 1.60 -16.62
CA SER C 361 -43.51 2.42 -17.47
C SER C 361 -44.14 1.58 -18.59
N PHE C 362 -45.47 1.55 -18.65
CA PHE C 362 -46.18 0.72 -19.62
C PHE C 362 -47.39 1.46 -20.16
N ALA C 363 -47.94 0.97 -21.28
CA ALA C 363 -49.06 1.62 -21.96
C ALA C 363 -50.39 1.45 -21.23
N PHE C 364 -50.39 0.69 -20.14
CA PHE C 364 -51.58 0.46 -19.35
C PHE C 364 -51.40 0.85 -17.89
N PHE C 365 -50.34 1.63 -17.63
CA PHE C 365 -50.16 2.31 -16.35
C PHE C 365 -50.48 3.79 -16.48
N GLY C 366 -51.49 4.24 -15.75
CA GLY C 366 -51.86 5.65 -15.68
C GLY C 366 -51.99 6.11 -14.24
N ALA C 367 -52.80 7.14 -14.04
CA ALA C 367 -53.05 7.69 -12.72
C ALA C 367 -54.38 8.44 -12.58
N ARG C 368 -54.88 8.47 -11.35
CA ARG C 368 -56.06 9.22 -11.01
C ARG C 368 -55.72 10.05 -9.79
N GLY C 369 -56.07 11.32 -9.82
CA GLY C 369 -55.84 12.19 -8.65
C GLY C 369 -56.91 12.00 -7.58
N VAL C 370 -56.48 12.06 -6.32
CA VAL C 370 -57.38 12.21 -5.16
C VAL C 370 -56.89 13.35 -4.26
N CYS C 371 -57.82 13.96 -3.50
CA CYS C 371 -57.40 14.94 -2.49
C CYS C 371 -58.38 15.00 -1.33
N ASP C 372 -58.00 15.76 -0.31
CA ASP C 372 -58.78 15.94 0.89
C ASP C 372 -60.09 16.69 0.66
N HIS C 373 -61.02 16.48 1.60
CA HIS C 373 -62.31 17.16 1.57
C HIS C 373 -62.29 18.33 2.55
N LEU C 374 -62.62 19.51 2.06
CA LEU C 374 -62.50 20.69 2.88
C LEU C 374 -63.87 21.23 3.29
N ILE C 375 -64.14 21.23 4.60
CA ILE C 375 -65.40 21.78 5.15
C ILE C 375 -65.05 22.97 6.03
N LEU C 376 -65.57 24.15 5.68
CA LEU C 376 -65.30 25.36 6.42
C LEU C 376 -66.61 25.97 6.95
N VAL D 1 89.12 -43.51 35.59
CA VAL D 1 89.28 -44.26 34.31
C VAL D 1 89.31 -43.30 33.12
N GLN D 2 90.45 -42.65 32.91
CA GLN D 2 90.50 -41.46 32.05
C GLN D 2 91.19 -41.68 30.70
N PHE D 3 90.59 -41.16 29.63
CA PHE D 3 91.11 -41.31 28.27
C PHE D 3 92.05 -40.20 27.94
N ARG D 4 93.13 -40.50 27.22
CA ARG D 4 94.09 -39.43 27.00
C ARG D 4 93.71 -38.63 25.78
N GLY D 5 93.43 -37.34 26.03
CA GLY D 5 93.25 -36.32 24.99
C GLY D 5 93.71 -34.93 25.41
N GLY D 6 93.88 -34.03 24.45
CA GLY D 6 94.29 -32.66 24.72
C GLY D 6 93.36 -31.57 24.18
N THR D 7 93.91 -30.37 23.99
CA THR D 7 93.17 -29.22 23.47
C THR D 7 92.90 -29.36 21.97
N THR D 8 92.03 -28.49 21.46
CA THR D 8 91.71 -28.47 20.04
C THR D 8 92.98 -28.14 19.29
N ALA D 9 93.70 -27.14 19.81
CA ALA D 9 94.95 -26.68 19.22
C ALA D 9 95.88 -27.86 18.92
N GLN D 10 96.17 -28.68 19.92
CA GLN D 10 97.08 -29.81 19.70
C GLN D 10 96.47 -30.92 18.84
N HIS D 11 95.22 -31.27 19.11
CA HIS D 11 94.50 -32.25 18.29
C HIS D 11 94.72 -32.03 16.79
N ALA D 12 94.93 -30.77 16.40
CA ALA D 12 95.06 -30.37 14.99
C ALA D 12 96.17 -31.10 14.25
N THR D 13 97.30 -31.32 14.91
CA THR D 13 98.43 -32.03 14.29
C THR D 13 98.49 -33.52 14.66
N PHE D 14 97.80 -33.90 15.72
CA PHE D 14 97.78 -35.30 16.15
C PHE D 14 96.92 -36.20 15.25
N THR D 15 97.52 -37.27 14.73
CA THR D 15 96.76 -38.32 14.06
C THR D 15 96.72 -39.50 15.01
N GLY D 16 95.54 -39.82 15.51
CA GLY D 16 95.36 -41.02 16.33
C GLY D 16 95.45 -42.30 15.52
N ALA D 17 95.42 -43.43 16.20
CA ALA D 17 95.47 -44.72 15.53
C ALA D 17 94.06 -45.13 15.12
N ALA D 18 93.96 -45.98 14.09
CA ALA D 18 92.66 -46.49 13.64
C ALA D 18 91.85 -47.00 14.83
N ARG D 19 90.59 -46.56 14.89
CA ARG D 19 89.62 -46.94 15.94
C ARG D 19 89.99 -46.45 17.35
N GLU D 20 90.95 -45.53 17.43
CA GLU D 20 91.34 -44.90 18.70
C GLU D 20 90.48 -43.69 19.02
N ILE D 21 90.18 -43.51 20.30
CA ILE D 21 89.27 -42.46 20.77
C ILE D 21 89.94 -41.51 21.76
N THR D 22 89.93 -40.21 21.44
CA THR D 22 90.44 -39.20 22.38
C THR D 22 89.34 -38.22 22.82
N VAL D 23 89.64 -37.42 23.85
CA VAL D 23 88.75 -36.36 24.30
C VAL D 23 89.34 -35.01 23.91
N ASP D 24 88.52 -34.13 23.36
CA ASP D 24 88.91 -32.74 23.13
C ASP D 24 88.50 -31.94 24.34
N THR D 25 89.49 -31.35 25.02
CA THR D 25 89.30 -30.72 26.33
C THR D 25 88.62 -29.35 26.24
N ASP D 26 88.82 -28.68 25.10
CA ASP D 26 88.13 -27.43 24.82
C ASP D 26 86.69 -27.71 24.39
N LYS D 27 86.52 -28.48 23.32
CA LYS D 27 85.20 -28.83 22.79
C LYS D 27 84.34 -29.62 23.79
N ASN D 28 85.00 -30.28 24.74
CA ASN D 28 84.37 -31.23 25.65
C ASN D 28 83.56 -32.32 24.93
N THR D 29 84.15 -32.83 23.85
CA THR D 29 83.55 -33.90 23.04
C THR D 29 84.55 -35.02 22.79
N VAL D 30 84.08 -36.11 22.20
CA VAL D 30 84.92 -37.23 21.81
C VAL D 30 85.43 -37.02 20.39
N VAL D 31 86.66 -37.46 20.12
CA VAL D 31 87.18 -37.50 18.75
C VAL D 31 87.60 -38.92 18.34
N VAL D 32 87.10 -39.35 17.19
CA VAL D 32 87.39 -40.66 16.63
C VAL D 32 88.49 -40.55 15.58
N HIS D 33 89.41 -41.52 15.56
CA HIS D 33 90.52 -41.49 14.58
C HIS D 33 90.53 -42.70 13.65
N ASP D 34 91.33 -42.61 12.59
CA ASP D 34 91.37 -43.64 11.56
C ASP D 34 92.80 -44.04 11.24
N GLY D 35 93.75 -43.53 12.04
CA GLY D 35 95.18 -43.74 11.81
C GLY D 35 95.69 -43.05 10.56
N ALA D 36 94.86 -42.24 9.93
CA ALA D 36 95.26 -41.54 8.70
C ALA D 36 95.14 -40.01 8.79
N THR D 37 94.02 -39.51 9.31
CA THR D 37 93.72 -38.08 9.29
C THR D 37 94.13 -37.28 10.53
N ALA D 38 94.88 -36.20 10.29
CA ALA D 38 95.18 -35.20 11.30
C ALA D 38 93.88 -34.62 11.86
N GLY D 39 93.81 -34.47 13.18
CA GLY D 39 92.62 -33.92 13.84
C GLY D 39 91.57 -34.96 14.20
N GLY D 40 91.47 -36.03 13.39
CA GLY D 40 90.48 -37.08 13.62
C GLY D 40 89.08 -36.66 13.20
N PHE D 41 88.06 -37.19 13.87
CA PHE D 41 86.67 -36.93 13.52
C PHE D 41 85.83 -36.62 14.75
N PRO D 42 85.80 -35.33 15.15
CA PRO D 42 85.08 -34.94 16.36
C PRO D 42 83.58 -35.20 16.25
N LEU D 43 82.98 -35.64 17.34
CA LEU D 43 81.56 -35.90 17.40
C LEU D 43 80.80 -34.67 17.93
N ALA D 44 79.48 -34.68 17.74
CA ALA D 44 78.63 -33.54 18.09
C ALA D 44 78.09 -33.59 19.52
N ARG D 45 78.17 -32.46 20.22
CA ARG D 45 77.52 -32.33 21.53
C ARG D 45 76.01 -32.24 21.36
N HIS D 46 75.26 -32.65 22.38
CA HIS D 46 73.79 -32.67 22.24
C HIS D 46 73.17 -31.28 22.19
N ASP D 47 73.84 -30.30 22.78
CA ASP D 47 73.35 -28.93 22.76
C ASP D 47 73.14 -28.41 21.33
N LEU D 48 73.94 -28.87 20.38
CA LEU D 48 73.85 -28.37 19.01
C LEU D 48 72.73 -29.01 18.18
N VAL D 49 71.95 -29.88 18.80
CA VAL D 49 70.74 -30.45 18.18
C VAL D 49 69.50 -30.13 19.01
N LYS D 50 69.69 -29.33 20.06
CA LYS D 50 68.58 -28.94 20.90
C LYS D 50 67.51 -28.33 20.00
N THR D 51 66.27 -28.74 20.23
CA THR D 51 65.05 -28.34 19.47
C THR D 51 64.89 -28.89 18.05
N ALA D 52 65.72 -29.85 17.64
CA ALA D 52 65.56 -30.51 16.34
C ALA D 52 64.17 -31.11 16.14
N PHE D 53 63.79 -31.28 14.87
CA PHE D 53 62.44 -31.75 14.53
C PHE D 53 62.41 -32.28 13.10
N ILE D 54 62.66 -33.59 12.95
CA ILE D 54 62.73 -34.21 11.62
C ILE D 54 61.46 -34.96 11.29
N LYS D 55 60.83 -34.58 10.18
CA LYS D 55 59.63 -35.28 9.70
C LYS D 55 60.01 -36.20 8.56
N ALA D 56 59.32 -37.34 8.47
CA ALA D 56 59.54 -38.29 7.38
C ALA D 56 59.15 -37.66 6.05
N ASP D 57 58.13 -36.82 6.08
CA ASP D 57 57.66 -36.05 4.92
C ASP D 57 57.62 -34.54 5.23
N LYS D 58 58.46 -33.76 4.55
CA LYS D 58 58.62 -32.34 4.86
C LYS D 58 57.48 -31.47 4.33
N SER D 59 56.88 -31.93 3.23
CA SER D 59 55.86 -31.16 2.50
C SER D 59 54.43 -31.40 2.97
N ALA D 60 54.28 -32.25 3.98
CA ALA D 60 52.98 -32.52 4.56
C ALA D 60 53.08 -32.27 6.05
N VAL D 61 51.94 -32.03 6.69
CA VAL D 61 51.91 -31.78 8.12
C VAL D 61 52.38 -33.05 8.89
N ALA D 62 52.70 -32.87 10.17
CA ALA D 62 53.20 -33.97 11.00
C ALA D 62 52.12 -34.98 11.35
N PHE D 63 50.86 -34.58 11.23
CA PHE D 63 49.77 -35.36 11.79
C PHE D 63 48.75 -35.83 10.77
N THR D 64 47.92 -36.80 11.17
CA THR D 64 46.82 -37.28 10.34
C THR D 64 45.52 -37.34 11.15
N ARG D 65 44.44 -36.82 10.55
CA ARG D 65 43.11 -36.99 11.12
C ARG D 65 42.65 -38.42 10.87
N THR D 66 42.23 -39.11 11.92
CA THR D 66 41.85 -40.52 11.79
C THR D 66 40.36 -40.75 12.02
N GLY D 67 39.71 -39.76 12.64
CA GLY D 67 38.26 -39.77 12.85
C GLY D 67 37.77 -38.38 13.17
N ASN D 68 36.52 -38.27 13.57
CA ASN D 68 35.95 -36.99 13.94
C ASN D 68 36.65 -36.33 15.13
N ALA D 69 37.15 -37.13 16.06
CA ALA D 69 37.85 -36.61 17.25
C ALA D 69 39.11 -37.41 17.61
N THR D 70 39.71 -38.03 16.59
CA THR D 70 40.92 -38.81 16.77
C THR D 70 41.98 -38.43 15.73
N ALA D 71 43.24 -38.41 16.18
CA ALA D 71 44.37 -38.00 15.36
C ALA D 71 45.66 -38.71 15.73
N SER D 72 46.48 -38.97 14.71
CA SER D 72 47.74 -39.66 14.85
C SER D 72 48.93 -38.77 14.47
N ILE D 73 50.09 -39.07 15.02
CA ILE D 73 51.34 -38.47 14.56
C ILE D 73 52.01 -39.43 13.56
N LYS D 74 52.41 -38.93 12.40
CA LYS D 74 52.92 -39.77 11.32
C LYS D 74 54.21 -40.50 11.68
N ALA D 75 54.32 -41.74 11.22
CA ALA D 75 55.50 -42.57 11.47
C ALA D 75 56.74 -41.94 10.85
N GLY D 76 57.84 -41.91 11.61
CA GLY D 76 59.12 -41.36 11.12
C GLY D 76 59.45 -39.96 11.61
N THR D 77 58.82 -39.57 12.71
CA THR D 77 58.93 -38.22 13.23
C THR D 77 59.81 -38.23 14.46
N ILE D 78 60.98 -37.61 14.33
CA ILE D 78 61.98 -37.60 15.39
C ILE D 78 61.92 -36.24 16.08
N VAL D 79 61.86 -36.23 17.41
CA VAL D 79 61.65 -34.99 18.17
C VAL D 79 62.58 -34.81 19.39
N GLU D 80 63.49 -33.83 19.33
CA GLU D 80 64.30 -33.47 20.50
C GLU D 80 63.40 -32.82 21.53
N VAL D 81 63.49 -33.29 22.77
CA VAL D 81 62.74 -32.70 23.88
C VAL D 81 63.44 -32.97 25.21
N ASN D 82 63.69 -31.92 25.98
CA ASN D 82 64.32 -31.99 27.30
C ASN D 82 65.60 -32.86 27.36
N GLY D 83 66.44 -32.72 26.32
CA GLY D 83 67.70 -33.46 26.23
C GLY D 83 67.59 -34.89 25.74
N LYS D 84 66.34 -35.36 25.57
CA LYS D 84 66.08 -36.74 25.17
C LYS D 84 65.58 -36.81 23.74
N LEU D 85 65.84 -37.94 23.07
CA LEU D 85 65.34 -38.19 21.73
C LEU D 85 64.03 -38.96 21.82
N VAL D 86 63.01 -38.54 21.07
CA VAL D 86 61.72 -39.24 21.03
C VAL D 86 61.29 -39.43 19.57
N GLN D 87 61.03 -40.68 19.18
CA GLN D 87 60.59 -40.94 17.81
C GLN D 87 59.47 -41.97 17.71
N PHE D 88 58.71 -41.88 16.62
CA PHE D 88 57.53 -42.70 16.45
C PHE D 88 57.74 -43.58 15.24
N THR D 89 57.96 -44.86 15.51
CA THR D 89 58.35 -45.83 14.47
C THR D 89 57.14 -46.37 13.71
N ALA D 90 55.94 -46.07 14.22
CA ALA D 90 54.69 -46.26 13.50
C ALA D 90 53.74 -45.14 13.90
N ASP D 91 52.75 -44.87 13.05
CA ASP D 91 51.69 -43.91 13.38
C ASP D 91 51.18 -44.12 14.79
N THR D 92 50.97 -43.04 15.52
CA THR D 92 50.66 -43.14 16.93
C THR D 92 49.51 -42.24 17.31
N ALA D 93 48.52 -42.82 17.97
CA ALA D 93 47.36 -42.07 18.45
C ALA D 93 47.79 -40.96 19.43
N ILE D 94 47.12 -39.83 19.32
CA ILE D 94 47.34 -38.70 20.21
C ILE D 94 46.25 -38.69 21.27
N THR D 95 46.63 -38.71 22.53
CA THR D 95 45.67 -38.65 23.63
C THR D 95 44.95 -37.31 23.60
N MET D 96 43.61 -37.36 23.64
CA MET D 96 42.76 -36.17 23.60
C MET D 96 42.19 -35.83 24.96
N PRO D 97 41.92 -34.55 25.22
CA PRO D 97 41.12 -34.24 26.38
C PRO D 97 39.65 -34.12 25.98
N ALA D 98 38.88 -33.40 26.79
CA ALA D 98 37.55 -32.94 26.42
C ALA D 98 37.68 -32.01 25.21
N LEU D 99 36.86 -32.25 24.19
CA LEU D 99 36.87 -31.44 22.97
C LEU D 99 35.60 -30.59 22.76
N THR D 100 35.70 -29.30 23.09
CA THR D 100 34.64 -28.33 22.79
C THR D 100 34.69 -27.85 21.33
N ALA D 101 33.52 -27.81 20.70
CA ALA D 101 33.37 -27.23 19.37
C ALA D 101 33.86 -25.78 19.37
N GLY D 102 34.59 -25.41 18.32
CA GLY D 102 35.14 -24.08 18.17
C GLY D 102 36.26 -23.74 19.14
N THR D 103 37.11 -24.71 19.45
CA THR D 103 38.29 -24.47 20.29
C THR D 103 39.56 -24.91 19.56
N ASP D 104 40.65 -24.22 19.83
CA ASP D 104 41.97 -24.55 19.28
C ASP D 104 42.77 -25.41 20.25
N TYR D 105 43.56 -26.33 19.70
CA TYR D 105 44.33 -27.26 20.51
C TYR D 105 45.79 -27.34 20.08
N ALA D 106 46.67 -27.49 21.08
CA ALA D 106 48.09 -27.68 20.84
C ALA D 106 48.45 -29.16 21.01
N ILE D 107 49.29 -29.67 20.12
CA ILE D 107 49.79 -31.03 20.24
C ILE D 107 51.18 -31.02 20.87
N TYR D 108 51.34 -31.79 21.96
CA TYR D 108 52.62 -31.89 22.65
C TYR D 108 53.31 -33.25 22.48
N VAL D 109 54.63 -33.22 22.52
CA VAL D 109 55.46 -34.42 22.58
C VAL D 109 56.25 -34.32 23.87
N CYS D 110 56.16 -35.37 24.71
CA CYS D 110 56.71 -35.35 26.07
C CYS D 110 58.01 -36.16 26.19
N ASP D 111 58.80 -35.84 27.22
CA ASP D 111 60.07 -36.53 27.45
C ASP D 111 59.89 -37.99 27.90
N ASP D 112 58.65 -38.36 28.21
CA ASP D 112 58.33 -39.77 28.48
C ASP D 112 57.89 -40.54 27.23
N GLY D 113 57.95 -39.88 26.07
CA GLY D 113 57.75 -40.55 24.78
C GLY D 113 56.31 -40.65 24.29
N THR D 114 55.38 -40.09 25.06
CA THR D 114 53.96 -40.05 24.68
C THR D 114 53.65 -38.76 23.92
N VAL D 115 52.62 -38.81 23.08
CA VAL D 115 52.14 -37.64 22.33
C VAL D 115 50.69 -37.30 22.73
N ARG D 116 50.49 -36.13 23.32
CA ARG D 116 49.17 -35.74 23.82
C ARG D 116 48.73 -34.35 23.36
N ALA D 117 47.42 -34.11 23.37
CA ALA D 117 46.85 -32.80 23.01
C ALA D 117 46.20 -32.12 24.21
N ASP D 118 46.07 -30.80 24.14
CA ASP D 118 45.57 -30.03 25.25
C ASP D 118 45.10 -28.65 24.80
N SER D 119 44.16 -28.08 25.54
CA SER D 119 43.68 -26.74 25.26
C SER D 119 44.68 -25.68 25.69
N ASN D 120 45.53 -26.01 26.66
CA ASN D 120 46.51 -25.05 27.16
C ASN D 120 47.70 -24.96 26.22
N PHE D 121 48.06 -23.73 25.85
CA PHE D 121 49.14 -23.51 24.90
C PHE D 121 50.54 -23.32 25.50
N SER D 122 50.63 -23.35 26.84
CA SER D 122 51.90 -23.33 27.56
C SER D 122 52.42 -24.73 27.81
N ALA D 123 51.60 -25.55 28.46
CA ALA D 123 51.95 -26.94 28.80
C ALA D 123 50.69 -27.79 28.92
N PRO D 124 50.77 -29.09 28.58
CA PRO D 124 49.62 -29.96 28.72
C PRO D 124 49.41 -30.29 30.18
N THR D 125 48.35 -31.04 30.47
CA THR D 125 47.96 -31.31 31.85
C THR D 125 48.89 -32.33 32.55
N GLY D 126 49.40 -31.92 33.71
CA GLY D 126 50.34 -32.74 34.48
C GLY D 126 51.77 -32.76 33.96
N TYR D 127 52.17 -31.67 33.27
CA TYR D 127 53.53 -31.53 32.77
C TYR D 127 53.97 -30.08 32.90
N THR D 128 55.20 -29.78 32.46
CA THR D 128 55.63 -28.39 32.28
C THR D 128 56.11 -28.19 30.85
N SER D 129 56.40 -26.94 30.51
CA SER D 129 56.96 -26.60 29.20
C SER D 129 58.35 -27.22 29.01
N THR D 130 58.96 -27.67 30.10
CA THR D 130 60.20 -28.42 30.07
C THR D 130 59.98 -29.90 29.69
N THR D 131 59.07 -30.56 30.41
CA THR D 131 58.82 -31.99 30.21
C THR D 131 58.01 -32.31 28.95
N ALA D 132 57.31 -31.31 28.43
CA ALA D 132 56.53 -31.46 27.20
C ALA D 132 56.82 -30.32 26.23
N ARG D 133 56.98 -30.67 24.96
CA ARG D 133 57.30 -29.71 23.92
C ARG D 133 56.15 -29.57 22.94
N LYS D 134 55.60 -28.37 22.83
CA LYS D 134 54.59 -28.04 21.82
C LYS D 134 55.18 -28.16 20.42
N VAL D 135 54.50 -28.90 19.56
CA VAL D 135 55.01 -29.17 18.21
C VAL D 135 54.01 -28.84 17.10
N GLY D 136 52.74 -28.70 17.46
CA GLY D 136 51.71 -28.46 16.47
C GLY D 136 50.37 -28.12 17.07
N GLY D 137 49.31 -28.31 16.28
CA GLY D 137 47.96 -28.05 16.74
C GLY D 137 46.89 -28.10 15.67
N PHE D 138 45.65 -27.82 16.09
CA PHE D 138 44.50 -27.91 15.21
C PHE D 138 43.31 -27.18 15.80
N HIS D 139 42.25 -27.08 15.00
CA HIS D 139 40.98 -26.51 15.41
C HIS D 139 39.88 -27.56 15.41
N TYR D 140 39.10 -27.57 16.50
CA TYR D 140 37.95 -28.45 16.62
C TYR D 140 36.70 -27.67 16.21
N ALA D 141 36.39 -27.72 14.91
CA ALA D 141 35.33 -26.93 14.30
C ALA D 141 33.95 -27.36 14.77
N PRO D 142 32.99 -26.41 14.83
CA PRO D 142 31.59 -26.72 15.17
C PRO D 142 30.85 -27.48 14.07
N GLY D 143 31.37 -27.49 12.85
CA GLY D 143 30.75 -28.24 11.75
C GLY D 143 31.77 -28.78 10.76
N SER D 144 31.31 -29.64 9.84
CA SER D 144 32.20 -30.26 8.85
C SER D 144 32.60 -29.32 7.72
N ASN D 145 33.69 -29.68 7.04
CA ASN D 145 34.13 -28.98 5.84
C ASN D 145 33.22 -29.33 4.69
N ALA D 146 33.08 -28.40 3.76
CA ALA D 146 32.23 -28.60 2.60
C ALA D 146 32.66 -29.79 1.75
N ALA D 147 31.85 -30.84 1.79
CA ALA D 147 32.03 -32.00 0.93
C ALA D 147 31.73 -31.62 -0.52
N ALA D 148 30.75 -30.74 -0.71
CA ALA D 148 30.33 -30.32 -2.05
C ALA D 148 30.50 -28.80 -2.15
N GLN D 149 29.60 -28.15 -2.88
CA GLN D 149 29.51 -26.70 -2.86
C GLN D 149 28.26 -26.28 -2.09
N ALA D 150 27.95 -27.03 -1.03
CA ALA D 150 26.72 -26.84 -0.27
C ALA D 150 26.98 -26.51 1.21
N GLY D 151 28.23 -26.27 1.55
CA GLY D 151 28.59 -26.03 2.94
C GLY D 151 28.75 -27.35 3.68
N GLY D 152 28.70 -27.31 5.00
CA GLY D 152 28.91 -28.51 5.81
C GLY D 152 27.89 -28.64 6.93
N ASN D 153 27.93 -29.76 7.65
CA ASN D 153 26.97 -30.00 8.73
C ASN D 153 27.31 -29.22 10.01
N THR D 154 26.75 -29.67 11.14
CA THR D 154 27.13 -29.05 12.42
C THR D 154 27.57 -30.08 13.47
N THR D 155 28.13 -31.19 13.00
CA THR D 155 28.83 -32.11 13.89
C THR D 155 30.23 -31.57 14.15
N ALA D 156 30.48 -31.18 15.41
CA ALA D 156 31.78 -30.66 15.81
C ALA D 156 32.89 -31.69 15.58
N GLN D 157 33.86 -31.34 14.75
CA GLN D 157 34.94 -32.26 14.39
C GLN D 157 36.28 -31.55 14.16
N ILE D 158 37.34 -32.34 13.99
CA ILE D 158 38.66 -31.81 13.66
C ILE D 158 38.66 -31.39 12.19
N ASN D 159 39.00 -30.13 11.94
CA ASN D 159 39.23 -29.66 10.58
C ASN D 159 40.60 -30.15 10.14
N GLU D 160 40.62 -31.11 9.23
CA GLU D 160 41.87 -31.70 8.80
C GLU D 160 42.88 -30.66 8.32
N TYR D 161 42.41 -29.60 7.66
CA TYR D 161 43.30 -28.55 7.14
C TYR D 161 43.80 -27.54 8.19
N SER D 162 43.29 -27.63 9.41
CA SER D 162 43.74 -26.74 10.47
C SER D 162 44.92 -27.35 11.22
N LEU D 163 45.32 -28.57 10.84
CA LEU D 163 46.49 -29.20 11.42
C LEU D 163 47.75 -28.46 11.01
N TRP D 164 48.45 -27.91 11.99
CA TRP D 164 49.73 -27.25 11.76
C TRP D 164 50.82 -27.83 12.67
N ASP D 165 52.04 -27.92 12.16
CA ASP D 165 53.22 -28.19 12.99
C ASP D 165 54.26 -27.08 12.82
N ILE D 166 55.33 -27.12 13.63
CA ILE D 166 56.28 -26.00 13.69
C ILE D 166 57.09 -25.75 12.43
N LYS D 167 57.09 -26.69 11.50
CA LYS D 167 57.75 -26.50 10.20
C LYS D 167 56.77 -26.63 9.02
N PHE D 168 55.49 -26.37 9.32
CA PHE D 168 54.37 -26.48 8.38
C PHE D 168 53.22 -25.74 9.02
N ARG D 169 53.20 -24.43 8.86
CA ARG D 169 52.36 -23.56 9.67
C ARG D 169 52.06 -22.22 8.99
N PRO D 170 51.02 -21.51 9.48
CA PRO D 170 50.83 -20.10 9.15
C PRO D 170 52.08 -19.26 9.39
N ALA D 171 52.41 -18.41 8.42
CA ALA D 171 53.50 -17.45 8.54
C ALA D 171 53.24 -16.43 9.63
N ALA D 172 51.97 -16.22 9.98
CA ALA D 172 51.60 -15.28 11.02
C ALA D 172 52.15 -15.69 12.39
N LEU D 173 52.28 -14.68 13.25
CA LEU D 173 52.84 -14.81 14.59
C LEU D 173 52.15 -15.93 15.39
N ASP D 174 50.82 -15.89 15.49
CA ASP D 174 50.04 -16.92 16.21
C ASP D 174 49.21 -17.77 15.22
N PRO D 175 49.44 -19.10 15.20
CA PRO D 175 48.85 -20.00 14.21
C PRO D 175 47.38 -20.38 14.43
N ARG D 176 46.81 -20.00 15.56
CA ARG D 176 45.48 -20.48 15.95
C ARG D 176 44.30 -19.99 15.13
N GLY D 177 43.35 -20.90 14.91
CA GLY D 177 42.09 -20.58 14.26
C GLY D 177 42.25 -20.30 12.78
N MET D 178 43.21 -20.95 12.14
CA MET D 178 43.41 -20.81 10.70
C MET D 178 43.40 -22.14 9.98
N THR D 179 43.23 -22.10 8.66
CA THR D 179 43.15 -23.32 7.88
C THR D 179 43.93 -23.20 6.59
N LEU D 180 44.54 -24.30 6.18
CA LEU D 180 45.34 -24.32 4.99
C LEU D 180 44.49 -24.54 3.74
N VAL D 181 44.31 -23.44 3.00
CA VAL D 181 43.55 -23.41 1.77
C VAL D 181 44.39 -23.95 0.60
N ALA D 182 43.98 -25.09 0.05
CA ALA D 182 44.52 -25.67 -1.19
C ALA D 182 46.00 -26.09 -1.11
N GLY D 183 46.56 -26.04 0.09
CA GLY D 183 48.00 -26.22 0.29
C GLY D 183 48.82 -25.00 -0.07
N ALA D 184 48.15 -23.91 -0.47
CA ALA D 184 48.83 -22.71 -0.96
C ALA D 184 49.02 -21.61 0.09
N PHE D 185 48.03 -21.37 0.93
CA PHE D 185 48.14 -20.33 1.96
C PHE D 185 47.15 -20.59 3.09
N TRP D 186 47.17 -19.74 4.10
CA TRP D 186 46.29 -19.89 5.25
C TRP D 186 45.24 -18.78 5.33
N ALA D 187 44.03 -19.15 5.72
CA ALA D 187 42.96 -18.20 5.94
C ALA D 187 42.41 -18.35 7.34
N ASP D 188 42.07 -17.22 7.96
CA ASP D 188 41.31 -17.19 9.20
C ASP D 188 40.03 -18.00 9.05
N ILE D 189 39.75 -18.89 10.00
CA ILE D 189 38.49 -19.66 9.97
C ILE D 189 37.30 -18.71 10.16
N TYR D 190 37.38 -17.83 11.15
CA TYR D 190 36.31 -16.88 11.48
C TYR D 190 36.67 -15.44 11.11
N LEU D 191 35.65 -14.68 10.71
CA LEU D 191 35.78 -13.23 10.48
C LEU D 191 36.31 -12.52 11.72
N LEU D 192 37.12 -11.47 11.50
CA LEU D 192 37.78 -10.74 12.58
C LEU D 192 36.82 -10.28 13.66
N GLY D 193 37.12 -10.62 14.90
CA GLY D 193 36.31 -10.20 16.04
C GLY D 193 36.70 -8.83 16.55
N VAL D 194 35.83 -8.23 17.36
CA VAL D 194 36.10 -6.92 17.97
C VAL D 194 37.25 -7.05 18.97
N ASN D 195 37.23 -8.16 19.69
CA ASN D 195 38.15 -8.36 20.79
C ASN D 195 39.48 -9.05 20.44
N HIS D 196 39.83 -8.98 19.15
CA HIS D 196 41.03 -9.58 18.58
C HIS D 196 42.32 -9.39 19.38
N LEU D 197 42.45 -8.27 20.09
CA LEU D 197 43.64 -8.01 20.92
C LEU D 197 43.86 -9.08 21.97
N THR D 198 42.82 -9.84 22.30
CA THR D 198 42.94 -10.87 23.31
C THR D 198 42.51 -12.24 22.79
N ASP D 199 41.78 -12.26 21.68
CA ASP D 199 41.29 -13.51 21.10
C ASP D 199 42.07 -13.96 19.87
N GLY D 200 42.93 -13.09 19.37
CA GLY D 200 43.53 -13.31 18.05
C GLY D 200 42.50 -12.93 17.00
N THR D 201 42.90 -12.86 15.75
CA THR D 201 41.98 -12.41 14.71
C THR D 201 40.88 -13.43 14.39
N SER D 202 41.04 -14.68 14.82
CA SER D 202 40.10 -15.72 14.39
C SER D 202 39.59 -16.63 15.50
N LYS D 203 38.53 -16.19 16.18
CA LYS D 203 37.92 -16.97 17.26
C LYS D 203 36.46 -17.30 16.98
N TYR D 204 36.04 -18.46 17.49
CA TYR D 204 34.66 -18.92 17.39
C TYR D 204 33.81 -18.26 18.46
N ASN D 205 32.65 -17.77 18.02
CA ASN D 205 31.61 -17.23 18.91
C ASN D 205 32.02 -15.93 19.62
N VAL D 206 32.17 -14.87 18.86
CA VAL D 206 32.49 -13.55 19.43
C VAL D 206 31.83 -12.48 18.56
N THR D 207 31.70 -11.27 19.10
CA THR D 207 31.21 -10.14 18.32
C THR D 207 32.15 -9.87 17.13
N ILE D 208 31.56 -9.83 15.94
CA ILE D 208 32.25 -9.56 14.69
C ILE D 208 32.44 -8.06 14.53
N ALA D 209 33.62 -7.65 14.09
CA ALA D 209 33.90 -6.24 13.89
C ALA D 209 33.34 -5.75 12.57
N ASP D 210 32.64 -4.62 12.63
CA ASP D 210 32.05 -3.95 11.46
C ASP D 210 32.18 -2.44 11.63
N GLY D 211 31.55 -1.68 10.74
CA GLY D 211 31.50 -0.22 10.86
C GLY D 211 30.99 0.23 12.23
N SER D 212 30.00 -0.48 12.75
CA SER D 212 29.37 -0.13 14.02
C SER D 212 30.24 -0.54 15.22
N ALA D 213 30.33 -1.86 15.46
CA ALA D 213 31.23 -2.42 16.45
C ALA D 213 32.63 -2.57 15.84
N SER D 214 33.34 -1.45 15.80
CA SER D 214 34.68 -1.42 15.24
C SER D 214 35.67 -2.15 16.16
N PRO D 215 36.79 -2.66 15.59
CA PRO D 215 37.76 -3.47 16.34
C PRO D 215 38.51 -2.65 17.36
N LYS D 216 38.87 -3.26 18.50
CA LYS D 216 39.71 -2.59 19.48
C LYS D 216 40.96 -2.09 18.74
N LYS D 217 41.36 -0.86 19.03
CA LYS D 217 42.48 -0.21 18.36
C LYS D 217 43.80 -0.94 18.63
N SER D 218 44.57 -1.18 17.57
CA SER D 218 45.84 -1.92 17.64
C SER D 218 46.88 -1.26 18.54
N THR D 219 47.45 -2.04 19.45
CA THR D 219 48.40 -1.53 20.44
C THR D 219 49.78 -1.28 19.83
N LYS D 220 50.01 -1.82 18.63
CA LYS D 220 51.24 -1.53 17.90
C LYS D 220 51.20 -0.14 17.25
N PHE D 221 50.00 0.41 17.07
CA PHE D 221 49.84 1.72 16.42
C PHE D 221 49.01 2.73 17.25
N GLY D 222 49.30 2.86 18.54
CA GLY D 222 48.63 3.86 19.37
C GLY D 222 47.59 3.32 20.34
N GLY D 223 46.88 2.26 19.97
CA GLY D 223 45.85 1.66 20.83
C GLY D 223 46.34 1.43 22.25
N ASP D 224 45.47 1.69 23.23
CA ASP D 224 45.85 1.55 24.63
C ASP D 224 45.45 0.21 25.25
N GLY D 225 44.49 -0.48 24.66
CA GLY D 225 44.09 -1.78 25.20
C GLY D 225 42.62 -2.06 25.09
N SER D 226 41.80 -1.04 25.38
CA SER D 226 40.34 -1.17 25.22
C SER D 226 39.73 -0.23 24.17
N ALA D 227 40.26 1.01 24.07
CA ALA D 227 39.81 2.00 23.07
C ALA D 227 39.69 1.41 21.66
N ALA D 228 38.52 1.56 21.03
CA ALA D 228 38.29 1.03 19.70
C ALA D 228 38.46 2.12 18.64
N TYR D 229 38.56 1.71 17.37
CA TYR D 229 38.60 2.66 16.27
C TYR D 229 37.24 3.36 16.18
N SER D 230 37.22 4.61 15.74
CA SER D 230 35.96 5.35 15.71
C SER D 230 35.00 4.87 14.60
N ASP D 231 35.54 4.31 13.52
CA ASP D 231 34.69 3.72 12.50
C ASP D 231 35.28 2.40 12.00
N GLY D 232 34.77 1.88 10.89
CA GLY D 232 35.26 0.64 10.32
C GLY D 232 35.85 0.79 8.92
N ALA D 233 36.74 1.75 8.76
CA ALA D 233 37.38 2.04 7.47
C ALA D 233 38.26 0.87 7.01
N TRP D 234 38.53 0.81 5.71
CA TRP D 234 39.52 -0.14 5.20
C TRP D 234 40.87 0.06 5.90
N TYR D 235 41.26 1.31 6.11
CA TYR D 235 42.49 1.63 6.82
C TYR D 235 42.59 0.93 8.17
N ASN D 236 41.49 0.94 8.92
CA ASN D 236 41.52 0.35 10.26
C ASN D 236 41.66 -1.15 10.25
N PHE D 237 40.97 -1.80 9.33
CA PHE D 237 41.02 -3.25 9.26
C PHE D 237 42.38 -3.74 8.77
N ALA D 238 42.95 -3.02 7.81
CA ALA D 238 44.28 -3.32 7.30
C ALA D 238 45.32 -3.15 8.40
N GLU D 239 45.21 -2.08 9.18
CA GLU D 239 46.07 -1.84 10.33
C GLU D 239 46.03 -3.01 11.32
N VAL D 240 44.83 -3.49 11.63
CA VAL D 240 44.66 -4.59 12.57
C VAL D 240 45.34 -5.88 12.08
N MET D 241 45.17 -6.20 10.80
CA MET D 241 45.77 -7.41 10.23
C MET D 241 47.31 -7.39 10.29
N THR D 242 47.91 -6.23 10.03
CA THR D 242 49.36 -6.05 10.12
C THR D 242 49.84 -6.40 11.53
N HIS D 243 49.13 -5.88 12.52
CA HIS D 243 49.42 -6.14 13.91
C HIS D 243 49.50 -7.64 14.22
N HIS D 244 48.82 -8.47 13.45
CA HIS D 244 48.90 -9.91 13.70
C HIS D 244 49.71 -10.64 12.65
N GLY D 245 50.47 -9.87 11.88
CA GLY D 245 51.26 -10.42 10.78
C GLY D 245 50.36 -11.11 9.77
N LYS D 246 49.24 -10.47 9.46
CA LYS D 246 48.33 -10.96 8.43
C LYS D 246 48.02 -9.83 7.46
N ARG D 247 47.32 -10.18 6.39
CA ARG D 247 46.85 -9.19 5.44
C ARG D 247 45.40 -9.50 5.03
N LEU D 248 44.73 -8.53 4.41
CA LEU D 248 43.43 -8.76 3.80
C LEU D 248 43.55 -9.61 2.51
N PRO D 249 42.48 -10.32 2.12
CA PRO D 249 42.61 -11.23 0.98
C PRO D 249 42.63 -10.48 -0.34
N ASN D 250 43.29 -11.05 -1.33
CA ASN D 250 43.13 -10.58 -2.68
C ASN D 250 42.15 -11.48 -3.39
N TYR D 251 41.84 -11.16 -4.64
CA TYR D 251 40.81 -11.88 -5.36
C TYR D 251 41.15 -13.36 -5.44
N ASN D 252 42.33 -13.67 -5.99
CA ASN D 252 42.79 -15.06 -6.17
C ASN D 252 42.74 -15.89 -4.89
N GLU D 253 43.11 -15.24 -3.78
CA GLU D 253 43.07 -15.84 -2.45
C GLU D 253 41.64 -16.07 -2.02
N PHE D 254 40.79 -15.06 -2.22
CA PHE D 254 39.39 -15.16 -1.83
C PHE D 254 38.65 -16.27 -2.56
N GLN D 255 38.70 -16.24 -3.88
CA GLN D 255 37.98 -17.19 -4.71
C GLN D 255 38.38 -18.63 -4.39
N ALA D 256 39.57 -18.78 -3.83
CA ALA D 256 40.05 -20.08 -3.44
C ALA D 256 39.59 -20.40 -2.02
N LEU D 257 39.88 -19.51 -1.07
CA LEU D 257 39.55 -19.76 0.34
C LEU D 257 38.08 -20.06 0.59
N ALA D 258 37.20 -19.40 -0.17
CA ALA D 258 35.75 -19.48 0.04
C ALA D 258 35.05 -20.53 -0.83
N PHE D 259 35.80 -21.20 -1.71
CA PHE D 259 35.24 -22.27 -2.53
C PHE D 259 34.61 -23.35 -1.66
N GLY D 260 33.47 -23.87 -2.10
CA GLY D 260 32.73 -24.88 -1.33
C GLY D 260 31.57 -24.32 -0.52
N THR D 261 31.51 -23.00 -0.39
CA THR D 261 30.32 -22.34 0.13
C THR D 261 29.18 -22.51 -0.88
N THR D 262 27.94 -22.32 -0.42
CA THR D 262 26.78 -22.28 -1.31
C THR D 262 26.73 -20.93 -2.02
N GLU D 263 26.86 -20.98 -3.35
CA GLU D 263 26.97 -19.77 -4.16
C GLU D 263 25.60 -19.08 -4.37
N ALA D 264 25.63 -17.79 -4.69
CA ALA D 264 24.42 -16.98 -4.92
C ALA D 264 23.39 -17.09 -3.81
N THR D 265 23.85 -17.22 -2.57
CA THR D 265 22.97 -17.33 -1.42
C THR D 265 23.48 -16.38 -0.34
N SER D 266 22.58 -15.90 0.50
CA SER D 266 22.99 -15.04 1.61
C SER D 266 22.38 -15.51 2.91
N SER D 267 22.88 -14.97 4.01
CA SER D 267 22.38 -15.32 5.34
C SER D 267 20.89 -14.92 5.49
N GLY D 268 20.54 -13.75 4.94
CA GLY D 268 19.20 -13.19 5.16
C GLY D 268 19.12 -12.58 6.55
N GLY D 269 17.96 -12.07 6.90
CA GLY D 269 17.76 -11.48 8.23
C GLY D 269 18.26 -10.06 8.32
N THR D 270 18.55 -9.60 9.52
CA THR D 270 18.87 -8.19 9.75
C THR D 270 20.34 -7.92 10.10
N ASP D 271 21.09 -8.99 10.37
CA ASP D 271 22.45 -8.90 10.94
C ASP D 271 23.12 -10.26 11.06
N VAL D 272 24.46 -10.27 11.02
CA VAL D 272 25.27 -11.40 11.50
C VAL D 272 26.25 -10.86 12.54
N PRO D 273 25.90 -10.96 13.84
CA PRO D 273 26.67 -10.28 14.88
C PRO D 273 27.79 -11.13 15.48
N THR D 274 27.66 -12.46 15.39
CA THR D 274 28.55 -13.39 16.08
C THR D 274 29.04 -14.50 15.15
N THR D 275 30.28 -14.93 15.36
CA THR D 275 30.95 -15.90 14.48
C THR D 275 30.50 -17.34 14.64
N GLY D 276 30.21 -17.98 13.50
CA GLY D 276 29.87 -19.41 13.47
C GLY D 276 28.50 -19.76 14.02
N VAL D 277 27.69 -18.73 14.28
CA VAL D 277 26.32 -18.87 14.71
C VAL D 277 25.41 -18.37 13.59
N ASN D 278 24.12 -18.63 13.71
CA ASN D 278 23.12 -18.07 12.81
C ASN D 278 22.89 -16.59 13.05
N GLY D 279 22.64 -15.85 11.97
CA GLY D 279 22.42 -14.41 12.06
C GLY D 279 21.04 -14.04 12.59
N THR D 280 20.92 -12.80 13.08
CA THR D 280 19.64 -12.27 13.59
C THR D 280 18.56 -12.24 12.50
N GLY D 281 17.80 -13.32 12.42
CA GLY D 281 16.71 -13.44 11.47
C GLY D 281 17.12 -14.24 10.27
N ALA D 282 18.36 -14.72 10.29
CA ALA D 282 18.93 -15.49 9.17
C ALA D 282 17.94 -16.51 8.62
N THR D 283 17.81 -16.57 7.31
CA THR D 283 16.86 -17.47 6.68
C THR D 283 17.53 -18.77 6.22
N SER D 284 18.86 -18.75 6.10
CA SER D 284 19.63 -20.01 6.00
C SER D 284 20.73 -20.09 7.07
N ALA D 285 21.07 -21.33 7.45
CA ALA D 285 22.00 -21.57 8.55
C ALA D 285 23.44 -21.26 8.16
N TRP D 286 24.26 -20.95 9.18
CA TRP D 286 25.64 -20.53 9.01
C TRP D 286 26.48 -21.57 8.25
N ASN D 287 26.19 -22.84 8.49
CA ASN D 287 26.95 -23.94 7.92
C ASN D 287 26.76 -24.15 6.42
N ILE D 288 25.78 -23.46 5.85
CA ILE D 288 25.57 -23.42 4.40
C ILE D 288 26.72 -22.65 3.75
N PHE D 289 27.32 -21.75 4.54
CA PHE D 289 28.47 -20.93 4.13
C PHE D 289 29.79 -21.37 4.79
N THR D 290 30.04 -22.67 4.77
CA THR D 290 31.30 -23.23 5.24
C THR D 290 32.04 -23.75 4.00
N SER D 291 33.28 -23.29 3.82
CA SER D 291 34.05 -23.56 2.59
C SER D 291 34.65 -24.96 2.61
N LYS D 292 35.22 -25.38 1.48
CA LYS D 292 35.86 -26.70 1.40
C LYS D 292 36.89 -26.92 2.50
N TRP D 293 37.49 -25.83 2.97
CA TRP D 293 38.57 -25.92 3.94
C TRP D 293 38.16 -25.48 5.33
N GLY D 294 36.87 -25.35 5.56
CA GLY D 294 36.37 -25.06 6.90
C GLY D 294 36.44 -23.59 7.25
N VAL D 295 36.50 -22.73 6.25
CA VAL D 295 36.31 -21.31 6.50
C VAL D 295 34.83 -21.08 6.84
N VAL D 296 34.60 -20.52 8.02
CA VAL D 296 33.27 -20.40 8.60
C VAL D 296 32.67 -19.03 8.29
N GLN D 297 31.52 -19.08 7.62
CA GLN D 297 30.82 -17.91 7.07
C GLN D 297 31.56 -17.32 5.88
N ALA D 298 32.03 -18.22 5.00
CA ALA D 298 32.89 -17.88 3.88
C ALA D 298 32.35 -16.78 2.98
N SER D 299 31.03 -16.77 2.80
CA SER D 299 30.39 -15.82 1.90
C SER D 299 29.01 -15.45 2.38
N GLY D 300 28.51 -14.32 1.91
CA GLY D 300 27.13 -13.91 2.14
C GLY D 300 26.74 -13.70 3.58
N CYS D 301 27.68 -13.30 4.43
CA CYS D 301 27.35 -12.91 5.79
C CYS D 301 27.85 -11.51 6.05
N LEU D 302 29.16 -11.31 5.89
CA LEU D 302 29.74 -9.99 5.82
C LEU D 302 30.70 -9.92 4.67
N TRP D 303 30.74 -8.77 4.01
CA TRP D 303 31.78 -8.49 3.05
C TRP D 303 33.12 -8.46 3.81
N THR D 304 34.15 -9.06 3.22
CA THR D 304 35.50 -8.80 3.71
C THR D 304 36.16 -7.74 2.85
N TRP D 305 36.84 -6.81 3.51
CA TRP D 305 37.70 -5.87 2.81
C TRP D 305 38.80 -6.66 2.09
N GLY D 306 39.27 -6.13 0.98
CA GLY D 306 40.34 -6.79 0.22
C GLY D 306 41.66 -6.05 0.29
N ASN D 307 42.69 -6.65 -0.31
CA ASN D 307 44.01 -6.01 -0.38
C ASN D 307 44.33 -5.63 -1.81
N GLU D 308 43.30 -5.19 -2.54
CA GLU D 308 43.42 -4.84 -3.94
C GLU D 308 42.61 -3.57 -4.22
N PHE D 309 43.16 -2.68 -5.05
CA PHE D 309 42.52 -1.42 -5.38
C PHE D 309 42.19 -1.32 -6.86
N GLY D 310 41.06 -0.70 -7.16
CA GLY D 310 40.53 -0.64 -8.53
C GLY D 310 39.06 -0.31 -8.52
N GLY D 311 38.45 -0.26 -9.70
CA GLY D 311 37.06 0.15 -9.84
C GLY D 311 36.85 1.65 -9.78
N VAL D 312 35.87 2.08 -8.98
CA VAL D 312 35.40 3.45 -8.98
C VAL D 312 36.28 4.40 -8.15
N ASN D 313 36.81 5.44 -8.79
CA ASN D 313 37.70 6.39 -8.13
C ASN D 313 36.99 7.51 -7.41
N GLY D 314 37.68 8.14 -6.45
CA GLY D 314 37.17 9.31 -5.73
C GLY D 314 37.46 10.60 -6.47
N ALA D 315 37.20 11.74 -5.81
CA ALA D 315 37.41 13.06 -6.41
C ALA D 315 38.84 13.30 -6.92
N SER D 316 39.00 13.78 -8.16
CA SER D 316 40.30 14.21 -8.67
C SER D 316 40.78 15.53 -8.05
N GLU D 317 40.99 15.49 -6.73
CA GLU D 317 41.50 16.59 -5.93
C GLU D 317 41.88 16.02 -4.56
N TYR D 318 42.63 16.77 -3.76
CA TYR D 318 43.07 16.25 -2.46
C TYR D 318 41.97 16.28 -1.42
N THR D 319 41.76 15.14 -0.76
CA THR D 319 40.72 14.98 0.23
C THR D 319 41.31 14.35 1.50
N ALA D 320 41.14 15.04 2.62
CA ALA D 320 41.63 14.57 3.90
C ALA D 320 40.59 13.72 4.63
N ASN D 321 40.44 12.49 4.15
CA ASN D 321 39.49 11.52 4.70
C ASN D 321 40.20 10.30 5.29
N THR D 322 41.48 10.46 5.64
CA THR D 322 42.31 9.34 6.05
C THR D 322 42.37 9.22 7.57
N GLY D 323 41.38 9.77 8.27
CA GLY D 323 41.46 9.89 9.71
C GLY D 323 42.56 10.87 10.07
N GLY D 324 42.82 11.82 9.17
CA GLY D 324 43.82 12.87 9.39
C GLY D 324 45.25 12.35 9.36
N ARG D 325 45.63 11.75 8.23
CA ARG D 325 46.97 11.23 8.04
C ARG D 325 47.36 11.45 6.59
N GLY D 326 47.09 12.66 6.10
CA GLY D 326 47.37 12.99 4.71
C GLY D 326 46.10 12.97 3.88
N SER D 327 46.24 13.15 2.57
CA SER D 327 45.09 13.29 1.69
C SER D 327 45.20 12.39 0.47
N VAL D 328 44.06 11.88 0.02
CA VAL D 328 44.03 11.06 -1.18
C VAL D 328 43.59 11.90 -2.38
N TYR D 329 43.89 11.39 -3.59
CA TYR D 329 43.57 12.08 -4.83
C TYR D 329 43.33 11.01 -5.87
N ALA D 330 42.14 11.02 -6.49
CA ALA D 330 41.73 10.00 -7.47
C ALA D 330 41.74 8.60 -6.86
N GLN D 331 41.42 8.53 -5.57
CA GLN D 331 41.53 7.32 -4.77
C GLN D 331 40.62 6.22 -5.28
N PRO D 332 41.19 5.08 -5.72
CA PRO D 332 40.37 3.97 -6.18
C PRO D 332 39.66 3.27 -5.03
N ALA D 333 38.66 2.46 -5.36
CA ALA D 333 37.92 1.74 -4.34
C ALA D 333 38.78 0.61 -3.83
N ALA D 334 38.66 0.31 -2.54
CA ALA D 334 39.30 -0.86 -1.97
C ALA D 334 38.31 -2.01 -2.04
N ALA D 335 38.66 -3.05 -2.80
CA ALA D 335 37.79 -4.20 -3.06
C ALA D 335 37.04 -4.73 -1.85
N LEU D 336 35.85 -5.27 -2.10
CA LEU D 336 35.07 -5.97 -1.07
C LEU D 336 34.58 -7.31 -1.62
N PHE D 337 34.80 -8.38 -0.86
CA PHE D 337 34.53 -9.73 -1.36
C PHE D 337 33.47 -10.48 -0.56
N GLY D 338 32.75 -11.36 -1.25
CA GLY D 338 31.91 -12.38 -0.61
C GLY D 338 30.41 -12.17 -0.56
N GLY D 339 30.01 -10.90 -0.51
CA GLY D 339 28.62 -10.53 -0.28
C GLY D 339 28.39 -10.44 1.21
N ALA D 340 27.15 -10.11 1.59
CA ALA D 340 26.75 -10.04 3.00
C ALA D 340 25.38 -10.69 3.21
N TRP D 341 24.86 -10.62 4.45
CA TRP D 341 23.58 -11.23 4.81
C TRP D 341 22.43 -10.68 3.96
N ASN D 342 22.52 -9.40 3.64
CA ASN D 342 21.52 -8.71 2.85
C ASN D 342 21.86 -8.67 1.35
N GLY D 343 22.77 -9.59 0.98
CA GLY D 343 23.06 -9.43 -0.45
C GLY D 343 22.17 -10.27 -1.37
N THR D 344 21.46 -11.25 -0.81
CA THR D 344 20.64 -12.07 -1.72
C THR D 344 21.50 -12.96 -2.61
N SER D 345 21.10 -12.98 -3.82
CA SER D 345 21.81 -13.89 -4.75
C SER D 345 23.11 -13.32 -5.34
N LEU D 346 23.47 -12.11 -4.92
CA LEU D 346 24.73 -11.50 -5.33
C LEU D 346 25.94 -12.22 -4.76
N SER D 347 25.79 -12.70 -3.52
CA SER D 347 26.87 -13.31 -2.74
C SER D 347 27.50 -14.58 -3.33
N GLY D 348 28.58 -15.04 -2.70
CA GLY D 348 29.33 -16.20 -3.20
C GLY D 348 30.83 -15.97 -3.24
N SER D 349 31.56 -17.06 -3.51
CA SER D 349 33.03 -17.07 -3.46
C SER D 349 33.72 -16.10 -4.43
N ARG D 350 32.99 -15.60 -5.42
CA ARG D 350 33.57 -14.62 -6.35
C ARG D 350 32.88 -13.26 -6.30
N ALA D 351 31.86 -13.14 -5.45
CA ALA D 351 31.18 -11.87 -5.23
C ALA D 351 32.19 -10.77 -4.96
N ALA D 352 32.12 -9.70 -5.75
CA ALA D 352 33.11 -8.64 -5.66
C ALA D 352 32.50 -7.25 -5.90
N LEU D 353 32.68 -6.36 -4.93
CA LEU D 353 32.21 -4.97 -5.01
C LEU D 353 33.35 -3.94 -5.05
N TRP D 354 33.53 -3.31 -6.21
CA TRP D 354 34.58 -2.32 -6.38
C TRP D 354 34.05 -0.90 -6.43
N TYR D 355 33.37 -0.48 -5.37
CA TYR D 355 32.80 0.84 -5.32
C TYR D 355 33.33 1.64 -4.13
N SER D 356 33.39 0.99 -2.95
CA SER D 356 33.71 1.70 -1.72
C SER D 356 35.14 2.24 -1.62
N GLY D 357 35.23 3.53 -1.33
CA GLY D 357 36.50 4.15 -0.99
C GLY D 357 36.99 3.60 0.35
N PRO D 358 38.31 3.51 0.53
CA PRO D 358 38.90 2.90 1.73
C PRO D 358 38.49 3.61 3.02
N SER D 359 37.84 4.76 2.90
CA SER D 359 37.45 5.53 4.07
C SER D 359 36.01 5.24 4.49
N PHE D 360 35.26 4.54 3.63
CA PHE D 360 33.86 4.16 3.90
C PHE D 360 33.75 3.23 5.09
N SER D 361 32.63 3.30 5.80
CA SER D 361 32.39 2.51 7.00
C SER D 361 30.92 2.07 7.08
N PHE D 362 30.68 0.76 7.21
CA PHE D 362 29.31 0.18 7.18
C PHE D 362 29.17 -1.08 8.03
N ALA D 363 27.96 -1.36 8.50
CA ALA D 363 27.71 -2.53 9.36
C ALA D 363 27.78 -3.87 8.64
N PHE D 364 27.98 -3.85 7.31
CA PHE D 364 28.16 -5.09 6.54
C PHE D 364 29.59 -5.26 5.99
N PHE D 365 30.45 -4.32 6.34
CA PHE D 365 31.86 -4.40 5.97
C PHE D 365 32.68 -4.83 7.17
N GLY D 366 33.17 -6.08 7.12
CA GLY D 366 34.13 -6.58 8.11
C GLY D 366 35.44 -6.98 7.44
N ALA D 367 36.15 -7.91 8.07
CA ALA D 367 37.39 -8.43 7.50
C ALA D 367 37.64 -9.88 7.86
N ARG D 368 38.41 -10.54 7.00
CA ARG D 368 38.94 -11.88 7.25
C ARG D 368 40.44 -11.87 6.96
N GLY D 369 41.26 -12.35 7.91
CA GLY D 369 42.71 -12.40 7.71
C GLY D 369 43.23 -13.57 6.86
N VAL D 370 44.29 -13.31 6.10
CA VAL D 370 45.08 -14.38 5.46
C VAL D 370 46.59 -14.17 5.69
N CYS D 371 47.39 -15.21 5.46
CA CYS D 371 48.85 -15.11 5.48
C CYS D 371 49.49 -16.25 4.69
N ASP D 372 50.77 -16.08 4.38
CA ASP D 372 51.54 -17.07 3.62
C ASP D 372 51.66 -18.42 4.32
N HIS D 373 51.89 -19.46 3.54
CA HIS D 373 52.13 -20.78 4.10
C HIS D 373 53.64 -21.00 4.27
N LEU D 374 54.06 -21.45 5.44
CA LEU D 374 55.48 -21.58 5.73
C LEU D 374 55.87 -23.06 5.87
N ILE D 375 56.73 -23.55 4.97
CA ILE D 375 57.24 -24.92 5.10
C ILE D 375 58.76 -24.87 5.35
N LEU D 376 59.20 -25.57 6.39
CA LEU D 376 60.61 -25.57 6.80
C LEU D 376 61.18 -26.98 6.89
N VAL E 1 83.15 -55.91 26.87
CA VAL E 1 83.81 -54.70 27.46
C VAL E 1 82.84 -53.55 27.71
N GLN E 2 82.46 -53.35 28.98
CA GLN E 2 81.34 -52.47 29.33
C GLN E 2 81.70 -51.25 30.17
N PHE E 3 81.27 -50.07 29.73
CA PHE E 3 81.62 -48.82 30.40
C PHE E 3 80.68 -48.44 31.51
N ARG E 4 81.06 -47.43 32.28
CA ARG E 4 80.30 -47.04 33.46
C ARG E 4 78.91 -46.51 33.07
N GLY E 5 77.87 -47.29 33.40
CA GLY E 5 76.49 -46.94 33.05
C GLY E 5 75.79 -45.99 34.01
N GLY E 6 74.48 -45.84 33.83
CA GLY E 6 73.68 -44.93 34.64
C GLY E 6 72.53 -44.30 33.87
N THR E 7 71.48 -43.94 34.61
CA THR E 7 70.29 -43.31 34.06
C THR E 7 70.45 -41.79 34.07
N THR E 8 69.69 -41.09 33.21
CA THR E 8 69.70 -39.61 33.16
C THR E 8 69.47 -39.01 34.54
N ALA E 9 68.55 -39.62 35.29
CA ALA E 9 68.29 -39.22 36.67
C ALA E 9 69.55 -39.34 37.52
N GLN E 10 70.32 -40.41 37.30
CA GLN E 10 71.55 -40.66 38.06
C GLN E 10 72.70 -39.73 37.64
N HIS E 11 72.86 -39.51 36.33
CA HIS E 11 73.87 -38.59 35.82
C HIS E 11 73.70 -37.19 36.39
N ALA E 12 72.44 -36.77 36.58
CA ALA E 12 72.06 -35.42 37.05
C ALA E 12 72.95 -34.87 38.17
N THR E 13 73.20 -35.68 39.19
CA THR E 13 74.10 -35.27 40.27
C THR E 13 75.29 -36.21 40.36
N PHE E 14 76.04 -36.25 39.27
CA PHE E 14 77.29 -37.01 39.21
C PHE E 14 78.34 -36.26 38.40
N THR E 15 79.49 -36.01 39.03
CA THR E 15 80.62 -35.35 38.37
C THR E 15 81.75 -36.34 38.14
N GLY E 16 81.95 -36.73 36.88
CA GLY E 16 83.04 -37.63 36.51
C GLY E 16 84.41 -36.95 36.48
N ALA E 17 85.46 -37.75 36.38
CA ALA E 17 86.82 -37.22 36.33
C ALA E 17 87.13 -36.65 34.96
N ALA E 18 88.00 -35.64 34.93
CA ALA E 18 88.44 -35.04 33.67
C ALA E 18 88.80 -36.11 32.65
N ARG E 19 87.95 -36.24 31.63
CA ARG E 19 88.14 -37.14 30.50
C ARG E 19 87.59 -38.54 30.76
N GLU E 20 86.82 -38.67 31.85
CA GLU E 20 86.01 -39.87 32.07
C GLU E 20 84.89 -39.91 31.04
N ILE E 21 84.54 -41.11 30.60
CA ILE E 21 83.43 -41.31 29.67
C ILE E 21 82.41 -42.25 30.29
N THR E 22 81.15 -41.79 30.37
CA THR E 22 80.07 -42.66 30.85
C THR E 22 79.02 -42.89 29.78
N VAL E 23 78.04 -43.74 30.09
CA VAL E 23 76.94 -44.04 29.19
C VAL E 23 75.63 -43.77 29.88
N ASP E 24 74.80 -42.93 29.26
CA ASP E 24 73.43 -42.74 29.71
C ASP E 24 72.60 -43.86 29.12
N THR E 25 72.14 -44.76 29.98
CA THR E 25 71.37 -45.92 29.54
C THR E 25 69.91 -45.61 29.19
N ASP E 26 69.41 -44.46 29.66
CA ASP E 26 68.14 -43.91 29.17
C ASP E 26 68.33 -43.39 27.75
N LYS E 27 69.08 -42.31 27.61
CA LYS E 27 69.31 -41.64 26.33
C LYS E 27 70.01 -42.53 25.29
N ASN E 28 70.70 -43.57 25.74
CA ASN E 28 71.56 -44.41 24.89
C ASN E 28 72.65 -43.66 24.17
N THR E 29 73.41 -42.89 24.94
CA THR E 29 74.44 -42.03 24.39
C THR E 29 75.64 -41.91 25.32
N VAL E 30 76.73 -41.36 24.78
CA VAL E 30 77.95 -41.11 25.55
C VAL E 30 77.91 -39.75 26.25
N VAL E 31 78.43 -39.72 27.47
CA VAL E 31 78.62 -38.48 28.22
C VAL E 31 80.10 -38.27 28.57
N VAL E 32 80.68 -37.19 28.04
CA VAL E 32 82.03 -36.74 28.40
C VAL E 32 81.98 -36.00 29.75
N HIS E 33 83.08 -36.05 30.50
CA HIS E 33 83.21 -35.31 31.77
C HIS E 33 84.45 -34.42 31.79
N ASP E 34 84.47 -33.46 32.70
CA ASP E 34 85.51 -32.45 32.71
C ASP E 34 86.13 -32.29 34.09
N GLY E 35 85.65 -33.09 35.06
CA GLY E 35 86.12 -33.00 36.43
C GLY E 35 85.32 -32.05 37.29
N ALA E 36 84.66 -31.07 36.66
CA ALA E 36 83.98 -30.01 37.40
C ALA E 36 82.43 -30.00 37.33
N THR E 37 81.86 -30.23 36.14
CA THR E 37 80.42 -30.03 35.91
C THR E 37 79.54 -31.26 36.20
N ALA E 38 78.48 -31.04 36.97
CA ALA E 38 77.45 -32.07 37.18
C ALA E 38 76.85 -32.49 35.83
N GLY E 39 76.46 -33.77 35.73
CA GLY E 39 75.79 -34.27 34.53
C GLY E 39 76.64 -34.35 33.28
N GLY E 40 77.75 -33.63 33.27
CA GLY E 40 78.72 -33.72 32.17
C GLY E 40 78.16 -33.23 30.84
N PHE E 41 78.73 -33.71 29.75
CA PHE E 41 78.37 -33.19 28.44
C PHE E 41 77.90 -34.29 27.51
N PRO E 42 76.60 -34.64 27.56
CA PRO E 42 76.05 -35.65 26.64
C PRO E 42 76.28 -35.32 25.17
N LEU E 43 76.60 -36.35 24.39
CA LEU E 43 76.77 -36.21 22.95
C LEU E 43 75.44 -36.44 22.22
N ALA E 44 75.41 -36.09 20.94
CA ALA E 44 74.19 -36.20 20.13
C ALA E 44 74.09 -37.53 19.39
N ARG E 45 72.90 -38.10 19.42
CA ARG E 45 72.59 -39.30 18.64
C ARG E 45 72.44 -38.94 17.18
N HIS E 46 72.78 -39.85 16.27
CA HIS E 46 72.72 -39.54 14.84
C HIS E 46 71.30 -39.32 14.31
N ASP E 47 70.33 -39.99 14.94
CA ASP E 47 68.94 -39.84 14.55
C ASP E 47 68.50 -38.37 14.59
N LEU E 48 69.03 -37.62 15.55
CA LEU E 48 68.71 -36.21 15.68
C LEU E 48 69.38 -35.30 14.66
N VAL E 49 70.20 -35.84 13.77
CA VAL E 49 70.78 -35.00 12.71
C VAL E 49 70.45 -35.50 11.30
N LYS E 50 69.48 -36.40 11.22
CA LYS E 50 69.05 -36.93 9.94
C LYS E 50 68.50 -35.82 9.04
N THR E 51 68.72 -35.97 7.74
CA THR E 51 68.32 -35.00 6.69
C THR E 51 69.06 -33.67 6.74
N ALA E 52 70.14 -33.59 7.52
CA ALA E 52 71.00 -32.41 7.54
C ALA E 52 71.52 -32.07 6.15
N PHE E 53 71.69 -30.79 5.89
CA PHE E 53 72.18 -30.32 4.60
C PHE E 53 72.86 -28.98 4.82
N ILE E 54 74.18 -29.01 4.85
CA ILE E 54 74.95 -27.80 5.15
C ILE E 54 75.67 -27.33 3.91
N LYS E 55 75.49 -26.05 3.57
CA LYS E 55 76.15 -25.44 2.43
C LYS E 55 77.21 -24.44 2.91
N ALA E 56 78.24 -24.24 2.09
CA ALA E 56 79.29 -23.26 2.35
C ALA E 56 78.69 -21.87 2.28
N ASP E 57 78.05 -21.59 1.14
CA ASP E 57 77.29 -20.35 0.94
C ASP E 57 75.79 -20.65 0.98
N LYS E 58 75.13 -20.25 2.07
CA LYS E 58 73.71 -20.53 2.27
C LYS E 58 72.82 -19.72 1.33
N SER E 59 73.32 -18.57 0.90
CA SER E 59 72.58 -17.66 0.03
C SER E 59 72.82 -17.90 -1.47
N ALA E 60 73.33 -19.07 -1.84
CA ALA E 60 73.51 -19.40 -3.25
C ALA E 60 73.22 -20.87 -3.49
N VAL E 61 72.90 -21.21 -4.73
CA VAL E 61 72.58 -22.58 -5.08
C VAL E 61 73.81 -23.47 -4.81
N ALA E 62 73.55 -24.73 -4.44
CA ALA E 62 74.61 -25.68 -4.10
C ALA E 62 75.40 -26.23 -5.30
N PHE E 63 75.17 -25.69 -6.50
CA PHE E 63 75.82 -26.20 -7.71
C PHE E 63 76.28 -25.08 -8.64
N THR E 64 77.35 -25.34 -9.39
CA THR E 64 77.77 -24.46 -10.49
C THR E 64 77.69 -25.19 -11.81
N ARG E 65 77.13 -24.54 -12.83
CA ARG E 65 77.13 -25.07 -14.18
C ARG E 65 78.52 -24.85 -14.78
N THR E 66 79.20 -25.94 -15.08
CA THR E 66 80.57 -25.87 -15.60
C THR E 66 80.59 -25.72 -17.11
N GLY E 67 79.66 -26.40 -17.79
CA GLY E 67 79.50 -26.27 -19.24
C GLY E 67 78.12 -26.72 -19.69
N ASN E 68 77.80 -26.47 -20.96
CA ASN E 68 76.51 -26.81 -21.54
C ASN E 68 75.81 -28.08 -21.04
N ALA E 69 76.58 -29.14 -20.79
CA ALA E 69 75.98 -30.38 -20.29
C ALA E 69 76.70 -30.94 -19.05
N THR E 70 77.45 -30.05 -18.38
CA THR E 70 78.25 -30.43 -17.21
C THR E 70 78.15 -29.40 -16.08
N ALA E 71 78.06 -29.92 -14.85
CA ALA E 71 77.99 -29.08 -13.66
C ALA E 71 78.64 -29.77 -12.44
N SER E 72 79.06 -28.96 -11.48
CA SER E 72 79.69 -29.46 -10.25
C SER E 72 78.89 -29.10 -9.02
N ILE E 73 78.91 -29.97 -8.00
CA ILE E 73 78.50 -29.60 -6.65
C ILE E 73 79.64 -28.80 -6.01
N LYS E 74 79.31 -27.80 -5.21
CA LYS E 74 80.31 -26.89 -4.65
C LYS E 74 81.05 -27.45 -3.44
N ALA E 75 82.27 -26.96 -3.25
CA ALA E 75 83.04 -27.20 -2.04
C ALA E 75 82.20 -26.86 -0.81
N GLY E 76 82.52 -27.50 0.31
CA GLY E 76 81.90 -27.14 1.59
C GLY E 76 80.54 -27.76 1.84
N THR E 77 79.99 -28.44 0.85
CA THR E 77 78.67 -29.11 0.98
C THR E 77 78.78 -30.37 1.81
N ILE E 78 77.98 -30.46 2.87
CA ILE E 78 77.92 -31.63 3.73
C ILE E 78 76.51 -32.19 3.64
N VAL E 79 76.39 -33.47 3.26
CA VAL E 79 75.07 -34.12 3.12
C VAL E 79 74.94 -35.37 3.98
N GLU E 80 73.94 -35.40 4.86
CA GLU E 80 73.55 -36.62 5.56
C GLU E 80 72.69 -37.45 4.61
N VAL E 81 72.97 -38.74 4.54
CA VAL E 81 72.25 -39.64 3.64
C VAL E 81 72.35 -41.07 4.13
N ASN E 82 71.21 -41.64 4.51
CA ASN E 82 71.16 -43.02 4.96
C ASN E 82 72.18 -43.29 6.08
N GLY E 83 72.01 -42.59 7.20
CA GLY E 83 72.89 -42.74 8.36
C GLY E 83 74.34 -42.28 8.20
N LYS E 84 74.76 -42.05 6.96
CA LYS E 84 76.15 -41.72 6.63
C LYS E 84 76.33 -40.24 6.29
N LEU E 85 77.52 -39.72 6.57
CA LEU E 85 77.90 -38.37 6.18
C LEU E 85 78.63 -38.41 4.83
N VAL E 86 78.15 -37.65 3.85
CA VAL E 86 78.90 -37.46 2.60
C VAL E 86 79.23 -35.99 2.44
N GLN E 87 80.51 -35.65 2.29
CA GLN E 87 80.88 -34.27 2.04
C GLN E 87 81.78 -34.09 0.83
N PHE E 88 82.01 -32.83 0.45
CA PHE E 88 82.77 -32.51 -0.75
C PHE E 88 83.71 -31.37 -0.43
N THR E 89 85.01 -31.65 -0.53
CA THR E 89 86.05 -30.70 -0.13
C THR E 89 86.39 -29.76 -1.27
N ALA E 90 86.44 -30.30 -2.49
CA ALA E 90 86.56 -29.47 -3.69
C ALA E 90 85.31 -29.65 -4.53
N ASP E 91 85.12 -28.76 -5.50
CA ASP E 91 84.00 -28.89 -6.41
C ASP E 91 84.10 -30.20 -7.16
N THR E 92 83.01 -30.96 -7.19
CA THR E 92 82.99 -32.30 -7.75
C THR E 92 82.03 -32.37 -8.94
N ALA E 93 82.51 -32.92 -10.06
CA ALA E 93 81.67 -33.09 -11.25
C ALA E 93 80.48 -33.99 -10.95
N ILE E 94 79.33 -33.68 -11.55
CA ILE E 94 78.12 -34.48 -11.36
C ILE E 94 77.97 -35.43 -12.55
N THR E 95 77.82 -36.71 -12.25
CA THR E 95 77.63 -37.74 -13.28
C THR E 95 76.35 -37.49 -14.05
N MET E 96 76.49 -37.24 -15.36
CA MET E 96 75.36 -36.94 -16.25
C MET E 96 74.89 -38.18 -17.01
N PRO E 97 73.56 -38.36 -17.16
CA PRO E 97 73.15 -39.28 -18.23
C PRO E 97 73.21 -38.56 -19.58
N ALA E 98 72.58 -39.17 -20.59
CA ALA E 98 72.27 -38.47 -21.83
C ALA E 98 71.22 -37.43 -21.49
N LEU E 99 71.36 -36.24 -22.05
CA LEU E 99 70.48 -35.13 -21.71
C LEU E 99 69.68 -34.66 -22.93
N THR E 100 68.36 -34.91 -22.92
CA THR E 100 67.49 -34.51 -24.05
C THR E 100 66.77 -33.18 -23.81
N ALA E 101 66.73 -32.35 -24.85
CA ALA E 101 66.09 -31.03 -24.83
C ALA E 101 64.81 -30.95 -24.00
N GLY E 102 64.71 -29.88 -23.20
CA GLY E 102 63.53 -29.59 -22.41
C GLY E 102 63.11 -30.69 -21.44
N THR E 103 64.03 -31.11 -20.59
CA THR E 103 63.72 -32.10 -19.55
C THR E 103 64.31 -31.67 -18.21
N ASP E 104 63.59 -31.98 -17.13
CA ASP E 104 64.03 -31.66 -15.78
C ASP E 104 64.80 -32.84 -15.20
N TYR E 105 65.88 -32.54 -14.49
CA TYR E 105 66.69 -33.57 -13.84
C TYR E 105 66.78 -33.36 -12.33
N ALA E 106 67.08 -34.45 -11.62
CA ALA E 106 67.26 -34.41 -10.18
C ALA E 106 68.67 -34.82 -9.81
N ILE E 107 69.34 -33.96 -9.05
CA ILE E 107 70.68 -34.24 -8.57
C ILE E 107 70.59 -35.06 -7.27
N TYR E 108 71.35 -36.16 -7.25
CA TYR E 108 71.39 -37.04 -6.08
C TYR E 108 72.80 -37.14 -5.47
N VAL E 109 72.84 -37.29 -4.15
CA VAL E 109 74.09 -37.57 -3.43
C VAL E 109 73.86 -38.89 -2.69
N CYS E 110 74.62 -39.92 -3.07
CA CYS E 110 74.39 -41.30 -2.59
C CYS E 110 75.29 -41.68 -1.41
N ASP E 111 74.88 -42.70 -0.66
CA ASP E 111 75.63 -43.14 0.53
C ASP E 111 77.01 -43.75 0.23
N ASP E 112 77.28 -44.00 -1.04
CA ASP E 112 78.61 -44.42 -1.46
C ASP E 112 79.49 -43.22 -1.81
N GLY E 113 78.93 -42.01 -1.71
CA GLY E 113 79.72 -40.79 -1.85
C GLY E 113 79.79 -40.15 -3.23
N THR E 114 79.12 -40.72 -4.21
CA THR E 114 79.07 -40.12 -5.56
C THR E 114 77.85 -39.23 -5.77
N VAL E 115 78.07 -38.14 -6.51
CA VAL E 115 77.02 -37.18 -6.82
C VAL E 115 76.57 -37.27 -8.30
N ARG E 116 75.40 -37.87 -8.50
CA ARG E 116 74.90 -38.14 -9.85
C ARG E 116 73.54 -37.49 -10.17
N ALA E 117 73.33 -37.16 -11.44
CA ALA E 117 72.07 -36.59 -11.94
C ALA E 117 71.25 -37.66 -12.64
N ASP E 118 69.92 -37.54 -12.58
CA ASP E 118 69.03 -38.49 -13.24
C ASP E 118 67.70 -37.83 -13.63
N SER E 119 67.07 -38.35 -14.69
CA SER E 119 65.74 -37.93 -15.13
C SER E 119 64.66 -38.38 -14.16
N ASN E 120 64.92 -39.48 -13.45
CA ASN E 120 64.02 -39.97 -12.43
C ASN E 120 64.09 -39.10 -11.17
N PHE E 121 62.93 -38.83 -10.59
CA PHE E 121 62.83 -37.99 -9.40
C PHE E 121 62.64 -38.78 -8.09
N SER E 122 62.60 -40.11 -8.20
CA SER E 122 62.49 -41.01 -7.04
C SER E 122 63.81 -41.65 -6.62
N ALA E 123 64.60 -42.08 -7.59
CA ALA E 123 65.92 -42.68 -7.37
C ALA E 123 66.68 -42.78 -8.70
N PRO E 124 68.01 -42.57 -8.67
CA PRO E 124 68.80 -42.79 -9.88
C PRO E 124 69.11 -44.29 -10.06
N THR E 125 69.44 -44.70 -11.29
CA THR E 125 69.58 -46.14 -11.58
C THR E 125 70.75 -46.77 -10.83
N GLY E 126 70.47 -47.93 -10.22
CA GLY E 126 71.42 -48.64 -9.37
C GLY E 126 71.16 -48.44 -7.90
N TYR E 127 70.19 -47.57 -7.56
CA TYR E 127 69.93 -47.16 -6.18
C TYR E 127 68.45 -47.16 -5.81
N THR E 128 68.14 -47.41 -4.54
CA THR E 128 66.80 -47.13 -4.03
C THR E 128 66.74 -45.72 -3.45
N SER E 129 65.53 -45.28 -3.12
CA SER E 129 65.32 -43.99 -2.46
C SER E 129 66.06 -43.93 -1.13
N THR E 130 66.49 -45.10 -0.64
CA THR E 130 67.23 -45.22 0.62
C THR E 130 68.72 -44.98 0.41
N THR E 131 69.30 -45.61 -0.60
CA THR E 131 70.74 -45.47 -0.85
C THR E 131 71.10 -44.14 -1.55
N ALA E 132 70.09 -43.40 -2.00
CA ALA E 132 70.31 -42.12 -2.66
C ALA E 132 69.33 -41.04 -2.21
N ARG E 133 69.85 -39.81 -2.06
CA ARG E 133 69.05 -38.67 -1.59
C ARG E 133 68.94 -37.59 -2.66
N LYS E 134 67.71 -37.17 -2.93
CA LYS E 134 67.45 -36.03 -3.81
C LYS E 134 67.83 -34.77 -3.06
N VAL E 135 68.71 -33.97 -3.65
CA VAL E 135 69.17 -32.74 -3.00
C VAL E 135 68.96 -31.49 -3.86
N GLY E 136 68.70 -31.69 -5.14
CA GLY E 136 68.51 -30.56 -6.03
C GLY E 136 68.12 -31.00 -7.43
N GLY E 137 68.19 -30.05 -8.36
CA GLY E 137 67.90 -30.34 -9.75
C GLY E 137 68.12 -29.17 -10.68
N PHE E 138 67.86 -29.42 -11.96
CA PHE E 138 67.99 -28.40 -12.99
C PHE E 138 67.12 -28.75 -14.20
N HIS E 139 66.90 -27.76 -15.04
CA HIS E 139 66.20 -27.95 -16.30
C HIS E 139 67.16 -27.88 -17.48
N TYR E 140 67.06 -28.90 -18.34
CA TYR E 140 67.84 -28.97 -19.55
C TYR E 140 67.03 -28.32 -20.68
N ALA E 141 67.26 -27.03 -20.89
CA ALA E 141 66.50 -26.20 -21.84
C ALA E 141 66.74 -26.62 -23.30
N PRO E 142 65.73 -26.44 -24.19
CA PRO E 142 65.92 -26.71 -25.62
C PRO E 142 66.69 -25.60 -26.33
N GLY E 143 66.97 -24.53 -25.61
CA GLY E 143 67.72 -23.40 -26.15
C GLY E 143 68.46 -22.64 -25.08
N SER E 144 69.27 -21.67 -25.50
CA SER E 144 70.10 -20.91 -24.59
C SER E 144 69.36 -19.72 -23.99
N ASN E 145 69.86 -19.21 -22.86
CA ASN E 145 69.42 -17.94 -22.30
C ASN E 145 69.86 -16.81 -23.21
N ALA E 146 69.56 -15.58 -22.85
CA ALA E 146 69.82 -14.46 -23.74
C ALA E 146 70.96 -13.61 -23.26
N ALA E 147 71.99 -13.47 -24.10
CA ALA E 147 73.19 -12.66 -23.81
C ALA E 147 72.86 -11.19 -23.61
N ALA E 148 72.11 -10.62 -24.54
CA ALA E 148 71.41 -9.36 -24.32
C ALA E 148 69.96 -9.55 -24.78
N GLN E 149 69.39 -8.58 -25.47
CA GLN E 149 67.96 -8.62 -25.79
C GLN E 149 67.63 -9.03 -27.23
N ALA E 150 68.02 -10.25 -27.59
CA ALA E 150 67.68 -10.82 -28.89
C ALA E 150 67.18 -12.27 -28.75
N GLY E 151 67.34 -12.84 -27.56
CA GLY E 151 66.90 -14.21 -27.29
C GLY E 151 68.03 -15.21 -27.28
N GLY E 152 67.69 -16.49 -27.48
CA GLY E 152 68.65 -17.59 -27.46
C GLY E 152 68.61 -18.48 -28.69
N ASN E 153 69.45 -19.51 -28.70
CA ASN E 153 69.52 -20.44 -29.84
C ASN E 153 68.67 -21.71 -29.66
N THR E 154 68.83 -22.68 -30.56
CA THR E 154 68.17 -23.99 -30.45
C THR E 154 69.12 -25.10 -29.92
N THR E 155 70.25 -24.70 -29.34
CA THR E 155 71.22 -25.65 -28.75
C THR E 155 70.85 -26.01 -27.31
N ALA E 156 70.35 -27.23 -27.14
CA ALA E 156 69.90 -27.74 -25.85
C ALA E 156 71.03 -27.76 -24.82
N GLN E 157 70.78 -27.21 -23.63
CA GLN E 157 71.79 -27.11 -22.57
C GLN E 157 71.17 -26.97 -21.17
N ILE E 158 72.04 -26.88 -20.16
CA ILE E 158 71.59 -26.59 -18.80
C ILE E 158 71.30 -25.09 -18.66
N ASN E 159 70.09 -24.78 -18.21
CA ASN E 159 69.75 -23.40 -17.84
C ASN E 159 70.29 -23.13 -16.45
N GLU E 160 71.34 -22.33 -16.39
CA GLU E 160 72.06 -22.09 -15.14
C GLU E 160 71.18 -21.58 -14.00
N TYR E 161 70.13 -20.84 -14.34
CA TYR E 161 69.24 -20.27 -13.32
C TYR E 161 68.15 -21.23 -12.89
N SER E 162 67.94 -22.27 -13.70
CA SER E 162 66.98 -23.33 -13.35
C SER E 162 67.53 -24.28 -12.28
N LEU E 163 68.69 -23.95 -11.71
CA LEU E 163 69.31 -24.81 -10.71
C LEU E 163 68.70 -24.56 -9.35
N TRP E 164 68.30 -25.62 -8.67
CA TRP E 164 67.73 -25.51 -7.34
C TRP E 164 68.26 -26.57 -6.38
N ASP E 165 68.31 -26.23 -5.10
CA ASP E 165 68.61 -27.23 -4.07
C ASP E 165 67.58 -27.16 -2.94
N ILE E 166 67.54 -28.18 -2.08
CA ILE E 166 66.50 -28.30 -1.07
C ILE E 166 66.42 -27.15 -0.08
N LYS E 167 67.43 -26.29 -0.05
CA LYS E 167 67.42 -25.10 0.79
C LYS E 167 67.62 -23.81 -0.01
N PHE E 168 67.38 -23.88 -1.31
CA PHE E 168 67.46 -22.74 -2.23
C PHE E 168 66.58 -23.09 -3.43
N ARG E 169 65.27 -22.86 -3.29
CA ARG E 169 64.28 -23.47 -4.19
C ARG E 169 63.05 -22.59 -4.41
N PRO E 170 62.25 -22.91 -5.46
CA PRO E 170 60.93 -22.31 -5.56
C PRO E 170 60.06 -22.73 -4.38
N ALA E 171 59.27 -21.79 -3.85
CA ALA E 171 58.38 -22.03 -2.71
C ALA E 171 57.15 -22.84 -3.10
N ALA E 172 56.93 -22.94 -4.41
CA ALA E 172 55.90 -23.82 -4.95
C ALA E 172 56.21 -25.25 -4.55
N LEU E 173 55.16 -26.05 -4.44
CA LEU E 173 55.27 -27.41 -3.96
C LEU E 173 56.17 -28.30 -4.87
N ASP E 174 56.16 -28.02 -6.18
CA ASP E 174 56.95 -28.77 -7.15
C ASP E 174 57.91 -27.82 -7.91
N PRO E 175 59.24 -28.05 -7.77
CA PRO E 175 60.26 -27.10 -8.25
C PRO E 175 60.60 -27.20 -9.74
N ARG E 176 60.18 -28.29 -10.38
CA ARG E 176 60.47 -28.54 -11.80
C ARG E 176 60.09 -27.42 -12.75
N GLY E 177 60.81 -27.35 -13.88
CA GLY E 177 60.49 -26.43 -14.95
C GLY E 177 60.47 -24.95 -14.62
N MET E 178 61.07 -24.56 -13.50
CA MET E 178 61.11 -23.13 -13.13
C MET E 178 62.50 -22.51 -13.24
N THR E 179 62.58 -21.19 -13.11
CA THR E 179 63.86 -20.49 -13.19
C THR E 179 63.94 -19.24 -12.32
N LEU E 180 65.06 -19.08 -11.61
CA LEU E 180 65.23 -17.96 -10.70
C LEU E 180 65.54 -16.63 -11.42
N VAL E 181 64.71 -15.61 -11.17
CA VAL E 181 64.81 -14.30 -11.84
C VAL E 181 65.45 -13.24 -10.94
N ALA E 182 66.64 -12.77 -11.33
CA ALA E 182 67.43 -11.76 -10.60
C ALA E 182 67.66 -12.12 -9.12
N GLY E 183 67.59 -13.43 -8.82
CA GLY E 183 67.70 -13.95 -7.46
C GLY E 183 66.58 -13.53 -6.53
N ALA E 184 65.47 -13.08 -7.12
CA ALA E 184 64.36 -12.47 -6.38
C ALA E 184 63.11 -13.36 -6.30
N PHE E 185 62.75 -13.97 -7.41
CA PHE E 185 61.62 -14.90 -7.44
C PHE E 185 61.76 -15.92 -8.53
N TRP E 186 60.91 -16.94 -8.48
CA TRP E 186 60.92 -18.01 -9.47
C TRP E 186 59.79 -17.82 -10.47
N ALA E 187 60.07 -18.16 -11.73
CA ALA E 187 59.11 -18.01 -12.82
C ALA E 187 59.10 -19.27 -13.66
N ASP E 188 57.92 -19.62 -14.17
CA ASP E 188 57.76 -20.79 -15.03
C ASP E 188 58.50 -20.59 -16.34
N ILE E 189 59.12 -21.66 -16.83
CA ILE E 189 59.88 -21.60 -18.08
C ILE E 189 58.92 -21.62 -19.26
N TYR E 190 57.80 -22.29 -19.08
CA TYR E 190 56.81 -22.44 -20.14
C TYR E 190 55.45 -21.92 -19.73
N LEU E 191 54.68 -21.46 -20.73
CA LEU E 191 53.30 -21.07 -20.51
C LEU E 191 52.49 -22.31 -20.15
N LEU E 192 51.48 -22.12 -19.31
CA LEU E 192 50.72 -23.22 -18.73
C LEU E 192 50.17 -24.17 -19.79
N GLY E 193 50.29 -25.47 -19.51
CA GLY E 193 49.79 -26.50 -20.43
C GLY E 193 48.37 -26.90 -20.09
N VAL E 194 47.69 -27.50 -21.05
CA VAL E 194 46.34 -28.01 -20.84
C VAL E 194 46.37 -29.15 -19.82
N ASN E 195 47.38 -30.03 -19.93
CA ASN E 195 47.48 -31.18 -19.01
C ASN E 195 48.34 -30.95 -17.77
N HIS E 196 48.25 -29.72 -17.24
CA HIS E 196 49.02 -29.28 -16.08
C HIS E 196 48.96 -30.21 -14.88
N LEU E 197 47.87 -30.96 -14.75
CA LEU E 197 47.67 -31.85 -13.62
C LEU E 197 48.69 -32.99 -13.58
N THR E 198 49.16 -33.40 -14.74
CA THR E 198 50.12 -34.51 -14.81
C THR E 198 51.42 -34.13 -15.49
N ASP E 199 51.60 -32.84 -15.76
CA ASP E 199 52.83 -32.31 -16.34
C ASP E 199 53.45 -31.24 -15.45
N GLY E 200 52.73 -30.80 -14.42
CA GLY E 200 53.07 -29.57 -13.72
C GLY E 200 52.74 -28.39 -14.63
N THR E 201 52.75 -27.19 -14.10
CA THR E 201 52.39 -26.02 -14.90
C THR E 201 53.33 -25.82 -16.10
N SER E 202 54.62 -25.87 -15.83
CA SER E 202 55.64 -25.57 -16.83
C SER E 202 56.25 -26.85 -17.37
N LYS E 203 55.90 -27.20 -18.62
CA LYS E 203 56.49 -28.36 -19.30
C LYS E 203 56.75 -28.07 -20.77
N TYR E 204 57.87 -28.59 -21.27
CA TYR E 204 58.29 -28.37 -22.65
C TYR E 204 57.47 -29.19 -23.64
N ASN E 205 57.03 -28.53 -24.72
CA ASN E 205 56.33 -29.16 -25.82
C ASN E 205 55.00 -29.86 -25.47
N VAL E 206 54.15 -29.17 -24.71
CA VAL E 206 52.74 -29.58 -24.56
C VAL E 206 51.82 -28.47 -25.10
N THR E 207 50.53 -28.77 -25.17
CA THR E 207 49.58 -27.79 -25.70
C THR E 207 49.39 -26.64 -24.72
N ILE E 208 49.71 -25.43 -25.18
CA ILE E 208 49.46 -24.22 -24.41
C ILE E 208 47.97 -24.09 -24.15
N ALA E 209 47.60 -23.93 -22.88
CA ALA E 209 46.22 -23.67 -22.51
C ALA E 209 45.80 -22.28 -22.99
N ASP E 210 44.60 -22.19 -23.58
CA ASP E 210 44.01 -20.91 -23.99
C ASP E 210 42.49 -20.87 -23.83
N GLY E 211 41.85 -19.89 -24.44
CA GLY E 211 40.39 -19.77 -24.40
C GLY E 211 39.66 -20.96 -25.02
N SER E 212 40.11 -21.37 -26.21
CA SER E 212 39.50 -22.52 -26.90
C SER E 212 39.87 -23.84 -26.22
N ALA E 213 41.16 -24.12 -26.09
CA ALA E 213 41.64 -25.29 -25.33
C ALA E 213 42.01 -24.88 -23.91
N SER E 214 40.99 -24.73 -23.06
CA SER E 214 41.19 -24.32 -21.68
C SER E 214 41.90 -25.42 -20.88
N PRO E 215 42.59 -25.04 -19.78
CA PRO E 215 43.30 -25.98 -18.93
C PRO E 215 42.38 -26.98 -18.24
N LYS E 216 42.90 -28.17 -17.96
CA LYS E 216 42.17 -29.17 -17.20
C LYS E 216 41.67 -28.58 -15.88
N LYS E 217 40.47 -28.95 -15.48
CA LYS E 217 39.86 -28.48 -14.25
C LYS E 217 40.68 -28.95 -13.04
N SER E 218 40.96 -28.03 -12.12
CA SER E 218 41.72 -28.35 -10.90
C SER E 218 41.01 -29.34 -10.00
N THR E 219 41.74 -30.37 -9.57
CA THR E 219 41.19 -31.43 -8.72
C THR E 219 40.97 -30.97 -7.27
N LYS E 220 41.67 -29.92 -6.87
CA LYS E 220 41.49 -29.35 -5.53
C LYS E 220 40.20 -28.51 -5.49
N PHE E 221 39.70 -28.17 -6.66
CA PHE E 221 38.49 -27.37 -6.80
C PHE E 221 37.38 -28.09 -7.56
N GLY E 222 37.11 -29.33 -7.17
CA GLY E 222 36.02 -30.13 -7.72
C GLY E 222 36.21 -30.65 -9.13
N GLY E 223 37.45 -30.69 -9.60
CA GLY E 223 37.74 -31.26 -10.93
C GLY E 223 37.89 -32.77 -10.86
N ASP E 224 37.26 -33.48 -11.80
CA ASP E 224 37.29 -34.94 -11.81
C ASP E 224 38.71 -35.48 -12.09
N GLY E 225 39.45 -34.78 -12.93
CA GLY E 225 40.76 -35.24 -13.37
C GLY E 225 40.83 -35.26 -14.89
N SER E 226 39.67 -35.49 -15.52
CA SER E 226 39.55 -35.54 -16.99
C SER E 226 39.01 -34.27 -17.61
N ALA E 227 37.97 -33.72 -16.97
CA ALA E 227 37.27 -32.52 -17.46
C ALA E 227 38.15 -31.28 -17.50
N ALA E 228 37.94 -30.45 -18.52
CA ALA E 228 38.56 -29.11 -18.61
C ALA E 228 37.61 -28.09 -17.97
N TYR E 229 37.94 -26.81 -18.07
CA TYR E 229 37.01 -25.74 -17.72
C TYR E 229 36.22 -25.41 -18.98
N SER E 230 35.14 -24.65 -18.85
CA SER E 230 34.41 -24.17 -20.03
C SER E 230 35.26 -23.25 -20.92
N ASP E 231 35.94 -22.28 -20.32
CA ASP E 231 36.73 -21.31 -21.09
C ASP E 231 38.03 -20.88 -20.39
N GLY E 232 38.73 -19.92 -20.99
CA GLY E 232 40.01 -19.45 -20.47
C GLY E 232 39.92 -18.12 -19.75
N ALA E 233 39.06 -18.07 -18.73
CA ALA E 233 38.87 -16.87 -17.91
C ALA E 233 40.04 -16.68 -16.93
N TRP E 234 40.28 -15.44 -16.53
CA TRP E 234 41.21 -15.16 -15.43
C TRP E 234 40.88 -16.05 -14.24
N TYR E 235 39.61 -16.07 -13.84
CA TYR E 235 39.17 -16.87 -12.70
C TYR E 235 39.70 -18.29 -12.76
N ASN E 236 39.72 -18.84 -13.97
CA ASN E 236 40.13 -20.21 -14.20
C ASN E 236 41.62 -20.43 -14.02
N PHE E 237 42.42 -19.54 -14.60
CA PHE E 237 43.86 -19.64 -14.48
C PHE E 237 44.33 -19.39 -13.05
N ALA E 238 43.88 -18.30 -12.45
CA ALA E 238 44.21 -18.02 -11.05
C ALA E 238 44.00 -19.27 -10.21
N GLU E 239 42.86 -19.93 -10.40
CA GLU E 239 42.53 -21.16 -9.68
C GLU E 239 43.53 -22.28 -9.92
N VAL E 240 44.01 -22.42 -11.15
CA VAL E 240 44.98 -23.47 -11.50
C VAL E 240 46.33 -23.20 -10.83
N MET E 241 46.80 -21.95 -10.89
CA MET E 241 48.06 -21.57 -10.26
C MET E 241 48.02 -21.85 -8.76
N THR E 242 46.88 -21.60 -8.14
CA THR E 242 46.70 -21.84 -6.70
C THR E 242 46.79 -23.34 -6.38
N HIS E 243 46.28 -24.16 -7.29
CA HIS E 243 46.36 -25.62 -7.15
C HIS E 243 47.80 -26.05 -6.99
N HIS E 244 48.71 -25.32 -7.63
CA HIS E 244 50.14 -25.67 -7.62
C HIS E 244 51.01 -24.81 -6.72
N GLY E 245 50.39 -24.08 -5.79
CA GLY E 245 51.15 -23.19 -4.92
C GLY E 245 51.89 -22.09 -5.67
N LYS E 246 51.33 -21.66 -6.80
CA LYS E 246 51.89 -20.55 -7.57
C LYS E 246 50.84 -19.46 -7.68
N ARG E 247 51.19 -18.39 -8.40
CA ARG E 247 50.25 -17.32 -8.69
C ARG E 247 50.54 -16.69 -10.04
N LEU E 248 49.82 -15.62 -10.35
CA LEU E 248 50.00 -14.93 -11.62
C LEU E 248 50.97 -13.76 -11.44
N PRO E 249 51.75 -13.44 -12.49
CA PRO E 249 52.77 -12.41 -12.32
C PRO E 249 52.16 -11.05 -12.06
N ASN E 250 52.72 -10.28 -11.13
CA ASN E 250 52.37 -8.88 -11.04
C ASN E 250 53.13 -8.12 -12.12
N TYR E 251 53.01 -6.80 -12.17
CA TYR E 251 53.64 -6.03 -13.24
C TYR E 251 55.17 -6.00 -13.09
N ASN E 252 55.65 -5.58 -11.92
CA ASN E 252 57.08 -5.58 -11.58
C ASN E 252 57.75 -6.92 -11.84
N GLU E 253 57.01 -7.99 -11.55
CA GLU E 253 57.49 -9.34 -11.74
C GLU E 253 57.60 -9.73 -13.21
N PHE E 254 56.56 -9.42 -14.00
CA PHE E 254 56.61 -9.69 -15.43
C PHE E 254 57.72 -8.89 -16.10
N GLN E 255 57.75 -7.59 -15.81
CA GLN E 255 58.80 -6.70 -16.30
C GLN E 255 60.16 -7.39 -16.19
N ALA E 256 60.46 -7.91 -15.00
CA ALA E 256 61.71 -8.62 -14.73
C ALA E 256 61.81 -9.96 -15.46
N LEU E 257 60.83 -10.83 -15.29
CA LEU E 257 60.95 -12.21 -15.78
C LEU E 257 61.14 -12.34 -17.29
N ALA E 258 60.61 -11.37 -18.05
CA ALA E 258 60.60 -11.44 -19.52
C ALA E 258 61.72 -10.63 -20.17
N PHE E 259 62.44 -9.86 -19.35
CA PHE E 259 63.62 -9.11 -19.82
C PHE E 259 64.54 -9.99 -20.66
N GLY E 260 65.11 -9.41 -21.71
CA GLY E 260 66.08 -10.11 -22.56
C GLY E 260 65.45 -10.86 -23.73
N THR E 261 64.13 -10.71 -23.88
CA THR E 261 63.47 -11.13 -25.12
C THR E 261 63.59 -10.00 -26.14
N THR E 262 63.38 -10.29 -27.42
CA THR E 262 63.41 -9.26 -28.47
C THR E 262 62.15 -8.40 -28.35
N GLU E 263 62.27 -7.19 -27.80
CA GLU E 263 61.13 -6.32 -27.56
C GLU E 263 60.43 -5.90 -28.87
N ALA E 264 59.17 -5.49 -28.78
CA ALA E 264 58.40 -4.94 -29.91
C ALA E 264 58.23 -5.87 -31.11
N THR E 265 58.01 -7.16 -30.86
CA THR E 265 57.88 -8.17 -31.93
C THR E 265 56.90 -9.28 -31.55
N SER E 266 56.19 -9.79 -32.54
CA SER E 266 55.29 -10.91 -32.31
C SER E 266 55.70 -12.13 -33.09
N SER E 267 55.24 -13.29 -32.64
CA SER E 267 55.46 -14.55 -33.34
C SER E 267 54.87 -14.50 -34.75
N GLY E 268 53.73 -13.84 -34.90
CA GLY E 268 52.99 -13.81 -36.16
C GLY E 268 52.29 -15.15 -36.42
N GLY E 269 51.69 -15.28 -37.59
CA GLY E 269 50.95 -16.48 -37.94
C GLY E 269 49.55 -16.47 -37.38
N THR E 270 48.97 -17.66 -37.19
CA THR E 270 47.57 -17.77 -36.74
C THR E 270 47.40 -18.36 -35.33
N ASP E 271 48.48 -18.90 -34.76
CA ASP E 271 48.43 -19.57 -33.46
C ASP E 271 49.83 -19.80 -32.88
N VAL E 272 49.89 -19.99 -31.56
CA VAL E 272 51.06 -20.56 -30.88
C VAL E 272 50.52 -21.73 -30.05
N PRO E 273 50.48 -22.94 -30.64
CA PRO E 273 49.74 -24.06 -30.05
C PRO E 273 50.53 -24.87 -29.03
N THR E 274 51.85 -24.85 -29.15
CA THR E 274 52.71 -25.71 -28.35
C THR E 274 53.89 -24.91 -27.81
N THR E 275 54.31 -25.26 -26.60
CA THR E 275 55.46 -24.63 -25.95
C THR E 275 56.78 -25.11 -26.52
N GLY E 276 57.68 -24.16 -26.79
CA GLY E 276 59.03 -24.48 -27.20
C GLY E 276 59.23 -24.70 -28.69
N VAL E 277 58.15 -24.90 -29.43
CA VAL E 277 58.22 -24.95 -30.89
C VAL E 277 57.66 -23.66 -31.47
N ASN E 278 57.90 -23.42 -32.76
CA ASN E 278 57.42 -22.21 -33.45
C ASN E 278 55.89 -22.19 -33.57
N GLY E 279 55.35 -21.02 -33.91
CA GLY E 279 53.90 -20.86 -34.08
C GLY E 279 53.42 -21.34 -35.44
N THR E 280 52.12 -21.67 -35.55
CA THR E 280 51.50 -22.04 -36.82
C THR E 280 51.65 -20.88 -37.82
N GLY E 281 52.60 -21.00 -38.73
CA GLY E 281 52.91 -19.97 -39.71
C GLY E 281 53.56 -18.73 -39.13
N ALA E 282 54.34 -18.92 -38.06
CA ALA E 282 55.00 -17.82 -37.36
C ALA E 282 56.02 -17.11 -38.24
N THR E 283 56.11 -15.79 -38.08
CA THR E 283 57.09 -14.98 -38.81
C THR E 283 58.52 -15.19 -38.30
N SER E 284 58.76 -14.89 -37.01
CA SER E 284 60.05 -15.18 -36.36
C SER E 284 59.98 -16.36 -35.37
N ALA E 285 61.14 -16.98 -35.10
CA ALA E 285 61.23 -18.28 -34.42
C ALA E 285 60.91 -18.24 -32.92
N TRP E 286 60.59 -19.41 -32.34
CA TRP E 286 60.25 -19.52 -30.90
C TRP E 286 61.36 -19.00 -29.99
N ASN E 287 62.61 -19.31 -30.32
CA ASN E 287 63.75 -18.96 -29.49
C ASN E 287 64.11 -17.46 -29.49
N ILE E 288 63.48 -16.70 -30.38
CA ILE E 288 63.65 -15.25 -30.43
C ILE E 288 63.05 -14.66 -29.15
N PHE E 289 62.08 -15.38 -28.58
CA PHE E 289 61.35 -14.92 -27.41
C PHE E 289 61.76 -15.60 -26.09
N THR E 290 63.04 -15.92 -25.97
CA THR E 290 63.60 -16.39 -24.71
C THR E 290 64.16 -15.19 -23.96
N SER E 291 64.00 -15.20 -22.65
CA SER E 291 64.47 -14.11 -21.78
C SER E 291 65.89 -14.36 -21.27
N LYS E 292 66.46 -13.35 -20.61
CA LYS E 292 67.76 -13.47 -19.94
C LYS E 292 67.81 -14.71 -19.06
N TRP E 293 66.66 -15.10 -18.53
CA TRP E 293 66.59 -16.14 -17.51
C TRP E 293 66.12 -17.50 -18.00
N GLY E 294 65.94 -17.63 -19.31
CA GLY E 294 65.50 -18.88 -19.91
C GLY E 294 63.99 -19.09 -19.87
N VAL E 295 63.24 -17.99 -19.84
CA VAL E 295 61.79 -18.07 -19.92
C VAL E 295 61.44 -18.20 -21.40
N VAL E 296 60.82 -19.31 -21.77
CA VAL E 296 60.53 -19.64 -23.16
C VAL E 296 59.20 -19.04 -23.60
N GLN E 297 59.22 -18.35 -24.75
CA GLN E 297 58.04 -17.67 -25.30
C GLN E 297 57.57 -16.57 -24.33
N ALA E 298 58.53 -15.79 -23.82
CA ALA E 298 58.32 -14.84 -22.73
C ALA E 298 57.40 -13.69 -23.08
N SER E 299 57.43 -13.29 -24.35
CA SER E 299 56.57 -12.25 -24.86
C SER E 299 56.15 -12.56 -26.30
N GLY E 300 55.17 -11.80 -26.80
CA GLY E 300 54.69 -11.93 -28.16
C GLY E 300 54.25 -13.33 -28.60
N CYS E 301 53.61 -14.08 -27.71
CA CYS E 301 53.06 -15.39 -28.08
C CYS E 301 51.63 -15.57 -27.57
N LEU E 302 51.46 -15.42 -26.27
CA LEU E 302 50.16 -15.33 -25.65
C LEU E 302 50.26 -14.32 -24.52
N TRP E 303 49.17 -13.59 -24.29
CA TRP E 303 49.09 -12.74 -23.13
C TRP E 303 49.03 -13.65 -21.92
N THR E 304 49.74 -13.29 -20.86
CA THR E 304 49.56 -13.97 -19.61
C THR E 304 48.66 -13.15 -18.71
N TRP E 305 47.68 -13.81 -18.09
CA TRP E 305 46.87 -13.14 -17.10
C TRP E 305 47.79 -12.65 -15.98
N GLY E 306 47.54 -11.43 -15.50
CA GLY E 306 48.30 -10.87 -14.39
C GLY E 306 47.62 -11.16 -13.07
N ASN E 307 48.15 -10.63 -11.99
CA ASN E 307 47.54 -10.76 -10.68
C ASN E 307 47.37 -9.37 -10.08
N GLU E 308 46.95 -8.44 -10.94
CA GLU E 308 46.79 -7.05 -10.56
C GLU E 308 45.55 -6.51 -11.26
N PHE E 309 44.82 -5.63 -10.59
CA PHE E 309 43.55 -5.12 -11.10
C PHE E 309 43.53 -3.62 -11.25
N GLY E 310 43.02 -3.17 -12.39
CA GLY E 310 42.91 -1.74 -12.70
C GLY E 310 42.51 -1.53 -14.14
N GLY E 311 42.42 -0.26 -14.55
CA GLY E 311 42.11 0.07 -15.95
C GLY E 311 40.63 0.21 -16.27
N VAL E 312 40.23 -0.39 -17.40
CA VAL E 312 38.85 -0.29 -17.89
C VAL E 312 37.88 -1.10 -17.02
N ASN E 313 36.98 -0.38 -16.35
CA ASN E 313 35.91 -0.99 -15.56
C ASN E 313 34.86 -1.75 -16.36
N GLY E 314 34.21 -2.70 -15.73
CA GLY E 314 33.04 -3.35 -16.30
C GLY E 314 31.83 -2.56 -15.90
N ALA E 315 30.64 -3.06 -16.26
CA ALA E 315 29.37 -2.40 -15.95
C ALA E 315 29.30 -1.91 -14.50
N SER E 316 28.72 -0.73 -14.33
CA SER E 316 28.55 -0.13 -13.02
C SER E 316 27.27 -0.69 -12.34
N GLU E 317 27.10 -2.01 -12.44
CA GLU E 317 25.93 -2.75 -11.96
C GLU E 317 26.22 -4.24 -11.79
N TYR E 318 25.71 -4.83 -10.70
CA TYR E 318 25.95 -6.23 -10.35
C TYR E 318 25.74 -7.23 -11.49
N THR E 319 26.78 -8.00 -11.80
CA THR E 319 26.73 -8.92 -12.92
C THR E 319 27.17 -10.34 -12.54
N ALA E 320 26.25 -11.30 -12.71
CA ALA E 320 26.57 -12.71 -12.51
C ALA E 320 27.28 -13.25 -13.75
N ASN E 321 28.60 -13.19 -13.72
CA ASN E 321 29.45 -13.68 -14.82
C ASN E 321 30.72 -14.31 -14.24
N THR E 322 30.57 -14.99 -13.10
CA THR E 322 31.71 -15.55 -12.38
C THR E 322 31.71 -17.07 -12.49
N GLY E 323 31.05 -17.59 -13.51
CA GLY E 323 30.73 -19.01 -13.59
C GLY E 323 29.77 -19.38 -12.49
N GLY E 324 28.94 -18.43 -12.07
CA GLY E 324 27.94 -18.67 -11.04
C GLY E 324 28.52 -18.86 -9.66
N ARG E 325 29.34 -17.90 -9.24
CA ARG E 325 29.91 -17.92 -7.90
C ARG E 325 29.71 -16.55 -7.26
N GLY E 326 28.73 -15.80 -7.76
CA GLY E 326 28.40 -14.47 -7.26
C GLY E 326 28.38 -13.41 -8.33
N SER E 327 28.09 -12.17 -7.95
CA SER E 327 28.02 -11.06 -8.91
C SER E 327 29.12 -10.02 -8.66
N VAL E 328 29.41 -9.20 -9.66
CA VAL E 328 30.49 -8.22 -9.57
C VAL E 328 30.03 -6.82 -9.94
N TYR E 329 30.51 -5.80 -9.23
CA TYR E 329 30.09 -4.42 -9.48
C TYR E 329 31.27 -3.52 -9.77
N ALA E 330 31.20 -2.82 -10.91
CA ALA E 330 32.27 -1.94 -11.37
C ALA E 330 33.60 -2.70 -11.42
N GLN E 331 33.52 -3.91 -11.97
CA GLN E 331 34.64 -4.84 -11.99
C GLN E 331 35.78 -4.37 -12.91
N PRO E 332 36.92 -3.95 -12.31
CA PRO E 332 38.09 -3.48 -13.05
C PRO E 332 38.77 -4.63 -13.76
N ALA E 333 39.50 -4.31 -14.83
CA ALA E 333 40.14 -5.32 -15.65
C ALA E 333 41.25 -6.09 -14.92
N ALA E 334 41.43 -7.33 -15.33
CA ALA E 334 42.55 -8.15 -14.89
C ALA E 334 43.66 -7.97 -15.91
N ALA E 335 44.82 -7.52 -15.45
CA ALA E 335 45.93 -7.21 -16.33
C ALA E 335 46.35 -8.41 -17.19
N LEU E 336 46.74 -8.11 -18.42
CA LEU E 336 47.33 -9.09 -19.32
C LEU E 336 48.68 -8.57 -19.77
N PHE E 337 49.69 -9.44 -19.74
CA PHE E 337 51.04 -9.02 -20.03
C PHE E 337 51.66 -9.80 -21.18
N GLY E 338 52.56 -9.15 -21.90
CA GLY E 338 53.42 -9.83 -22.86
C GLY E 338 53.11 -9.62 -24.34
N GLY E 339 51.85 -9.70 -24.70
CA GLY E 339 51.46 -9.66 -26.10
C GLY E 339 51.33 -11.07 -26.62
N ALA E 340 50.80 -11.19 -27.82
CA ALA E 340 50.60 -12.48 -28.45
C ALA E 340 51.11 -12.44 -29.88
N TRP E 341 50.82 -13.49 -30.65
CA TRP E 341 51.31 -13.61 -32.02
C TRP E 341 50.75 -12.53 -32.95
N ASN E 342 49.52 -12.09 -32.69
CA ASN E 342 48.90 -10.99 -33.45
C ASN E 342 49.31 -9.62 -32.95
N GLY E 343 49.81 -9.55 -31.72
CA GLY E 343 50.15 -8.29 -31.07
C GLY E 343 51.09 -7.38 -31.83
N THR E 344 51.56 -7.86 -32.99
CA THR E 344 52.47 -7.11 -33.88
C THR E 344 53.66 -6.48 -33.13
N SER E 345 53.81 -5.16 -33.23
CA SER E 345 54.96 -4.46 -32.64
C SER E 345 54.64 -3.82 -31.29
N LEU E 346 53.69 -4.41 -30.56
CA LEU E 346 53.31 -3.91 -29.25
C LEU E 346 53.83 -4.82 -28.15
N SER E 347 54.07 -6.09 -28.50
CA SER E 347 54.59 -7.12 -27.60
C SER E 347 55.94 -6.77 -26.98
N GLY E 348 56.36 -7.55 -25.97
CA GLY E 348 57.61 -7.27 -25.25
C GLY E 348 57.46 -7.36 -23.74
N SER E 349 58.55 -7.08 -23.02
CA SER E 349 58.63 -7.29 -21.57
C SER E 349 57.77 -6.34 -20.74
N ARG E 350 57.27 -5.28 -21.35
CA ARG E 350 56.37 -4.35 -20.66
C ARG E 350 55.01 -4.15 -21.35
N ALA E 351 54.70 -5.05 -22.29
CA ALA E 351 53.41 -5.08 -22.97
C ALA E 351 52.30 -5.32 -21.97
N ALA E 352 51.39 -4.34 -21.87
CA ALA E 352 50.35 -4.36 -20.84
C ALA E 352 48.97 -3.85 -21.30
N LEU E 353 47.99 -4.76 -21.33
CA LEU E 353 46.61 -4.47 -21.71
C LEU E 353 45.63 -4.55 -20.53
N TRP E 354 45.22 -3.40 -19.99
CA TRP E 354 44.23 -3.35 -18.90
C TRP E 354 42.80 -3.16 -19.39
N TYR E 355 42.36 -4.05 -20.27
CA TYR E 355 41.05 -3.93 -20.89
C TYR E 355 40.10 -5.03 -20.40
N SER E 356 40.48 -6.28 -20.65
CA SER E 356 39.61 -7.43 -20.43
C SER E 356 39.27 -7.62 -18.97
N GLY E 357 38.01 -7.95 -18.73
CA GLY E 357 37.56 -8.34 -17.41
C GLY E 357 37.91 -9.78 -17.18
N PRO E 358 37.82 -10.24 -15.93
CA PRO E 358 38.28 -11.55 -15.51
C PRO E 358 37.44 -12.68 -16.09
N SER E 359 36.31 -12.34 -16.68
CA SER E 359 35.39 -13.31 -17.26
C SER E 359 35.66 -13.56 -18.76
N PHE E 360 36.42 -12.66 -19.39
CA PHE E 360 36.79 -12.77 -20.81
C PHE E 360 37.57 -14.05 -21.10
N SER E 361 37.65 -14.43 -22.38
CA SER E 361 38.30 -15.68 -22.78
C SER E 361 38.63 -15.64 -24.27
N PHE E 362 39.86 -15.99 -24.62
CA PHE E 362 40.30 -15.97 -26.02
C PHE E 362 41.38 -16.99 -26.30
N ALA E 363 41.60 -17.27 -27.59
CA ALA E 363 42.65 -18.21 -28.03
C ALA E 363 44.07 -17.64 -27.85
N PHE E 364 44.15 -16.33 -27.63
CA PHE E 364 45.44 -15.66 -27.39
C PHE E 364 45.57 -15.11 -25.96
N PHE E 365 44.85 -15.75 -25.03
CA PHE E 365 44.93 -15.49 -23.59
C PHE E 365 45.31 -16.77 -22.85
N GLY E 366 46.42 -16.71 -22.10
CA GLY E 366 46.89 -17.83 -21.28
C GLY E 366 47.58 -17.37 -20.00
N ALA E 367 48.40 -18.24 -19.44
CA ALA E 367 49.06 -17.95 -18.15
C ALA E 367 50.47 -18.49 -17.98
N ARG E 368 51.29 -17.74 -17.25
CA ARG E 368 52.58 -18.20 -16.79
C ARG E 368 52.58 -18.09 -15.27
N GLY E 369 53.07 -19.13 -14.59
CA GLY E 369 53.15 -19.12 -13.13
C GLY E 369 54.41 -18.49 -12.57
N VAL E 370 54.28 -17.87 -11.39
CA VAL E 370 55.41 -17.42 -10.58
C VAL E 370 55.21 -17.84 -9.11
N CYS E 371 56.28 -17.78 -8.30
CA CYS E 371 56.17 -17.98 -6.86
C CYS E 371 57.35 -17.38 -6.11
N ASP E 372 57.27 -17.39 -4.78
CA ASP E 372 58.35 -16.88 -3.93
C ASP E 372 59.62 -17.72 -4.05
N HIS E 373 60.74 -17.09 -3.72
CA HIS E 373 62.01 -17.79 -3.68
C HIS E 373 62.35 -18.16 -2.23
N LEU E 374 62.56 -19.44 -1.98
CA LEU E 374 62.81 -19.97 -0.64
C LEU E 374 64.30 -20.18 -0.33
N ILE E 375 64.74 -19.71 0.83
CA ILE E 375 66.14 -19.83 1.27
C ILE E 375 66.17 -20.31 2.73
N LEU E 376 66.92 -21.36 3.02
CA LEU E 376 66.89 -21.96 4.35
C LEU E 376 68.26 -22.24 4.97
N VAL F 1 95.36 -47.03 22.80
CA VAL F 1 94.22 -47.98 22.96
C VAL F 1 93.38 -47.94 21.70
N GLN F 2 92.75 -49.06 21.35
CA GLN F 2 91.85 -49.13 20.20
C GLN F 2 90.60 -49.94 20.52
N PHE F 3 89.44 -49.46 20.06
CA PHE F 3 88.18 -50.14 20.27
C PHE F 3 87.83 -50.87 19.00
N ARG F 4 87.32 -52.09 19.10
CA ARG F 4 86.99 -52.81 17.87
C ARG F 4 85.69 -52.30 17.29
N GLY F 5 85.65 -52.26 15.95
CA GLY F 5 84.50 -51.79 15.22
C GLY F 5 84.20 -52.59 13.96
N GLY F 6 84.71 -52.12 12.82
CA GLY F 6 84.36 -52.69 11.51
C GLY F 6 83.23 -51.95 10.82
N THR F 7 82.88 -52.43 9.62
CA THR F 7 81.95 -51.74 8.71
C THR F 7 80.51 -51.54 9.24
N THR F 8 79.76 -50.69 8.54
CA THR F 8 78.34 -50.46 8.85
C THR F 8 77.57 -51.74 8.54
N ALA F 9 77.95 -52.37 7.43
CA ALA F 9 77.43 -53.68 7.02
C ALA F 9 77.57 -54.70 8.14
N GLN F 10 78.77 -54.77 8.71
CA GLN F 10 79.05 -55.66 9.85
C GLN F 10 78.24 -55.31 11.11
N HIS F 11 78.04 -54.01 11.35
CA HIS F 11 77.31 -53.56 12.53
C HIS F 11 75.84 -53.99 12.49
N ALA F 12 75.29 -53.96 11.27
CA ALA F 12 73.85 -54.18 11.02
C ALA F 12 73.24 -55.32 11.84
N THR F 13 73.91 -56.48 11.83
CA THR F 13 73.53 -57.62 12.65
C THR F 13 74.64 -57.93 13.66
N PHE F 14 74.65 -57.13 14.72
CA PHE F 14 75.62 -57.25 15.80
C PHE F 14 75.01 -56.53 17.00
N THR F 15 75.09 -57.16 18.17
CA THR F 15 74.60 -56.55 19.40
C THR F 15 75.67 -56.60 20.46
N GLY F 16 76.29 -55.45 20.74
CA GLY F 16 77.19 -55.33 21.90
C GLY F 16 76.38 -55.32 23.19
N ALA F 17 76.99 -55.76 24.29
CA ALA F 17 76.29 -55.78 25.58
C ALA F 17 76.04 -54.35 26.08
N ALA F 18 75.12 -54.23 27.04
CA ALA F 18 74.79 -52.92 27.61
C ALA F 18 76.04 -52.16 28.00
N ARG F 19 76.18 -50.96 27.45
CA ARG F 19 77.26 -50.04 27.79
C ARG F 19 78.58 -50.36 27.08
N GLU F 20 78.51 -51.22 26.07
CA GLU F 20 79.67 -51.44 25.20
C GLU F 20 79.71 -50.35 24.15
N ILE F 21 80.91 -49.91 23.79
CA ILE F 21 81.09 -48.85 22.80
C ILE F 21 81.92 -49.36 21.65
N THR F 22 81.38 -49.31 20.43
CA THR F 22 82.13 -49.71 19.23
C THR F 22 82.38 -48.53 18.30
N VAL F 23 83.19 -48.75 17.25
CA VAL F 23 83.52 -47.70 16.30
C VAL F 23 83.21 -48.12 14.87
N ASP F 24 82.17 -47.52 14.28
CA ASP F 24 81.85 -47.74 12.88
C ASP F 24 82.95 -47.11 12.03
N THR F 25 83.78 -47.96 11.41
CA THR F 25 84.95 -47.50 10.65
C THR F 25 84.58 -46.86 9.32
N ASP F 26 83.37 -47.12 8.84
CA ASP F 26 82.87 -46.49 7.62
C ASP F 26 82.45 -45.07 7.94
N LYS F 27 81.62 -44.95 8.96
CA LYS F 27 81.06 -43.68 9.37
C LYS F 27 82.06 -42.79 10.12
N ASN F 28 83.08 -43.42 10.71
CA ASN F 28 84.01 -42.76 11.65
C ASN F 28 83.31 -42.16 12.87
N THR F 29 82.46 -42.97 13.48
CA THR F 29 81.71 -42.53 14.65
C THR F 29 81.58 -43.63 15.71
N VAL F 30 81.20 -43.22 16.90
CA VAL F 30 80.99 -44.11 18.01
C VAL F 30 79.59 -44.70 17.92
N VAL F 31 79.46 -45.98 18.26
CA VAL F 31 78.16 -46.66 18.36
C VAL F 31 77.98 -47.18 19.79
N VAL F 32 76.98 -46.67 20.49
CA VAL F 32 76.64 -47.15 21.81
C VAL F 32 75.69 -48.34 21.66
N HIS F 33 75.80 -49.32 22.57
CA HIS F 33 74.89 -50.49 22.57
C HIS F 33 74.16 -50.67 23.90
N ASP F 34 73.04 -51.39 23.85
CA ASP F 34 72.16 -51.53 25.01
C ASP F 34 71.97 -52.98 25.42
N GLY F 35 72.42 -53.90 24.56
CA GLY F 35 72.33 -55.32 24.86
C GLY F 35 71.15 -56.01 24.22
N ALA F 36 70.38 -55.28 23.40
CA ALA F 36 69.25 -55.85 22.67
C ALA F 36 69.26 -55.49 21.18
N THR F 37 69.33 -54.19 20.87
CA THR F 37 69.17 -53.69 19.51
C THR F 37 70.37 -53.99 18.59
N ALA F 38 70.10 -54.74 17.54
CA ALA F 38 71.09 -54.99 16.50
C ALA F 38 71.45 -53.66 15.86
N GLY F 39 72.75 -53.44 15.68
CA GLY F 39 73.25 -52.20 15.08
C GLY F 39 73.55 -51.09 16.07
N GLY F 40 73.13 -51.28 17.32
CA GLY F 40 73.38 -50.30 18.38
C GLY F 40 72.73 -48.96 18.14
N PHE F 41 73.43 -47.89 18.50
CA PHE F 41 72.91 -46.52 18.37
C PHE F 41 74.02 -45.57 17.95
N PRO F 42 74.22 -45.43 16.62
CA PRO F 42 75.28 -44.54 16.13
C PRO F 42 75.14 -43.11 16.70
N LEU F 43 76.27 -42.49 17.03
CA LEU F 43 76.25 -41.11 17.47
C LEU F 43 76.53 -40.19 16.28
N ALA F 44 76.31 -38.90 16.48
CA ALA F 44 76.39 -37.92 15.39
C ALA F 44 77.76 -37.26 15.26
N ARG F 45 78.29 -37.27 14.05
CA ARG F 45 79.50 -36.50 13.70
C ARG F 45 79.25 -35.01 13.82
N HIS F 46 80.23 -34.24 14.34
CA HIS F 46 80.03 -32.80 14.51
C HIS F 46 79.82 -32.09 13.18
N ASP F 47 80.48 -32.56 12.13
CA ASP F 47 80.32 -31.95 10.81
C ASP F 47 78.84 -31.79 10.41
N LEU F 48 77.98 -32.67 10.90
CA LEU F 48 76.55 -32.61 10.60
C LEU F 48 75.77 -31.61 11.46
N VAL F 49 76.44 -30.95 12.40
CA VAL F 49 75.79 -29.86 13.15
C VAL F 49 76.50 -28.54 12.91
N LYS F 50 77.36 -28.52 11.90
CA LYS F 50 78.07 -27.31 11.50
C LYS F 50 77.03 -26.25 11.17
N THR F 51 77.28 -25.02 11.59
CA THR F 51 76.38 -23.85 11.41
C THR F 51 75.08 -23.83 12.24
N ALA F 52 74.93 -24.73 13.21
CA ALA F 52 73.75 -24.73 14.07
C ALA F 52 73.57 -23.41 14.81
N PHE F 53 72.32 -23.02 15.04
CA PHE F 53 71.98 -21.74 15.67
C PHE F 53 70.64 -21.83 16.40
N ILE F 54 70.67 -21.86 17.73
CA ILE F 54 69.47 -22.14 18.53
C ILE F 54 69.13 -21.04 19.52
N LYS F 55 67.94 -20.46 19.37
CA LYS F 55 67.45 -19.41 20.24
C LYS F 55 66.45 -20.02 21.20
N ALA F 56 66.43 -19.51 22.43
CA ALA F 56 65.44 -19.95 23.42
C ALA F 56 64.05 -19.59 22.95
N ASP F 57 63.89 -18.38 22.43
CA ASP F 57 62.64 -17.95 21.83
C ASP F 57 62.83 -17.50 20.37
N LYS F 58 62.42 -18.35 19.45
CA LYS F 58 62.67 -18.09 18.03
C LYS F 58 61.60 -17.27 17.32
N SER F 59 60.66 -16.74 18.09
CA SER F 59 59.69 -15.79 17.57
C SER F 59 60.17 -14.35 17.75
N ALA F 60 61.38 -14.19 18.29
CA ALA F 60 61.99 -12.88 18.53
C ALA F 60 63.42 -12.82 17.98
N VAL F 61 64.00 -11.62 17.96
CA VAL F 61 65.40 -11.47 17.59
C VAL F 61 66.27 -11.99 18.75
N ALA F 62 67.54 -12.25 18.48
CA ALA F 62 68.46 -12.84 19.45
C ALA F 62 69.03 -11.86 20.48
N PHE F 63 68.89 -10.56 20.22
CA PHE F 63 69.53 -9.53 21.03
C PHE F 63 68.53 -8.53 21.62
N THR F 64 68.69 -8.15 22.88
CA THR F 64 67.93 -7.00 23.42
C THR F 64 68.76 -5.73 23.44
N ARG F 65 68.09 -4.58 23.30
CA ARG F 65 68.75 -3.28 23.41
C ARG F 65 68.75 -2.88 24.86
N THR F 66 69.90 -2.43 25.35
CA THR F 66 70.01 -2.11 26.78
C THR F 66 70.20 -0.62 27.05
N GLY F 67 70.53 0.14 26.01
CA GLY F 67 70.62 1.59 26.10
C GLY F 67 70.91 2.13 24.71
N ASN F 68 71.13 3.44 24.60
CA ASN F 68 71.38 4.08 23.31
C ASN F 68 72.55 3.52 22.51
N ALA F 69 73.59 3.08 23.22
CA ALA F 69 74.80 2.54 22.57
C ALA F 69 75.15 1.09 22.98
N THR F 70 74.36 0.53 23.89
CA THR F 70 74.65 -0.77 24.49
C THR F 70 73.56 -1.80 24.16
N ALA F 71 73.98 -3.05 23.90
CA ALA F 71 73.05 -4.17 23.60
C ALA F 71 73.55 -5.52 24.15
N SER F 72 72.61 -6.41 24.46
CA SER F 72 72.92 -7.75 24.95
C SER F 72 72.54 -8.85 23.96
N ILE F 73 73.06 -10.04 24.18
CA ILE F 73 72.59 -11.25 23.50
C ILE F 73 71.80 -12.06 24.53
N LYS F 74 70.70 -12.67 24.10
CA LYS F 74 69.76 -13.31 25.02
C LYS F 74 70.28 -14.63 25.61
N ALA F 75 69.89 -14.88 26.86
CA ALA F 75 70.19 -16.13 27.53
C ALA F 75 69.55 -17.28 26.76
N GLY F 76 70.22 -18.42 26.73
CA GLY F 76 69.72 -19.59 26.01
C GLY F 76 70.17 -19.66 24.57
N THR F 77 70.92 -18.67 24.10
CA THR F 77 71.44 -18.72 22.74
C THR F 77 72.62 -19.67 22.66
N ILE F 78 72.66 -20.45 21.60
CA ILE F 78 73.67 -21.49 21.40
C ILE F 78 74.09 -21.42 19.95
N VAL F 79 75.39 -21.19 19.72
CA VAL F 79 75.94 -21.01 18.36
C VAL F 79 77.07 -21.98 18.08
N GLU F 80 77.00 -22.69 16.96
CA GLU F 80 78.15 -23.45 16.49
C GLU F 80 79.05 -22.49 15.73
N VAL F 81 80.30 -22.41 16.13
CA VAL F 81 81.30 -21.63 15.40
C VAL F 81 82.65 -22.34 15.33
N ASN F 82 83.11 -22.56 14.10
CA ASN F 82 84.46 -23.06 13.86
C ASN F 82 84.78 -24.34 14.64
N GLY F 83 83.87 -25.30 14.56
CA GLY F 83 84.04 -26.58 15.25
C GLY F 83 83.65 -26.56 16.72
N LYS F 84 83.42 -25.38 17.28
CA LYS F 84 83.13 -25.25 18.72
C LYS F 84 81.68 -24.86 19.01
N LEU F 85 81.26 -25.12 20.24
CA LEU F 85 79.97 -24.67 20.74
C LEU F 85 80.19 -23.44 21.65
N VAL F 86 79.65 -22.29 21.26
CA VAL F 86 79.58 -21.13 22.15
C VAL F 86 78.15 -20.97 22.65
N GLN F 87 77.99 -20.64 23.92
CA GLN F 87 76.70 -20.73 24.57
C GLN F 87 76.58 -19.70 25.66
N PHE F 88 75.46 -18.99 25.69
CA PHE F 88 75.26 -17.92 26.68
C PHE F 88 74.13 -18.28 27.60
N THR F 89 74.46 -18.61 28.84
CA THR F 89 73.44 -19.03 29.81
C THR F 89 72.84 -17.86 30.58
N ALA F 90 73.43 -16.67 30.42
CA ALA F 90 72.85 -15.45 30.94
C ALA F 90 72.84 -14.40 29.81
N ASP F 91 72.07 -13.34 29.99
CA ASP F 91 72.12 -12.20 29.09
C ASP F 91 73.49 -11.57 29.14
N THR F 92 74.17 -11.52 27.99
CA THR F 92 75.58 -11.13 27.91
C THR F 92 75.74 -9.87 27.07
N ALA F 93 76.48 -8.89 27.61
CA ALA F 93 76.74 -7.63 26.91
C ALA F 93 77.51 -7.89 25.63
N ILE F 94 77.20 -7.15 24.57
CA ILE F 94 77.91 -7.30 23.30
C ILE F 94 79.00 -6.25 23.26
N THR F 95 80.20 -6.66 22.90
CA THR F 95 81.32 -5.72 22.86
C THR F 95 81.20 -4.78 21.65
N MET F 96 81.14 -3.47 21.93
CA MET F 96 80.86 -2.45 20.92
C MET F 96 82.12 -1.82 20.36
N PRO F 97 82.15 -1.56 19.04
CA PRO F 97 83.23 -0.74 18.51
C PRO F 97 82.90 0.73 18.67
N ALA F 98 83.57 1.58 17.89
CA ALA F 98 83.22 2.99 17.83
C ALA F 98 81.97 3.14 16.98
N LEU F 99 80.94 3.76 17.56
CA LEU F 99 79.62 3.90 16.91
C LEU F 99 79.39 5.26 16.21
N THR F 100 79.47 5.25 14.87
CA THR F 100 79.22 6.45 14.05
C THR F 100 77.75 6.55 13.64
N ALA F 101 77.16 7.74 13.81
CA ALA F 101 75.78 7.99 13.38
C ALA F 101 75.54 7.55 11.93
N GLY F 102 74.45 6.81 11.74
CA GLY F 102 74.03 6.37 10.41
C GLY F 102 74.79 5.21 9.82
N THR F 103 75.26 4.29 10.67
CA THR F 103 76.04 3.12 10.19
C THR F 103 75.45 1.77 10.59
N ASP F 104 75.59 0.80 9.69
CA ASP F 104 75.22 -0.60 9.95
C ASP F 104 76.37 -1.36 10.63
N TYR F 105 76.03 -2.12 11.66
CA TYR F 105 76.98 -3.01 12.30
C TYR F 105 76.56 -4.47 12.19
N ALA F 106 77.54 -5.36 12.14
CA ALA F 106 77.29 -6.81 12.23
C ALA F 106 77.65 -7.27 13.64
N ILE F 107 76.96 -8.30 14.13
CA ILE F 107 77.29 -8.91 15.41
C ILE F 107 77.90 -10.30 15.19
N TYR F 108 79.04 -10.54 15.82
CA TYR F 108 79.75 -11.80 15.66
C TYR F 108 79.83 -12.60 16.96
N VAL F 109 79.74 -13.92 16.82
CA VAL F 109 80.06 -14.83 17.90
C VAL F 109 81.33 -15.60 17.49
N CYS F 110 82.34 -15.56 18.36
CA CYS F 110 83.71 -15.99 18.06
C CYS F 110 84.12 -17.27 18.78
N ASP F 111 85.06 -18.01 18.22
CA ASP F 111 85.49 -19.30 18.81
C ASP F 111 86.10 -19.20 20.21
N ASP F 112 86.59 -18.02 20.59
CA ASP F 112 87.05 -17.79 21.95
C ASP F 112 85.89 -17.51 22.91
N GLY F 113 84.67 -17.55 22.37
CA GLY F 113 83.46 -17.44 23.18
C GLY F 113 83.00 -16.05 23.55
N THR F 114 83.44 -15.05 22.79
CA THR F 114 82.99 -13.66 23.03
C THR F 114 82.06 -13.17 21.95
N VAL F 115 81.19 -12.22 22.32
CA VAL F 115 80.26 -11.60 21.39
C VAL F 115 80.61 -10.13 21.13
N ARG F 116 80.72 -9.77 19.85
CA ARG F 116 81.23 -8.46 19.46
C ARG F 116 80.61 -7.90 18.17
N ALA F 117 80.55 -6.56 18.09
CA ALA F 117 80.06 -5.86 16.90
C ALA F 117 81.20 -5.18 16.13
N ASP F 118 81.01 -4.97 14.83
CA ASP F 118 82.01 -4.29 14.01
C ASP F 118 81.39 -3.75 12.72
N SER F 119 81.95 -2.66 12.21
CA SER F 119 81.48 -2.05 10.96
C SER F 119 81.76 -2.96 9.77
N ASN F 120 82.75 -3.84 9.90
CA ASN F 120 83.10 -4.73 8.82
C ASN F 120 82.15 -5.93 8.77
N PHE F 121 81.69 -6.26 7.57
CA PHE F 121 80.70 -7.34 7.40
C PHE F 121 81.27 -8.69 6.95
N SER F 122 82.59 -8.80 6.86
CA SER F 122 83.26 -10.10 6.63
C SER F 122 83.76 -10.71 7.93
N ALA F 123 84.42 -9.90 8.75
CA ALA F 123 84.98 -10.34 10.02
C ALA F 123 85.25 -9.15 10.95
N PRO F 124 85.14 -9.34 12.27
CA PRO F 124 85.43 -8.24 13.19
C PRO F 124 86.93 -8.03 13.38
N THR F 125 87.28 -6.83 13.86
CA THR F 125 88.66 -6.43 14.07
C THR F 125 89.43 -7.45 14.94
N GLY F 126 90.46 -8.05 14.35
CA GLY F 126 91.30 -9.03 15.04
C GLY F 126 90.87 -10.49 14.93
N TYR F 127 90.14 -10.82 13.86
CA TYR F 127 89.63 -12.18 13.63
C TYR F 127 89.53 -12.49 12.15
N THR F 128 89.58 -13.77 11.79
CA THR F 128 89.21 -14.18 10.43
C THR F 128 87.72 -14.46 10.39
N SER F 129 87.18 -14.49 9.17
CA SER F 129 85.82 -14.96 8.95
C SER F 129 85.69 -16.43 9.37
N THR F 130 86.82 -17.05 9.75
CA THR F 130 86.85 -18.41 10.31
C THR F 130 86.68 -18.42 11.83
N THR F 131 87.43 -17.55 12.52
CA THR F 131 87.40 -17.51 13.98
C THR F 131 86.14 -16.84 14.55
N ALA F 132 85.48 -16.05 13.70
CA ALA F 132 84.25 -15.33 14.07
C ALA F 132 83.12 -15.65 13.10
N ARG F 133 81.91 -15.78 13.64
CA ARG F 133 80.73 -16.06 12.83
C ARG F 133 79.74 -14.92 12.91
N LYS F 134 79.30 -14.43 11.74
CA LYS F 134 78.30 -13.38 11.68
C LYS F 134 76.96 -13.97 12.09
N VAL F 135 76.36 -13.45 13.15
CA VAL F 135 75.07 -13.97 13.61
C VAL F 135 73.92 -13.01 13.41
N GLY F 136 74.22 -11.72 13.31
CA GLY F 136 73.18 -10.72 13.17
C GLY F 136 73.72 -9.34 12.89
N GLY F 137 72.99 -8.33 13.35
CA GLY F 137 73.41 -6.94 13.18
C GLY F 137 72.40 -5.91 13.68
N PHE F 138 72.75 -4.65 13.52
CA PHE F 138 71.84 -3.54 13.84
C PHE F 138 72.20 -2.31 13.05
N HIS F 139 71.46 -1.23 13.25
CA HIS F 139 71.75 0.03 12.62
C HIS F 139 71.82 1.15 13.66
N TYR F 140 72.97 1.82 13.68
CA TYR F 140 73.17 3.01 14.50
C TYR F 140 72.54 4.18 13.75
N ALA F 141 71.40 4.64 14.27
CA ALA F 141 70.55 5.62 13.62
C ALA F 141 70.96 7.05 13.97
N PRO F 142 70.68 8.04 13.08
CA PRO F 142 70.99 9.45 13.37
C PRO F 142 70.06 10.06 14.41
N GLY F 143 68.91 9.44 14.64
CA GLY F 143 67.98 9.97 15.62
C GLY F 143 67.25 8.91 16.40
N SER F 144 66.30 9.32 17.23
CA SER F 144 65.48 8.37 17.96
C SER F 144 64.29 7.95 17.12
N ASN F 145 63.64 6.86 17.52
CA ASN F 145 62.34 6.46 16.99
C ASN F 145 61.24 7.37 17.53
N ALA F 146 60.09 7.39 16.86
CA ALA F 146 58.95 8.21 17.27
C ALA F 146 58.24 7.65 18.50
N ALA F 147 58.32 8.40 19.59
CA ALA F 147 57.69 8.01 20.85
C ALA F 147 56.17 8.07 20.77
N ALA F 148 55.66 8.93 19.89
CA ALA F 148 54.22 9.06 19.59
C ALA F 148 54.09 9.44 18.11
N GLN F 149 53.49 10.61 17.82
CA GLN F 149 53.33 10.99 16.41
C GLN F 149 53.97 12.34 16.04
N ALA F 150 55.02 12.68 16.77
CA ALA F 150 55.85 13.87 16.49
C ALA F 150 57.05 13.52 15.62
N GLY F 151 57.56 12.30 15.75
CA GLY F 151 58.78 11.92 15.06
C GLY F 151 59.92 11.78 16.05
N GLY F 152 61.14 11.85 15.56
CA GLY F 152 62.32 11.64 16.39
C GLY F 152 63.22 12.85 16.59
N ASN F 153 64.24 12.68 17.43
CA ASN F 153 65.23 13.73 17.66
C ASN F 153 66.48 13.49 16.81
N THR F 154 67.63 13.98 17.28
CA THR F 154 68.88 13.82 16.55
C THR F 154 70.01 13.17 17.36
N THR F 155 69.67 12.62 18.53
CA THR F 155 70.60 11.79 19.30
C THR F 155 70.78 10.47 18.55
N ALA F 156 72.01 10.20 18.11
CA ALA F 156 72.33 8.96 17.43
C ALA F 156 72.24 7.82 18.44
N GLN F 157 71.55 6.75 18.06
CA GLN F 157 71.37 5.58 18.92
C GLN F 157 71.00 4.35 18.11
N ILE F 158 70.99 3.20 18.78
CA ILE F 158 70.62 1.96 18.14
C ILE F 158 69.10 1.94 17.98
N ASN F 159 68.65 1.78 16.74
CA ASN F 159 67.23 1.58 16.47
C ASN F 159 66.83 0.15 16.84
N GLU F 160 66.10 0.02 17.94
CA GLU F 160 65.79 -1.29 18.49
C GLU F 160 65.11 -2.26 17.52
N TYR F 161 64.48 -1.72 16.47
CA TYR F 161 63.78 -2.56 15.50
C TYR F 161 64.65 -2.94 14.31
N SER F 162 65.85 -2.39 14.25
CA SER F 162 66.80 -2.73 13.18
C SER F 162 67.63 -3.98 13.51
N LEU F 163 67.47 -4.48 14.74
CA LEU F 163 68.10 -5.73 15.15
C LEU F 163 67.66 -6.92 14.30
N TRP F 164 68.61 -7.67 13.79
CA TRP F 164 68.32 -8.90 13.07
C TRP F 164 69.30 -10.02 13.42
N ASP F 165 68.82 -11.25 13.51
CA ASP F 165 69.70 -12.41 13.52
C ASP F 165 69.50 -13.28 12.27
N ILE F 166 70.29 -14.34 12.12
CA ILE F 166 70.28 -15.09 10.87
C ILE F 166 69.03 -15.96 10.67
N LYS F 167 68.22 -16.07 11.72
CA LYS F 167 66.93 -16.77 11.65
C LYS F 167 65.74 -15.84 12.00
N PHE F 168 65.95 -14.54 11.81
CA PHE F 168 64.97 -13.49 12.15
C PHE F 168 65.39 -12.21 11.45
N ARG F 169 65.15 -12.14 10.15
CA ARG F 169 65.80 -11.16 9.28
C ARG F 169 64.95 -10.77 8.06
N PRO F 170 65.30 -9.64 7.40
CA PRO F 170 64.79 -9.32 6.07
C PRO F 170 64.97 -10.46 5.09
N ALA F 171 63.91 -10.72 4.33
CA ALA F 171 63.90 -11.75 3.29
C ALA F 171 64.82 -11.39 2.14
N ALA F 172 65.12 -10.11 2.01
CA ALA F 172 66.01 -9.58 0.98
C ALA F 172 67.41 -10.16 1.10
N LEU F 173 68.05 -10.26 -0.06
CA LEU F 173 69.46 -10.64 -0.21
C LEU F 173 70.42 -10.01 0.84
N ASP F 174 70.27 -8.71 1.11
CA ASP F 174 71.16 -7.96 2.00
C ASP F 174 70.38 -7.25 3.12
N PRO F 175 70.58 -7.67 4.38
CA PRO F 175 69.78 -7.22 5.53
C PRO F 175 70.00 -5.79 6.02
N ARG F 176 71.00 -5.11 5.49
CA ARG F 176 71.42 -3.81 6.07
C ARG F 176 70.48 -2.63 5.84
N GLY F 177 70.46 -1.73 6.82
CA GLY F 177 69.74 -0.47 6.69
C GLY F 177 68.23 -0.59 6.64
N MET F 178 67.71 -1.65 7.26
CA MET F 178 66.28 -1.91 7.31
C MET F 178 65.74 -1.97 8.73
N THR F 179 64.42 -1.95 8.84
CA THR F 179 63.76 -1.98 10.14
C THR F 179 62.50 -2.83 10.09
N LEU F 180 62.13 -3.36 11.24
CA LEU F 180 61.00 -4.28 11.33
C LEU F 180 59.73 -3.56 11.78
N VAL F 181 58.81 -3.42 10.83
CA VAL F 181 57.53 -2.74 11.01
C VAL F 181 56.50 -3.66 11.68
N ALA F 182 56.13 -3.32 12.91
CA ALA F 182 55.14 -4.07 13.71
C ALA F 182 55.36 -5.60 13.79
N GLY F 183 56.58 -6.05 13.48
CA GLY F 183 56.89 -7.47 13.50
C GLY F 183 56.29 -8.19 12.30
N ALA F 184 55.80 -7.43 11.33
CA ALA F 184 55.13 -7.99 10.16
C ALA F 184 56.03 -8.11 8.94
N PHE F 185 56.78 -7.05 8.64
CA PHE F 185 57.65 -7.01 7.46
C PHE F 185 58.73 -5.97 7.68
N TRP F 186 59.64 -5.88 6.71
CA TRP F 186 60.81 -5.01 6.81
C TRP F 186 60.77 -3.87 5.81
N ALA F 187 61.10 -2.68 6.28
CA ALA F 187 61.16 -1.49 5.43
C ALA F 187 62.56 -0.89 5.45
N ASP F 188 63.03 -0.43 4.28
CA ASP F 188 64.21 0.42 4.18
C ASP F 188 64.12 1.65 5.09
N ILE F 189 65.17 1.95 5.83
CA ILE F 189 65.16 3.12 6.71
C ILE F 189 65.29 4.41 5.90
N TYR F 190 66.03 4.35 4.80
CA TYR F 190 66.29 5.51 3.95
C TYR F 190 65.76 5.31 2.55
N LEU F 191 65.47 6.41 1.87
CA LEU F 191 64.97 6.36 0.49
C LEU F 191 66.05 5.89 -0.48
N LEU F 192 65.65 5.19 -1.53
CA LEU F 192 66.59 4.67 -2.51
C LEU F 192 67.63 5.73 -2.91
N GLY F 193 68.91 5.37 -2.82
CA GLY F 193 69.99 6.26 -3.25
C GLY F 193 70.41 6.06 -4.70
N VAL F 194 71.15 7.03 -5.23
CA VAL F 194 71.56 6.98 -6.64
C VAL F 194 72.61 5.89 -6.88
N ASN F 195 73.52 5.71 -5.92
CA ASN F 195 74.54 4.65 -5.94
C ASN F 195 74.12 3.46 -5.11
N HIS F 196 72.92 2.98 -5.36
CA HIS F 196 72.37 1.83 -4.68
C HIS F 196 73.20 0.58 -4.99
N LEU F 197 73.76 0.52 -6.20
CA LEU F 197 74.55 -0.63 -6.63
C LEU F 197 75.73 -0.92 -5.71
N THR F 198 76.21 0.11 -5.01
CA THR F 198 77.36 -0.06 -4.12
C THR F 198 77.08 0.29 -2.66
N ASP F 199 76.00 1.01 -2.38
CA ASP F 199 75.63 1.30 -0.98
C ASP F 199 74.43 0.48 -0.53
N GLY F 200 73.88 -0.32 -1.43
CA GLY F 200 72.60 -0.98 -1.19
C GLY F 200 71.50 0.04 -1.41
N THR F 201 70.27 -0.37 -1.17
CA THR F 201 69.14 0.52 -1.42
C THR F 201 68.99 1.60 -0.35
N SER F 202 69.17 1.22 0.91
CA SER F 202 69.00 2.15 2.01
C SER F 202 70.33 2.49 2.69
N LYS F 203 70.91 3.64 2.35
CA LYS F 203 72.14 4.10 3.01
C LYS F 203 71.99 5.54 3.44
N TYR F 204 72.36 5.81 4.68
CA TYR F 204 72.25 7.15 5.24
C TYR F 204 73.22 8.14 4.60
N ASN F 205 72.72 9.36 4.34
CA ASN F 205 73.49 10.47 3.75
C ASN F 205 74.03 10.28 2.31
N VAL F 206 73.30 9.56 1.46
CA VAL F 206 73.60 9.59 0.01
C VAL F 206 72.65 10.53 -0.72
N THR F 207 72.84 10.66 -2.02
CA THR F 207 71.94 11.42 -2.86
C THR F 207 70.71 10.55 -3.17
N ILE F 208 69.52 11.11 -2.93
CA ILE F 208 68.25 10.43 -3.20
C ILE F 208 67.93 10.38 -4.69
N ALA F 209 67.59 9.20 -5.19
CA ALA F 209 67.20 9.05 -6.60
C ALA F 209 65.83 9.70 -6.83
N ASP F 210 65.77 10.62 -7.79
CA ASP F 210 64.50 11.18 -8.27
C ASP F 210 64.42 11.11 -9.79
N GLY F 211 63.54 11.91 -10.40
CA GLY F 211 63.36 11.93 -11.86
C GLY F 211 64.59 12.41 -12.63
N SER F 212 65.19 13.49 -12.13
CA SER F 212 66.44 14.05 -12.67
C SER F 212 67.62 13.21 -12.17
N ALA F 213 67.78 13.18 -10.85
CA ALA F 213 68.80 12.37 -10.15
C ALA F 213 68.58 10.86 -10.33
N SER F 214 68.41 10.46 -11.59
CA SER F 214 68.10 9.09 -11.96
C SER F 214 69.05 8.08 -11.31
N PRO F 215 68.51 6.97 -10.74
CA PRO F 215 69.31 5.93 -10.08
C PRO F 215 70.16 5.13 -11.06
N LYS F 216 71.24 4.54 -10.54
CA LYS F 216 72.17 3.77 -11.38
C LYS F 216 71.46 2.56 -11.99
N LYS F 217 71.74 2.31 -13.26
CA LYS F 217 71.10 1.21 -13.97
C LYS F 217 71.52 -0.18 -13.45
N SER F 218 70.54 -0.92 -12.93
CA SER F 218 70.72 -2.27 -12.42
C SER F 218 71.46 -3.21 -13.38
N THR F 219 72.51 -3.82 -12.86
CA THR F 219 73.39 -4.67 -13.65
C THR F 219 72.75 -6.02 -13.96
N LYS F 220 71.72 -6.39 -13.18
CA LYS F 220 71.01 -7.64 -13.42
C LYS F 220 70.14 -7.53 -14.68
N PHE F 221 69.86 -6.28 -15.06
CA PHE F 221 69.09 -6.01 -16.27
C PHE F 221 69.90 -5.18 -17.27
N GLY F 222 71.07 -5.70 -17.63
CA GLY F 222 71.88 -5.18 -18.74
C GLY F 222 72.58 -3.86 -18.55
N GLY F 223 72.45 -3.24 -17.37
CA GLY F 223 73.21 -2.05 -17.02
C GLY F 223 74.68 -2.40 -16.87
N ASP F 224 75.53 -1.39 -16.75
CA ASP F 224 76.98 -1.65 -16.62
C ASP F 224 77.59 -1.37 -15.24
N GLY F 225 77.06 -0.42 -14.49
CA GLY F 225 77.60 -0.07 -13.18
C GLY F 225 77.98 1.40 -13.10
N SER F 226 78.20 1.99 -14.28
CA SER F 226 78.43 3.43 -14.39
C SER F 226 77.16 4.11 -14.90
N ALA F 227 76.62 3.57 -16.00
CA ALA F 227 75.36 4.05 -16.62
C ALA F 227 74.22 4.21 -15.62
N ALA F 228 73.50 5.33 -15.71
CA ALA F 228 72.24 5.49 -14.97
C ALA F 228 71.04 5.26 -15.92
N TYR F 229 69.82 5.39 -15.38
CA TYR F 229 68.60 5.39 -16.19
C TYR F 229 68.41 6.82 -16.70
N SER F 230 67.58 7.02 -17.72
CA SER F 230 67.33 8.39 -18.20
C SER F 230 66.33 9.18 -17.35
N ASP F 231 65.28 8.51 -16.86
CA ASP F 231 64.25 9.15 -16.03
C ASP F 231 63.84 8.36 -14.78
N GLY F 232 63.13 9.05 -13.87
CA GLY F 232 62.63 8.46 -12.62
C GLY F 232 61.29 7.73 -12.69
N ALA F 233 61.15 6.91 -13.74
CA ALA F 233 59.93 6.15 -14.02
C ALA F 233 59.69 5.05 -12.99
N TRP F 234 58.42 4.76 -12.72
CA TRP F 234 58.07 3.61 -11.89
C TRP F 234 58.81 2.38 -12.40
N TYR F 235 58.73 2.11 -13.70
CA TYR F 235 59.39 0.94 -14.28
C TYR F 235 60.82 0.78 -13.78
N ASN F 236 61.50 1.91 -13.60
CA ASN F 236 62.91 1.94 -13.24
C ASN F 236 63.18 1.56 -11.79
N PHE F 237 62.57 2.28 -10.85
CA PHE F 237 62.67 1.92 -9.44
C PHE F 237 62.21 0.48 -9.18
N ALA F 238 61.09 0.09 -9.80
CA ALA F 238 60.59 -1.27 -9.72
C ALA F 238 61.67 -2.31 -10.13
N GLU F 239 62.41 -2.00 -11.19
CA GLU F 239 63.55 -2.82 -11.62
C GLU F 239 64.67 -2.83 -10.58
N VAL F 240 64.95 -1.67 -9.98
CA VAL F 240 65.97 -1.52 -8.95
C VAL F 240 65.70 -2.37 -7.70
N MET F 241 64.46 -2.30 -7.21
CA MET F 241 64.07 -3.05 -6.01
C MET F 241 64.13 -4.55 -6.24
N THR F 242 63.82 -4.97 -7.47
CA THR F 242 63.86 -6.39 -7.86
C THR F 242 65.28 -6.94 -7.80
N HIS F 243 66.23 -6.13 -8.27
CA HIS F 243 67.67 -6.39 -8.22
C HIS F 243 68.09 -6.85 -6.82
N HIS F 244 67.65 -6.09 -5.82
CA HIS F 244 67.99 -6.33 -4.43
C HIS F 244 67.02 -7.25 -3.70
N GLY F 245 66.15 -7.92 -4.46
CA GLY F 245 65.14 -8.82 -3.89
C GLY F 245 64.20 -8.11 -2.92
N LYS F 246 63.80 -6.91 -3.31
CA LYS F 246 62.86 -6.11 -2.54
C LYS F 246 61.67 -5.72 -3.42
N ARG F 247 60.81 -4.89 -2.85
CA ARG F 247 59.52 -4.62 -3.41
C ARG F 247 59.21 -3.16 -3.11
N LEU F 248 58.41 -2.52 -3.97
CA LEU F 248 57.85 -1.21 -3.66
C LEU F 248 56.71 -1.37 -2.65
N PRO F 249 56.53 -0.39 -1.74
CA PRO F 249 55.53 -0.66 -0.70
C PRO F 249 54.12 -0.73 -1.25
N ASN F 250 53.22 -1.32 -0.48
CA ASN F 250 51.81 -1.21 -0.76
C ASN F 250 51.10 -0.33 0.26
N TYR F 251 49.83 -0.03 0.03
CA TYR F 251 49.11 0.89 0.90
C TYR F 251 49.12 0.40 2.35
N ASN F 252 48.79 -0.88 2.54
CA ASN F 252 48.76 -1.48 3.88
C ASN F 252 50.12 -1.42 4.55
N GLU F 253 51.15 -1.66 3.74
CA GLU F 253 52.55 -1.61 4.18
C GLU F 253 52.99 -0.18 4.48
N PHE F 254 52.71 0.74 3.56
CA PHE F 254 53.06 2.13 3.76
C PHE F 254 52.38 2.74 4.97
N GLN F 255 51.06 2.60 5.06
CA GLN F 255 50.31 3.17 6.18
C GLN F 255 50.81 2.60 7.49
N ALA F 256 51.36 1.38 7.43
CA ALA F 256 52.01 0.76 8.58
C ALA F 256 53.38 1.40 8.82
N LEU F 257 54.32 1.22 7.89
CA LEU F 257 55.72 1.65 8.04
C LEU F 257 55.91 3.12 8.38
N ALA F 258 54.98 3.95 7.91
CA ALA F 258 55.07 5.41 8.05
C ALA F 258 54.48 5.95 9.34
N PHE F 259 53.63 5.17 10.00
CA PHE F 259 53.03 5.58 11.27
C PHE F 259 54.07 6.09 12.24
N GLY F 260 53.71 7.08 13.04
CA GLY F 260 54.63 7.69 13.99
C GLY F 260 55.14 9.05 13.54
N THR F 261 55.18 9.24 12.22
CA THR F 261 55.52 10.51 11.58
C THR F 261 54.61 11.66 12.05
N THR F 262 55.03 12.91 11.79
CA THR F 262 54.15 14.07 11.99
C THR F 262 53.19 14.17 10.80
N GLU F 263 51.90 13.92 11.08
CA GLU F 263 50.87 13.94 10.05
C GLU F 263 50.60 15.36 9.52
N ALA F 264 50.23 15.43 8.24
CA ALA F 264 49.82 16.68 7.58
C ALA F 264 50.88 17.79 7.63
N THR F 265 52.11 17.44 7.30
CA THR F 265 53.21 18.40 7.26
C THR F 265 54.06 18.10 6.03
N SER F 266 54.95 19.02 5.67
CA SER F 266 55.90 18.79 4.58
C SER F 266 57.27 19.40 4.88
N SER F 267 58.26 19.06 4.05
CA SER F 267 59.62 19.56 4.25
C SER F 267 59.73 21.07 3.99
N GLY F 268 59.07 21.54 2.93
CA GLY F 268 59.18 22.93 2.51
C GLY F 268 60.24 23.06 1.43
N GLY F 269 60.86 24.23 1.34
CA GLY F 269 61.98 24.48 0.42
C GLY F 269 61.72 24.10 -1.02
N THR F 270 62.79 23.79 -1.76
CA THR F 270 62.64 23.39 -3.17
C THR F 270 63.37 22.08 -3.52
N ASP F 271 63.77 21.35 -2.47
CA ASP F 271 64.34 20.02 -2.64
C ASP F 271 64.53 19.32 -1.30
N VAL F 272 64.51 17.99 -1.34
CA VAL F 272 65.17 17.15 -0.35
C VAL F 272 66.07 16.23 -1.17
N PRO F 273 67.40 16.50 -1.15
CA PRO F 273 68.34 15.84 -2.05
C PRO F 273 69.10 14.69 -1.40
N THR F 274 69.20 14.71 -0.07
CA THR F 274 70.08 13.84 0.69
C THR F 274 69.32 13.15 1.82
N THR F 275 69.61 11.85 1.99
CA THR F 275 68.99 11.00 3.02
C THR F 275 69.40 11.33 4.45
N GLY F 276 68.43 11.65 5.29
CA GLY F 276 68.69 11.83 6.72
C GLY F 276 69.12 13.22 7.13
N VAL F 277 69.24 14.12 6.15
CA VAL F 277 69.53 15.53 6.44
C VAL F 277 68.44 16.43 5.87
N ASN F 278 68.19 17.54 6.56
CA ASN F 278 67.22 18.56 6.14
C ASN F 278 67.21 18.87 4.64
N GLY F 279 66.04 19.27 4.13
CA GLY F 279 65.92 19.63 2.71
C GLY F 279 66.50 21.01 2.44
N THR F 280 66.84 21.27 1.17
CA THR F 280 67.33 22.58 0.77
C THR F 280 66.19 23.59 0.87
N GLY F 281 66.31 24.48 1.86
CA GLY F 281 65.27 25.45 2.18
C GLY F 281 64.18 24.90 3.07
N ALA F 282 64.44 23.77 3.73
CA ALA F 282 63.41 23.09 4.51
C ALA F 282 62.81 23.98 5.61
N THR F 283 61.52 23.77 5.87
CA THR F 283 60.76 24.54 6.87
C THR F 283 60.53 23.74 8.15
N SER F 284 60.57 22.41 8.03
CA SER F 284 60.53 21.50 9.17
C SER F 284 61.74 20.57 9.06
N ALA F 285 62.31 20.20 10.20
CA ALA F 285 63.52 19.37 10.24
C ALA F 285 63.27 17.94 9.72
N TRP F 286 64.30 17.28 9.20
CA TRP F 286 64.18 15.89 8.70
C TRP F 286 63.55 14.91 9.71
N ASN F 287 63.94 15.05 10.98
CA ASN F 287 63.54 14.12 12.04
C ASN F 287 62.11 14.29 12.54
N ILE F 288 61.39 15.23 11.92
CA ILE F 288 59.97 15.39 12.14
C ILE F 288 59.25 14.19 11.51
N PHE F 289 59.80 13.71 10.41
CA PHE F 289 59.18 12.64 9.64
C PHE F 289 59.85 11.28 9.86
N THR F 290 60.26 11.03 11.10
CA THR F 290 60.87 9.76 11.47
C THR F 290 59.79 8.91 12.10
N SER F 291 59.60 7.70 11.55
CA SER F 291 58.46 6.85 11.94
C SER F 291 58.60 6.22 13.33
N LYS F 292 57.60 5.43 13.73
CA LYS F 292 57.60 4.75 15.02
C LYS F 292 58.71 3.73 15.12
N TRP F 293 59.03 3.08 13.99
CA TRP F 293 60.11 2.11 13.95
C TRP F 293 61.31 2.67 13.20
N GLY F 294 61.48 3.98 13.28
CA GLY F 294 62.66 4.64 12.75
C GLY F 294 62.84 4.62 11.23
N VAL F 295 61.77 4.74 10.47
CA VAL F 295 61.89 5.03 9.04
C VAL F 295 62.20 6.51 8.96
N VAL F 296 63.29 6.86 8.28
CA VAL F 296 63.77 8.25 8.25
C VAL F 296 63.24 8.94 7.02
N GLN F 297 62.64 10.11 7.24
CA GLN F 297 61.94 10.84 6.18
C GLN F 297 60.82 9.96 5.61
N ALA F 298 59.90 9.53 6.50
CA ALA F 298 58.85 8.57 6.16
C ALA F 298 57.80 9.15 5.23
N SER F 299 57.56 10.45 5.37
CA SER F 299 56.47 11.14 4.71
C SER F 299 56.78 12.62 4.45
N GLY F 300 56.27 13.12 3.32
CA GLY F 300 56.30 14.54 3.03
C GLY F 300 57.67 15.06 2.68
N CYS F 301 58.45 14.23 2.01
CA CYS F 301 59.76 14.61 1.53
C CYS F 301 59.85 14.21 0.08
N LEU F 302 59.62 12.93 -0.20
CA LEU F 302 59.41 12.50 -1.57
C LEU F 302 58.28 11.51 -1.62
N TRP F 303 57.45 11.63 -2.66
CA TRP F 303 56.52 10.58 -2.98
C TRP F 303 57.35 9.32 -3.25
N THR F 304 56.87 8.20 -2.76
CA THR F 304 57.52 6.94 -3.05
C THR F 304 56.59 6.10 -3.91
N TRP F 305 57.06 5.73 -5.10
CA TRP F 305 56.35 4.82 -5.96
C TRP F 305 55.88 3.59 -5.17
N GLY F 306 54.63 3.19 -5.38
CA GLY F 306 54.07 2.02 -4.71
C GLY F 306 53.94 0.82 -5.64
N ASN F 307 53.45 -0.30 -5.10
CA ASN F 307 53.27 -1.51 -5.89
C ASN F 307 51.80 -1.82 -6.16
N GLU F 308 50.98 -0.77 -6.18
CA GLU F 308 49.55 -0.89 -6.47
C GLU F 308 49.16 -0.07 -7.69
N PHE F 309 48.32 -0.63 -8.54
CA PHE F 309 47.80 0.10 -9.67
C PHE F 309 46.31 0.39 -9.52
N GLY F 310 45.91 1.55 -10.03
CA GLY F 310 44.53 2.02 -9.99
C GLY F 310 44.46 3.53 -10.20
N GLY F 311 43.29 4.12 -9.96
CA GLY F 311 43.11 5.56 -10.16
C GLY F 311 43.09 5.94 -11.63
N VAL F 312 43.54 7.16 -11.92
CA VAL F 312 43.47 7.73 -13.26
C VAL F 312 44.11 6.84 -14.33
N ASN F 313 43.31 6.47 -15.31
CA ASN F 313 43.80 5.75 -16.46
C ASN F 313 44.44 6.65 -17.52
N GLY F 314 45.02 6.04 -18.55
CA GLY F 314 45.68 6.78 -19.60
C GLY F 314 45.17 6.40 -20.96
N ALA F 315 45.69 7.08 -21.98
CA ALA F 315 45.35 6.83 -23.38
C ALA F 315 44.72 5.46 -23.59
N SER F 316 43.47 5.46 -24.00
CA SER F 316 42.71 4.22 -24.17
C SER F 316 43.10 3.41 -25.43
N GLU F 317 44.31 3.66 -25.93
CA GLU F 317 44.89 2.91 -27.05
C GLU F 317 46.35 2.55 -26.73
N TYR F 318 46.84 1.46 -27.31
CA TYR F 318 48.23 1.00 -27.12
C TYR F 318 49.25 2.13 -27.31
N THR F 319 50.06 2.37 -26.29
CA THR F 319 51.11 3.39 -26.36
C THR F 319 52.48 2.82 -25.99
N ALA F 320 53.52 3.17 -26.75
CA ALA F 320 54.88 2.83 -26.37
C ALA F 320 55.51 3.95 -25.53
N ASN F 321 55.60 3.73 -24.22
CA ASN F 321 56.23 4.66 -23.28
C ASN F 321 57.00 3.82 -22.25
N THR F 322 57.22 2.56 -22.61
CA THR F 322 57.86 1.58 -21.76
C THR F 322 59.36 1.45 -22.08
N GLY F 323 59.98 2.58 -22.45
CA GLY F 323 61.38 2.62 -22.85
C GLY F 323 61.73 1.72 -24.03
N GLY F 324 60.73 1.30 -24.78
CA GLY F 324 60.94 0.42 -25.93
C GLY F 324 60.87 -1.04 -25.55
N ARG F 325 59.93 -1.38 -24.67
CA ARG F 325 59.72 -2.77 -24.25
C ARG F 325 58.26 -3.24 -24.43
N GLY F 326 57.55 -2.61 -25.36
CA GLY F 326 56.15 -2.92 -25.63
C GLY F 326 55.23 -1.73 -25.42
N SER F 327 53.92 -1.96 -25.59
CA SER F 327 52.91 -0.89 -25.48
C SER F 327 51.89 -1.07 -24.35
N VAL F 328 51.30 0.03 -23.90
CA VAL F 328 50.34 -0.01 -22.79
C VAL F 328 48.94 0.54 -23.14
N TYR F 329 48.00 -0.39 -23.27
CA TYR F 329 46.59 -0.06 -23.52
C TYR F 329 45.86 0.29 -22.21
N ALA F 330 45.25 1.48 -22.19
CA ALA F 330 44.46 1.94 -21.05
C ALA F 330 45.14 1.62 -19.72
N GLN F 331 46.31 2.25 -19.52
CA GLN F 331 47.15 2.01 -18.37
C GLN F 331 46.68 2.75 -17.13
N PRO F 332 46.39 1.99 -16.06
CA PRO F 332 46.12 2.56 -14.74
C PRO F 332 47.35 3.22 -14.15
N ALA F 333 47.15 4.33 -13.45
CA ALA F 333 48.22 5.01 -12.75
C ALA F 333 48.84 4.07 -11.74
N ALA F 334 50.09 4.32 -11.39
CA ALA F 334 50.73 3.60 -10.30
C ALA F 334 50.71 4.50 -9.08
N ALA F 335 50.50 3.91 -7.91
CA ALA F 335 50.39 4.66 -6.67
C ALA F 335 51.65 5.47 -6.32
N LEU F 336 51.50 6.46 -5.46
CA LEU F 336 52.62 7.20 -4.88
C LEU F 336 52.18 7.56 -3.47
N PHE F 337 52.99 7.28 -2.47
CA PHE F 337 52.55 7.45 -1.07
C PHE F 337 53.35 8.49 -0.29
N GLY F 338 52.71 9.05 0.74
CA GLY F 338 53.40 9.88 1.73
C GLY F 338 53.43 11.37 1.49
N GLY F 339 53.50 11.75 0.22
CA GLY F 339 53.63 13.15 -0.18
C GLY F 339 55.07 13.56 -0.41
N ALA F 340 55.28 14.85 -0.70
CA ALA F 340 56.63 15.41 -0.93
C ALA F 340 56.83 16.75 -0.20
N TRP F 341 57.98 17.38 -0.45
CA TRP F 341 58.39 18.60 0.28
C TRP F 341 57.42 19.78 0.09
N ASN F 342 56.84 19.85 -1.12
CA ASN F 342 55.77 20.78 -1.47
C ASN F 342 54.40 20.11 -1.29
N GLY F 343 53.95 20.01 -0.42
CA GLY F 343 52.50 19.71 -0.31
C GLY F 343 51.97 19.87 1.10
N THR F 344 51.94 21.11 1.60
CA THR F 344 51.53 21.38 2.98
C THR F 344 50.14 20.82 3.31
N SER F 345 50.08 20.07 4.37
CA SER F 345 48.83 19.49 4.88
C SER F 345 48.33 18.26 4.12
N LEU F 346 49.07 17.83 3.11
CA LEU F 346 48.60 16.75 2.25
C LEU F 346 49.39 15.45 2.41
N SER F 347 50.50 15.75 2.73
CA SER F 347 51.37 14.67 3.20
C SER F 347 50.98 14.08 4.54
N GLY F 348 51.38 12.82 4.76
CA GLY F 348 51.10 12.07 5.99
C GLY F 348 51.30 10.58 5.78
N SER F 349 51.10 9.80 6.84
CA SER F 349 51.32 8.35 6.79
C SER F 349 50.36 7.61 5.84
N ARG F 350 49.27 8.28 5.43
CA ARG F 350 48.29 7.71 4.51
C ARG F 350 48.09 8.50 3.21
N ALA F 351 48.88 9.56 2.99
CA ALA F 351 48.80 10.34 1.77
C ALA F 351 48.98 9.48 0.52
N ALA F 352 48.11 9.64 -0.47
CA ALA F 352 48.14 8.78 -1.65
C ALA F 352 47.70 9.47 -2.93
N LEU F 353 48.48 9.32 -4.00
CA LEU F 353 48.24 10.03 -5.25
C LEU F 353 48.13 9.08 -6.42
N TRP F 354 46.90 8.88 -6.89
CA TRP F 354 46.66 7.95 -8.00
C TRP F 354 46.63 8.57 -9.38
N TYR F 355 47.30 9.72 -9.54
CA TYR F 355 47.34 10.40 -10.84
C TYR F 355 48.30 9.79 -11.86
N SER F 356 49.57 9.61 -11.47
CA SER F 356 50.67 9.44 -12.40
C SER F 356 50.84 8.05 -12.94
N GLY F 357 50.92 7.94 -14.25
CA GLY F 357 51.23 6.67 -14.93
C GLY F 357 52.64 6.17 -14.64
N PRO F 358 52.92 4.92 -15.04
CA PRO F 358 54.18 4.27 -14.67
C PRO F 358 55.39 4.82 -15.44
N SER F 359 55.13 5.55 -16.54
CA SER F 359 56.18 6.18 -17.34
C SER F 359 56.39 7.65 -16.95
N PHE F 360 55.65 8.11 -15.96
CA PHE F 360 55.80 9.47 -15.47
C PHE F 360 57.10 9.62 -14.70
N SER F 361 57.67 10.82 -14.74
CA SER F 361 58.98 11.08 -14.13
C SER F 361 59.11 12.50 -13.62
N PHE F 362 59.26 12.64 -12.30
CA PHE F 362 59.37 13.95 -11.67
C PHE F 362 60.37 13.90 -10.52
N ALA F 363 60.89 15.07 -10.15
CA ALA F 363 61.98 15.15 -9.17
C ALA F 363 61.53 15.04 -7.71
N PHE F 364 60.23 14.80 -7.51
CA PHE F 364 59.71 14.39 -6.19
C PHE F 364 59.24 12.93 -6.18
N PHE F 365 59.53 12.22 -7.27
CA PHE F 365 59.17 10.80 -7.37
C PHE F 365 60.36 9.87 -7.18
N GLY F 366 60.53 9.43 -5.93
CA GLY F 366 61.53 8.43 -5.56
C GLY F 366 60.91 7.09 -5.20
N ALA F 367 61.56 6.36 -4.29
CA ALA F 367 61.11 5.04 -3.87
C ALA F 367 61.65 4.69 -2.50
N ARG F 368 61.07 3.64 -1.92
CA ARG F 368 61.56 3.07 -0.68
C ARG F 368 61.31 1.58 -0.84
N GLY F 369 62.18 0.75 -0.25
CA GLY F 369 62.04 -0.70 -0.38
C GLY F 369 61.40 -1.38 0.81
N VAL F 370 60.73 -2.50 0.54
CA VAL F 370 60.21 -3.40 1.58
C VAL F 370 60.40 -4.85 1.17
N CYS F 371 60.48 -5.73 2.17
CA CYS F 371 60.48 -7.17 1.92
C CYS F 371 59.84 -7.91 3.10
N ASP F 372 59.62 -9.22 2.92
CA ASP F 372 59.01 -10.06 3.94
C ASP F 372 59.88 -10.25 5.17
N HIS F 373 59.27 -10.73 6.23
CA HIS F 373 60.00 -11.08 7.43
C HIS F 373 60.25 -12.58 7.40
N LEU F 374 61.52 -12.94 7.46
CA LEU F 374 61.92 -14.33 7.45
C LEU F 374 62.17 -14.78 8.88
N ILE F 375 61.44 -15.81 9.33
CA ILE F 375 61.64 -16.41 10.66
C ILE F 375 61.86 -17.90 10.48
N LEU F 376 62.91 -18.44 11.08
CA LEU F 376 63.27 -19.85 10.90
C LEU F 376 63.62 -20.53 12.23
N ASP G 1 55.62 47.78 -39.21
CA ASP G 1 56.88 47.10 -38.76
C ASP G 1 57.30 45.97 -39.71
N TRP G 2 56.57 44.84 -39.71
CA TRP G 2 56.84 43.73 -40.62
C TRP G 2 55.81 43.74 -41.74
N ASN G 3 56.23 44.20 -42.92
CA ASN G 3 55.34 44.27 -44.08
C ASN G 3 55.73 43.26 -45.13
N ASN G 4 54.78 42.36 -45.43
CA ASN G 4 54.91 41.40 -46.52
C ASN G 4 56.22 40.63 -46.51
N GLN G 5 56.80 40.52 -45.32
CA GLN G 5 58.07 39.85 -45.14
C GLN G 5 57.86 38.35 -45.09
N SER G 6 58.88 37.62 -45.50
CA SER G 6 58.87 36.17 -45.46
C SER G 6 59.94 35.70 -44.47
N ILE G 7 59.62 35.79 -43.18
CA ILE G 7 60.45 35.25 -42.10
C ILE G 7 60.46 33.72 -42.16
N ILE G 8 61.62 33.12 -41.94
CA ILE G 8 61.78 31.65 -42.08
C ILE G 8 63.09 31.15 -41.42
N LYS G 9 62.95 30.39 -40.33
CA LYS G 9 64.06 30.04 -39.46
C LYS G 9 64.17 28.54 -39.23
N ALA G 10 65.33 27.96 -39.54
CA ALA G 10 65.60 26.56 -39.22
C ALA G 10 66.36 26.46 -37.90
N GLY G 11 66.76 27.62 -37.37
CA GLY G 11 67.58 27.71 -36.19
C GLY G 11 66.95 27.10 -34.94
N GLU G 12 67.79 26.39 -34.19
CA GLU G 12 67.38 25.68 -32.99
C GLU G 12 67.08 26.69 -31.87
N ARG G 13 65.81 26.85 -31.54
CA ARG G 13 65.30 27.88 -30.61
C ARG G 13 65.24 29.30 -31.22
N GLN G 14 65.35 29.39 -32.54
CA GLN G 14 65.22 30.63 -33.29
C GLN G 14 63.76 30.94 -33.61
N HIS G 15 63.16 31.81 -32.82
CA HIS G 15 61.76 32.19 -33.00
C HIS G 15 61.54 33.11 -34.20
N GLY G 16 60.38 32.97 -34.84
CA GLY G 16 59.99 33.85 -35.95
C GLY G 16 59.90 35.30 -35.48
N ILE G 17 59.07 35.54 -34.48
CA ILE G 17 59.03 36.83 -33.80
C ILE G 17 59.08 36.57 -32.31
N HIS G 18 60.01 37.23 -31.64
CA HIS G 18 60.15 37.10 -30.21
C HIS G 18 60.14 38.48 -29.59
N ILE G 19 59.17 38.72 -28.71
CA ILE G 19 59.06 40.00 -28.04
C ILE G 19 59.41 39.84 -26.56
N LYS G 20 60.65 40.21 -26.25
CA LYS G 20 61.29 39.96 -24.95
C LYS G 20 60.76 40.87 -23.85
N GLN G 21 60.85 40.40 -22.61
CA GLN G 21 60.39 41.11 -21.42
C GLN G 21 61.15 42.43 -21.28
N SER G 22 62.47 42.33 -21.45
CA SER G 22 63.38 43.47 -21.49
C SER G 22 63.40 44.04 -22.92
N ASP G 23 62.32 44.74 -23.27
CA ASP G 23 62.11 45.22 -24.63
C ASP G 23 61.12 46.38 -24.59
N GLY G 24 61.03 47.12 -25.67
CA GLY G 24 60.13 48.29 -25.74
C GLY G 24 58.72 48.01 -25.24
N ALA G 25 58.11 49.00 -24.61
CA ALA G 25 56.70 48.94 -24.25
C ALA G 25 55.89 49.61 -25.37
N GLY G 26 54.93 48.91 -25.96
CA GLY G 26 54.11 49.51 -27.01
C GLY G 26 53.51 48.56 -28.04
N VAL G 27 53.01 49.14 -29.13
CA VAL G 27 52.25 48.42 -30.13
C VAL G 27 53.07 48.07 -31.38
N ARG G 28 53.41 46.79 -31.53
CA ARG G 28 54.00 46.28 -32.77
C ARG G 28 52.89 45.94 -33.74
N THR G 29 53.24 45.71 -35.01
CA THR G 29 52.24 45.47 -36.04
C THR G 29 52.82 44.79 -37.30
N ALA G 30 52.09 43.80 -37.83
CA ALA G 30 52.54 42.99 -38.97
C ALA G 30 51.42 42.64 -39.96
N THR G 31 51.65 42.88 -41.24
CA THR G 31 50.64 42.62 -42.27
C THR G 31 51.22 41.90 -43.45
N GLY G 32 50.51 40.90 -43.93
CA GLY G 32 50.93 40.15 -45.12
C GLY G 32 52.23 39.41 -44.89
N THR G 33 52.65 39.37 -43.64
CA THR G 33 53.89 38.69 -43.27
C THR G 33 53.60 37.21 -43.08
N THR G 34 54.51 36.34 -43.52
CA THR G 34 54.40 34.91 -43.23
C THR G 34 55.62 34.38 -42.48
N ILE G 35 55.37 33.64 -41.40
CA ILE G 35 56.41 33.04 -40.60
C ILE G 35 56.39 31.53 -40.76
N LYS G 36 57.57 30.96 -40.95
CA LYS G 36 57.73 29.52 -40.96
C LYS G 36 59.01 29.12 -40.22
N VAL G 37 58.85 28.27 -39.22
CA VAL G 37 59.92 27.96 -38.29
C VAL G 37 60.02 26.44 -38.11
N SER G 38 61.16 25.87 -38.52
CA SER G 38 61.42 24.45 -38.34
C SER G 38 62.28 24.17 -37.12
N GLY G 39 62.89 25.23 -36.59
CA GLY G 39 63.77 25.12 -35.43
C GLY G 39 63.13 24.34 -34.31
N ARG G 40 63.87 23.37 -33.78
CA ARG G 40 63.44 22.59 -32.64
C ARG G 40 63.36 23.47 -31.38
N GLN G 41 62.23 23.40 -30.69
CA GLN G 41 61.91 24.28 -29.55
C GLN G 41 61.82 25.75 -29.91
N ALA G 42 61.52 26.02 -31.18
CA ALA G 42 61.32 27.38 -31.64
C ALA G 42 59.90 27.56 -32.13
N GLN G 43 59.21 28.54 -31.52
CA GLN G 43 57.84 28.90 -31.92
C GLN G 43 57.82 30.01 -32.96
N GLY G 44 56.78 30.01 -33.78
CA GLY G 44 56.54 31.07 -34.76
C GLY G 44 56.49 32.45 -34.11
N VAL G 45 55.69 32.59 -33.06
CA VAL G 45 55.60 33.85 -32.33
C VAL G 45 55.62 33.58 -30.84
N LEU G 46 56.57 34.22 -30.15
CA LEU G 46 56.61 34.19 -28.70
C LEU G 46 56.43 35.61 -28.16
N LEU G 47 55.40 35.78 -27.33
CA LEU G 47 55.04 37.08 -26.79
C LEU G 47 55.10 37.04 -25.27
N GLU G 48 56.00 37.85 -24.71
CA GLU G 48 56.42 37.69 -23.32
C GLU G 48 56.62 39.01 -22.61
N ASN G 49 55.75 39.96 -22.87
CA ASN G 49 55.93 41.31 -22.34
C ASN G 49 54.60 41.95 -22.00
N PRO G 50 54.32 42.13 -20.69
CA PRO G 50 53.01 42.64 -20.23
C PRO G 50 52.67 44.04 -20.72
N ALA G 51 53.62 44.71 -21.38
CA ALA G 51 53.42 46.07 -21.90
C ALA G 51 53.36 46.12 -23.43
N ALA G 52 53.64 45.01 -24.10
CA ALA G 52 53.61 44.93 -25.55
C ALA G 52 52.28 44.43 -26.08
N GLU G 53 51.88 44.94 -27.24
CA GLU G 53 50.74 44.41 -27.98
C GLU G 53 51.18 44.14 -29.41
N LEU G 54 50.80 42.98 -29.95
CA LEU G 54 51.21 42.61 -31.29
C LEU G 54 50.00 42.34 -32.17
N ARG G 55 49.92 43.06 -33.28
CA ARG G 55 48.82 42.91 -34.22
C ARG G 55 49.30 42.18 -35.46
N PHE G 56 48.58 41.14 -35.85
CA PHE G 56 48.98 40.29 -36.94
C PHE G 56 47.83 40.12 -37.92
N GLN G 57 48.00 40.60 -39.14
CA GLN G 57 46.93 40.58 -40.14
C GLN G 57 47.36 40.01 -41.49
N ASN G 58 46.42 39.38 -42.21
CA ASN G 58 46.67 38.75 -43.52
C ASN G 58 47.94 37.93 -43.55
N GLY G 59 48.23 37.30 -42.43
CA GLY G 59 49.49 36.59 -42.28
C GLY G 59 49.30 35.13 -41.93
N SER G 60 50.41 34.41 -41.98
CA SER G 60 50.43 32.99 -41.71
C SER G 60 51.63 32.68 -40.79
N VAL G 61 51.39 31.88 -39.76
CA VAL G 61 52.46 31.45 -38.87
C VAL G 61 52.36 29.94 -38.70
N THR G 62 53.44 29.26 -39.03
CA THR G 62 53.47 27.80 -38.97
C THR G 62 54.78 27.32 -38.36
N SER G 63 54.71 26.26 -37.56
CA SER G 63 55.91 25.68 -36.93
C SER G 63 55.93 24.17 -37.09
N SER G 64 57.11 23.61 -37.31
CA SER G 64 57.28 22.16 -37.45
C SER G 64 58.13 21.57 -36.33
N GLY G 65 58.79 22.46 -35.58
CA GLY G 65 59.66 22.05 -34.48
C GLY G 65 58.92 21.43 -33.31
N GLN G 66 59.60 20.55 -32.60
CA GLN G 66 59.09 19.94 -31.39
C GLN G 66 59.17 20.97 -30.26
N LEU G 67 58.08 21.14 -29.51
CA LEU G 67 57.91 22.35 -28.71
C LEU G 67 57.78 22.24 -27.20
N PHE G 68 58.29 21.18 -26.58
CA PHE G 68 58.16 21.08 -25.11
C PHE G 68 59.11 22.02 -24.38
N ASP G 69 58.61 22.60 -23.29
CA ASP G 69 59.38 23.53 -22.49
C ASP G 69 60.00 22.82 -21.29
N GLU G 70 60.56 23.60 -20.37
CA GLU G 70 61.14 23.10 -19.12
C GLU G 70 60.69 23.92 -17.91
N GLY G 71 60.02 25.04 -18.16
CA GLY G 71 59.22 25.72 -17.14
C GLY G 71 57.96 24.91 -16.92
N VAL G 72 58.03 24.01 -15.93
CA VAL G 72 57.08 22.88 -15.71
C VAL G 72 56.80 22.02 -16.97
N ARG G 73 57.82 21.90 -17.83
CA ARG G 73 57.86 20.90 -18.92
C ARG G 73 56.71 21.00 -19.94
N ARG G 74 55.73 21.96 -19.38
CA ARG G 74 54.54 22.18 -20.24
C ARG G 74 54.92 22.50 -21.71
N PHE G 75 55.00 22.02 -22.68
CA PHE G 75 54.60 21.93 -24.10
C PHE G 75 53.87 23.20 -24.54
N LEU G 76 54.57 24.06 -25.25
CA LEU G 76 54.02 25.32 -25.68
C LEU G 76 53.38 25.20 -27.06
N GLY G 77 52.92 26.33 -27.59
CA GLY G 77 52.24 26.34 -28.88
C GLY G 77 52.94 27.25 -29.86
N THR G 78 52.77 26.95 -31.15
CA THR G 78 53.47 27.68 -32.21
C THR G 78 53.29 29.20 -32.16
N VAL G 79 52.15 29.64 -31.65
CA VAL G 79 52.04 31.00 -31.16
C VAL G 79 51.83 30.90 -29.65
N THR G 80 52.73 31.50 -28.89
CA THR G 80 52.66 31.43 -27.43
C THR G 80 52.63 32.80 -26.80
N VAL G 81 51.55 33.07 -26.07
CA VAL G 81 51.39 34.34 -25.39
C VAL G 81 51.48 34.10 -23.89
N LYS G 82 52.56 34.58 -23.28
CA LYS G 82 52.77 34.44 -21.84
C LYS G 82 52.52 35.74 -21.09
N ALA G 83 52.84 36.86 -21.73
CA ALA G 83 52.46 38.17 -21.24
C ALA G 83 52.28 39.08 -22.44
N GLY G 84 51.36 40.04 -22.33
CA GLY G 84 51.06 40.94 -23.44
C GLY G 84 49.80 40.56 -24.19
N LYS G 85 49.40 41.41 -25.13
CA LYS G 85 48.15 41.23 -25.87
C LYS G 85 48.45 40.84 -27.32
N LEU G 86 47.72 39.86 -27.82
CA LEU G 86 47.84 39.44 -29.23
C LEU G 86 46.54 39.70 -29.99
N VAL G 87 46.62 40.48 -31.06
CA VAL G 87 45.46 40.72 -31.92
C VAL G 87 45.68 40.10 -33.29
N ALA G 88 45.00 38.99 -33.57
CA ALA G 88 45.13 38.34 -34.87
C ALA G 88 43.87 38.50 -35.73
N ASP G 89 44.09 38.81 -37.01
CA ASP G 89 43.02 38.99 -37.99
C ASP G 89 43.36 38.32 -39.33
N HIS G 90 42.40 37.58 -39.87
CA HIS G 90 42.58 36.78 -41.08
C HIS G 90 43.94 36.11 -41.10
N ALA G 91 44.15 35.16 -40.19
CA ALA G 91 45.44 34.51 -40.06
C ALA G 91 45.31 32.99 -40.03
N THR G 92 46.28 32.30 -40.61
CA THR G 92 46.39 30.87 -40.40
C THR G 92 47.46 30.62 -39.36
N LEU G 93 47.15 29.78 -38.38
CA LEU G 93 48.12 29.36 -37.39
C LEU G 93 48.19 27.85 -37.41
N ALA G 94 49.37 27.35 -37.78
CA ALA G 94 49.57 25.93 -37.95
C ALA G 94 50.74 25.40 -37.13
N ASN G 95 50.56 24.20 -36.58
CA ASN G 95 51.63 23.48 -35.92
C ASN G 95 51.75 22.18 -36.67
N VAL G 96 52.62 22.16 -37.67
CA VAL G 96 52.66 21.07 -38.61
C VAL G 96 53.67 20.01 -38.19
N SER G 97 53.91 19.89 -36.88
CA SER G 97 54.89 18.92 -36.39
C SER G 97 54.41 17.48 -36.56
N ASP G 98 55.27 16.51 -36.24
CA ASP G 98 54.88 15.12 -36.14
C ASP G 98 54.38 14.84 -34.71
N THR G 99 53.14 14.36 -34.59
CA THR G 99 52.45 14.20 -33.30
C THR G 99 53.17 13.26 -32.33
N ARG G 100 53.95 12.33 -32.89
CA ARG G 100 54.81 11.43 -32.09
C ARG G 100 55.80 12.18 -31.20
N ASP G 101 56.17 13.40 -31.59
CA ASP G 101 57.12 14.23 -30.84
C ASP G 101 56.43 15.37 -30.11
N ASP G 102 55.55 16.07 -30.82
CA ASP G 102 54.95 17.32 -30.35
C ASP G 102 53.45 17.16 -30.07
N ASP G 103 52.94 17.97 -29.15
CA ASP G 103 51.52 17.99 -28.86
C ASP G 103 50.69 18.66 -29.95
N GLY G 104 51.32 19.47 -30.78
CA GLY G 104 50.65 20.06 -31.93
C GLY G 104 49.78 21.25 -31.58
N ILE G 105 50.06 21.86 -30.44
CA ILE G 105 49.32 23.04 -29.99
C ILE G 105 49.62 24.22 -30.90
N ALA G 106 48.57 24.78 -31.51
CA ALA G 106 48.72 25.88 -32.48
C ALA G 106 48.73 27.25 -31.82
N LEU G 107 48.04 27.36 -30.69
CA LEU G 107 47.99 28.62 -29.96
C LEU G 107 47.85 28.36 -28.48
N TYR G 108 48.78 28.91 -27.72
CA TYR G 108 48.87 28.68 -26.29
C TYR G 108 48.92 30.05 -25.61
N VAL G 109 47.92 30.33 -24.78
CA VAL G 109 47.87 31.60 -24.04
C VAL G 109 47.76 31.27 -22.56
N ALA G 110 48.76 31.70 -21.80
CA ALA G 110 48.82 31.36 -20.38
C ALA G 110 49.43 32.50 -19.58
N GLY G 111 48.83 32.78 -18.43
CA GLY G 111 49.38 33.79 -17.56
C GLY G 111 48.43 34.93 -17.28
N GLU G 112 48.48 35.41 -16.05
CA GLU G 112 47.64 36.49 -15.54
C GLU G 112 47.58 37.73 -16.44
N GLN G 113 48.65 37.99 -17.18
CA GLN G 113 48.72 39.17 -18.06
C GLN G 113 48.85 38.79 -19.53
N ALA G 114 48.38 37.59 -19.89
CA ALA G 114 48.33 37.16 -21.27
C ALA G 114 46.92 37.32 -21.82
N GLN G 115 46.81 37.96 -22.99
CA GLN G 115 45.53 38.17 -23.68
C GLN G 115 45.69 37.93 -25.16
N ALA G 116 44.61 37.48 -25.79
CA ALA G 116 44.60 37.28 -27.23
C ALA G 116 43.19 37.41 -27.76
N SER G 117 43.02 38.11 -28.88
CA SER G 117 41.76 38.05 -29.61
C SER G 117 41.98 37.70 -31.07
N ILE G 118 41.43 36.56 -31.44
CA ILE G 118 41.55 36.01 -32.78
C ILE G 118 40.26 36.28 -33.53
N ALA G 119 40.37 36.78 -34.76
CA ALA G 119 39.22 37.12 -35.58
C ALA G 119 39.42 36.66 -37.01
N ASP G 120 38.47 35.88 -37.53
CA ASP G 120 38.48 35.46 -38.94
C ASP G 120 39.70 34.61 -39.30
N SER G 121 40.21 33.86 -38.34
CA SER G 121 41.44 33.11 -38.54
C SER G 121 41.18 31.61 -38.56
N THR G 122 42.20 30.81 -38.85
CA THR G 122 42.08 29.34 -38.75
C THR G 122 43.23 28.73 -37.95
N LEU G 123 42.90 28.09 -36.84
CA LEU G 123 43.88 27.47 -35.96
C LEU G 123 43.92 25.97 -36.21
N GLN G 124 45.07 25.45 -36.62
CA GLN G 124 45.19 24.00 -36.82
C GLN G 124 46.43 23.32 -36.26
N GLY G 125 46.32 22.01 -36.08
CA GLY G 125 47.33 21.20 -35.42
C GLY G 125 46.63 20.36 -34.38
N ALA G 126 47.10 19.13 -34.19
CA ALA G 126 46.40 18.13 -33.38
C ALA G 126 46.27 18.50 -31.90
N GLY G 127 46.80 19.65 -31.51
CA GLY G 127 46.72 20.12 -30.12
C GLY G 127 45.81 21.32 -29.91
N GLY G 128 45.44 21.96 -31.02
CA GLY G 128 44.44 23.01 -31.01
C GLY G 128 44.82 24.24 -30.21
N VAL G 129 43.89 24.74 -29.40
CA VAL G 129 44.09 25.96 -28.65
C VAL G 129 44.06 25.66 -27.15
N ARG G 130 45.09 26.13 -26.44
CA ARG G 130 45.15 25.94 -25.00
C ARG G 130 45.16 27.28 -24.30
N VAL G 131 44.26 27.46 -23.34
CA VAL G 131 44.21 28.67 -22.52
C VAL G 131 44.30 28.29 -21.04
N GLU G 132 45.18 28.92 -20.28
CA GLU G 132 45.30 28.60 -18.86
C GLU G 132 45.96 29.66 -17.99
N ARG G 133 46.08 29.35 -16.71
CA ARG G 133 46.66 30.21 -15.69
C ARG G 133 46.25 31.68 -15.78
N GLY G 134 44.95 31.90 -15.88
CA GLY G 134 44.38 33.25 -15.78
C GLY G 134 44.51 34.13 -17.00
N ALA G 135 44.55 33.52 -18.17
CA ALA G 135 44.61 34.28 -19.39
C ALA G 135 43.20 34.67 -19.84
N ASN G 136 43.12 35.59 -20.80
CA ASN G 136 41.86 35.96 -21.44
C ASN G 136 41.97 35.82 -22.95
N VAL G 137 41.03 35.11 -23.57
CA VAL G 137 41.03 34.92 -25.02
C VAL G 137 39.65 35.16 -25.63
N THR G 138 39.62 35.75 -26.82
CA THR G 138 38.40 35.91 -27.59
C THR G 138 38.59 35.39 -29.00
N VAL G 139 37.73 34.48 -29.42
CA VAL G 139 37.80 33.96 -30.78
C VAL G 139 36.50 34.28 -31.51
N GLN G 140 36.61 34.75 -32.75
CA GLN G 140 35.49 35.27 -33.49
C GLN G 140 35.58 34.84 -34.95
N ARG G 141 34.52 34.22 -35.45
CA ARG G 141 34.40 33.84 -36.88
C ARG G 141 35.61 33.04 -37.39
N SER G 142 36.08 32.13 -36.55
CA SER G 142 37.30 31.41 -36.84
C SER G 142 37.03 29.91 -36.90
N THR G 143 38.06 29.11 -37.16
CA THR G 143 37.91 27.65 -37.11
C THR G 143 39.07 27.05 -36.32
N ILE G 144 38.73 26.31 -35.26
CA ILE G 144 39.68 25.38 -34.67
C ILE G 144 39.48 24.06 -35.41
N VAL G 145 40.46 23.73 -36.23
CA VAL G 145 40.28 22.75 -37.29
C VAL G 145 40.26 21.31 -36.81
N ASP G 146 41.10 20.95 -35.84
CA ASP G 146 41.30 19.54 -35.50
C ASP G 146 41.80 19.20 -34.10
N GLY G 147 42.28 20.19 -33.35
CA GLY G 147 42.87 19.93 -32.04
C GLY G 147 41.98 20.20 -30.84
N GLY G 148 40.96 21.05 -31.04
CA GLY G 148 40.03 21.37 -29.97
C GLY G 148 40.44 22.56 -29.12
N LEU G 149 39.60 22.88 -28.14
CA LEU G 149 39.81 24.02 -27.25
C LEU G 149 39.90 23.54 -25.81
N HIS G 150 40.98 23.90 -25.12
CA HIS G 150 41.24 23.39 -23.77
C HIS G 150 41.64 24.46 -22.78
N ILE G 151 40.75 24.69 -21.83
CA ILE G 151 40.87 25.76 -20.87
C ILE G 151 41.03 25.17 -19.48
N GLY G 152 42.00 25.71 -18.74
CA GLY G 152 42.43 25.17 -17.45
C GLY G 152 42.99 23.77 -17.57
N THR G 153 43.47 23.24 -16.46
CA THR G 153 43.83 21.84 -16.38
C THR G 153 43.56 21.34 -14.98
N LEU G 154 43.63 20.03 -14.81
CA LEU G 154 43.57 19.45 -13.48
C LEU G 154 44.90 19.71 -12.75
N GLN G 155 44.96 19.36 -11.47
CA GLN G 155 46.13 19.58 -10.63
C GLN G 155 47.45 19.03 -11.24
N PRO G 156 48.36 19.94 -11.69
CA PRO G 156 49.78 19.56 -11.84
C PRO G 156 50.48 19.52 -10.47
N LEU G 157 50.11 18.51 -9.67
CA LEU G 157 50.78 18.15 -8.41
C LEU G 157 50.87 19.28 -7.35
N GLN G 158 49.82 20.12 -7.30
CA GLN G 158 49.65 21.17 -6.25
C GLN G 158 48.29 21.90 -6.33
N PRO G 159 47.94 22.70 -5.27
CA PRO G 159 46.90 23.76 -5.39
C PRO G 159 47.23 24.86 -6.43
N GLU G 160 46.21 25.27 -7.20
CA GLU G 160 46.40 26.05 -8.43
C GLU G 160 46.31 27.59 -8.31
N ASP G 161 46.71 28.36 -7.76
CA ASP G 161 46.52 29.55 -6.86
C ASP G 161 45.06 30.18 -6.98
N LEU G 162 44.63 30.51 -8.08
CA LEU G 162 43.23 30.95 -8.33
C LEU G 162 42.88 31.55 -9.72
N PRO G 163 43.55 32.67 -10.13
CA PRO G 163 42.92 33.65 -11.06
C PRO G 163 42.31 33.01 -12.31
N PRO G 164 40.97 33.14 -12.47
CA PRO G 164 40.21 32.45 -13.50
C PRO G 164 40.55 32.89 -14.93
N SER G 165 40.56 31.92 -15.84
CA SER G 165 40.73 32.20 -17.25
C SER G 165 39.36 32.46 -17.84
N ARG G 166 39.28 33.38 -18.80
CA ARG G 166 38.03 33.70 -19.49
C ARG G 166 38.18 33.56 -21.00
N VAL G 167 37.36 32.71 -21.60
CA VAL G 167 37.34 32.54 -23.05
C VAL G 167 35.95 32.86 -23.59
N VAL G 168 35.92 33.61 -24.70
CA VAL G 168 34.67 33.99 -25.34
C VAL G 168 34.71 33.62 -26.82
N LEU G 169 33.80 32.74 -27.23
CA LEU G 169 33.68 32.34 -28.64
C LEU G 169 32.47 32.95 -29.35
N GLY G 170 32.72 33.59 -30.50
CA GLY G 170 31.69 34.18 -31.35
C GLY G 170 31.60 33.46 -32.69
N ASP G 171 30.61 32.58 -32.81
CA ASP G 171 30.49 31.60 -33.91
C ASP G 171 31.79 31.30 -34.65
N THR G 172 32.66 30.64 -33.91
CA THR G 172 33.73 29.89 -34.49
C THR G 172 33.30 28.44 -34.30
N SER G 173 33.84 27.53 -35.10
CA SER G 173 33.49 26.13 -34.90
C SER G 173 34.72 25.34 -34.49
N VAL G 174 34.58 24.59 -33.40
CA VAL G 174 35.67 23.82 -32.83
C VAL G 174 35.49 22.35 -33.19
N THR G 175 36.57 21.72 -33.63
CA THR G 175 36.58 20.31 -33.99
C THR G 175 37.79 19.60 -33.39
N ALA G 176 37.62 18.33 -33.06
CA ALA G 176 38.69 17.49 -32.57
C ALA G 176 38.61 16.17 -33.30
N VAL G 177 39.46 16.01 -34.31
CA VAL G 177 39.52 14.80 -35.13
C VAL G 177 39.90 13.62 -34.24
N PRO G 178 39.35 12.41 -34.53
CA PRO G 178 39.75 11.21 -33.77
C PRO G 178 41.27 11.08 -33.72
N ALA G 179 41.92 11.37 -34.84
CA ALA G 179 43.38 11.38 -34.98
C ALA G 179 44.17 12.24 -33.97
N SER G 180 43.56 13.30 -33.43
CA SER G 180 44.20 14.17 -32.43
C SER G 180 44.19 13.55 -31.03
N GLY G 181 43.43 12.47 -30.89
CA GLY G 181 43.30 11.76 -29.62
C GLY G 181 42.89 12.63 -28.44
N ALA G 182 42.18 13.72 -28.70
CA ALA G 182 41.67 14.57 -27.61
C ALA G 182 40.43 13.94 -26.97
N PRO G 183 40.41 13.84 -25.64
CA PRO G 183 39.29 13.19 -24.95
C PRO G 183 37.96 13.95 -25.10
N ALA G 184 38.01 15.28 -25.05
CA ALA G 184 36.85 16.15 -25.34
C ALA G 184 37.17 17.18 -26.42
N ALA G 185 36.18 17.55 -27.23
CA ALA G 185 36.36 18.58 -28.25
C ALA G 185 36.57 19.97 -27.63
N VAL G 186 35.78 20.29 -26.62
CA VAL G 186 35.99 21.49 -25.81
C VAL G 186 36.04 21.06 -24.35
N SER G 187 37.09 21.47 -23.64
CA SER G 187 37.24 21.06 -22.25
C SER G 187 37.55 22.25 -21.38
N VAL G 188 36.92 22.27 -20.20
CA VAL G 188 37.09 23.36 -19.26
C VAL G 188 37.28 22.72 -17.90
N PHE G 189 38.49 22.79 -17.36
CA PHE G 189 38.81 22.22 -16.04
C PHE G 189 39.12 23.32 -15.03
N GLY G 190 38.61 23.16 -13.80
CA GLY G 190 38.83 24.14 -12.74
C GLY G 190 37.97 25.39 -12.87
N ALA G 191 38.12 26.32 -11.92
CA ALA G 191 37.34 27.56 -11.88
C ALA G 191 37.60 28.51 -13.07
N ASN G 192 37.14 28.12 -14.26
CA ASN G 192 37.32 28.92 -15.46
C ASN G 192 36.00 29.11 -16.22
N GLU G 193 35.99 30.10 -17.11
CA GLU G 193 34.77 30.47 -17.83
C GLU G 193 34.87 30.40 -19.34
N LEU G 194 33.83 29.87 -19.98
CA LEU G 194 33.71 29.86 -21.42
C LEU G 194 32.30 30.29 -21.84
N THR G 195 32.23 31.24 -22.77
CA THR G 195 30.95 31.62 -23.37
C THR G 195 31.02 31.36 -24.86
N VAL G 196 30.27 30.36 -25.30
CA VAL G 196 30.11 30.11 -26.72
C VAL G 196 28.84 30.84 -27.19
N ASP G 197 28.86 31.28 -28.45
CA ASP G 197 27.74 31.96 -29.08
C ASP G 197 27.71 31.60 -30.56
N GLY G 198 26.93 30.57 -30.91
CA GLY G 198 26.92 30.05 -32.28
C GLY G 198 28.05 29.07 -32.54
N GLY G 199 28.18 28.61 -33.78
CA GLY G 199 29.24 27.68 -34.14
C GLY G 199 29.03 26.25 -33.71
N HIS G 200 29.75 25.34 -34.34
CA HIS G 200 29.59 23.90 -34.15
C HIS G 200 30.77 23.31 -33.40
N ILE G 201 30.48 22.80 -32.22
CA ILE G 201 31.46 22.02 -31.47
C ILE G 201 31.28 20.58 -31.87
N THR G 202 32.25 20.04 -32.60
CA THR G 202 32.13 18.67 -33.08
C THR G 202 33.39 17.84 -32.78
N GLY G 203 33.27 16.51 -32.82
CA GLY G 203 34.39 15.63 -32.48
C GLY G 203 34.44 15.28 -31.00
N GLY G 204 35.64 15.05 -30.48
CA GLY G 204 35.82 14.60 -29.10
C GLY G 204 35.77 13.08 -29.02
N ARG G 205 36.79 12.51 -28.40
CA ARG G 205 36.92 11.05 -28.25
C ARG G 205 35.80 10.47 -27.41
N ALA G 206 35.55 11.10 -26.26
CA ALA G 206 34.63 10.56 -25.25
C ALA G 206 33.47 11.50 -24.94
N ALA G 207 33.68 12.80 -25.17
CA ALA G 207 32.67 13.83 -24.92
C ALA G 207 32.83 14.97 -25.93
N GLY G 208 31.80 15.80 -26.09
CA GLY G 208 31.89 16.96 -26.96
C GLY G 208 32.39 18.14 -26.17
N VAL G 209 31.64 18.49 -25.12
CA VAL G 209 32.07 19.50 -24.17
C VAL G 209 32.23 18.83 -22.80
N ALA G 210 33.37 19.07 -22.16
CA ALA G 210 33.61 18.53 -20.83
C ALA G 210 33.90 19.68 -19.88
N ALA G 211 33.06 19.82 -18.87
CA ALA G 211 33.21 20.87 -17.88
C ALA G 211 33.36 20.22 -16.53
N MET G 212 34.39 20.63 -15.78
CA MET G 212 34.82 19.86 -14.62
C MET G 212 35.52 20.68 -13.53
N ASP G 213 35.47 20.15 -12.31
CA ASP G 213 36.12 20.75 -11.14
C ASP G 213 35.88 22.25 -10.93
N GLY G 214 34.68 22.71 -11.24
CA GLY G 214 34.28 24.09 -10.91
C GLY G 214 34.16 25.03 -12.09
N ALA G 215 33.94 24.46 -13.27
CA ALA G 215 33.81 25.25 -14.49
C ALA G 215 32.49 26.01 -14.55
N ILE G 216 32.47 27.08 -15.34
CA ILE G 216 31.24 27.80 -15.66
C ILE G 216 31.20 27.95 -17.18
N VAL G 217 30.35 27.16 -17.82
CA VAL G 217 30.23 27.17 -19.27
C VAL G 217 28.82 27.63 -19.67
N HIS G 218 28.75 28.64 -20.53
CA HIS G 218 27.49 29.08 -21.11
C HIS G 218 27.51 28.84 -22.62
N LEU G 219 26.75 27.86 -23.07
CA LEU G 219 26.70 27.50 -24.48
C LEU G 219 25.44 28.04 -25.10
N GLN G 220 25.58 28.89 -26.12
CA GLN G 220 24.41 29.50 -26.78
C GLN G 220 24.43 29.33 -28.29
N ARG G 221 23.32 28.84 -28.84
CA ARG G 221 23.19 28.58 -30.29
C ARG G 221 24.28 27.65 -30.82
N ALA G 222 24.96 27.01 -29.89
CA ALA G 222 25.93 26.00 -30.22
C ALA G 222 25.21 24.77 -30.75
N THR G 223 25.86 24.08 -31.66
CA THR G 223 25.37 22.78 -32.11
C THR G 223 26.47 21.71 -31.90
N ILE G 224 26.15 20.71 -31.07
CA ILE G 224 27.12 19.73 -30.58
C ILE G 224 26.89 18.31 -31.10
N ARG G 225 27.72 17.86 -32.03
CA ARG G 225 27.66 16.48 -32.54
C ARG G 225 28.97 15.71 -32.32
N ARG G 226 28.94 14.41 -32.55
CA ARG G 226 30.15 13.59 -32.46
C ARG G 226 30.93 13.58 -33.78
N GLY G 227 30.22 13.65 -34.90
CA GLY G 227 30.83 13.47 -36.23
C GLY G 227 31.03 12.01 -36.58
N GLY G 255 30.85 4.93 -25.39
CA GLY G 255 29.72 5.78 -25.06
C GLY G 255 30.04 7.26 -25.10
N TRP G 256 29.76 7.92 -26.24
CA TRP G 256 30.03 9.35 -26.39
C TRP G 256 28.98 10.23 -25.70
N TYR G 257 29.44 11.31 -25.09
CA TYR G 257 28.55 12.30 -24.49
C TYR G 257 28.64 13.63 -25.20
N GLY G 258 27.52 14.32 -25.31
CA GLY G 258 27.51 15.67 -25.85
C GLY G 258 28.15 16.61 -24.85
N VAL G 259 27.51 16.75 -23.70
CA VAL G 259 28.03 17.56 -22.62
C VAL G 259 28.30 16.66 -21.41
N ASP G 260 29.41 16.90 -20.73
CA ASP G 260 29.76 16.12 -19.57
C ASP G 260 30.18 17.04 -18.42
N VAL G 261 29.42 17.02 -17.34
CA VAL G 261 29.63 17.96 -16.23
C VAL G 261 29.97 17.23 -14.92
N SER G 262 30.93 17.76 -14.19
CA SER G 262 31.24 17.34 -12.81
C SER G 262 31.43 18.57 -11.96
N ASP G 263 30.79 18.58 -10.79
CA ASP G 263 30.50 19.82 -10.05
C ASP G 263 30.96 21.09 -10.76
N SER G 264 30.20 21.45 -11.80
CA SER G 264 30.37 22.68 -12.55
C SER G 264 28.98 23.17 -12.95
N THR G 265 28.90 24.42 -13.38
CA THR G 265 27.67 24.98 -13.92
C THR G 265 27.73 25.02 -15.43
N VAL G 266 26.78 24.37 -16.10
CA VAL G 266 26.66 24.46 -17.56
C VAL G 266 25.25 24.84 -17.99
N ASP G 267 25.17 25.87 -18.85
CA ASP G 267 23.92 26.40 -19.41
C ASP G 267 23.88 26.25 -20.93
N LEU G 268 22.91 25.50 -21.44
CA LEU G 268 22.66 25.48 -22.88
C LEU G 268 21.46 26.36 -23.22
N ALA G 269 21.65 27.32 -24.12
CA ALA G 269 20.57 28.23 -24.50
C ALA G 269 20.35 28.20 -26.01
N GLN G 270 19.20 27.64 -26.42
CA GLN G 270 18.83 27.45 -27.83
C GLN G 270 19.92 26.71 -28.62
N SER G 271 20.43 25.65 -28.02
CA SER G 271 21.48 24.85 -28.62
C SER G 271 20.94 23.49 -29.03
N ILE G 272 21.69 22.78 -29.86
CA ILE G 272 21.30 21.45 -30.33
C ILE G 272 22.36 20.46 -29.87
N VAL G 273 21.93 19.34 -29.30
CA VAL G 273 22.85 18.28 -28.91
C VAL G 273 22.33 16.94 -29.40
N GLU G 274 23.12 16.27 -30.23
CA GLU G 274 22.75 14.96 -30.76
C GLU G 274 23.73 13.89 -30.30
N ALA G 275 23.21 12.83 -29.69
CA ALA G 275 24.04 11.73 -29.22
C ALA G 275 23.72 10.45 -29.98
N PRO G 276 24.74 9.59 -30.17
CA PRO G 276 24.52 8.33 -30.87
C PRO G 276 24.03 7.23 -29.92
N GLN G 277 23.80 6.06 -30.49
CA GLN G 277 23.31 4.89 -29.76
C GLN G 277 23.98 4.64 -28.39
N LEU G 278 25.30 4.48 -28.38
CA LEU G 278 26.02 4.04 -27.18
C LEU G 278 25.94 5.03 -26.01
N GLY G 279 25.99 6.34 -26.29
CA GLY G 279 26.13 7.35 -25.23
C GLY G 279 24.87 8.02 -24.71
N ALA G 280 25.06 9.22 -24.14
CA ALA G 280 23.96 10.07 -23.67
C ALA G 280 24.21 11.52 -24.10
N ALA G 281 23.17 12.34 -24.16
CA ALA G 281 23.34 13.73 -24.60
C ALA G 281 23.96 14.60 -23.53
N ILE G 282 23.64 14.31 -22.28
CA ILE G 282 24.21 15.02 -21.14
C ILE G 282 24.54 14.03 -20.02
N ARG G 283 25.74 14.11 -19.48
CA ARG G 283 26.07 13.43 -18.26
C ARG G 283 26.44 14.46 -17.20
N ALA G 284 25.82 14.34 -16.04
CA ALA G 284 26.13 15.23 -14.94
C ALA G 284 26.31 14.38 -13.71
N GLY G 285 27.20 14.82 -12.82
CA GLY G 285 27.51 14.09 -11.61
C GLY G 285 28.26 14.96 -10.63
N ARG G 286 28.68 14.35 -9.54
CA ARG G 286 29.54 14.98 -8.54
C ARG G 286 29.02 16.39 -8.13
N GLY G 287 27.72 16.60 -8.25
CA GLY G 287 27.08 17.81 -7.76
C GLY G 287 26.91 18.93 -8.77
N ALA G 288 26.74 18.56 -10.03
CA ALA G 288 26.64 19.52 -11.13
C ALA G 288 25.36 20.35 -11.13
N ARG G 289 25.29 21.31 -12.05
CA ARG G 289 24.12 22.17 -12.21
C ARG G 289 23.95 22.46 -13.70
N VAL G 290 23.00 21.79 -14.34
CA VAL G 290 22.75 21.98 -15.76
C VAL G 290 21.39 22.64 -16.02
N THR G 291 21.39 23.65 -16.88
CA THR G 291 20.17 24.28 -17.38
C THR G 291 20.13 24.18 -18.89
N VAL G 292 19.02 23.70 -19.44
CA VAL G 292 18.81 23.72 -20.88
C VAL G 292 17.58 24.55 -21.19
N SER G 293 17.79 25.79 -21.59
CA SER G 293 16.68 26.66 -21.99
C SER G 293 16.56 26.71 -23.51
N GLY G 294 15.42 26.24 -24.01
CA GLY G 294 15.16 26.20 -25.44
C GLY G 294 15.91 25.07 -26.09
N GLY G 295 16.05 25.17 -27.41
CA GLY G 295 16.81 24.21 -28.20
C GLY G 295 16.32 22.78 -28.10
N SER G 296 17.19 21.85 -28.45
CA SER G 296 16.84 20.44 -28.57
C SER G 296 17.97 19.51 -28.12
N LEU G 297 17.60 18.40 -27.47
CA LEU G 297 18.55 17.33 -27.16
C LEU G 297 17.98 15.99 -27.64
N SER G 298 18.56 15.41 -28.68
CA SER G 298 18.11 14.09 -29.13
C SER G 298 19.13 13.01 -28.79
N ALA G 299 18.65 11.79 -28.59
CA ALA G 299 19.51 10.66 -28.25
C ALA G 299 18.81 9.38 -28.64
N PRO G 300 18.45 9.24 -29.92
CA PRO G 300 17.53 8.21 -30.40
C PRO G 300 17.64 6.90 -29.65
N HIS G 301 18.80 6.25 -29.69
CA HIS G 301 18.87 4.92 -29.12
C HIS G 301 19.20 4.90 -27.64
N GLY G 302 19.88 5.94 -27.16
CA GLY G 302 20.36 5.97 -25.78
C GLY G 302 19.59 6.87 -24.83
N ASN G 303 20.33 7.48 -23.91
CA ASN G 303 19.77 8.34 -22.88
C ASN G 303 19.89 9.81 -23.24
N VAL G 304 19.00 10.63 -22.69
CA VAL G 304 19.08 12.05 -22.87
C VAL G 304 19.96 12.61 -21.76
N ILE G 305 19.78 12.08 -20.55
CA ILE G 305 20.54 12.54 -19.39
C ILE G 305 21.01 11.34 -18.57
N GLU G 306 22.29 11.35 -18.18
CA GLU G 306 22.87 10.33 -17.30
C GLU G 306 23.46 10.95 -16.04
N THR G 307 23.33 10.27 -14.92
CA THR G 307 23.78 10.82 -13.64
C THR G 307 24.71 9.90 -12.82
N GLY G 308 25.90 10.40 -12.47
CA GLY G 308 26.88 9.66 -11.66
C GLY G 308 27.96 8.94 -12.45
N GLY G 309 28.74 8.09 -11.77
CA GLY G 309 29.88 7.37 -12.36
C GLY G 309 31.21 8.09 -12.14
N GLY G 310 31.68 8.09 -10.89
CA GLY G 310 32.88 8.84 -10.47
C GLY G 310 32.71 9.38 -9.06
N ALA G 311 32.16 8.54 -8.20
CA ALA G 311 31.63 8.88 -6.85
C ALA G 311 32.42 9.82 -5.96
N ARG G 312 31.68 10.65 -5.22
CA ARG G 312 32.21 11.53 -4.18
C ARG G 312 31.14 11.72 -3.08
N ARG G 313 31.19 10.83 -2.07
CA ARG G 313 30.17 10.75 -1.01
C ARG G 313 30.28 11.89 0.02
N PHE G 314 29.14 12.39 0.49
CA PHE G 314 29.09 13.51 1.45
C PHE G 314 27.88 13.48 2.40
N PRO G 315 28.15 13.49 3.73
CA PRO G 315 27.12 13.52 4.81
C PRO G 315 26.01 14.63 4.75
N PRO G 316 26.37 15.95 4.72
CA PRO G 316 25.33 16.97 4.41
C PRO G 316 24.96 17.05 2.90
N PRO G 317 23.68 17.45 2.58
CA PRO G 317 23.23 17.55 1.16
C PRO G 317 23.88 18.71 0.36
N ALA G 318 24.83 18.38 -0.54
CA ALA G 318 25.59 19.38 -1.31
C ALA G 318 24.73 20.23 -2.28
N SER G 319 24.88 20.01 -3.59
CA SER G 319 24.03 20.65 -4.61
C SER G 319 23.19 19.61 -5.36
N PRO G 320 22.45 18.73 -4.63
CA PRO G 320 22.10 17.42 -5.17
C PRO G 320 21.85 17.49 -6.67
N LEU G 321 22.88 17.20 -7.45
CA LEU G 321 22.92 17.54 -8.88
C LEU G 321 21.54 17.77 -9.50
N SER G 322 21.35 18.96 -10.06
CA SER G 322 20.06 19.32 -10.64
C SER G 322 20.15 19.62 -12.13
N ILE G 323 19.23 19.03 -12.89
CA ILE G 323 19.06 19.39 -14.30
C ILE G 323 17.70 20.06 -14.47
N THR G 324 17.67 21.18 -15.19
CA THR G 324 16.45 21.91 -15.48
C THR G 324 16.28 22.14 -16.98
N LEU G 325 15.20 21.61 -17.55
CA LEU G 325 14.86 21.92 -18.93
C LEU G 325 13.73 22.92 -18.92
N GLN G 326 13.97 24.11 -19.48
CA GLN G 326 12.98 25.19 -19.44
C GLN G 326 12.80 25.90 -20.77
N ALA G 327 12.03 26.99 -20.74
CA ALA G 327 11.71 27.81 -21.91
C ALA G 327 11.70 27.07 -23.26
N GLY G 328 10.83 26.07 -23.38
CA GLY G 328 10.55 25.43 -24.67
C GLY G 328 11.45 24.27 -25.05
N ALA G 329 12.24 23.80 -24.09
CA ALA G 329 13.23 22.76 -24.34
C ALA G 329 12.60 21.45 -24.82
N ARG G 330 13.08 20.94 -25.95
CA ARG G 330 12.67 19.64 -26.49
C ARG G 330 13.72 18.57 -26.19
N ALA G 331 13.29 17.41 -25.69
CA ALA G 331 14.21 16.33 -25.35
C ALA G 331 13.61 14.95 -25.65
N GLN G 332 14.28 14.18 -26.50
CA GLN G 332 13.77 12.88 -26.90
C GLN G 332 14.89 11.83 -26.80
N GLY G 333 14.55 10.61 -26.39
CA GLY G 333 15.49 9.49 -26.31
C GLY G 333 14.81 8.24 -25.76
N ARG G 334 15.52 7.11 -25.71
CA ARG G 334 14.94 5.89 -25.12
C ARG G 334 14.63 6.08 -23.64
N ALA G 335 15.54 6.75 -22.93
CA ALA G 335 15.27 7.21 -21.58
C ALA G 335 15.50 8.70 -21.53
N LEU G 336 14.75 9.39 -20.69
CA LEU G 336 14.83 10.82 -20.61
C LEU G 336 15.89 11.13 -19.60
N LEU G 337 15.97 10.26 -18.61
CA LEU G 337 16.92 10.38 -17.53
C LEU G 337 17.32 8.95 -17.15
N TYR G 338 18.63 8.71 -17.02
CA TYR G 338 19.14 7.43 -16.54
C TYR G 338 20.00 7.67 -15.32
N ARG G 339 19.52 7.17 -14.19
CA ARG G 339 20.25 7.30 -12.94
C ARG G 339 21.23 6.15 -12.79
N VAL G 340 22.53 6.38 -12.78
CA VAL G 340 23.61 5.58 -12.18
C VAL G 340 23.07 4.82 -10.99
N LEU G 341 22.78 5.56 -9.95
CA LEU G 341 22.27 4.96 -8.71
C LEU G 341 23.37 4.94 -7.65
N PRO G 342 24.46 5.70 -7.47
CA PRO G 342 24.93 6.25 -6.20
C PRO G 342 24.16 7.54 -5.83
N GLU G 343 24.13 8.51 -6.74
CA GLU G 343 23.81 9.90 -6.42
C GLU G 343 22.31 10.22 -6.43
N PRO G 344 21.87 11.18 -5.57
CA PRO G 344 20.54 11.76 -5.73
C PRO G 344 20.45 12.80 -6.87
N VAL G 345 19.34 12.78 -7.61
CA VAL G 345 19.08 13.70 -8.74
C VAL G 345 17.88 14.62 -8.50
N LYS G 346 17.78 15.66 -9.32
CA LYS G 346 16.69 16.62 -9.25
C LYS G 346 16.30 17.19 -10.64
N LEU G 347 15.58 16.40 -11.43
CA LEU G 347 15.15 16.83 -12.77
C LEU G 347 13.92 17.74 -12.71
N THR G 348 13.92 18.79 -13.54
CA THR G 348 12.83 19.76 -13.55
C THR G 348 12.46 20.15 -14.98
N LEU G 349 11.24 19.85 -15.40
CA LEU G 349 10.73 20.39 -16.67
C LEU G 349 9.79 21.55 -16.38
N ALA G 350 10.13 22.73 -16.89
CA ALA G 350 9.37 23.97 -16.66
C ALA G 350 9.17 24.71 -17.98
N GLY G 351 8.52 25.87 -17.90
CA GLY G 351 8.31 26.76 -19.05
C GLY G 351 8.06 26.09 -20.38
N GLY G 352 7.09 25.19 -20.43
CA GLY G 352 6.67 24.57 -21.68
C GLY G 352 7.63 23.55 -22.28
N ALA G 353 8.63 23.16 -21.52
CA ALA G 353 9.61 22.15 -21.96
C ALA G 353 8.94 20.80 -22.19
N GLN G 354 9.45 20.03 -23.14
CA GLN G 354 8.83 18.76 -23.50
C GLN G 354 9.84 17.66 -23.67
N GLY G 355 9.76 16.64 -22.81
CA GLY G 355 10.68 15.52 -22.88
C GLY G 355 9.96 14.20 -23.00
N GLN G 356 10.23 13.46 -24.07
CA GLN G 356 9.72 12.08 -24.19
C GLN G 356 10.85 11.08 -24.04
N GLY G 357 10.86 10.42 -22.89
CA GLY G 357 11.91 9.49 -22.53
C GLY G 357 11.34 8.50 -21.54
N ASP G 358 12.10 8.12 -20.51
CA ASP G 358 11.62 7.06 -19.67
C ASP G 358 11.96 7.13 -18.18
N ILE G 359 13.08 7.73 -17.81
CA ILE G 359 13.45 7.77 -16.38
C ILE G 359 13.63 6.37 -15.71
N VAL G 360 14.80 5.77 -15.94
CA VAL G 360 15.18 4.48 -15.37
C VAL G 360 16.34 4.64 -14.37
N ALA G 361 16.55 3.64 -13.51
CA ALA G 361 17.68 3.58 -12.59
C ALA G 361 18.27 2.16 -12.52
N THR G 362 19.31 1.98 -11.86
CA THR G 362 20.22 0.84 -12.04
C THR G 362 19.62 -0.49 -11.65
N GLU G 363 18.63 -0.43 -10.81
CA GLU G 363 17.97 -1.60 -10.22
C GLU G 363 18.91 -2.59 -9.50
N LEU G 364 19.75 -2.42 -8.89
CA LEU G 364 20.46 -2.87 -7.71
C LEU G 364 21.46 -1.82 -7.21
N PRO G 365 21.34 -1.40 -5.94
CA PRO G 365 22.29 -0.43 -5.37
C PRO G 365 23.66 -1.06 -5.19
N PRO G 366 24.73 -0.24 -5.18
CA PRO G 366 26.07 -0.80 -5.08
C PRO G 366 26.31 -1.39 -3.70
N ILE G 367 25.95 -0.65 -2.66
CA ILE G 367 26.02 -1.16 -1.30
C ILE G 367 24.63 -1.59 -0.82
N PRO G 368 24.30 -2.89 -0.91
CA PRO G 368 23.02 -3.39 -0.40
C PRO G 368 22.84 -3.01 1.06
N GLY G 369 21.75 -2.31 1.37
CA GLY G 369 21.49 -1.81 2.71
C GLY G 369 21.78 -0.33 2.86
N ALA G 370 21.59 0.19 4.07
CA ALA G 370 21.69 1.63 4.42
C ALA G 370 21.55 2.69 3.28
N SER G 371 20.35 3.27 3.23
CA SER G 371 19.90 4.37 2.33
C SER G 371 20.50 4.50 0.90
N SER G 372 20.38 5.72 0.35
CA SER G 372 20.45 6.01 -1.10
C SER G 372 19.57 7.25 -1.31
N GLY G 373 20.16 8.37 -1.72
CA GLY G 373 19.39 9.62 -1.93
C GLY G 373 18.18 9.54 -2.86
N PRO G 374 17.29 10.54 -2.80
CA PRO G 374 16.08 10.57 -3.64
C PRO G 374 16.28 11.01 -5.10
N LEU G 375 15.50 10.43 -6.03
CA LEU G 375 15.37 10.94 -7.40
C LEU G 375 14.05 11.69 -7.53
N ASP G 376 14.14 13.03 -7.61
CA ASP G 376 12.98 13.91 -7.59
C ASP G 376 12.78 14.61 -8.92
N VAL G 377 11.55 14.60 -9.43
CA VAL G 377 11.23 15.37 -10.63
C VAL G 377 10.01 16.27 -10.43
N ALA G 378 10.16 17.52 -10.85
CA ALA G 378 9.08 18.52 -10.84
C ALA G 378 8.64 18.86 -12.27
N LEU G 379 7.35 18.70 -12.54
CA LEU G 379 6.74 19.17 -13.79
C LEU G 379 5.96 20.44 -13.48
N ALA G 380 6.39 21.56 -14.05
CA ALA G 380 5.80 22.85 -13.73
C ALA G 380 5.45 23.68 -14.96
N SER G 381 4.83 24.84 -14.70
CA SER G 381 4.48 25.84 -15.73
C SER G 381 4.45 25.36 -17.18
N GLN G 382 3.42 24.56 -17.49
CA GLN G 382 3.04 24.23 -18.87
C GLN G 382 3.88 23.14 -19.51
N ALA G 383 4.78 22.56 -18.73
CA ALA G 383 5.69 21.52 -19.24
C ALA G 383 4.97 20.20 -19.52
N ARG G 384 5.68 19.25 -20.12
CA ARG G 384 5.05 18.00 -20.54
C ARG G 384 6.05 16.85 -20.69
N TRP G 385 6.17 16.03 -19.64
CA TRP G 385 6.88 14.76 -19.76
C TRP G 385 5.96 13.66 -20.24
N THR G 386 6.41 12.95 -21.27
CA THR G 386 5.65 11.84 -21.78
C THR G 386 6.51 10.55 -21.78
N GLY G 387 6.27 9.69 -20.80
CA GLY G 387 7.03 8.45 -20.63
C GLY G 387 6.48 7.55 -19.52
N ALA G 388 7.29 6.58 -19.09
CA ALA G 388 6.91 5.59 -18.08
C ALA G 388 8.04 5.42 -17.09
N THR G 389 7.75 5.03 -15.85
CA THR G 389 8.77 4.96 -14.79
C THR G 389 8.39 4.08 -13.63
N ARG G 390 9.36 3.33 -13.11
CA ARG G 390 9.19 2.73 -11.79
C ARG G 390 10.40 3.04 -10.91
N ALA G 391 10.94 4.23 -11.13
CA ALA G 391 12.19 4.66 -10.53
C ALA G 391 12.13 6.00 -9.77
N VAL G 392 11.12 6.82 -10.04
CA VAL G 392 11.03 8.17 -9.44
C VAL G 392 10.53 8.15 -7.99
N ASP G 393 11.29 8.79 -7.11
CA ASP G 393 10.95 8.85 -5.70
C ASP G 393 9.81 9.81 -5.40
N SER G 394 9.80 10.95 -6.07
CA SER G 394 8.83 11.97 -5.77
C SER G 394 8.60 12.87 -6.98
N LEU G 395 7.40 12.78 -7.53
CA LEU G 395 6.97 13.56 -8.69
C LEU G 395 6.01 14.67 -8.26
N SER G 396 6.22 15.89 -8.76
CA SER G 396 5.28 16.96 -8.48
C SER G 396 4.88 17.69 -9.76
N ILE G 397 3.63 17.45 -10.18
CA ILE G 397 3.05 18.06 -11.37
C ILE G 397 2.23 19.28 -10.97
N ASP G 398 2.58 20.43 -11.52
CA ASP G 398 1.96 21.71 -11.13
C ASP G 398 1.64 22.58 -12.35
N ASN G 399 0.37 22.55 -12.77
CA ASN G 399 -0.04 23.15 -14.02
C ASN G 399 0.83 22.62 -15.17
N ALA G 400 1.00 21.31 -15.17
CA ALA G 400 1.75 20.64 -16.20
C ALA G 400 1.12 19.27 -16.39
N THR G 401 1.71 18.45 -17.25
CA THR G 401 1.12 17.17 -17.55
C THR G 401 2.17 16.04 -17.72
N TRP G 402 1.89 14.88 -17.10
CA TRP G 402 2.65 13.66 -17.37
C TRP G 402 1.79 12.69 -18.18
N VAL G 403 2.11 12.53 -19.46
CA VAL G 403 1.46 11.53 -20.30
C VAL G 403 2.10 10.17 -19.98
N MET G 404 1.40 9.33 -19.23
CA MET G 404 1.95 8.04 -18.77
C MET G 404 1.75 6.95 -19.81
N THR G 405 2.85 6.42 -20.33
CA THR G 405 2.84 5.55 -21.50
C THR G 405 2.80 4.07 -21.15
N ASP G 406 3.05 3.75 -19.88
CA ASP G 406 3.05 2.37 -19.41
C ASP G 406 2.98 2.30 -17.90
N ASN G 407 2.72 1.11 -17.36
CA ASN G 407 2.59 0.91 -15.91
C ASN G 407 3.74 1.56 -15.14
N SER G 408 3.44 2.19 -14.02
CA SER G 408 4.44 3.01 -13.33
C SER G 408 4.41 3.00 -11.81
N ASN G 409 5.58 3.19 -11.22
CA ASN G 409 5.72 3.42 -9.77
C ASN G 409 6.24 4.80 -9.47
N VAL G 410 5.70 5.41 -8.42
CA VAL G 410 6.22 6.66 -7.91
C VAL G 410 6.05 6.59 -6.40
N GLY G 411 6.99 7.15 -5.66
CA GLY G 411 6.85 7.25 -4.21
C GLY G 411 5.78 8.26 -3.87
N ALA G 412 6.11 9.53 -3.91
CA ALA G 412 5.20 10.58 -3.51
C ALA G 412 4.79 11.45 -4.69
N LEU G 413 3.54 11.30 -5.13
CA LEU G 413 2.93 12.15 -6.16
C LEU G 413 2.14 13.31 -5.53
N ARG G 414 2.41 14.51 -6.02
CA ARG G 414 1.70 15.73 -5.60
C ARG G 414 1.21 16.44 -6.84
N LEU G 415 0.00 16.99 -6.77
CA LEU G 415 -0.53 17.80 -7.86
C LEU G 415 -1.02 19.16 -7.37
N ALA G 416 -1.13 20.09 -8.30
CA ALA G 416 -1.52 21.46 -7.98
C ALA G 416 -1.86 22.22 -9.26
N SER G 417 -2.67 23.27 -9.10
CA SER G 417 -2.98 24.21 -10.17
C SER G 417 -3.25 23.55 -11.51
N ASP G 418 -4.04 22.49 -11.50
CA ASP G 418 -4.51 21.84 -12.72
C ASP G 418 -3.51 20.86 -13.31
N GLY G 419 -2.49 20.50 -12.53
CA GLY G 419 -1.59 19.42 -12.91
C GLY G 419 -2.36 18.15 -13.21
N SER G 420 -1.93 17.41 -14.23
CA SER G 420 -2.61 16.16 -14.58
C SER G 420 -1.65 15.02 -14.92
N VAL G 421 -2.11 13.80 -14.64
CA VAL G 421 -1.52 12.60 -15.18
C VAL G 421 -2.49 12.13 -16.26
N ASP G 422 -1.98 11.89 -17.45
CA ASP G 422 -2.84 11.53 -18.55
C ASP G 422 -2.48 10.15 -19.06
N PHE G 423 -3.17 9.13 -18.55
CA PHE G 423 -2.97 7.75 -19.02
C PHE G 423 -3.17 7.72 -20.54
N GLN G 424 -2.06 7.56 -21.26
CA GLN G 424 -2.04 7.62 -22.71
C GLN G 424 -2.93 6.53 -23.32
N GLN G 425 -3.75 6.91 -24.29
CA GLN G 425 -4.69 5.96 -24.89
C GLN G 425 -3.95 4.85 -25.63
N PRO G 426 -4.17 3.58 -25.25
CA PRO G 426 -3.51 2.49 -25.97
C PRO G 426 -4.12 2.32 -27.37
N ALA G 427 -3.26 2.11 -28.37
CA ALA G 427 -3.74 1.77 -29.72
C ALA G 427 -4.11 0.29 -29.73
N GLU G 428 -3.54 -0.45 -28.78
CA GLU G 428 -3.94 -1.82 -28.48
C GLU G 428 -5.29 -1.81 -27.75
N ALA G 429 -6.34 -2.20 -28.46
CA ALA G 429 -7.69 -2.26 -27.88
C ALA G 429 -7.73 -3.23 -26.69
N GLY G 430 -8.29 -2.77 -25.57
CA GLY G 430 -8.45 -3.62 -24.38
C GLY G 430 -7.34 -3.59 -23.34
N ARG G 431 -6.16 -3.05 -23.67
CA ARG G 431 -5.04 -3.09 -22.72
C ARG G 431 -4.96 -1.88 -21.78
N PHE G 432 -5.17 -2.16 -20.49
CA PHE G 432 -5.19 -1.11 -19.48
C PHE G 432 -3.84 -0.95 -18.78
N LYS G 433 -3.65 0.19 -18.12
CA LYS G 433 -2.41 0.51 -17.39
C LYS G 433 -2.67 0.84 -15.92
N VAL G 434 -1.67 0.62 -15.07
CA VAL G 434 -1.83 0.90 -13.64
C VAL G 434 -0.74 1.84 -13.13
N LEU G 435 -1.14 2.91 -12.44
CA LEU G 435 -0.17 3.75 -11.77
C LEU G 435 -0.24 3.55 -10.26
N MET G 436 0.82 2.99 -9.69
CA MET G 436 0.92 2.84 -8.25
C MET G 436 1.73 3.95 -7.64
N VAL G 437 1.23 4.48 -6.54
CA VAL G 437 1.86 5.58 -5.86
C VAL G 437 1.88 5.21 -4.40
N ASP G 438 2.89 5.69 -3.68
CA ASP G 438 2.98 5.43 -2.26
C ASP G 438 2.13 6.44 -1.49
N THR G 439 2.36 7.74 -1.73
CA THR G 439 1.51 8.79 -1.17
C THR G 439 1.02 9.82 -2.20
N LEU G 440 -0.27 10.11 -2.13
CA LEU G 440 -0.92 11.13 -2.95
C LEU G 440 -1.26 12.36 -2.08
N ALA G 441 -1.12 13.55 -2.66
CA ALA G 441 -1.40 14.80 -1.96
C ALA G 441 -1.73 15.92 -2.96
N GLY G 442 -2.33 17.00 -2.46
CA GLY G 442 -2.66 18.17 -3.28
C GLY G 442 -3.96 18.01 -4.06
N SER G 443 -3.96 18.45 -5.32
CA SER G 443 -5.18 18.48 -6.11
C SER G 443 -4.95 18.51 -7.63
N GLY G 444 -5.29 17.43 -8.32
CA GLY G 444 -5.10 17.36 -9.78
C GLY G 444 -6.10 16.54 -10.55
N LEU G 445 -5.85 16.38 -11.85
CA LEU G 445 -6.71 15.62 -12.76
C LEU G 445 -6.03 14.31 -13.15
N PHE G 446 -6.83 13.28 -13.41
CA PHE G 446 -6.32 12.01 -13.94
C PHE G 446 -7.18 11.56 -15.11
N ARG G 447 -6.70 11.75 -16.33
CA ARG G 447 -7.41 11.22 -17.51
C ARG G 447 -7.22 9.72 -17.61
N MET G 448 -8.30 8.95 -17.60
CA MET G 448 -8.17 7.50 -17.58
C MET G 448 -9.00 6.78 -18.65
N ASN G 449 -8.45 5.67 -19.15
CA ASN G 449 -9.13 4.92 -20.20
C ASN G 449 -10.03 3.81 -19.68
N VAL G 450 -11.17 3.68 -20.33
CA VAL G 450 -12.20 2.74 -19.92
C VAL G 450 -12.68 1.96 -21.13
N PHE G 451 -12.83 0.65 -20.94
CA PHE G 451 -13.26 -0.28 -21.98
C PHE G 451 -14.55 -0.97 -21.56
N ALA G 452 -15.62 -0.62 -22.26
CA ALA G 452 -17.00 -0.86 -21.81
C ALA G 452 -17.38 -2.33 -21.58
N ASP G 453 -17.71 -3.07 -22.64
CA ASP G 453 -18.23 -4.44 -22.48
C ASP G 453 -17.15 -5.46 -22.18
N LEU G 454 -15.90 -5.01 -22.15
CA LEU G 454 -14.82 -5.81 -21.62
C LEU G 454 -14.75 -5.60 -20.11
N GLY G 455 -15.30 -4.47 -19.67
CA GLY G 455 -15.43 -4.15 -18.25
C GLY G 455 -14.10 -3.91 -17.56
N LEU G 456 -13.18 -3.29 -18.28
CA LEU G 456 -11.83 -3.04 -17.79
C LEU G 456 -11.45 -1.57 -17.90
N SER G 457 -10.56 -1.14 -17.03
CA SER G 457 -10.14 0.25 -16.99
C SER G 457 -8.75 0.47 -16.40
N ASP G 458 -8.11 1.53 -16.86
CA ASP G 458 -6.90 2.06 -16.26
C ASP G 458 -7.16 2.24 -14.76
N LYS G 459 -6.27 1.73 -13.91
CA LYS G 459 -6.44 1.85 -12.47
C LYS G 459 -5.39 2.76 -11.83
N LEU G 460 -5.66 3.24 -10.62
CA LEU G 460 -4.73 4.07 -9.86
C LEU G 460 -4.72 3.60 -8.42
N VAL G 461 -3.58 3.09 -7.97
CA VAL G 461 -3.44 2.59 -6.61
C VAL G 461 -2.54 3.49 -5.77
N VAL G 462 -3.07 3.93 -4.63
CA VAL G 462 -2.28 4.62 -3.63
C VAL G 462 -2.11 3.68 -2.45
N MET G 463 -0.89 3.50 -1.98
CA MET G 463 -0.60 2.40 -1.06
C MET G 463 -0.53 2.76 0.43
N ARG G 464 0.07 3.88 0.79
CA ARG G 464 0.14 4.24 2.21
C ARG G 464 -0.81 5.35 2.64
N ASP G 465 -0.84 6.46 1.90
CA ASP G 465 -1.56 7.66 2.33
C ASP G 465 -2.08 8.51 1.16
N ALA G 466 -3.38 8.79 1.16
CA ALA G 466 -3.99 9.65 0.15
C ALA G 466 -4.72 10.83 0.78
N SER G 467 -4.65 12.00 0.14
CA SER G 467 -5.36 13.20 0.61
C SER G 467 -5.54 14.24 -0.50
N GLY G 468 -6.62 15.03 -0.42
CA GLY G 468 -6.88 16.11 -1.36
C GLY G 468 -8.02 15.86 -2.31
N GLN G 469 -8.47 16.92 -2.99
CA GLN G 469 -9.54 16.82 -3.98
C GLN G 469 -9.00 16.53 -5.36
N HIS G 470 -9.31 15.37 -5.92
CA HIS G 470 -8.83 15.07 -7.25
C HIS G 470 -9.98 14.85 -8.22
N ARG G 471 -9.66 14.82 -9.50
CA ARG G 471 -10.68 14.74 -10.54
C ARG G 471 -10.34 13.66 -11.54
N LEU G 472 -11.34 12.94 -12.04
CA LEU G 472 -11.09 11.88 -13.01
C LEU G 472 -11.86 12.14 -14.29
N TRP G 473 -11.14 12.38 -15.37
CA TRP G 473 -11.76 12.45 -16.70
C TRP G 473 -11.71 11.06 -17.31
N VAL G 474 -12.74 10.69 -18.08
CA VAL G 474 -12.83 9.32 -18.57
C VAL G 474 -12.90 9.26 -20.09
N ARG G 475 -11.98 8.53 -20.70
CA ARG G 475 -11.99 8.35 -22.16
C ARG G 475 -12.59 7.00 -22.53
N ASN G 476 -13.54 7.04 -23.46
CA ASN G 476 -14.14 5.82 -23.96
C ASN G 476 -13.23 5.21 -25.02
N SER G 477 -12.52 4.17 -24.63
CA SER G 477 -11.52 3.58 -25.50
C SER G 477 -11.87 2.16 -25.96
N GLY G 478 -12.80 1.51 -25.26
CA GLY G 478 -13.36 0.23 -25.68
C GLY G 478 -14.83 0.44 -25.95
N SER G 479 -15.26 0.09 -27.17
CA SER G 479 -16.65 0.36 -27.66
C SER G 479 -17.79 -0.15 -26.75
N GLU G 480 -18.97 0.45 -26.92
CA GLU G 480 -20.13 0.34 -25.98
C GLU G 480 -20.60 -1.06 -25.53
N PRO G 481 -21.19 -1.14 -24.31
CA PRO G 481 -21.36 -2.43 -23.62
C PRO G 481 -22.66 -3.19 -23.87
N ALA G 482 -22.54 -4.51 -23.76
CA ALA G 482 -23.69 -5.41 -23.79
C ALA G 482 -24.56 -5.20 -22.55
N SER G 483 -23.93 -5.01 -21.41
CA SER G 483 -24.63 -4.90 -20.13
C SER G 483 -24.30 -3.61 -19.38
N ALA G 484 -24.63 -3.60 -18.08
CA ALA G 484 -24.22 -2.53 -17.17
C ALA G 484 -23.32 -3.12 -16.10
N ASN G 485 -22.01 -2.90 -16.24
CA ASN G 485 -21.06 -3.40 -15.23
C ASN G 485 -20.13 -2.31 -14.72
N THR G 486 -19.88 -2.37 -13.42
CA THR G 486 -19.07 -1.39 -12.71
C THR G 486 -17.59 -1.62 -12.98
N MET G 487 -16.77 -0.60 -12.75
CA MET G 487 -15.33 -0.66 -13.02
C MET G 487 -14.53 0.10 -11.96
N LEU G 488 -13.59 -0.60 -11.31
CA LEU G 488 -12.73 0.02 -10.28
C LEU G 488 -11.70 0.96 -10.90
N LEU G 489 -11.71 2.21 -10.45
CA LEU G 489 -10.81 3.21 -10.97
C LEU G 489 -9.71 3.59 -10.00
N VAL G 490 -10.04 3.67 -8.72
CA VAL G 490 -9.09 4.14 -7.71
C VAL G 490 -9.17 3.30 -6.44
N GLN G 491 -8.03 2.80 -5.99
CA GLN G 491 -7.95 2.08 -4.73
C GLN G 491 -7.02 2.86 -3.79
N THR G 492 -7.49 3.13 -2.57
CA THR G 492 -6.69 3.88 -1.58
C THR G 492 -6.78 3.21 -0.20
N PRO G 493 -5.88 3.61 0.74
CA PRO G 493 -5.93 3.04 2.09
C PRO G 493 -7.30 3.11 2.76
N ARG G 494 -7.47 2.26 3.77
CA ARG G 494 -8.76 2.01 4.42
C ARG G 494 -9.53 3.27 4.84
N GLY G 495 -8.99 4.03 5.80
CA GLY G 495 -9.69 5.20 6.31
C GLY G 495 -9.27 6.50 5.65
N SER G 496 -9.05 6.43 4.34
CA SER G 496 -8.44 7.54 3.57
C SER G 496 -9.23 8.86 3.58
N ALA G 497 -8.50 9.96 3.45
CA ALA G 497 -9.10 11.30 3.49
C ALA G 497 -9.25 11.94 2.11
N ALA G 498 -8.98 11.19 1.05
CA ALA G 498 -8.95 11.75 -0.29
C ALA G 498 -10.31 11.66 -0.97
N THR G 499 -10.61 12.64 -1.83
CA THR G 499 -11.88 12.68 -2.56
C THR G 499 -11.64 12.74 -4.06
N PHE G 500 -12.50 12.07 -4.82
CA PHE G 500 -12.42 12.09 -6.28
C PHE G 500 -13.79 12.42 -6.86
N THR G 501 -13.81 13.12 -7.99
CA THR G 501 -15.06 13.49 -8.66
C THR G 501 -14.88 13.33 -10.17
N LEU G 502 -15.92 12.80 -10.83
CA LEU G 502 -15.87 12.61 -12.28
C LEU G 502 -15.84 13.96 -13.00
N ALA G 503 -14.80 14.16 -13.80
CA ALA G 503 -14.53 15.46 -14.41
C ALA G 503 -15.29 15.68 -15.71
N ASN G 504 -15.83 14.61 -16.29
CA ASN G 504 -16.64 14.71 -17.51
C ASN G 504 -17.87 15.59 -17.26
N LYS G 505 -18.45 16.14 -18.33
CA LYS G 505 -19.59 17.05 -18.18
C LYS G 505 -20.73 16.41 -17.38
N ASP G 506 -21.13 17.13 -16.32
CA ASP G 506 -22.27 16.78 -15.47
C ASP G 506 -22.05 15.59 -14.53
N GLY G 507 -20.78 15.22 -14.31
CA GLY G 507 -20.43 14.14 -13.41
C GLY G 507 -20.84 12.77 -13.94
N LYS G 508 -21.04 12.69 -15.25
CA LYS G 508 -21.46 11.45 -15.89
C LYS G 508 -20.78 11.22 -17.23
N VAL G 509 -20.65 9.95 -17.60
CA VAL G 509 -20.14 9.59 -18.91
C VAL G 509 -21.10 8.63 -19.60
N ASP G 510 -21.47 8.99 -20.83
CA ASP G 510 -22.39 8.19 -21.63
C ASP G 510 -21.65 7.26 -22.59
N ILE G 511 -21.74 5.96 -22.32
CA ILE G 511 -21.14 4.97 -23.20
C ILE G 511 -22.24 4.13 -23.85
N GLY G 512 -22.58 4.48 -25.08
CA GLY G 512 -23.69 3.85 -25.80
C GLY G 512 -25.02 4.12 -25.11
N THR G 513 -25.77 3.06 -24.85
CA THR G 513 -27.08 3.20 -24.21
C THR G 513 -26.98 3.16 -22.69
N TYR G 514 -25.84 3.62 -22.14
CA TYR G 514 -25.59 3.55 -20.70
C TYR G 514 -25.01 4.84 -20.13
N ARG G 515 -25.17 5.02 -18.83
CA ARG G 515 -24.65 6.21 -18.15
C ARG G 515 -23.92 5.81 -16.89
N TYR G 516 -22.75 6.43 -16.67
CA TYR G 516 -21.87 6.08 -15.56
C TYR G 516 -21.63 7.25 -14.62
N ARG G 517 -21.56 6.95 -13.34
CA ARG G 517 -21.20 7.95 -12.33
C ARG G 517 -20.19 7.33 -11.36
N LEU G 518 -19.30 8.17 -10.87
CA LEU G 518 -18.28 7.74 -9.93
C LEU G 518 -18.88 7.68 -8.54
N ALA G 519 -18.84 6.50 -7.95
CA ALA G 519 -19.30 6.32 -6.58
C ALA G 519 -18.29 5.48 -5.82
N ALA G 520 -17.92 5.92 -4.63
CA ALA G 520 -16.98 5.18 -3.80
C ALA G 520 -17.66 4.68 -2.57
N ASN G 521 -17.32 3.47 -2.15
CA ASN G 521 -17.80 3.02 -0.86
C ASN G 521 -16.87 2.10 -0.08
N GLY G 522 -16.92 2.32 1.24
CA GLY G 522 -16.33 1.46 2.24
C GLY G 522 -14.95 1.89 2.67
N ASN G 523 -14.03 1.88 1.71
CA ASN G 523 -12.59 1.85 1.99
C ASN G 523 -11.77 2.46 0.86
N GLY G 524 -12.09 3.70 0.53
CA GLY G 524 -11.40 4.41 -0.55
C GLY G 524 -11.27 3.62 -1.83
N GLN G 525 -12.35 2.97 -2.24
CA GLN G 525 -12.35 2.30 -3.52
C GLN G 525 -13.40 2.92 -4.41
N TRP G 526 -12.91 3.66 -5.41
CA TRP G 526 -13.76 4.52 -6.19
C TRP G 526 -14.11 3.89 -7.53
N SER G 527 -15.20 3.14 -7.54
CA SER G 527 -15.67 2.48 -8.75
C SER G 527 -16.49 3.42 -9.62
N LEU G 528 -16.92 2.92 -10.77
CA LEU G 528 -17.62 3.73 -11.74
C LEU G 528 -18.85 2.93 -12.18
N VAL G 529 -20.00 3.24 -11.59
CA VAL G 529 -21.14 2.31 -11.57
C VAL G 529 -21.93 2.19 -12.87
N GLY G 530 -22.71 3.20 -13.22
CA GLY G 530 -23.54 3.11 -14.42
C GLY G 530 -24.65 2.06 -14.52
N ALA G 531 -25.73 2.45 -15.19
CA ALA G 531 -26.85 1.57 -15.56
C ALA G 531 -27.53 2.18 -16.78
N LYS G 532 -28.71 1.69 -17.14
CA LYS G 532 -29.42 2.19 -18.33
C LYS G 532 -29.50 3.72 -18.34
N ALA G 533 -29.23 4.33 -19.49
CA ALA G 533 -29.29 5.79 -19.64
C ALA G 533 -30.72 6.30 -19.80
N PRO G 534 -31.09 7.38 -19.07
CA PRO G 534 -32.34 8.11 -19.24
C PRO G 534 -32.88 8.13 -20.70
N PRO G 535 -34.15 7.67 -20.92
CA PRO G 535 -34.76 7.47 -22.26
C PRO G 535 -34.80 8.71 -23.15
N ASP H 1 -59.07 -56.79 11.87
CA ASP H 1 -60.33 -56.09 12.26
C ASP H 1 -61.17 -55.67 11.07
N TRP H 2 -60.56 -54.99 10.09
CA TRP H 2 -61.25 -54.59 8.85
C TRP H 2 -60.64 -55.33 7.65
N ASN H 3 -61.46 -56.04 6.89
CA ASN H 3 -60.97 -56.88 5.78
C ASN H 3 -61.66 -56.66 4.43
N ASN H 4 -60.91 -56.14 3.47
CA ASN H 4 -61.34 -56.01 2.06
C ASN H 4 -62.66 -55.26 1.82
N GLN H 5 -63.06 -54.49 2.84
CA GLN H 5 -64.33 -53.76 2.82
C GLN H 5 -64.30 -52.59 1.83
N SER H 6 -65.33 -51.75 1.89
CA SER H 6 -65.41 -50.61 0.99
C SER H 6 -66.10 -49.43 1.65
N ILE H 7 -65.71 -49.14 2.90
CA ILE H 7 -66.25 -48.02 3.66
C ILE H 7 -66.23 -46.70 2.87
N ILE H 8 -67.37 -46.33 2.28
CA ILE H 8 -67.54 -45.02 1.65
C ILE H 8 -68.62 -44.20 2.36
N LYS H 9 -68.21 -43.07 2.93
CA LYS H 9 -69.15 -42.19 3.61
C LYS H 9 -69.23 -40.80 2.97
N ALA H 10 -70.15 -40.67 2.02
CA ALA H 10 -70.58 -39.38 1.50
C ALA H 10 -71.17 -38.49 2.62
N GLY H 11 -71.52 -39.13 3.74
CA GLY H 11 -71.99 -38.45 4.94
C GLY H 11 -71.06 -37.35 5.37
N GLU H 12 -71.64 -36.18 5.64
CA GLU H 12 -70.89 -34.98 5.97
C GLU H 12 -70.39 -35.04 7.43
N ARG H 13 -69.09 -34.74 7.61
CA ARG H 13 -68.40 -34.85 8.92
C ARG H 13 -68.40 -36.29 9.48
N GLN H 14 -68.43 -37.26 8.56
CA GLN H 14 -68.48 -38.69 8.85
C GLN H 14 -67.18 -39.35 8.41
N HIS H 15 -66.38 -39.76 9.39
CA HIS H 15 -65.01 -40.22 9.14
C HIS H 15 -64.93 -41.70 8.78
N GLY H 16 -64.25 -42.01 7.68
CA GLY H 16 -64.05 -43.39 7.21
C GLY H 16 -63.75 -44.36 8.33
N ILE H 17 -62.60 -44.16 8.99
CA ILE H 17 -62.36 -44.79 10.28
C ILE H 17 -62.00 -43.69 11.27
N HIS H 18 -62.68 -43.67 12.40
CA HIS H 18 -62.35 -42.75 13.48
C HIS H 18 -62.12 -43.57 14.74
N ILE H 19 -61.05 -43.26 15.47
CA ILE H 19 -60.79 -43.90 16.75
C ILE H 19 -60.95 -42.89 17.88
N LYS H 20 -61.99 -43.07 18.70
CA LYS H 20 -62.38 -42.13 19.77
C LYS H 20 -61.32 -42.00 20.85
N GLN H 21 -61.17 -40.78 21.37
CA GLN H 21 -60.13 -40.44 22.36
C GLN H 21 -60.11 -41.37 23.58
N SER H 22 -61.29 -41.81 24.00
CA SER H 22 -61.41 -42.85 25.01
C SER H 22 -62.29 -43.96 24.46
N ASP H 23 -61.76 -44.61 23.43
CA ASP H 23 -62.36 -45.81 22.86
C ASP H 23 -61.64 -46.98 23.49
N GLY H 24 -61.54 -48.09 22.76
CA GLY H 24 -60.71 -49.23 23.17
C GLY H 24 -59.24 -48.86 23.16
N ALA H 25 -58.48 -49.38 24.12
CA ALA H 25 -57.07 -49.03 24.24
C ALA H 25 -56.17 -50.15 23.72
N GLY H 26 -56.14 -50.36 22.40
CA GLY H 26 -55.35 -51.45 21.83
C GLY H 26 -55.00 -51.37 20.36
N VAL H 27 -54.56 -52.50 19.81
CA VAL H 27 -54.09 -52.60 18.42
C VAL H 27 -55.23 -52.86 17.42
N ARG H 28 -55.47 -51.90 16.52
CA ARG H 28 -56.39 -52.09 15.40
C ARG H 28 -55.58 -52.56 14.20
N THR H 29 -56.29 -52.94 13.13
CA THR H 29 -55.64 -53.40 11.88
C THR H 29 -56.63 -53.52 10.70
N ALA H 30 -56.16 -53.19 9.50
CA ALA H 30 -57.02 -53.18 8.29
C ALA H 30 -56.27 -53.50 6.98
N THR H 31 -56.79 -54.46 6.21
CA THR H 31 -56.15 -54.89 4.95
C THR H 31 -57.08 -54.77 3.74
N GLY H 32 -56.52 -54.32 2.62
CA GLY H 32 -57.24 -54.18 1.36
C GLY H 32 -58.52 -53.36 1.48
N THR H 33 -58.57 -52.51 2.50
CA THR H 33 -59.81 -51.83 2.88
C THR H 33 -59.84 -50.41 2.30
N THR H 34 -60.19 -50.30 1.02
CA THR H 34 -60.23 -48.99 0.35
C THR H 34 -61.31 -48.09 0.94
N ILE H 35 -60.96 -46.82 1.17
CA ILE H 35 -61.85 -45.82 1.80
C ILE H 35 -62.06 -44.61 0.90
N LYS H 36 -63.28 -44.08 0.91
CA LYS H 36 -63.58 -42.80 0.26
C LYS H 36 -64.61 -41.98 1.06
N VAL H 37 -64.23 -40.74 1.36
CA VAL H 37 -65.12 -39.82 2.09
C VAL H 37 -65.26 -38.51 1.32
N SER H 38 -66.46 -38.30 0.76
CA SER H 38 -66.78 -37.05 0.08
C SER H 38 -67.37 -36.00 1.04
N GLY H 39 -67.84 -36.47 2.20
CA GLY H 39 -68.44 -35.60 3.22
C GLY H 39 -67.53 -34.48 3.65
N ARG H 40 -68.02 -33.25 3.53
CA ARG H 40 -67.25 -32.04 3.85
C ARG H 40 -66.89 -31.97 5.36
N GLN H 41 -65.64 -31.59 5.64
CA GLN H 41 -65.05 -31.58 7.00
C GLN H 41 -64.91 -32.96 7.63
N ALA H 42 -64.70 -33.97 6.79
CA ALA H 42 -64.56 -35.35 7.25
C ALA H 42 -63.38 -36.06 6.58
N GLN H 43 -62.40 -36.42 7.40
CA GLN H 43 -61.22 -37.14 6.91
C GLN H 43 -61.52 -38.61 6.65
N GLY H 44 -60.71 -39.20 5.79
CA GLY H 44 -60.71 -40.65 5.59
C GLY H 44 -60.38 -41.38 6.88
N VAL H 45 -59.25 -41.03 7.49
CA VAL H 45 -58.89 -41.62 8.78
C VAL H 45 -58.49 -40.55 9.80
N LEU H 46 -59.14 -40.58 10.96
CA LEU H 46 -58.78 -39.73 12.08
C LEU H 46 -58.46 -40.58 13.31
N LEU H 47 -57.19 -40.52 13.71
CA LEU H 47 -56.71 -41.22 14.89
C LEU H 47 -56.46 -40.20 16.00
N GLU H 48 -57.00 -40.49 17.18
CA GLU H 48 -57.07 -39.50 18.24
C GLU H 48 -56.83 -40.09 19.62
N ASN H 49 -56.33 -41.32 19.66
CA ASN H 49 -56.17 -42.05 20.90
C ASN H 49 -54.69 -42.34 21.19
N PRO H 50 -54.15 -41.75 22.28
CA PRO H 50 -52.76 -41.94 22.69
C PRO H 50 -52.41 -43.39 23.08
N ALA H 51 -53.34 -44.32 22.87
CA ALA H 51 -53.15 -45.72 23.24
C ALA H 51 -53.42 -46.69 22.10
N ALA H 52 -54.05 -46.18 21.03
CA ALA H 52 -54.43 -47.01 19.91
C ALA H 52 -53.39 -46.99 18.80
N GLU H 53 -53.10 -48.16 18.25
CA GLU H 53 -52.26 -48.29 17.06
C GLU H 53 -53.10 -48.77 15.87
N LEU H 54 -53.06 -48.03 14.78
CA LEU H 54 -53.77 -48.41 13.58
C LEU H 54 -52.78 -48.86 12.51
N ARG H 55 -53.01 -50.06 11.97
CA ARG H 55 -52.17 -50.59 10.90
C ARG H 55 -53.00 -50.72 9.65
N PHE H 56 -52.53 -50.05 8.60
CA PHE H 56 -53.29 -49.97 7.36
C PHE H 56 -52.42 -50.49 6.22
N GLN H 57 -52.87 -51.57 5.59
CA GLN H 57 -52.08 -52.26 4.55
C GLN H 57 -52.85 -52.56 3.27
N ASN H 58 -52.17 -52.34 2.14
CA ASN H 58 -52.72 -52.61 0.80
C ASN H 58 -54.06 -51.95 0.55
N GLY H 59 -54.31 -50.84 1.23
CA GLY H 59 -55.58 -50.12 1.10
C GLY H 59 -55.44 -48.88 0.25
N SER H 60 -56.32 -47.91 0.50
CA SER H 60 -56.38 -46.67 -0.27
C SER H 60 -57.38 -45.70 0.38
N VAL H 61 -56.86 -44.75 1.16
CA VAL H 61 -57.69 -43.74 1.82
C VAL H 61 -57.72 -42.46 1.00
N THR H 62 -58.90 -42.04 0.58
CA THR H 62 -59.04 -40.79 -0.19
C THR H 62 -60.25 -39.95 0.25
N SER H 63 -60.11 -38.63 0.17
CA SER H 63 -61.21 -37.72 0.54
C SER H 63 -61.34 -36.55 -0.42
N SER H 64 -62.58 -36.09 -0.60
CA SER H 64 -62.89 -34.98 -1.50
C SER H 64 -63.42 -33.76 -0.77
N GLY H 65 -63.91 -33.99 0.45
CA GLY H 65 -64.48 -32.94 1.28
C GLY H 65 -63.47 -31.87 1.67
N GLN H 66 -63.98 -30.67 1.90
CA GLN H 66 -63.15 -29.55 2.33
C GLN H 66 -62.81 -29.69 3.82
N LEU H 67 -61.65 -30.28 4.11
CA LEU H 67 -61.24 -30.54 5.48
C LEU H 67 -60.63 -29.32 6.12
N PHE H 68 -60.88 -29.18 7.42
CA PHE H 68 -60.27 -28.13 8.24
C PHE H 68 -60.99 -28.02 9.58
N ASP H 69 -60.22 -27.79 10.64
CA ASP H 69 -60.80 -27.57 11.95
C ASP H 69 -60.83 -26.08 12.26
N GLU H 70 -61.68 -25.70 13.20
CA GLU H 70 -61.67 -24.34 13.73
C GLU H 70 -61.05 -24.29 15.13
N GLY H 71 -60.23 -25.29 15.44
CA GLY H 71 -59.29 -25.23 16.57
C GLY H 71 -58.04 -24.56 16.05
N VAL H 72 -57.77 -23.68 16.09
CA VAL H 72 -57.12 -22.44 15.64
C VAL H 72 -56.98 -22.33 14.12
N ARG H 73 -58.10 -22.56 13.46
CA ARG H 73 -58.20 -22.49 11.99
C ARG H 73 -57.05 -23.05 11.14
N ARG H 74 -56.77 -24.31 11.38
CA ARG H 74 -55.70 -25.05 10.67
C ARG H 74 -56.28 -26.31 10.01
N PHE H 75 -56.09 -26.38 9.01
CA PHE H 75 -56.74 -27.21 7.98
C PHE H 75 -56.09 -28.59 7.95
N LEU H 76 -56.91 -29.63 8.34
CA LEU H 76 -56.39 -30.98 8.57
C LEU H 76 -56.09 -31.70 7.27
N GLY H 77 -55.78 -32.99 7.38
CA GLY H 77 -55.42 -33.79 6.22
C GLY H 77 -56.22 -35.08 6.13
N THR H 78 -56.36 -35.60 4.91
CA THR H 78 -57.23 -36.75 4.66
C THR H 78 -56.99 -37.93 5.61
N VAL H 79 -55.76 -38.04 6.11
CA VAL H 79 -55.49 -38.87 7.29
C VAL H 79 -54.81 -37.97 8.33
N THR H 80 -55.41 -37.86 9.50
CA THR H 80 -54.82 -37.05 10.56
C THR H 80 -54.58 -37.89 11.80
N VAL H 81 -53.37 -37.80 12.33
CA VAL H 81 -53.04 -38.44 13.59
C VAL H 81 -52.80 -37.33 14.60
N LYS H 82 -53.54 -37.36 15.70
CA LYS H 82 -53.36 -36.37 16.75
C LYS H 82 -52.88 -37.01 18.04
N ALA H 83 -53.16 -38.30 18.18
CA ALA H 83 -52.60 -39.13 19.26
C ALA H 83 -52.63 -40.59 18.84
N GLY H 84 -51.54 -41.31 19.08
CA GLY H 84 -51.41 -42.73 18.73
C GLY H 84 -50.53 -43.00 17.53
N LYS H 85 -50.36 -44.29 17.19
CA LYS H 85 -49.44 -44.71 16.12
C LYS H 85 -50.18 -45.12 14.85
N LEU H 86 -49.71 -44.63 13.71
CA LEU H 86 -50.21 -45.07 12.40
C LEU H 86 -49.11 -45.83 11.64
N VAL H 87 -49.44 -47.03 11.15
CA VAL H 87 -48.52 -47.80 10.32
C VAL H 87 -49.12 -48.01 8.92
N ALA H 88 -48.53 -47.37 7.92
CA ALA H 88 -49.02 -47.51 6.55
C ALA H 88 -48.05 -48.33 5.69
N ASP H 89 -48.61 -49.31 4.98
CA ASP H 89 -47.84 -50.20 4.10
C ASP H 89 -48.55 -50.40 2.76
N HIS H 90 -47.88 -50.02 1.67
CA HIS H 90 -48.45 -50.04 0.32
C HIS H 90 -49.82 -49.41 0.31
N ALA H 91 -49.88 -48.11 0.55
CA ALA H 91 -51.15 -47.41 0.61
C ALA H 91 -51.15 -46.17 -0.29
N THR H 92 -52.31 -45.82 -0.81
CA THR H 92 -52.46 -44.54 -1.48
C THR H 92 -53.26 -43.62 -0.58
N LEU H 93 -52.71 -42.43 -0.33
CA LEU H 93 -53.40 -41.42 0.45
C LEU H 93 -53.57 -40.22 -0.44
N ALA H 94 -54.80 -39.97 -0.87
CA ALA H 94 -55.09 -38.90 -1.81
C ALA H 94 -56.10 -37.90 -1.26
N ASN H 95 -56.01 -36.66 -1.73
CA ASN H 95 -56.90 -35.62 -1.30
C ASN H 95 -57.21 -34.74 -2.49
N VAL H 96 -58.36 -35.01 -3.10
CA VAL H 96 -58.82 -34.23 -4.25
C VAL H 96 -59.80 -33.17 -3.78
N SER H 97 -59.60 -31.93 -4.20
CA SER H 97 -60.53 -30.83 -3.86
C SER H 97 -60.22 -29.55 -4.66
N ASP H 98 -60.26 -28.40 -4.00
CA ASP H 98 -60.04 -27.11 -4.65
C ASP H 98 -58.73 -26.44 -4.18
N THR H 99 -58.35 -25.34 -4.85
CA THR H 99 -57.25 -24.47 -4.42
C THR H 99 -57.68 -23.58 -3.24
N ARG H 100 -58.72 -22.78 -3.46
CA ARG H 100 -59.21 -21.80 -2.46
C ARG H 100 -59.93 -22.48 -1.30
N ASP H 101 -60.62 -23.60 -1.59
CA ASP H 101 -61.40 -24.32 -0.58
C ASP H 101 -60.51 -25.11 0.38
N ASP H 102 -59.78 -26.08 -0.15
CA ASP H 102 -58.96 -26.96 0.67
C ASP H 102 -57.48 -26.75 0.38
N ASP H 103 -56.64 -27.09 1.35
CA ASP H 103 -55.21 -27.09 1.13
C ASP H 103 -54.76 -28.36 0.41
N GLY H 104 -55.44 -29.47 0.68
CA GLY H 104 -55.17 -30.74 0.00
C GLY H 104 -54.13 -31.57 0.72
N ILE H 105 -54.06 -31.38 2.03
CA ILE H 105 -53.13 -32.11 2.88
C ILE H 105 -53.49 -33.59 2.88
N ALA H 106 -52.57 -34.41 2.41
CA ALA H 106 -52.79 -35.85 2.37
C ALA H 106 -52.56 -36.50 3.73
N LEU H 107 -51.47 -36.14 4.40
CA LEU H 107 -51.17 -36.66 5.72
C LEU H 107 -50.83 -35.56 6.69
N TYR H 108 -51.35 -35.68 7.91
CA TYR H 108 -51.18 -34.65 8.94
C TYR H 108 -50.93 -35.32 10.29
N VAL H 109 -49.71 -35.15 10.80
CA VAL H 109 -49.35 -35.69 12.11
C VAL H 109 -48.93 -34.52 13.01
N ALA H 110 -49.69 -34.31 14.08
CA ALA H 110 -49.43 -33.21 15.00
C ALA H 110 -49.73 -33.63 16.42
N GLY H 111 -48.86 -33.24 17.35
CA GLY H 111 -49.07 -33.57 18.75
C GLY H 111 -47.97 -34.41 19.34
N GLU H 112 -47.80 -34.28 20.65
CA GLU H 112 -46.72 -34.91 21.40
C GLU H 112 -46.78 -36.45 21.43
N GLN H 113 -47.89 -37.02 20.97
CA GLN H 113 -48.08 -38.46 20.97
C GLN H 113 -48.52 -39.01 19.61
N ALA H 114 -48.49 -38.14 18.60
CA ALA H 114 -48.81 -38.53 17.24
C ALA H 114 -47.61 -39.17 16.56
N GLN H 115 -47.80 -40.37 16.04
CA GLN H 115 -46.74 -41.13 15.35
C GLN H 115 -47.24 -41.71 14.05
N ALA H 116 -46.35 -41.83 13.08
CA ALA H 116 -46.67 -42.40 11.78
C ALA H 116 -45.42 -43.00 11.14
N SER H 117 -45.58 -44.15 10.49
CA SER H 117 -44.52 -44.72 9.68
C SER H 117 -45.05 -45.19 8.33
N ILE H 118 -44.93 -44.30 7.36
CA ILE H 118 -45.34 -44.58 6.01
C ILE H 118 -44.26 -45.40 5.33
N ALA H 119 -44.65 -46.57 4.81
CA ALA H 119 -43.73 -47.42 4.06
C ALA H 119 -44.33 -47.85 2.73
N ASP H 120 -43.52 -47.77 1.67
CA ASP H 120 -43.90 -48.21 0.32
C ASP H 120 -45.21 -47.61 -0.19
N SER H 121 -45.62 -46.48 0.38
CA SER H 121 -46.89 -45.86 0.02
C SER H 121 -46.70 -44.70 -0.95
N THR H 122 -47.80 -44.04 -1.33
CA THR H 122 -47.73 -42.83 -2.17
C THR H 122 -48.80 -41.83 -1.73
N LEU H 123 -48.41 -40.55 -1.61
CA LEU H 123 -49.28 -39.51 -1.06
C LEU H 123 -49.49 -38.37 -2.05
N GLN H 124 -50.74 -37.99 -2.31
CA GLN H 124 -51.01 -36.88 -3.23
C GLN H 124 -52.12 -35.90 -2.82
N GLY H 125 -52.21 -34.81 -3.57
CA GLY H 125 -53.00 -33.64 -3.22
C GLY H 125 -52.05 -32.47 -3.01
N ALA H 126 -52.45 -31.28 -3.46
CA ALA H 126 -51.58 -30.09 -3.50
C ALA H 126 -51.14 -29.55 -2.12
N GLY H 127 -51.48 -30.27 -1.06
CA GLY H 127 -51.07 -29.90 0.31
C GLY H 127 -49.92 -30.72 0.88
N GLY H 128 -49.70 -31.91 0.32
CA GLY H 128 -48.58 -32.77 0.70
C GLY H 128 -48.69 -33.31 2.11
N VAL H 129 -47.53 -33.60 2.71
CA VAL H 129 -47.49 -34.11 4.09
C VAL H 129 -47.10 -32.99 5.05
N ARG H 130 -47.84 -32.89 6.15
CA ARG H 130 -47.56 -31.85 7.13
C ARG H 130 -47.39 -32.48 8.52
N VAL H 131 -46.25 -32.18 9.15
CA VAL H 131 -45.94 -32.65 10.49
C VAL H 131 -45.66 -31.45 11.37
N GLU H 132 -46.14 -31.46 12.60
CA GLU H 132 -45.82 -30.40 13.56
C GLU H 132 -46.15 -30.74 15.00
N ARG H 133 -45.74 -29.85 15.88
CA ARG H 133 -46.15 -29.84 17.29
C ARG H 133 -45.78 -31.09 18.09
N GLY H 134 -44.56 -31.58 17.88
CA GLY H 134 -43.99 -32.68 18.69
C GLY H 134 -44.25 -34.07 18.15
N ALA H 135 -44.57 -34.16 16.87
CA ALA H 135 -44.88 -35.44 16.25
C ALA H 135 -43.63 -36.12 15.71
N ASN H 136 -43.70 -37.45 15.59
CA ASN H 136 -42.63 -38.26 14.99
C ASN H 136 -43.16 -39.03 13.79
N VAL H 137 -42.43 -38.93 12.67
CA VAL H 137 -42.80 -39.63 11.45
C VAL H 137 -41.58 -40.28 10.80
N THR H 138 -41.79 -41.43 10.17
CA THR H 138 -40.74 -42.11 9.43
C THR H 138 -41.33 -42.54 8.10
N VAL H 139 -40.73 -42.10 6.99
CA VAL H 139 -41.27 -42.40 5.66
C VAL H 139 -40.26 -43.14 4.78
N GLN H 140 -40.63 -44.32 4.30
CA GLN H 140 -39.71 -45.15 3.47
C GLN H 140 -40.27 -45.59 2.12
N ARG H 141 -39.39 -45.55 1.11
CA ARG H 141 -39.67 -46.07 -0.24
C ARG H 141 -41.01 -45.55 -0.79
N SER H 142 -41.31 -44.30 -0.46
CA SER H 142 -42.61 -43.72 -0.74
C SER H 142 -42.52 -42.57 -1.72
N THR H 143 -43.65 -41.94 -2.01
CA THR H 143 -43.67 -40.78 -2.91
C THR H 143 -44.63 -39.69 -2.41
N ILE H 144 -44.13 -38.46 -2.33
CA ILE H 144 -44.99 -37.30 -2.18
C ILE H 144 -45.06 -36.65 -3.56
N VAL H 145 -46.22 -36.84 -4.19
CA VAL H 145 -46.39 -36.62 -5.62
C VAL H 145 -46.41 -35.15 -6.03
N ASP H 146 -47.07 -34.30 -5.25
CA ASP H 146 -47.31 -32.92 -5.71
C ASP H 146 -47.35 -31.83 -4.62
N GLY H 147 -47.60 -32.22 -3.38
CA GLY H 147 -47.79 -31.25 -2.30
C GLY H 147 -46.60 -30.90 -1.40
N GLY H 148 -45.56 -31.72 -1.45
CA GLY H 148 -44.34 -31.45 -0.67
C GLY H 148 -44.38 -31.87 0.79
N LEU H 149 -43.27 -31.67 1.49
CA LEU H 149 -43.17 -31.98 2.91
C LEU H 149 -42.93 -30.70 3.70
N HIS H 150 -43.64 -30.58 4.82
CA HIS H 150 -43.61 -29.35 5.63
C HIS H 150 -43.62 -29.65 7.12
N ILE H 151 -42.50 -29.42 7.78
CA ILE H 151 -42.38 -29.69 9.20
C ILE H 151 -42.33 -28.39 9.98
N GLY H 152 -43.28 -28.26 10.91
CA GLY H 152 -43.45 -27.05 11.74
C GLY H 152 -43.92 -25.83 10.97
N THR H 153 -44.16 -24.75 11.70
CA THR H 153 -44.45 -23.43 11.11
C THR H 153 -43.83 -22.32 11.95
N LEU H 154 -44.03 -21.09 11.49
CA LEU H 154 -43.67 -19.91 12.27
C LEU H 154 -44.84 -19.53 13.20
N GLN H 155 -44.72 -18.39 13.88
CA GLN H 155 -45.70 -17.91 14.84
C GLN H 155 -47.17 -18.00 14.35
N PRO H 156 -48.00 -18.84 15.02
CA PRO H 156 -49.45 -18.87 14.75
C PRO H 156 -50.18 -17.84 15.64
N LEU H 157 -49.69 -16.59 15.56
CA LEU H 157 -50.19 -15.44 16.32
C LEU H 157 -50.00 -15.58 17.85
N GLN H 158 -49.07 -16.46 18.27
CA GLN H 158 -48.77 -16.70 19.69
C GLN H 158 -47.44 -17.41 19.97
N PRO H 159 -46.89 -17.26 21.20
CA PRO H 159 -45.71 -17.99 21.72
C PRO H 159 -45.62 -19.48 21.34
N GLU H 160 -44.54 -19.83 20.62
CA GLU H 160 -44.09 -21.23 20.36
C GLU H 160 -43.36 -21.81 21.58
N ASP H 161 -43.97 -22.81 22.18
CA ASP H 161 -43.56 -23.35 23.49
C ASP H 161 -42.27 -24.18 23.49
N LEU H 162 -42.25 -25.26 22.73
CA LEU H 162 -40.98 -26.06 22.59
C LEU H 162 -40.98 -27.33 21.72
N PRO H 163 -41.80 -28.36 22.05
CA PRO H 163 -41.42 -29.77 21.82
C PRO H 163 -41.13 -30.13 20.36
N PRO H 164 -39.89 -30.55 20.07
CA PRO H 164 -39.39 -30.73 18.69
C PRO H 164 -40.05 -31.88 17.92
N SER H 165 -40.19 -31.69 16.61
CA SER H 165 -40.67 -32.73 15.71
C SER H 165 -39.50 -33.39 15.02
N ARG H 166 -39.55 -34.71 14.90
CA ARG H 166 -38.50 -35.48 14.23
C ARG H 166 -39.06 -36.23 13.02
N VAL H 167 -38.44 -36.06 11.87
CA VAL H 167 -38.87 -36.75 10.65
C VAL H 167 -37.68 -37.38 9.92
N VAL H 168 -37.81 -38.69 9.65
CA VAL H 168 -36.79 -39.48 8.98
C VAL H 168 -37.30 -39.97 7.64
N LEU H 169 -36.52 -39.81 6.57
CA LEU H 169 -36.90 -40.28 5.24
C LEU H 169 -35.92 -41.29 4.61
N GLY H 170 -36.43 -42.49 4.30
CA GLY H 170 -35.66 -43.54 3.62
C GLY H 170 -36.03 -43.56 2.15
N ASP H 171 -35.02 -43.45 1.29
CA ASP H 171 -35.20 -43.07 -0.12
C ASP H 171 -36.64 -43.01 -0.61
N THR H 172 -37.28 -41.91 -0.27
CA THR H 172 -38.56 -41.53 -0.86
C THR H 172 -38.23 -40.44 -1.86
N SER H 173 -39.24 -39.84 -2.47
CA SER H 173 -38.98 -38.71 -3.36
C SER H 173 -40.08 -37.67 -3.27
N VAL H 174 -39.72 -36.53 -2.70
CA VAL H 174 -40.66 -35.46 -2.45
C VAL H 174 -40.70 -34.50 -3.64
N THR H 175 -41.90 -34.28 -4.17
CA THR H 175 -42.08 -33.32 -5.24
C THR H 175 -43.13 -32.27 -4.85
N ALA H 176 -42.98 -31.06 -5.39
CA ALA H 176 -43.91 -29.98 -5.16
C ALA H 176 -44.16 -29.28 -6.48
N VAL H 177 -45.18 -29.75 -7.18
CA VAL H 177 -45.58 -29.26 -8.50
C VAL H 177 -45.84 -27.75 -8.49
N PRO H 178 -45.46 -27.02 -9.57
CA PRO H 178 -45.73 -25.57 -9.61
C PRO H 178 -47.17 -25.27 -9.29
N ALA H 179 -48.09 -26.07 -9.84
CA ALA H 179 -49.53 -25.99 -9.57
C ALA H 179 -49.90 -25.90 -8.07
N SER H 180 -49.15 -26.57 -7.21
CA SER H 180 -49.49 -26.68 -5.77
C SER H 180 -49.25 -25.41 -4.96
N GLY H 181 -48.68 -24.40 -5.60
CA GLY H 181 -48.44 -23.11 -4.96
C GLY H 181 -47.32 -23.08 -3.94
N ALA H 182 -47.10 -24.21 -3.26
CA ALA H 182 -46.04 -24.39 -2.24
C ALA H 182 -44.71 -23.68 -2.54
N PRO H 183 -44.18 -22.93 -1.54
CA PRO H 183 -43.01 -22.08 -1.79
C PRO H 183 -41.70 -22.87 -1.83
N ALA H 184 -41.61 -23.92 -1.04
CA ALA H 184 -40.47 -24.81 -1.06
C ALA H 184 -40.96 -26.26 -1.06
N ALA H 185 -40.26 -27.09 -1.82
CA ALA H 185 -40.58 -28.51 -1.94
C ALA H 185 -40.51 -29.24 -0.59
N VAL H 186 -39.44 -29.00 0.17
CA VAL H 186 -39.36 -29.43 1.57
C VAL H 186 -39.05 -28.20 2.43
N SER H 187 -39.68 -28.12 3.60
CA SER H 187 -39.50 -26.96 4.46
C SER H 187 -39.57 -27.31 5.93
N VAL H 188 -38.60 -26.82 6.69
CA VAL H 188 -38.57 -27.01 8.14
C VAL H 188 -38.42 -25.69 8.88
N PHE H 189 -39.48 -25.27 9.58
CA PHE H 189 -39.46 -24.05 10.38
C PHE H 189 -39.46 -24.41 11.87
N GLY H 190 -38.69 -23.67 12.66
CA GLY H 190 -38.67 -23.88 14.11
C GLY H 190 -37.69 -24.95 14.58
N ALA H 191 -37.71 -25.24 15.87
CA ALA H 191 -36.78 -26.18 16.48
C ALA H 191 -37.09 -27.65 16.16
N ASN H 192 -36.91 -28.03 14.90
CA ASN H 192 -37.31 -29.37 14.42
C ASN H 192 -36.26 -30.06 13.57
N GLU H 193 -36.26 -31.40 13.59
CA GLU H 193 -35.26 -32.20 12.86
C GLU H 193 -35.80 -32.98 11.65
N LEU H 194 -35.04 -32.92 10.57
CA LEU H 194 -35.31 -33.75 9.41
C LEU H 194 -34.03 -34.48 8.98
N THR H 195 -34.08 -35.81 8.96
CA THR H 195 -33.01 -36.62 8.37
C THR H 195 -33.49 -37.23 7.06
N VAL H 196 -32.83 -36.87 5.97
CA VAL H 196 -33.10 -37.49 4.69
C VAL H 196 -31.96 -38.44 4.30
N ASP H 197 -32.33 -39.64 3.86
CA ASP H 197 -31.36 -40.63 3.41
C ASP H 197 -31.70 -41.12 2.00
N GLY H 198 -31.09 -40.49 1.01
CA GLY H 198 -31.35 -40.81 -0.39
C GLY H 198 -32.72 -40.35 -0.85
N GLY H 199 -32.84 -40.06 -2.14
CA GLY H 199 -34.12 -39.70 -2.72
C GLY H 199 -34.05 -38.46 -3.58
N HIS H 200 -35.16 -38.16 -4.25
CA HIS H 200 -35.24 -37.01 -5.13
C HIS H 200 -36.15 -35.93 -4.58
N ILE H 201 -35.54 -34.91 -3.98
CA ILE H 201 -36.27 -33.69 -3.61
C ILE H 201 -36.29 -32.80 -4.83
N THR H 202 -37.49 -32.53 -5.33
CA THR H 202 -37.63 -31.75 -6.54
C THR H 202 -38.87 -30.86 -6.46
N GLY H 203 -38.77 -29.65 -7.00
CA GLY H 203 -39.87 -28.69 -6.95
C GLY H 203 -39.56 -27.41 -6.20
N GLY H 204 -40.56 -26.92 -5.46
CA GLY H 204 -40.49 -25.63 -4.77
C GLY H 204 -40.62 -24.42 -5.69
N ARG H 205 -41.44 -23.46 -5.26
CA ARG H 205 -41.63 -22.20 -5.98
C ARG H 205 -40.36 -21.35 -5.87
N ALA H 206 -39.85 -21.25 -4.64
CA ALA H 206 -38.71 -20.42 -4.31
C ALA H 206 -37.44 -21.24 -4.04
N ALA H 207 -37.59 -22.34 -3.31
CA ALA H 207 -36.46 -23.16 -2.93
C ALA H 207 -36.76 -24.66 -3.04
N GLY H 208 -35.72 -25.48 -2.96
CA GLY H 208 -35.92 -26.91 -2.84
C GLY H 208 -36.14 -27.24 -1.38
N VAL H 209 -35.13 -26.96 -0.56
CA VAL H 209 -35.25 -27.10 0.88
C VAL H 209 -35.15 -25.75 1.56
N ALA H 210 -36.07 -25.49 2.49
CA ALA H 210 -36.01 -24.30 3.32
C ALA H 210 -35.93 -24.71 4.78
N ALA H 211 -34.91 -24.21 5.46
CA ALA H 211 -34.77 -24.42 6.89
C ALA H 211 -34.59 -23.07 7.56
N MET H 212 -35.46 -22.77 8.52
CA MET H 212 -35.49 -21.44 9.15
C MET H 212 -35.85 -21.51 10.63
N ASP H 213 -35.53 -20.43 11.34
CA ASP H 213 -35.78 -20.30 12.78
C ASP H 213 -35.34 -21.51 13.61
N GLY H 214 -34.11 -21.99 13.39
CA GLY H 214 -33.49 -22.98 14.27
C GLY H 214 -33.71 -24.45 13.97
N ALA H 215 -33.81 -24.79 12.69
CA ALA H 215 -34.02 -26.17 12.26
C ALA H 215 -32.70 -26.96 12.24
N ILE H 216 -32.81 -28.28 12.28
CA ILE H 216 -31.68 -29.17 12.04
C ILE H 216 -32.04 -30.11 10.90
N VAL H 217 -31.34 -29.98 9.78
CA VAL H 217 -31.62 -30.77 8.58
C VAL H 217 -30.37 -31.51 8.10
N HIS H 218 -30.42 -32.84 8.13
CA HIS H 218 -29.34 -33.67 7.61
C HIS H 218 -29.75 -34.33 6.30
N LEU H 219 -29.25 -33.81 5.18
CA LEU H 219 -29.52 -34.33 3.85
C LEU H 219 -28.41 -35.25 3.33
N GLN H 220 -28.72 -36.53 3.19
CA GLN H 220 -27.72 -37.53 2.83
C GLN H 220 -28.09 -38.29 1.56
N ARG H 221 -27.23 -38.18 0.55
CA ARG H 221 -27.42 -38.83 -0.76
C ARG H 221 -28.74 -38.43 -1.43
N ALA H 222 -29.24 -37.25 -1.05
CA ALA H 222 -30.40 -36.70 -1.71
C ALA H 222 -29.93 -36.04 -3.00
N THR H 223 -30.86 -35.83 -3.92
CA THR H 223 -30.58 -35.07 -5.12
C THR H 223 -31.68 -34.01 -5.32
N ILE H 224 -31.25 -32.75 -5.53
CA ILE H 224 -32.15 -31.60 -5.45
C ILE H 224 -32.15 -30.76 -6.72
N ARG H 225 -33.25 -30.80 -7.45
CA ARG H 225 -33.40 -30.02 -8.69
C ARG H 225 -34.69 -29.22 -8.73
N ARG H 226 -34.75 -28.21 -9.61
CA ARG H 226 -35.94 -27.39 -9.79
C ARG H 226 -37.07 -28.19 -10.44
N GLY H 227 -36.92 -28.51 -11.73
CA GLY H 227 -37.94 -29.24 -12.48
C GLY H 227 -39.02 -28.31 -13.01
N GLY H 255 -35.78 -16.34 -9.54
CA GLY H 255 -34.56 -16.89 -8.96
C GLY H 255 -34.81 -17.95 -7.91
N TRP H 256 -34.54 -19.21 -8.28
CA TRP H 256 -34.74 -20.39 -7.41
C TRP H 256 -33.47 -20.82 -6.65
N TYR H 257 -33.61 -21.19 -5.38
CA TYR H 257 -32.50 -21.68 -4.57
C TYR H 257 -32.64 -23.16 -4.24
N GLY H 258 -31.53 -23.89 -4.28
CA GLY H 258 -31.53 -25.31 -3.95
C GLY H 258 -31.85 -25.51 -2.48
N VAL H 259 -31.02 -24.94 -1.62
CA VAL H 259 -31.23 -24.99 -0.18
C VAL H 259 -31.21 -23.57 0.37
N ASP H 260 -32.21 -23.24 1.20
CA ASP H 260 -32.30 -21.92 1.82
C ASP H 260 -32.29 -22.03 3.34
N VAL H 261 -31.30 -21.39 3.97
CA VAL H 261 -31.12 -21.48 5.43
C VAL H 261 -31.13 -20.11 6.15
N SER H 262 -31.07 -20.10 7.12
CA SER H 262 -31.48 -19.11 8.11
C SER H 262 -30.45 -19.25 9.26
N ASP H 263 -31.09 -19.44 10.38
CA ASP H 263 -30.39 -19.42 11.70
C ASP H 263 -30.47 -20.88 12.17
N SER H 264 -30.23 -21.77 11.20
CA SER H 264 -30.37 -23.20 11.46
C SER H 264 -29.42 -24.02 10.61
N THR H 265 -29.21 -25.30 11.14
CA THR H 265 -28.11 -26.20 10.76
C THR H 265 -28.51 -27.11 9.59
N VAL H 266 -27.71 -27.08 8.52
CA VAL H 266 -27.95 -27.97 7.37
C VAL H 266 -26.66 -28.69 6.93
N ASP H 267 -26.75 -30.01 6.84
CA ASP H 267 -25.63 -30.88 6.48
C ASP H 267 -25.87 -31.62 5.18
N LEU H 268 -24.96 -31.50 4.23
CA LEU H 268 -25.11 -32.14 2.93
C LEU H 268 -24.06 -33.23 2.64
N ALA H 269 -24.44 -34.49 2.88
CA ALA H 269 -23.55 -35.62 2.60
C ALA H 269 -23.90 -36.29 1.27
N GLN H 270 -22.92 -36.35 0.36
CA GLN H 270 -23.02 -37.06 -0.93
C GLN H 270 -24.27 -36.74 -1.73
N SER H 271 -24.73 -35.50 -1.61
CA SER H 271 -25.93 -35.07 -2.28
C SER H 271 -25.56 -34.29 -3.53
N ILE H 272 -26.54 -34.04 -4.39
CA ILE H 272 -26.31 -33.30 -5.63
C ILE H 272 -27.35 -32.18 -5.72
N VAL H 273 -26.90 -30.99 -6.11
CA VAL H 273 -27.76 -29.80 -6.11
C VAL H 273 -27.48 -29.00 -7.38
N GLU H 274 -28.51 -28.80 -8.20
CA GLU H 274 -28.38 -28.01 -9.42
C GLU H 274 -29.25 -26.78 -9.37
N ALA H 275 -28.79 -25.68 -9.96
CA ALA H 275 -29.55 -24.44 -9.93
C ALA H 275 -29.54 -23.72 -11.28
N PRO H 276 -30.68 -23.09 -11.64
CA PRO H 276 -30.78 -22.27 -12.85
C PRO H 276 -29.99 -20.97 -12.77
N GLN H 277 -29.84 -20.33 -13.93
CA GLN H 277 -29.11 -19.07 -14.11
C GLN H 277 -29.53 -18.01 -13.09
N LEU H 278 -30.84 -17.82 -12.95
CA LEU H 278 -31.41 -16.80 -12.07
C LEU H 278 -31.25 -17.10 -10.56
N GLY H 279 -30.63 -18.23 -10.21
CA GLY H 279 -30.56 -18.65 -8.79
C GLY H 279 -29.21 -18.97 -8.16
N ALA H 280 -29.26 -19.79 -7.12
CA ALA H 280 -28.10 -20.24 -6.38
C ALA H 280 -28.33 -21.64 -5.82
N ALA H 281 -27.26 -22.41 -5.66
CA ALA H 281 -27.38 -23.77 -5.13
C ALA H 281 -27.64 -23.73 -3.64
N ILE H 282 -27.03 -22.76 -2.95
CA ILE H 282 -27.28 -22.56 -1.53
C ILE H 282 -27.44 -21.07 -1.22
N ARG H 283 -28.48 -20.73 -0.47
CA ARG H 283 -28.54 -19.44 0.20
C ARG H 283 -28.61 -19.63 1.69
N ALA H 284 -27.72 -18.94 2.39
CA ALA H 284 -27.69 -18.96 3.84
C ALA H 284 -27.53 -17.55 4.34
N GLY H 285 -28.10 -17.29 5.51
CA GLY H 285 -28.06 -15.96 6.11
C GLY H 285 -28.43 -16.04 7.57
N ARG H 286 -28.29 -14.92 8.26
CA ARG H 286 -28.66 -14.79 9.66
C ARG H 286 -28.14 -15.92 10.51
N GLY H 287 -26.81 -16.07 10.56
CA GLY H 287 -26.17 -17.01 11.49
C GLY H 287 -26.33 -18.48 11.15
N ALA H 288 -26.57 -18.76 9.88
CA ALA H 288 -26.73 -20.13 9.39
C ALA H 288 -25.43 -20.91 9.48
N ARG H 289 -25.54 -22.23 9.59
CA ARG H 289 -24.40 -23.13 9.66
C ARG H 289 -24.56 -24.26 8.64
N VAL H 290 -23.81 -24.18 7.54
CA VAL H 290 -23.89 -25.17 6.48
C VAL H 290 -22.59 -25.97 6.31
N THR H 291 -22.73 -27.29 6.24
CA THR H 291 -21.62 -28.19 5.96
C THR H 291 -21.97 -29.04 4.76
N VAL H 292 -21.10 -29.02 3.75
CA VAL H 292 -21.26 -29.89 2.59
C VAL H 292 -20.08 -30.85 2.54
N SER H 293 -20.35 -32.15 2.71
CA SER H 293 -19.29 -33.16 2.59
C SER H 293 -19.55 -34.15 1.45
N GLY H 294 -18.58 -34.25 0.55
CA GLY H 294 -18.71 -35.03 -0.67
C GLY H 294 -19.68 -34.33 -1.58
N GLY H 295 -20.40 -35.11 -2.40
CA GLY H 295 -21.43 -34.57 -3.25
C GLY H 295 -20.97 -33.57 -4.29
N SER H 296 -21.86 -32.64 -4.62
CA SER H 296 -21.70 -31.77 -5.78
C SER H 296 -22.72 -30.64 -5.75
N LEU H 297 -22.29 -29.44 -6.12
CA LEU H 297 -23.19 -28.30 -6.25
C LEU H 297 -22.85 -27.54 -7.52
N SER H 298 -23.77 -27.48 -8.47
CA SER H 298 -23.52 -26.68 -9.68
C SER H 298 -24.54 -25.55 -9.90
N ALA H 299 -24.06 -24.46 -10.51
CA ALA H 299 -24.88 -23.32 -10.84
C ALA H 299 -24.31 -22.64 -12.09
N PRO H 300 -24.33 -23.37 -13.22
CA PRO H 300 -23.74 -22.96 -14.49
C PRO H 300 -23.71 -21.46 -14.78
N HIS H 301 -24.77 -20.73 -14.47
CA HIS H 301 -24.77 -19.31 -14.79
C HIS H 301 -25.04 -18.41 -13.58
N GLY H 302 -25.21 -19.03 -12.42
CA GLY H 302 -25.49 -18.29 -11.20
C GLY H 302 -24.40 -18.44 -10.15
N ASN H 303 -24.82 -18.33 -8.91
CA ASN H 303 -23.93 -18.44 -7.76
C ASN H 303 -24.06 -19.81 -7.15
N VAL H 304 -22.99 -20.30 -6.55
CA VAL H 304 -23.06 -21.56 -5.84
C VAL H 304 -23.60 -21.27 -4.46
N ILE H 305 -23.06 -20.23 -3.82
CA ILE H 305 -23.47 -19.84 -2.47
C ILE H 305 -23.82 -18.36 -2.41
N GLU H 306 -24.98 -18.04 -1.84
CA GLU H 306 -25.42 -16.66 -1.64
C GLU H 306 -25.59 -16.36 -0.16
N THR H 307 -25.18 -15.16 0.25
CA THR H 307 -25.28 -14.78 1.67
C THR H 307 -26.01 -13.45 1.91
N GLY H 308 -27.12 -13.52 2.65
CA GLY H 308 -27.94 -12.35 3.02
C GLY H 308 -29.34 -12.25 2.42
N GLY H 309 -30.03 -11.15 2.72
CA GLY H 309 -31.41 -10.90 2.24
C GLY H 309 -32.51 -11.27 3.22
N GLY H 310 -32.60 -10.55 4.34
CA GLY H 310 -33.57 -10.83 5.40
C GLY H 310 -33.17 -10.29 6.76
N ALA H 311 -32.35 -9.22 6.75
CA ALA H 311 -31.81 -8.47 7.92
C ALA H 311 -32.12 -8.93 9.36
N ARG H 312 -31.06 -9.24 10.10
CA ARG H 312 -31.12 -9.38 11.57
C ARG H 312 -29.80 -8.89 12.18
N ARG H 313 -29.83 -7.66 12.71
CA ARG H 313 -28.63 -6.95 13.13
C ARG H 313 -28.43 -6.93 14.65
N PHE H 314 -27.42 -7.64 15.12
CA PHE H 314 -27.02 -7.63 16.54
C PHE H 314 -25.51 -7.44 16.69
N PRO H 315 -25.10 -6.38 17.43
CA PRO H 315 -23.68 -6.11 17.76
C PRO H 315 -22.81 -7.28 18.32
N PRO H 316 -23.36 -8.23 19.13
CA PRO H 316 -22.55 -9.41 19.49
C PRO H 316 -22.24 -10.37 18.30
N PRO H 317 -20.94 -10.77 18.14
CA PRO H 317 -20.55 -11.71 17.06
C PRO H 317 -21.05 -13.15 17.28
N ALA H 318 -22.34 -13.40 16.98
CA ALA H 318 -23.02 -14.66 17.29
C ALA H 318 -22.35 -15.92 16.68
N SER H 319 -22.86 -16.41 15.55
CA SER H 319 -22.25 -17.55 14.85
C SER H 319 -21.97 -17.14 13.40
N PRO H 320 -21.07 -16.14 13.20
CA PRO H 320 -21.01 -15.47 11.90
C PRO H 320 -21.23 -16.49 10.79
N LEU H 321 -22.32 -16.34 10.05
CA LEU H 321 -22.79 -17.38 9.15
C LEU H 321 -21.62 -18.04 8.42
N SER H 322 -21.53 -19.37 8.54
CA SER H 322 -20.40 -20.12 8.00
C SER H 322 -20.80 -21.28 7.08
N ILE H 323 -20.09 -21.38 5.96
CA ILE H 323 -20.25 -22.51 5.04
C ILE H 323 -18.92 -23.28 4.96
N THR H 324 -19.01 -24.61 5.01
CA THR H 324 -17.85 -25.48 4.86
C THR H 324 -18.07 -26.51 3.76
N LEU H 325 -17.18 -26.51 2.78
CA LEU H 325 -17.14 -27.57 1.77
C LEU H 325 -15.94 -28.47 2.04
N GLN H 326 -16.22 -29.70 2.46
CA GLN H 326 -15.18 -30.64 2.89
C GLN H 326 -15.34 -32.02 2.24
N ALA H 327 -14.52 -32.96 2.69
CA ALA H 327 -14.51 -34.36 2.22
C ALA H 327 -14.73 -34.56 0.70
N GLY H 328 -13.97 -33.82 -0.11
CA GLY H 328 -13.97 -34.01 -1.55
C GLY H 328 -15.16 -33.44 -2.29
N ALA H 329 -15.81 -32.44 -1.71
CA ALA H 329 -16.95 -31.77 -2.33
C ALA H 329 -16.60 -31.09 -3.65
N ARG H 330 -17.49 -31.20 -4.64
CA ARG H 330 -17.35 -30.49 -5.91
C ARG H 330 -18.34 -29.34 -6.02
N ALA H 331 -17.88 -28.17 -6.48
CA ALA H 331 -18.73 -26.98 -6.57
C ALA H 331 -18.36 -26.05 -7.72
N GLN H 332 -19.27 -25.86 -8.66
CA GLN H 332 -18.99 -25.07 -9.87
C GLN H 332 -20.07 -24.01 -10.14
N GLY H 333 -19.66 -22.82 -10.61
CA GLY H 333 -20.60 -21.77 -11.00
C GLY H 333 -19.91 -20.50 -11.48
N ARG H 334 -20.68 -19.52 -11.95
CA ARG H 334 -20.14 -18.21 -12.37
C ARG H 334 -19.46 -17.51 -11.19
N ALA H 335 -19.93 -17.79 -9.98
CA ALA H 335 -19.27 -17.33 -8.77
C ALA H 335 -19.44 -18.40 -7.71
N LEU H 336 -18.44 -18.53 -6.86
CA LEU H 336 -18.42 -19.61 -5.88
C LEU H 336 -19.16 -19.15 -4.65
N LEU H 337 -19.12 -17.84 -4.43
CA LEU H 337 -19.75 -17.21 -3.29
C LEU H 337 -20.12 -15.79 -3.66
N TYR H 338 -21.41 -15.47 -3.60
CA TYR H 338 -21.91 -14.11 -3.74
C TYR H 338 -22.37 -13.60 -2.38
N ARG H 339 -21.80 -12.48 -1.96
CA ARG H 339 -22.18 -11.84 -0.71
C ARG H 339 -23.05 -10.60 -1.03
N VAL H 340 -24.08 -11.04 -0.35
CA VAL H 340 -25.08 -10.00 -0.01
C VAL H 340 -24.18 -9.31 1.09
N LEU H 341 -24.45 -7.80 0.78
CA LEU H 341 -23.48 -7.11 1.78
C LEU H 341 -23.92 -6.86 3.15
N PRO H 342 -23.06 -6.52 4.13
CA PRO H 342 -23.38 -6.19 5.55
C PRO H 342 -23.86 -7.41 6.39
N GLU H 343 -23.72 -8.65 6.12
CA GLU H 343 -23.39 -9.78 6.98
C GLU H 343 -22.00 -10.42 6.78
N PRO H 344 -21.31 -10.72 7.90
CA PRO H 344 -20.03 -11.44 7.86
C PRO H 344 -20.15 -12.92 7.48
N VAL H 345 -19.21 -13.40 6.68
CA VAL H 345 -19.21 -14.78 6.19
C VAL H 345 -17.88 -15.47 6.48
N LYS H 346 -17.94 -16.78 6.67
CA LYS H 346 -16.75 -17.60 6.90
C LYS H 346 -16.80 -18.84 6.00
N LEU H 347 -16.31 -18.70 4.77
CA LEU H 347 -16.23 -19.82 3.82
C LEU H 347 -15.00 -20.69 4.07
N THR H 348 -15.18 -22.01 4.07
CA THR H 348 -14.09 -22.94 4.32
C THR H 348 -14.07 -24.10 3.34
N LEU H 349 -13.00 -24.18 2.53
CA LEU H 349 -12.75 -25.39 1.74
C LEU H 349 -11.67 -26.21 2.44
N ALA H 350 -12.01 -27.46 2.77
CA ALA H 350 -11.09 -28.37 3.47
C ALA H 350 -11.15 -29.77 2.84
N GLY H 351 -10.54 -30.75 3.51
CA GLY H 351 -10.59 -32.16 3.11
C GLY H 351 -10.62 -32.42 1.62
N GLY H 352 -9.75 -31.73 0.88
CA GLY H 352 -9.61 -31.97 -0.56
C GLY H 352 -10.78 -31.53 -1.42
N ALA H 353 -11.63 -30.66 -0.89
CA ALA H 353 -12.78 -30.15 -1.64
C ALA H 353 -12.31 -29.21 -2.76
N GLN H 354 -13.06 -29.18 -3.85
CA GLN H 354 -12.70 -28.30 -4.95
C GLN H 354 -13.86 -27.46 -5.42
N GLY H 355 -13.68 -26.16 -5.39
CA GLY H 355 -14.69 -25.22 -5.86
C GLY H 355 -14.11 -24.24 -6.84
N GLN H 356 -14.74 -24.12 -8.01
CA GLN H 356 -14.38 -23.08 -8.95
C GLN H 356 -15.53 -22.12 -9.19
N GLY H 357 -15.26 -20.85 -8.90
CA GLY H 357 -16.26 -19.82 -9.03
C GLY H 357 -15.57 -18.47 -9.09
N ASP H 358 -15.90 -17.59 -8.15
CA ASP H 358 -15.32 -16.26 -8.20
C ASP H 358 -15.38 -15.43 -6.93
N ILE H 359 -16.35 -15.64 -6.05
CA ILE H 359 -16.44 -14.81 -4.83
C ILE H 359 -16.60 -13.29 -5.10
N VAL H 360 -17.85 -12.81 -5.06
CA VAL H 360 -18.13 -11.38 -5.27
C VAL H 360 -18.97 -10.77 -4.13
N ALA H 361 -18.80 -9.47 -3.90
CA ALA H 361 -19.63 -8.73 -2.97
C ALA H 361 -20.50 -7.76 -3.78
N THR H 362 -21.26 -6.89 -3.11
CA THR H 362 -22.21 -6.05 -3.85
C THR H 362 -21.63 -4.74 -4.35
N GLU H 363 -20.71 -4.06 -4.46
CA GLU H 363 -19.66 -3.05 -4.28
C GLU H 363 -19.97 -2.03 -3.23
N LEU H 364 -21.24 -1.60 -3.26
CA LEU H 364 -21.76 -0.57 -2.32
C LEU H 364 -22.47 -1.20 -1.11
N PRO H 365 -22.12 -0.76 -0.03
CA PRO H 365 -22.90 -1.17 1.13
C PRO H 365 -24.25 -0.44 1.18
N PRO H 366 -25.22 -0.99 1.93
CA PRO H 366 -26.53 -0.35 1.98
C PRO H 366 -26.46 0.99 2.71
N ILE H 367 -25.74 1.00 3.83
CA ILE H 367 -25.51 2.23 4.57
C ILE H 367 -24.06 2.72 4.40
N PRO H 368 -23.85 3.74 3.54
CA PRO H 368 -22.55 4.39 3.44
C PRO H 368 -22.06 4.90 4.80
N GLY H 369 -20.78 4.54 5.48
CA GLY H 369 -20.20 4.98 6.74
C GLY H 369 -20.41 4.21 8.04
N ALA H 370 -20.88 2.99 7.91
CA ALA H 370 -21.07 2.11 9.08
C ALA H 370 -20.17 0.88 8.98
N SER H 371 -20.04 0.01 10.13
CA SER H 371 -19.23 -1.21 10.27
C SER H 371 -19.83 -2.32 9.40
N SER H 372 -19.00 -3.05 8.72
CA SER H 372 -19.42 -4.15 7.85
C SER H 372 -18.69 -5.44 8.24
N GLY H 373 -18.93 -6.57 8.78
CA GLY H 373 -17.81 -7.42 9.13
C GLY H 373 -17.08 -8.00 7.92
N PRO H 374 -16.21 -9.00 8.16
CA PRO H 374 -15.32 -9.48 7.12
C PRO H 374 -15.86 -10.63 6.26
N LEU H 375 -15.38 -10.71 5.03
CA LEU H 375 -15.52 -11.90 4.22
C LEU H 375 -14.22 -12.70 4.30
N ASP H 376 -14.26 -13.76 5.11
CA ASP H 376 -13.10 -14.60 5.41
C ASP H 376 -13.21 -15.98 4.79
N VAL H 377 -12.25 -16.32 3.94
CA VAL H 377 -12.14 -17.68 3.41
C VAL H 377 -10.88 -18.37 3.95
N ALA H 378 -11.02 -19.66 4.27
CA ALA H 378 -9.93 -20.49 4.75
C ALA H 378 -9.80 -21.78 3.91
N LEU H 379 -8.75 -21.85 3.09
CA LEU H 379 -8.41 -23.05 2.31
C LEU H 379 -7.48 -23.94 3.11
N ALA H 380 -7.91 -25.17 3.39
CA ALA H 380 -7.14 -26.05 4.26
C ALA H 380 -6.94 -27.43 3.66
N SER H 381 -6.43 -28.34 4.49
CA SER H 381 -6.15 -29.73 4.15
C SER H 381 -6.53 -30.17 2.74
N GLN H 382 -5.64 -29.86 1.79
CA GLN H 382 -5.67 -30.42 0.43
C GLN H 382 -6.70 -29.80 -0.52
N ALA H 383 -7.41 -28.78 -0.06
CA ALA H 383 -8.50 -28.20 -0.83
C ALA H 383 -8.00 -27.35 -2.00
N ARG H 384 -8.93 -26.90 -2.85
CA ARG H 384 -8.53 -26.17 -4.05
C ARG H 384 -9.60 -25.23 -4.65
N TRP H 385 -9.53 -23.95 -4.28
CA TRP H 385 -10.34 -22.95 -4.93
C TRP H 385 -9.65 -22.43 -6.18
N THR H 386 -10.36 -22.47 -7.30
CA THR H 386 -9.87 -21.87 -8.52
C THR H 386 -10.80 -20.75 -9.03
N GLY H 387 -10.33 -19.51 -8.94
CA GLY H 387 -11.12 -18.32 -9.29
C GLY H 387 -10.36 -17.02 -9.06
N ALA H 388 -11.09 -15.91 -8.99
CA ALA H 388 -10.49 -14.58 -8.81
C ALA H 388 -11.41 -13.75 -7.93
N THR H 389 -10.87 -12.71 -7.26
CA THR H 389 -11.63 -11.92 -6.29
C THR H 389 -11.08 -10.53 -6.08
N ARG H 390 -11.97 -9.58 -5.80
CA ARG H 390 -11.55 -8.35 -5.13
C ARG H 390 -12.47 -8.05 -3.94
N ALA H 391 -13.07 -9.11 -3.39
CA ALA H 391 -14.05 -9.00 -2.30
C ALA H 391 -13.61 -9.65 -0.97
N VAL H 392 -12.65 -10.56 -1.02
CA VAL H 392 -12.23 -11.34 0.16
C VAL H 392 -11.39 -10.53 1.14
N ASP H 393 -11.87 -10.40 2.37
CA ASP H 393 -11.21 -9.58 3.37
C ASP H 393 -9.95 -10.22 3.95
N SER H 394 -10.00 -11.52 4.16
CA SER H 394 -8.93 -12.24 4.82
C SER H 394 -8.90 -13.70 4.38
N LEU H 395 -7.97 -14.01 3.48
CA LEU H 395 -7.80 -15.36 2.95
C LEU H 395 -6.59 -16.06 3.57
N SER H 396 -6.79 -17.30 4.02
CA SER H 396 -5.71 -18.10 4.59
C SER H 396 -5.60 -19.49 3.95
N ILE H 397 -4.56 -19.66 3.14
CA ILE H 397 -4.26 -20.93 2.49
C ILE H 397 -3.27 -21.73 3.34
N ASP H 398 -3.57 -23.00 3.58
CA ASP H 398 -2.75 -23.85 4.46
C ASP H 398 -2.78 -25.31 4.00
N ASN H 399 -1.67 -25.74 3.39
CA ASN H 399 -1.60 -27.05 2.74
C ASN H 399 -2.73 -27.20 1.73
N ALA H 400 -2.93 -26.13 0.97
CA ALA H 400 -3.96 -26.10 -0.05
C ALA H 400 -3.47 -25.18 -1.14
N THR H 401 -4.32 -24.94 -2.13
CA THR H 401 -3.92 -24.10 -3.24
C THR H 401 -5.07 -23.21 -3.76
N TRP H 402 -4.78 -21.92 -3.93
CA TRP H 402 -5.67 -21.03 -4.67
C TRP H 402 -5.13 -20.82 -6.08
N VAL H 403 -5.73 -21.49 -7.05
CA VAL H 403 -5.41 -21.26 -8.45
C VAL H 403 -6.07 -19.95 -8.84
N MET H 404 -5.28 -18.90 -8.98
CA MET H 404 -5.78 -17.57 -9.26
C MET H 404 -5.93 -17.34 -10.75
N THR H 405 -7.16 -17.05 -11.17
CA THR H 405 -7.53 -17.01 -12.58
C THR H 405 -7.53 -15.61 -13.19
N ASP H 406 -7.43 -14.58 -12.35
CA ASP H 406 -7.37 -13.20 -12.83
C ASP H 406 -6.94 -12.22 -11.72
N ASN H 407 -6.65 -10.99 -12.12
CA ASN H 407 -6.28 -9.92 -11.17
C ASN H 407 -7.13 -9.95 -9.91
N SER H 408 -6.49 -9.80 -8.76
CA SER H 408 -7.18 -10.02 -7.49
C SER H 408 -6.78 -9.13 -6.32
N ASN H 409 -7.68 -9.02 -5.36
CA ASN H 409 -7.50 -8.20 -4.16
C ASN H 409 -7.86 -8.94 -2.90
N VAL H 410 -6.93 -9.02 -1.97
CA VAL H 410 -7.23 -9.67 -0.70
C VAL H 410 -6.68 -8.80 0.41
N GLY H 411 -7.42 -8.68 1.51
CA GLY H 411 -6.98 -7.90 2.66
C GLY H 411 -5.75 -8.52 3.28
N ALA H 412 -5.95 -9.37 4.29
CA ALA H 412 -4.87 -10.11 4.92
C ALA H 412 -4.72 -11.48 4.27
N LEU H 413 -3.57 -11.72 3.65
CA LEU H 413 -3.17 -13.07 3.20
C LEU H 413 -2.27 -13.74 4.25
N ARG H 414 -2.48 -15.04 4.47
CA ARG H 414 -1.67 -15.82 5.41
C ARG H 414 -1.49 -17.24 4.87
N LEU H 415 -0.24 -17.70 4.83
CA LEU H 415 0.06 -19.06 4.37
C LEU H 415 0.76 -19.93 5.42
N ALA H 416 0.77 -21.23 5.15
CA ALA H 416 1.37 -22.21 6.05
C ALA H 416 1.45 -23.58 5.37
N SER H 417 2.41 -24.40 5.81
CA SER H 417 2.53 -25.80 5.42
C SER H 417 2.31 -26.06 3.93
N ASP H 418 3.02 -25.34 3.07
CA ASP H 418 2.95 -25.55 1.63
C ASP H 418 1.70 -25.00 0.97
N GLY H 419 0.99 -24.13 1.68
CA GLY H 419 -0.10 -23.37 1.07
C GLY H 419 0.49 -22.64 -0.14
N SER H 420 -0.16 -22.77 -1.29
CA SER H 420 0.32 -22.09 -2.49
C SER H 420 -0.74 -21.22 -3.15
N VAL H 421 -0.28 -20.24 -3.94
CA VAL H 421 -1.14 -19.39 -4.75
C VAL H 421 -0.65 -19.49 -6.18
N ASP H 422 -1.20 -20.46 -6.91
CA ASP H 422 -0.76 -20.73 -8.26
C ASP H 422 -1.41 -19.76 -9.23
N PHE H 423 -0.65 -18.77 -9.71
CA PHE H 423 -1.11 -17.94 -10.82
C PHE H 423 -1.33 -18.85 -12.02
N GLN H 424 -2.51 -18.79 -12.60
CA GLN H 424 -2.87 -19.69 -13.69
C GLN H 424 -2.19 -19.26 -14.97
N GLN H 425 -1.77 -20.23 -15.77
CA GLN H 425 -1.05 -19.92 -17.00
C GLN H 425 -2.02 -19.36 -18.03
N PRO H 426 -1.78 -18.12 -18.50
CA PRO H 426 -2.67 -17.51 -19.48
C PRO H 426 -2.63 -18.23 -20.82
N ALA H 427 -3.75 -18.24 -21.53
CA ALA H 427 -3.81 -18.76 -22.89
C ALA H 427 -3.27 -17.69 -23.85
N GLU H 428 -3.65 -16.43 -23.58
CA GLU H 428 -3.06 -15.27 -24.26
C GLU H 428 -1.61 -15.06 -23.79
N ALA H 429 -0.66 -15.19 -24.71
CA ALA H 429 0.74 -14.88 -24.39
C ALA H 429 0.91 -13.36 -24.18
N GLY H 430 1.76 -13.00 -23.21
CA GLY H 430 1.97 -11.60 -22.84
C GLY H 430 1.03 -11.07 -21.77
N ARG H 431 -0.03 -11.82 -21.47
CA ARG H 431 -1.04 -11.37 -20.52
C ARG H 431 -0.67 -11.80 -19.10
N PHE H 432 -0.16 -10.86 -18.32
CA PHE H 432 0.23 -11.15 -16.94
C PHE H 432 -0.89 -10.82 -15.95
N LYS H 433 -0.89 -11.50 -14.81
CA LYS H 433 -1.87 -11.27 -13.75
C LYS H 433 -1.21 -10.64 -12.52
N VAL H 434 -1.95 -9.83 -11.78
CA VAL H 434 -1.40 -9.19 -10.58
C VAL H 434 -2.27 -9.47 -9.36
N LEU H 435 -1.63 -9.89 -8.26
CA LEU H 435 -2.32 -10.04 -6.98
C LEU H 435 -1.93 -8.93 -6.01
N MET H 436 -2.93 -8.17 -5.55
CA MET H 436 -2.70 -7.12 -4.57
C MET H 436 -3.22 -7.52 -3.22
N VAL H 437 -2.41 -7.27 -2.21
CA VAL H 437 -2.70 -7.71 -0.86
C VAL H 437 -2.39 -6.58 0.10
N ASP H 438 -3.20 -6.47 1.15
CA ASP H 438 -2.96 -5.46 2.18
C ASP H 438 -1.80 -5.90 3.06
N THR H 439 -1.93 -7.09 3.66
CA THR H 439 -0.87 -7.66 4.51
C THR H 439 -0.57 -9.14 4.20
N LEU H 440 0.69 -9.51 4.32
CA LEU H 440 1.17 -10.88 4.08
C LEU H 440 1.89 -11.41 5.31
N ALA H 441 1.64 -12.68 5.64
CA ALA H 441 2.21 -13.33 6.83
C ALA H 441 2.36 -14.83 6.63
N GLY H 442 3.14 -15.47 7.50
CA GLY H 442 3.37 -16.91 7.45
C GLY H 442 4.38 -17.32 6.38
N SER H 443 4.12 -18.44 5.71
CA SER H 443 5.08 -19.02 4.77
C SER H 443 4.43 -19.86 3.69
N GLY H 444 4.49 -19.41 2.44
CA GLY H 444 3.86 -20.14 1.35
C GLY H 444 4.59 -20.04 0.03
N LEU H 445 4.03 -20.69 -0.98
CA LEU H 445 4.63 -20.71 -2.31
C LEU H 445 3.75 -19.99 -3.32
N PHE H 446 4.37 -19.30 -4.26
CA PHE H 446 3.66 -18.58 -5.33
C PHE H 446 4.17 -19.04 -6.69
N ARG H 447 3.35 -19.75 -7.45
CA ARG H 447 3.72 -20.04 -8.83
C ARG H 447 3.40 -18.84 -9.71
N MET H 448 4.36 -18.37 -10.49
CA MET H 448 4.21 -17.14 -11.27
C MET H 448 4.66 -17.30 -12.71
N ASN H 449 4.02 -16.53 -13.61
CA ASN H 449 4.31 -16.62 -15.04
C ASN H 449 5.26 -15.54 -15.52
N VAL H 450 6.18 -15.96 -16.37
CA VAL H 450 7.22 -15.08 -16.87
C VAL H 450 7.26 -15.09 -18.39
N PHE H 451 7.34 -13.90 -18.97
CA PHE H 451 7.42 -13.72 -20.42
C PHE H 451 8.71 -12.97 -20.75
N ALA H 452 9.77 -13.77 -20.90
CA ALA H 452 11.15 -13.30 -20.98
C ALA H 452 11.45 -12.43 -22.20
N ASP H 453 10.95 -12.84 -23.37
CA ASP H 453 11.12 -12.08 -24.61
C ASP H 453 10.48 -10.68 -24.55
N LEU H 454 9.47 -10.52 -23.71
CA LEU H 454 8.73 -9.26 -23.61
C LEU H 454 9.18 -8.45 -22.41
N GLY H 455 9.90 -9.10 -21.49
CA GLY H 455 10.35 -8.47 -20.26
C GLY H 455 9.21 -8.19 -19.31
N LEU H 456 8.22 -9.09 -19.29
CA LEU H 456 7.02 -8.91 -18.47
C LEU H 456 6.75 -10.15 -17.62
N SER H 457 6.17 -9.91 -16.44
CA SER H 457 5.89 -10.99 -15.51
C SER H 457 4.72 -10.66 -14.59
N ASP H 458 4.09 -11.72 -14.09
CA ASP H 458 3.12 -11.62 -13.01
C ASP H 458 3.74 -10.84 -11.86
N LYS H 459 2.93 -10.08 -11.14
CA LYS H 459 3.43 -9.33 -10.01
C LYS H 459 2.64 -9.68 -8.75
N LEU H 460 3.29 -9.60 -7.60
CA LEU H 460 2.64 -9.71 -6.30
C LEU H 460 2.94 -8.43 -5.56
N VAL H 461 1.90 -7.64 -5.28
CA VAL H 461 2.07 -6.39 -4.56
C VAL H 461 1.46 -6.46 -3.16
N VAL H 462 2.28 -6.18 -2.15
CA VAL H 462 1.81 -6.07 -0.77
C VAL H 462 1.92 -4.60 -0.39
N MET H 463 0.85 -4.04 0.17
CA MET H 463 0.78 -2.59 0.29
C MET H 463 1.02 -2.03 1.67
N ARG H 464 0.61 -2.74 2.72
CA ARG H 464 0.78 -2.21 4.07
C ARG H 464 1.90 -2.89 4.86
N ASP H 465 1.92 -4.23 4.85
CA ASP H 465 2.83 -4.99 5.71
C ASP H 465 3.13 -6.40 5.18
N ALA H 466 4.41 -6.76 5.07
CA ALA H 466 4.80 -8.10 4.64
C ALA H 466 5.76 -8.75 5.63
N SER H 467 5.62 -10.06 5.84
CA SER H 467 6.51 -10.82 6.75
C SER H 467 6.48 -12.33 6.53
N GLY H 468 7.57 -13.00 6.90
CA GLY H 468 7.68 -14.45 6.76
C GLY H 468 8.50 -14.91 5.56
N GLN H 469 8.74 -16.22 5.48
CA GLN H 469 9.56 -16.79 4.41
C GLN H 469 8.70 -17.30 3.28
N HIS H 470 8.83 -16.69 2.11
CA HIS H 470 8.01 -17.15 1.00
C HIS H 470 8.85 -17.63 -0.17
N ARG H 471 8.25 -18.50 -0.98
CA ARG H 471 8.93 -19.10 -2.12
C ARG H 471 8.24 -18.74 -3.42
N LEU H 472 9.03 -18.36 -4.41
CA LEU H 472 8.50 -18.08 -5.73
C LEU H 472 8.94 -19.16 -6.69
N TRP H 473 8.01 -19.71 -7.44
CA TRP H 473 8.35 -20.67 -8.48
C TRP H 473 8.01 -20.07 -9.82
N VAL H 474 9.01 -19.91 -10.68
CA VAL H 474 8.81 -19.27 -11.97
C VAL H 474 8.47 -20.27 -13.06
N ARG H 475 7.49 -19.91 -13.88
CA ARG H 475 7.08 -20.70 -15.04
C ARG H 475 7.41 -19.90 -16.31
N ASN H 476 8.12 -20.52 -17.24
CA ASN H 476 8.39 -19.87 -18.51
C ASN H 476 7.18 -19.94 -19.43
N SER H 477 6.72 -18.78 -19.87
CA SER H 477 5.48 -18.68 -20.65
C SER H 477 5.59 -17.72 -21.84
N GLY H 478 6.82 -17.36 -22.21
CA GLY H 478 7.10 -16.50 -23.35
C GLY H 478 8.58 -16.64 -23.65
N SER H 479 8.92 -17.71 -24.37
CA SER H 479 10.32 -18.15 -24.48
C SER H 479 11.19 -17.35 -25.48
N GLU H 480 12.51 -17.55 -25.37
CA GLU H 480 13.53 -16.94 -26.23
C GLU H 480 13.63 -15.41 -26.09
N PRO H 481 14.43 -14.94 -25.12
CA PRO H 481 14.71 -13.52 -24.94
C PRO H 481 15.89 -13.02 -25.76
N ALA H 482 15.72 -11.85 -26.40
CA ALA H 482 16.78 -11.22 -27.19
C ALA H 482 18.00 -10.91 -26.33
N SER H 483 17.79 -10.20 -25.23
CA SER H 483 18.84 -9.88 -24.26
C SER H 483 18.53 -10.54 -22.92
N ALA H 484 19.32 -10.18 -21.91
CA ALA H 484 18.99 -10.45 -20.51
C ALA H 484 18.35 -9.20 -19.94
N ASN H 485 17.13 -9.34 -19.42
CA ASN H 485 16.41 -8.19 -18.87
C ASN H 485 15.67 -8.47 -17.58
N THR H 486 15.86 -7.59 -16.62
CA THR H 486 15.25 -7.69 -15.30
C THR H 486 13.73 -7.57 -15.38
N MET H 487 13.03 -8.26 -14.47
CA MET H 487 11.56 -8.29 -14.42
C MET H 487 11.08 -8.26 -12.97
N LEU H 488 10.39 -7.19 -12.59
CA LEU H 488 9.87 -7.05 -11.22
C LEU H 488 8.82 -8.11 -10.88
N LEU H 489 9.00 -8.75 -9.73
CA LEU H 489 8.14 -9.86 -9.32
C LEU H 489 7.32 -9.57 -8.08
N VAL H 490 7.93 -8.91 -7.09
CA VAL H 490 7.29 -8.66 -5.80
C VAL H 490 7.57 -7.23 -5.33
N GLN H 491 6.54 -6.59 -4.81
CA GLN H 491 6.64 -5.24 -4.25
C GLN H 491 6.14 -5.25 -2.81
N THR H 492 6.95 -4.73 -1.91
CA THR H 492 6.60 -4.67 -0.49
C THR H 492 6.92 -3.29 0.10
N PRO H 493 6.35 -2.96 1.26
CA PRO H 493 6.55 -1.65 1.88
C PRO H 493 7.99 -1.34 2.27
N ARG H 494 8.14 -0.17 2.91
CA ARG H 494 9.41 0.37 3.43
C ARG H 494 10.57 -0.60 3.49
N GLY H 495 10.88 -1.04 4.72
CA GLY H 495 11.86 -2.06 4.98
C GLY H 495 11.05 -3.18 5.58
N SER H 496 10.42 -3.95 4.70
CA SER H 496 9.56 -5.05 5.10
C SER H 496 10.41 -6.18 5.70
N ALA H 497 9.79 -7.02 6.52
CA ALA H 497 10.50 -8.16 7.12
C ALA H 497 10.46 -9.43 6.26
N ALA H 498 9.83 -9.36 5.10
CA ALA H 498 9.56 -10.56 4.33
C ALA H 498 10.75 -10.99 3.48
N THR H 499 11.04 -12.29 3.49
CA THR H 499 12.07 -12.87 2.63
C THR H 499 11.42 -13.72 1.55
N PHE H 500 11.96 -13.62 0.35
CA PHE H 500 11.56 -14.46 -0.76
C PHE H 500 12.77 -15.19 -1.31
N THR H 501 12.56 -16.40 -1.83
CA THR H 501 13.63 -17.20 -2.43
C THR H 501 13.07 -17.90 -3.66
N LEU H 502 13.86 -17.94 -4.73
CA LEU H 502 13.41 -18.58 -5.97
C LEU H 502 13.43 -20.10 -5.83
N ALA H 503 12.25 -20.71 -5.92
CA ALA H 503 12.09 -22.13 -5.61
C ALA H 503 12.41 -23.07 -6.76
N ASN H 504 12.63 -22.54 -7.95
CA ASN H 504 13.13 -23.36 -9.06
C ASN H 504 14.47 -23.95 -8.64
N LYS H 505 14.68 -25.24 -8.85
CA LYS H 505 15.86 -25.91 -8.28
C LYS H 505 17.18 -25.23 -8.65
N ASP H 506 18.08 -25.18 -7.66
CA ASP H 506 19.38 -24.50 -7.71
C ASP H 506 19.22 -22.97 -7.63
N GLY H 507 18.00 -22.52 -7.34
CA GLY H 507 17.71 -21.09 -7.22
C GLY H 507 17.85 -20.35 -8.53
N LYS H 508 17.60 -21.04 -9.63
CA LYS H 508 17.75 -20.45 -10.96
C LYS H 508 16.73 -20.98 -11.95
N VAL H 509 16.45 -20.17 -12.97
CA VAL H 509 15.65 -20.62 -14.09
C VAL H 509 16.34 -20.30 -15.42
N ASP H 510 16.52 -21.34 -16.23
CA ASP H 510 17.15 -21.20 -17.54
C ASP H 510 16.11 -21.01 -18.64
N ILE H 511 16.04 -19.79 -19.17
CA ILE H 511 15.12 -19.46 -20.26
C ILE H 511 15.90 -19.25 -21.56
N GLY H 512 15.95 -20.30 -22.37
CA GLY H 512 16.81 -20.29 -23.56
C GLY H 512 18.25 -20.28 -23.13
N THR H 513 19.06 -19.39 -23.73
CA THR H 513 20.49 -19.31 -23.42
C THR H 513 20.77 -18.22 -22.36
N TYR H 514 19.88 -18.15 -21.37
CA TYR H 514 19.97 -17.14 -20.30
C TYR H 514 19.59 -17.72 -18.94
N ARG H 515 20.27 -17.25 -17.88
CA ARG H 515 20.00 -17.73 -16.54
C ARG H 515 19.54 -16.58 -15.67
N TYR H 516 18.44 -16.81 -14.94
CA TYR H 516 17.86 -15.79 -14.08
C TYR H 516 17.92 -16.23 -12.63
N ARG H 517 18.21 -15.28 -11.76
CA ARG H 517 18.10 -15.47 -10.30
C ARG H 517 17.34 -14.30 -9.69
N LEU H 518 16.82 -14.52 -8.49
CA LEU H 518 16.02 -13.53 -7.77
C LEU H 518 16.92 -12.66 -6.91
N ALA H 519 16.76 -11.35 -7.00
CA ALA H 519 17.51 -10.42 -6.16
C ALA H 519 16.61 -9.33 -5.58
N ALA H 520 16.74 -9.07 -4.29
CA ALA H 520 15.94 -8.03 -3.61
C ALA H 520 16.67 -6.70 -3.62
N ASN H 521 16.02 -5.65 -4.09
CA ASN H 521 16.75 -4.42 -4.34
C ASN H 521 16.16 -3.10 -3.87
N GLY H 522 16.90 -2.50 -2.93
CA GLY H 522 16.48 -1.29 -2.25
C GLY H 522 15.36 -1.62 -1.28
N ASN H 523 14.28 -0.86 -1.40
CA ASN H 523 13.11 -0.99 -0.52
C ASN H 523 12.18 -2.11 -0.94
N GLY H 524 12.53 -3.32 -0.49
CA GLY H 524 11.74 -4.53 -0.68
C GLY H 524 11.12 -4.65 -2.06
N GLN H 525 11.96 -4.75 -3.07
CA GLN H 525 11.48 -4.96 -4.43
C GLN H 525 12.27 -6.05 -5.13
N TRP H 526 11.66 -7.22 -5.17
CA TRP H 526 12.31 -8.43 -5.58
C TRP H 526 12.17 -8.63 -7.08
N SER H 527 13.26 -8.39 -7.81
CA SER H 527 13.29 -8.58 -9.24
C SER H 527 14.05 -9.85 -9.64
N LEU H 528 13.89 -10.25 -10.89
CA LEU H 528 14.53 -11.44 -11.40
C LEU H 528 15.56 -10.99 -12.42
N VAL H 529 16.84 -11.00 -12.02
CA VAL H 529 17.89 -10.32 -12.80
C VAL H 529 18.42 -11.10 -14.00
N GLY H 530 19.30 -12.07 -13.79
CA GLY H 530 19.84 -12.87 -14.90
C GLY H 530 20.70 -12.22 -15.99
N ALA H 531 21.60 -13.04 -16.55
CA ALA H 531 22.43 -12.69 -17.72
C ALA H 531 22.81 -13.99 -18.43
N LYS H 532 23.70 -13.90 -19.42
CA LYS H 532 24.06 -15.04 -20.27
C LYS H 532 24.47 -16.26 -19.44
N ALA H 533 23.88 -17.42 -19.74
CA ALA H 533 24.13 -18.65 -18.99
C ALA H 533 25.56 -19.18 -19.15
N PRO H 534 26.22 -19.53 -18.03
CA PRO H 534 27.54 -20.17 -18.07
C PRO H 534 27.65 -21.21 -19.19
N PRO H 535 28.74 -21.13 -20.01
CA PRO H 535 28.96 -21.95 -21.21
C PRO H 535 28.69 -23.45 -21.01
MG MG I . -48.27 5.00 3.59
MG MG J . -45.77 0.75 2.63
MG MG K . 44.98 -2.55 -8.37
MG MG L . 47.73 -5.57 -5.69
#